data_8ZWD
#
_entry.id   8ZWD
#
_cell.length_a   256.022
_cell.length_b   83.578
_cell.length_c   220.557
_cell.angle_alpha   90.00
_cell.angle_beta   90.00
_cell.angle_gamma   90.00
#
_symmetry.space_group_name_H-M   'P 21 21 21'
#
loop_
_entity.id
_entity.type
_entity.pdbx_description
1 polymer 'NAD(P)-dependent methanol dehydrogenase'
2 non-polymer 'MANGANESE (II) ION'
3 water water
#
_entity_poly.entity_id   1
_entity_poly.type   'polypeptide(L)'
_entity_poly.pdbx_seq_one_letter_code
;MTTNFFIPPASVIGRGAVKEVGTRLKQIGAKKALIVTDAFLHSTGLSEEVAKNIREAGVDVAIFPKAQPDPADTQVHEGV
DVFKQENCDSLVSIGGGSSHDTAKAIGLVAANGGRINDYQGVNSVEKPVVPVVAITTTAGTGSETTSLAVITDSARKVKM
PVIDEKITPTVAIVDPELMVKKPAGLTIATGMDALSHAIEAYVAKGATPVTDAFAIQAMKLINEYLPKAVANGEDIEARE
KMAYAQYMAGVAFNNGGLGLVHSISHQVGGVYKLQHGICNSVNMPHVCAFNLIAKTERFAHIAELLGENVAGLSTAAAAE
RAIVALERINKSFGIPSGYAEMGVKEEDIELLAKNAYEDVCTQSNPRVPTVQDIAQIIKNAMLEHHHHHH
;
_entity_poly.pdbx_strand_id   B,D,H,J,E,G,F,C,A,I
#
loop_
_chem_comp.id
_chem_comp.type
_chem_comp.name
_chem_comp.formula
MN non-polymer 'MANGANESE (II) ION' 'Mn 2'
#
# COMPACT_ATOMS: atom_id res chain seq x y z
N MET A 1 20.54 -9.83 -36.07
CA MET A 1 20.92 -11.13 -35.50
C MET A 1 22.43 -11.27 -35.39
N THR A 2 23.10 -11.49 -36.52
CA THR A 2 24.56 -11.64 -36.50
C THR A 2 25.20 -10.26 -36.30
N THR A 3 25.91 -10.12 -35.18
CA THR A 3 26.56 -8.88 -34.83
C THR A 3 27.98 -9.18 -34.37
N ASN A 4 28.85 -8.20 -34.52
CA ASN A 4 30.24 -8.32 -34.16
C ASN A 4 30.47 -7.65 -32.81
N PHE A 5 31.32 -8.28 -31.99
CA PHE A 5 31.73 -7.73 -30.70
C PHE A 5 33.24 -7.62 -30.70
N PHE A 6 33.74 -6.38 -30.66
CA PHE A 6 35.17 -6.10 -30.73
C PHE A 6 35.61 -5.41 -29.46
N ILE A 7 36.64 -5.95 -28.82
CA ILE A 7 37.07 -5.52 -27.49
C ILE A 7 38.56 -5.79 -27.38
N PRO A 8 39.35 -4.94 -26.70
CA PRO A 8 40.77 -5.25 -26.48
C PRO A 8 40.93 -6.62 -25.83
N PRO A 9 41.84 -7.45 -26.32
CA PRO A 9 42.01 -8.80 -25.75
C PRO A 9 42.53 -8.80 -24.32
N ALA A 10 43.18 -7.73 -23.89
CA ALA A 10 43.74 -7.62 -22.54
C ALA A 10 43.51 -6.22 -22.00
N SER A 11 42.94 -6.16 -20.80
CA SER A 11 42.73 -4.91 -20.09
C SER A 11 43.21 -5.09 -18.66
N VAL A 12 43.99 -4.12 -18.18
CA VAL A 12 44.49 -4.10 -16.81
C VAL A 12 43.85 -2.87 -16.16
N ILE A 13 42.95 -3.10 -15.22
CA ILE A 13 42.19 -2.02 -14.58
C ILE A 13 42.47 -2.05 -13.09
N GLY A 14 42.92 -0.95 -12.54
CA GLY A 14 43.21 -0.85 -11.12
C GLY A 14 44.40 0.04 -10.87
N ARG A 15 44.62 0.36 -9.59
CA ARG A 15 45.70 1.26 -9.20
C ARG A 15 47.06 0.61 -9.43
N GLY A 16 47.97 1.34 -10.07
CA GLY A 16 49.30 0.85 -10.37
C GLY A 16 49.44 0.11 -11.69
N ALA A 17 48.37 0.04 -12.49
CA ALA A 17 48.42 -0.73 -13.74
C ALA A 17 49.40 -0.14 -14.75
N VAL A 18 49.70 1.16 -14.66
CA VAL A 18 50.56 1.82 -15.62
C VAL A 18 51.95 1.18 -15.72
N LYS A 19 52.29 0.30 -14.78
CA LYS A 19 53.58 -0.39 -14.81
C LYS A 19 53.61 -1.57 -15.78
N GLU A 20 52.47 -2.01 -16.30
CA GLU A 20 52.42 -3.19 -17.14
C GLU A 20 52.62 -2.89 -18.62
N VAL A 21 52.95 -1.66 -19.00
CA VAL A 21 52.99 -1.32 -20.42
C VAL A 21 54.11 -2.12 -21.10
N GLY A 22 55.36 -1.88 -20.70
CA GLY A 22 56.48 -2.48 -21.38
C GLY A 22 56.38 -3.99 -21.50
N THR A 23 56.08 -4.66 -20.40
CA THR A 23 56.01 -6.12 -20.43
C THR A 23 55.02 -6.58 -21.49
N ARG A 24 53.83 -5.96 -21.53
CA ARG A 24 52.83 -6.41 -22.50
C ARG A 24 53.22 -6.03 -23.92
N LEU A 25 54.06 -5.00 -24.08
CA LEU A 25 54.59 -4.68 -25.40
C LEU A 25 55.68 -5.64 -25.83
N LYS A 26 56.34 -6.33 -24.88
CA LYS A 26 57.36 -7.30 -25.25
C LYS A 26 56.72 -8.60 -25.73
N GLN A 27 55.69 -9.07 -25.03
CA GLN A 27 54.99 -10.27 -25.45
C GLN A 27 54.31 -10.05 -26.80
N ILE A 28 53.81 -8.84 -27.05
CA ILE A 28 53.27 -8.51 -28.35
C ILE A 28 54.36 -8.59 -29.41
N GLY A 29 55.62 -8.52 -28.99
CA GLY A 29 56.74 -8.61 -29.89
C GLY A 29 57.16 -7.30 -30.50
N ALA A 30 56.82 -6.17 -29.90
CA ALA A 30 57.10 -4.88 -30.52
C ALA A 30 58.54 -4.45 -30.23
N LYS A 31 59.25 -4.05 -31.28
CA LYS A 31 60.62 -3.59 -31.13
C LYS A 31 60.67 -2.10 -30.79
N LYS A 32 59.92 -1.28 -31.51
CA LYS A 32 59.91 0.16 -31.26
C LYS A 32 58.48 0.68 -31.24
N ALA A 33 58.17 1.48 -30.21
CA ALA A 33 56.86 2.10 -30.04
C ALA A 33 56.98 3.61 -30.22
N LEU A 34 55.90 4.20 -30.73
CA LEU A 34 55.75 5.64 -30.74
C LEU A 34 54.74 6.00 -29.66
N ILE A 35 55.16 6.85 -28.72
CA ILE A 35 54.29 7.33 -27.64
C ILE A 35 53.61 8.61 -28.09
N VAL A 36 52.30 8.66 -27.93
CA VAL A 36 51.48 9.78 -28.37
C VAL A 36 50.76 10.34 -27.15
N THR A 37 50.98 11.62 -26.89
CA THR A 37 50.47 12.32 -25.72
C THR A 37 50.37 13.79 -26.09
N ASP A 38 50.08 14.64 -25.10
CA ASP A 38 49.88 16.07 -25.35
C ASP A 38 51.00 16.88 -24.68
N ALA A 39 50.86 18.21 -24.75
CA ALA A 39 51.88 19.10 -24.21
C ALA A 39 51.89 19.07 -22.68
N PHE A 40 50.73 19.22 -22.04
CA PHE A 40 50.64 19.23 -20.58
C PHE A 40 51.25 17.96 -19.99
N LEU A 41 50.81 16.80 -20.47
CA LEU A 41 51.29 15.53 -19.93
C LEU A 41 52.81 15.40 -20.08
N HIS A 42 53.33 15.67 -21.29
CA HIS A 42 54.77 15.63 -21.48
C HIS A 42 55.50 16.61 -20.58
N SER A 43 54.82 17.69 -20.17
CA SER A 43 55.39 18.60 -19.19
C SER A 43 55.41 17.98 -17.81
N THR A 44 54.37 17.23 -17.45
CA THR A 44 54.34 16.59 -16.13
C THR A 44 55.39 15.50 -16.03
N GLY A 45 55.78 14.91 -17.15
CA GLY A 45 56.81 13.89 -17.15
C GLY A 45 56.32 12.46 -17.07
N LEU A 46 55.00 12.23 -17.15
CA LEU A 46 54.48 10.87 -17.15
C LEU A 46 54.98 10.11 -18.37
N SER A 47 55.13 10.83 -19.49
CA SER A 47 55.76 10.26 -20.68
C SER A 47 57.09 9.60 -20.35
N GLU A 48 57.87 10.23 -19.46
CA GLU A 48 59.20 9.69 -19.13
C GLU A 48 59.09 8.37 -18.37
N GLU A 49 58.15 8.26 -17.43
CA GLU A 49 57.98 7.01 -16.71
C GLU A 49 57.52 5.90 -17.65
N VAL A 50 56.57 6.20 -18.54
CA VAL A 50 56.12 5.18 -19.49
C VAL A 50 57.26 4.77 -20.41
N ALA A 51 58.07 5.75 -20.84
CA ALA A 51 59.19 5.45 -21.71
C ALA A 51 60.21 4.57 -20.99
N LYS A 52 60.45 4.87 -19.71
CA LYS A 52 61.39 4.08 -18.93
C LYS A 52 60.89 2.65 -18.74
N ASN A 53 59.61 2.51 -18.38
CA ASN A 53 59.02 1.18 -18.22
C ASN A 53 59.13 0.38 -19.52
N ILE A 54 58.86 1.03 -20.66
CA ILE A 54 58.94 0.34 -21.95
C ILE A 54 60.39 -0.02 -22.30
N ARG A 55 61.32 0.91 -22.07
CA ARG A 55 62.74 0.68 -22.38
C ARG A 55 63.33 -0.42 -21.52
N GLU A 56 62.83 -0.59 -20.29
CA GLU A 56 63.33 -1.66 -19.43
C GLU A 56 62.87 -3.04 -19.90
N ALA A 57 61.71 -3.12 -20.54
CA ALA A 57 61.23 -4.39 -21.08
C ALA A 57 61.88 -4.74 -22.41
N GLY A 58 62.75 -3.90 -22.93
CA GLY A 58 63.47 -4.22 -24.16
C GLY A 58 62.87 -3.62 -25.40
N VAL A 59 62.19 -2.49 -25.28
CA VAL A 59 61.47 -1.91 -26.40
C VAL A 59 61.90 -0.46 -26.56
N ASP A 60 62.28 -0.10 -27.78
CA ASP A 60 62.68 1.27 -28.08
C ASP A 60 61.44 2.16 -28.16
N VAL A 61 61.60 3.42 -27.75
CA VAL A 61 60.49 4.34 -27.62
C VAL A 61 60.84 5.67 -28.29
N ALA A 62 59.85 6.26 -28.97
CA ALA A 62 59.89 7.61 -29.51
C ALA A 62 58.63 8.34 -29.07
N ILE A 63 58.74 9.65 -28.84
CA ILE A 63 57.64 10.43 -28.27
C ILE A 63 57.19 11.49 -29.27
N PHE A 64 55.87 11.52 -29.53
CA PHE A 64 55.22 12.48 -30.42
C PHE A 64 54.22 13.24 -29.55
N PRO A 65 54.64 14.28 -28.85
CA PRO A 65 53.75 14.93 -27.89
C PRO A 65 52.93 16.03 -28.53
N LYS A 66 52.35 15.79 -29.70
CA LYS A 66 51.65 16.85 -30.41
C LYS A 66 50.14 16.66 -30.47
N ALA A 67 49.61 15.62 -29.84
CA ALA A 67 48.16 15.46 -29.81
C ALA A 67 47.54 16.57 -28.98
N GLN A 68 46.44 17.13 -29.46
CA GLN A 68 45.79 18.25 -28.83
C GLN A 68 44.29 18.03 -28.73
N PRO A 69 43.59 18.78 -27.88
CA PRO A 69 42.12 18.65 -27.83
C PRO A 69 41.51 18.87 -29.21
N ASP A 70 40.43 18.13 -29.48
CA ASP A 70 39.83 18.06 -30.81
C ASP A 70 40.92 17.66 -31.80
N PRO A 71 41.27 16.37 -31.85
CA PRO A 71 42.37 15.93 -32.73
C PRO A 71 42.12 16.30 -34.18
N ALA A 72 43.15 16.85 -34.82
CA ALA A 72 43.02 17.41 -36.16
C ALA A 72 43.87 16.63 -37.16
N ASP A 73 43.32 16.47 -38.37
CA ASP A 73 43.99 15.73 -39.43
C ASP A 73 45.45 16.15 -39.61
N THR A 74 45.72 17.45 -39.50
CA THR A 74 47.06 18.01 -39.59
C THR A 74 48.08 17.23 -38.77
N GLN A 75 47.79 17.13 -37.47
CA GLN A 75 48.67 16.44 -36.54
C GLN A 75 48.71 14.94 -36.81
N VAL A 76 47.62 14.38 -37.32
CA VAL A 76 47.62 12.96 -37.67
C VAL A 76 48.70 12.67 -38.71
N HIS A 77 48.68 13.43 -39.81
CA HIS A 77 49.64 13.17 -40.87
C HIS A 77 51.06 13.48 -40.41
N GLU A 78 51.23 14.54 -39.61
CA GLU A 78 52.53 14.81 -39.00
C GLU A 78 53.05 13.59 -38.23
N GLY A 79 52.19 12.99 -37.41
CA GLY A 79 52.58 11.83 -36.64
C GLY A 79 52.87 10.62 -37.49
N VAL A 80 52.16 10.46 -38.60
CA VAL A 80 52.48 9.36 -39.52
C VAL A 80 53.88 9.52 -40.06
N ASP A 81 54.26 10.77 -40.39
CA ASP A 81 55.62 11.04 -40.84
C ASP A 81 56.64 10.64 -39.76
N VAL A 82 56.37 11.02 -38.52
CA VAL A 82 57.28 10.62 -37.44
C VAL A 82 57.34 9.10 -37.32
N PHE A 83 56.19 8.44 -37.48
CA PHE A 83 56.13 6.97 -37.40
C PHE A 83 57.07 6.33 -38.42
N LYS A 84 57.12 6.90 -39.63
CA LYS A 84 58.04 6.38 -40.63
C LYS A 84 59.49 6.70 -40.27
N GLN A 85 59.77 7.95 -39.85
CA GLN A 85 61.15 8.34 -39.64
C GLN A 85 61.78 7.59 -38.48
N GLU A 86 60.99 7.13 -37.51
CA GLU A 86 61.50 6.39 -36.37
C GLU A 86 61.26 4.88 -36.46
N ASN A 87 60.57 4.43 -37.50
CA ASN A 87 60.36 3.01 -37.82
C ASN A 87 59.80 2.24 -36.62
N CYS A 88 58.68 2.74 -36.10
CA CYS A 88 58.04 2.12 -34.94
C CYS A 88 57.10 1.03 -35.39
N ASP A 89 57.06 -0.06 -34.64
CA ASP A 89 56.13 -1.14 -34.93
C ASP A 89 54.99 -1.20 -33.92
N SER A 90 54.87 -0.22 -33.02
CA SER A 90 53.74 -0.18 -32.11
C SER A 90 53.39 1.27 -31.75
N LEU A 91 52.17 1.46 -31.23
CA LEU A 91 51.71 2.77 -30.81
C LEU A 91 51.21 2.71 -29.37
N VAL A 92 51.78 3.55 -28.51
CA VAL A 92 51.35 3.71 -27.13
C VAL A 92 50.71 5.08 -26.99
N SER A 93 49.59 5.13 -26.26
CA SER A 93 48.82 6.35 -26.06
C SER A 93 48.81 6.68 -24.58
N ILE A 94 49.03 7.95 -24.22
CA ILE A 94 49.04 8.38 -22.82
C ILE A 94 48.19 9.65 -22.71
N GLY A 95 46.94 9.51 -22.31
CA GLY A 95 46.18 10.73 -22.09
C GLY A 95 44.69 10.53 -22.36
N GLY A 96 44.03 11.64 -22.69
CA GLY A 96 42.61 11.66 -22.97
C GLY A 96 42.30 11.08 -24.34
N GLY A 97 41.06 11.33 -24.77
CA GLY A 97 40.61 10.78 -26.04
C GLY A 97 41.39 11.29 -27.24
N SER A 98 41.86 12.54 -27.18
CA SER A 98 42.64 13.08 -28.29
C SER A 98 43.86 12.22 -28.57
N SER A 99 44.57 11.83 -27.52
CA SER A 99 45.76 10.99 -27.67
C SER A 99 45.42 9.67 -28.37
N HIS A 100 44.43 8.94 -27.84
CA HIS A 100 44.07 7.63 -28.37
C HIS A 100 43.64 7.73 -29.83
N ASP A 101 42.72 8.65 -30.11
CA ASP A 101 42.21 8.80 -31.47
C ASP A 101 43.32 9.21 -32.43
N THR A 102 44.22 10.09 -32.00
CA THR A 102 45.35 10.46 -32.85
C THR A 102 46.19 9.22 -33.17
N ALA A 103 46.52 8.43 -32.15
CA ALA A 103 47.35 7.24 -32.39
C ALA A 103 46.69 6.29 -33.38
N LYS A 104 45.39 6.06 -33.21
CA LYS A 104 44.68 5.19 -34.13
C LYS A 104 44.70 5.73 -35.55
N ALA A 105 44.49 7.03 -35.73
CA ALA A 105 44.52 7.59 -37.07
C ALA A 105 45.90 7.45 -37.69
N ILE A 106 46.96 7.64 -36.87
CA ILE A 106 48.33 7.43 -37.34
C ILE A 106 48.48 6.01 -37.87
N GLY A 107 48.05 5.03 -37.09
CA GLY A 107 48.20 3.64 -37.52
C GLY A 107 47.44 3.34 -38.81
N LEU A 108 46.21 3.83 -38.90
CA LEU A 108 45.39 3.53 -40.07
C LEU A 108 45.98 4.16 -41.33
N VAL A 109 46.33 5.45 -41.28
CA VAL A 109 46.92 6.10 -42.45
C VAL A 109 48.27 5.48 -42.79
N ALA A 110 49.10 5.17 -41.78
CA ALA A 110 50.37 4.51 -42.04
C ALA A 110 50.16 3.23 -42.84
N ALA A 111 49.35 2.32 -42.30
CA ALA A 111 49.14 1.02 -42.94
C ALA A 111 48.49 1.17 -44.31
N ASN A 112 47.32 1.79 -44.36
CA ASN A 112 46.50 1.77 -45.57
C ASN A 112 46.63 3.02 -46.43
N GLY A 113 47.46 3.99 -46.04
CA GLY A 113 47.74 5.12 -46.92
C GLY A 113 46.67 6.20 -46.93
N GLY A 114 46.88 7.18 -47.82
CA GLY A 114 45.88 8.21 -48.06
C GLY A 114 45.87 9.33 -47.04
N ARG A 115 44.68 9.90 -46.84
CA ARG A 115 44.44 10.89 -45.81
C ARG A 115 43.37 10.35 -44.87
N ILE A 116 43.41 10.76 -43.61
CA ILE A 116 42.44 10.22 -42.65
C ILE A 116 41.04 10.65 -43.07
N ASN A 117 40.89 11.78 -43.76
CA ASN A 117 39.55 12.21 -44.16
C ASN A 117 38.88 11.23 -45.12
N ASP A 118 39.66 10.40 -45.83
CA ASP A 118 39.11 9.38 -46.70
C ASP A 118 38.51 8.19 -45.94
N TYR A 119 38.88 8.03 -44.67
CA TYR A 119 38.44 6.90 -43.86
C TYR A 119 37.23 7.23 -42.99
N GLN A 120 36.62 8.39 -43.18
CA GLN A 120 35.40 8.74 -42.45
C GLN A 120 34.32 7.69 -42.68
N GLY A 121 33.54 7.43 -41.64
CA GLY A 121 32.51 6.41 -41.68
C GLY A 121 33.01 5.04 -41.25
N VAL A 122 32.29 4.02 -41.69
CA VAL A 122 32.64 2.64 -41.38
C VAL A 122 33.54 2.08 -42.47
N ASN A 123 34.69 1.56 -42.07
CA ASN A 123 35.64 0.94 -43.00
C ASN A 123 35.87 -0.52 -42.62
N SER A 124 36.27 -1.30 -43.61
CA SER A 124 36.76 -2.66 -43.40
C SER A 124 38.03 -2.76 -44.25
N VAL A 125 39.14 -2.33 -43.67
CA VAL A 125 40.38 -2.23 -44.42
C VAL A 125 41.11 -3.56 -44.40
N GLU A 126 41.93 -3.82 -45.42
CA GLU A 126 42.62 -5.07 -45.58
C GLU A 126 44.04 -5.07 -45.03
N LYS A 127 44.63 -3.91 -44.82
CA LYS A 127 46.01 -3.95 -44.37
C LYS A 127 46.10 -3.84 -42.86
N PRO A 128 46.80 -4.76 -42.20
CA PRO A 128 46.88 -4.72 -40.74
C PRO A 128 47.55 -3.44 -40.26
N VAL A 129 47.11 -2.96 -39.10
CA VAL A 129 47.67 -1.78 -38.47
C VAL A 129 48.38 -2.21 -37.20
N VAL A 130 49.41 -1.45 -36.81
CA VAL A 130 50.27 -1.77 -35.68
C VAL A 130 49.47 -1.94 -34.38
N PRO A 131 49.96 -2.74 -33.44
CA PRO A 131 49.27 -2.86 -32.15
C PRO A 131 49.25 -1.55 -31.38
N VAL A 132 48.21 -1.40 -30.56
CA VAL A 132 48.01 -0.18 -29.79
C VAL A 132 47.90 -0.55 -28.30
N VAL A 133 48.69 0.13 -27.49
CA VAL A 133 48.53 0.12 -26.04
C VAL A 133 47.96 1.47 -25.67
N ALA A 134 46.90 1.47 -24.86
CA ALA A 134 46.22 2.71 -24.54
C ALA A 134 46.16 2.89 -23.04
N ILE A 135 46.69 4.00 -22.54
CA ILE A 135 46.60 4.41 -21.15
C ILE A 135 45.70 5.62 -21.10
N THR A 136 44.51 5.48 -20.51
CA THR A 136 43.60 6.60 -20.36
C THR A 136 43.86 7.32 -19.03
N THR A 137 43.81 8.65 -19.09
CA THR A 137 43.97 9.49 -17.91
C THR A 137 42.69 10.24 -17.56
N THR A 138 41.60 9.97 -18.29
CA THR A 138 40.33 10.63 -18.04
C THR A 138 39.25 9.58 -17.85
N ALA A 139 38.26 9.91 -17.03
CA ALA A 139 37.14 9.01 -16.75
C ALA A 139 35.97 9.28 -17.68
N GLY A 140 36.25 9.14 -18.98
CA GLY A 140 35.29 9.30 -20.06
C GLY A 140 35.92 8.85 -21.36
N THR A 141 35.15 8.99 -22.44
CA THR A 141 35.52 8.59 -23.81
C THR A 141 35.55 7.07 -23.97
N GLY A 142 36.23 6.36 -23.07
CA GLY A 142 36.38 4.93 -23.23
C GLY A 142 37.08 4.53 -24.51
N SER A 143 37.86 5.44 -25.09
CA SER A 143 38.49 5.16 -26.37
C SER A 143 39.53 4.05 -26.27
N GLU A 144 39.95 3.68 -25.06
CA GLU A 144 40.86 2.55 -24.92
C GLU A 144 40.22 1.22 -25.30
N THR A 145 38.91 1.20 -25.57
CA THR A 145 38.22 -0.04 -25.90
C THR A 145 37.39 0.06 -27.18
N THR A 146 37.45 1.19 -27.88
CA THR A 146 36.59 1.40 -29.03
C THR A 146 37.38 1.26 -30.32
N SER A 147 36.66 0.90 -31.39
CA SER A 147 37.17 0.85 -32.76
C SER A 147 36.95 2.17 -33.50
N LEU A 148 36.83 3.29 -32.76
CA LEU A 148 36.44 4.56 -33.35
C LEU A 148 37.44 5.65 -32.98
N ALA A 149 37.71 6.55 -33.93
CA ALA A 149 38.49 7.76 -33.70
C ALA A 149 37.75 8.96 -34.28
N VAL A 150 37.69 10.05 -33.52
CA VAL A 150 37.00 11.27 -33.96
C VAL A 150 38.06 12.32 -34.22
N ILE A 151 38.38 12.54 -35.49
CA ILE A 151 39.41 13.48 -35.91
C ILE A 151 38.74 14.62 -36.66
N THR A 152 39.04 15.87 -36.28
CA THR A 152 38.37 17.00 -36.90
C THR A 152 38.96 17.32 -38.27
N ASP A 153 38.07 17.63 -39.23
CA ASP A 153 38.42 18.11 -40.55
C ASP A 153 38.62 19.61 -40.46
N SER A 154 39.85 20.09 -40.65
CA SER A 154 40.13 21.51 -40.47
C SER A 154 39.36 22.37 -41.45
N ALA A 155 39.03 21.83 -42.62
CA ALA A 155 38.37 22.61 -43.66
C ALA A 155 36.87 22.72 -43.42
N ARG A 156 36.19 21.57 -43.41
CA ARG A 156 34.74 21.58 -43.24
C ARG A 156 34.32 21.78 -41.79
N LYS A 157 35.26 21.73 -40.84
CA LYS A 157 34.98 21.92 -39.42
C LYS A 157 34.01 20.85 -38.91
N VAL A 158 34.32 19.60 -39.22
CA VAL A 158 33.51 18.46 -38.82
C VAL A 158 34.40 17.47 -38.10
N LYS A 159 34.09 17.19 -36.83
CA LYS A 159 34.72 16.10 -36.09
C LYS A 159 34.27 14.78 -36.70
N MET A 160 35.11 14.17 -37.54
CA MET A 160 34.80 12.99 -38.34
C MET A 160 34.96 11.73 -37.51
N PRO A 161 33.92 10.90 -37.42
CA PRO A 161 34.07 9.54 -36.88
C PRO A 161 34.68 8.61 -37.93
N VAL A 162 35.70 7.86 -37.52
CA VAL A 162 36.44 6.95 -38.38
C VAL A 162 36.44 5.61 -37.65
N ILE A 163 35.78 4.62 -38.22
CA ILE A 163 35.52 3.36 -37.53
C ILE A 163 36.11 2.21 -38.34
N ASP A 164 37.03 1.46 -37.74
CA ASP A 164 37.53 0.22 -38.30
C ASP A 164 37.96 -0.68 -37.15
N GLU A 165 37.68 -1.99 -37.26
CA GLU A 165 38.02 -2.90 -36.18
C GLU A 165 39.52 -2.93 -35.91
N LYS A 166 40.33 -2.72 -36.94
CA LYS A 166 41.77 -2.79 -36.79
C LYS A 166 42.33 -1.71 -35.90
N ILE A 167 41.54 -0.72 -35.50
CA ILE A 167 42.03 0.32 -34.61
C ILE A 167 41.52 0.11 -33.19
N THR A 168 40.89 -1.02 -32.91
CA THR A 168 40.60 -1.40 -31.53
C THR A 168 41.92 -1.66 -30.81
N PRO A 169 42.19 -0.99 -29.69
CA PRO A 169 43.49 -1.19 -29.02
C PRO A 169 43.73 -2.65 -28.66
N THR A 170 45.01 -3.02 -28.62
CA THR A 170 45.39 -4.39 -28.28
C THR A 170 45.61 -4.58 -26.79
N VAL A 171 46.02 -3.54 -26.07
CA VAL A 171 46.07 -3.59 -24.61
C VAL A 171 45.47 -2.31 -24.07
N ALA A 172 44.64 -2.44 -23.05
CA ALA A 172 44.08 -1.28 -22.37
C ALA A 172 44.61 -1.23 -20.94
N ILE A 173 45.15 -0.08 -20.55
CA ILE A 173 45.67 0.15 -19.21
C ILE A 173 44.81 1.25 -18.59
N VAL A 174 43.93 0.88 -17.67
CA VAL A 174 43.11 1.85 -16.95
C VAL A 174 43.63 1.98 -15.52
N ASP A 175 44.51 2.95 -15.29
CA ASP A 175 45.03 3.19 -13.97
C ASP A 175 44.31 4.39 -13.36
N PRO A 176 43.40 4.19 -12.40
CA PRO A 176 42.67 5.33 -11.81
C PRO A 176 43.56 6.31 -11.07
N GLU A 177 44.76 5.88 -10.64
CA GLU A 177 45.69 6.79 -9.97
C GLU A 177 46.16 7.92 -10.88
N LEU A 178 46.08 7.74 -12.20
CA LEU A 178 46.41 8.84 -13.10
C LEU A 178 45.29 9.87 -13.20
N MET A 179 44.08 9.52 -12.77
CA MET A 179 42.93 10.41 -12.92
C MET A 179 42.67 11.24 -11.67
N VAL A 180 43.52 11.13 -10.66
CA VAL A 180 43.26 11.75 -9.36
C VAL A 180 43.37 13.27 -9.44
N LYS A 181 44.38 13.77 -10.14
CA LYS A 181 44.60 15.20 -10.24
C LYS A 181 43.75 15.86 -11.32
N LYS A 182 42.75 15.15 -11.85
CA LYS A 182 41.80 15.73 -12.78
C LYS A 182 40.99 16.82 -12.11
N PRO A 183 41.05 18.08 -12.57
CA PRO A 183 40.22 19.13 -11.96
C PRO A 183 38.73 18.82 -12.12
N ALA A 184 37.91 19.65 -11.47
CA ALA A 184 36.48 19.37 -11.42
C ALA A 184 35.83 19.48 -12.80
N GLY A 185 36.26 20.44 -13.61
CA GLY A 185 35.67 20.59 -14.92
C GLY A 185 35.87 19.38 -15.80
N LEU A 186 37.11 18.91 -15.88
CA LEU A 186 37.39 17.74 -16.72
C LEU A 186 36.61 16.53 -16.24
N THR A 187 36.43 16.39 -14.92
CA THR A 187 35.64 15.30 -14.38
C THR A 187 34.19 15.41 -14.82
N ILE A 188 33.61 16.60 -14.72
CA ILE A 188 32.23 16.77 -15.15
C ILE A 188 32.10 16.44 -16.64
N ALA A 189 33.01 16.98 -17.44
CA ALA A 189 32.96 16.77 -18.89
C ALA A 189 33.06 15.29 -19.25
N THR A 190 34.13 14.63 -18.80
CA THR A 190 34.36 13.23 -19.15
C THR A 190 33.28 12.31 -18.58
N GLY A 191 32.82 12.57 -17.35
CA GLY A 191 31.79 11.73 -16.78
C GLY A 191 30.47 11.90 -17.49
N MET A 192 30.14 13.14 -17.89
CA MET A 192 28.94 13.34 -18.68
C MET A 192 29.07 12.71 -20.07
N ASP A 193 30.27 12.66 -20.62
CA ASP A 193 30.44 11.92 -21.87
C ASP A 193 30.23 10.43 -21.64
N ALA A 194 30.66 9.94 -20.48
CA ALA A 194 30.39 8.55 -20.13
C ALA A 194 28.90 8.27 -20.05
N LEU A 195 28.18 9.12 -19.32
CA LEU A 195 26.73 8.96 -19.20
C LEU A 195 26.08 9.05 -20.56
N SER A 196 26.53 9.99 -21.39
CA SER A 196 26.09 10.11 -22.77
C SER A 196 26.22 8.77 -23.49
N HIS A 197 27.43 8.19 -23.48
CA HIS A 197 27.69 6.94 -24.17
C HIS A 197 26.74 5.84 -23.71
N ALA A 198 26.57 5.71 -22.38
CA ALA A 198 25.74 4.62 -21.85
C ALA A 198 24.28 4.79 -22.19
N ILE A 199 23.76 6.01 -22.01
CA ILE A 199 22.36 6.27 -22.36
C ILE A 199 22.11 5.99 -23.82
N GLU A 200 23.04 6.44 -24.69
CA GLU A 200 22.86 6.28 -26.12
C GLU A 200 23.00 4.83 -26.55
N ALA A 201 23.93 4.10 -25.95
CA ALA A 201 24.07 2.68 -26.26
C ALA A 201 22.84 1.91 -25.83
N TYR A 202 22.24 2.28 -24.69
CA TYR A 202 21.06 1.54 -24.24
C TYR A 202 19.90 1.67 -25.22
N VAL A 203 19.71 2.86 -25.79
CA VAL A 203 18.57 3.08 -26.69
C VAL A 203 18.92 2.87 -28.16
N ALA A 204 20.18 2.60 -28.48
CA ALA A 204 20.60 2.49 -29.87
C ALA A 204 19.83 1.39 -30.62
N LYS A 205 19.94 1.43 -31.95
CA LYS A 205 19.24 0.46 -32.80
C LYS A 205 19.92 -0.91 -32.72
N GLY A 206 21.24 -0.94 -32.68
CA GLY A 206 21.94 -2.20 -32.69
C GLY A 206 22.28 -2.72 -31.31
N ALA A 207 21.49 -2.35 -30.30
CA ALA A 207 21.76 -2.79 -28.94
C ALA A 207 21.53 -4.30 -28.81
N THR A 208 22.49 -5.00 -28.22
CA THR A 208 22.43 -6.42 -27.94
C THR A 208 22.33 -6.64 -26.44
N PRO A 209 21.91 -7.83 -25.99
CA PRO A 209 21.98 -8.13 -24.54
C PRO A 209 23.33 -7.80 -23.93
N VAL A 210 24.41 -8.10 -24.66
CA VAL A 210 25.76 -7.82 -24.19
C VAL A 210 25.96 -6.33 -23.97
N THR A 211 25.70 -5.50 -25.00
CA THR A 211 25.89 -4.06 -24.83
C THR A 211 25.03 -3.52 -23.70
N ASP A 212 23.83 -4.08 -23.53
CA ASP A 212 22.92 -3.62 -22.50
C ASP A 212 23.47 -3.91 -21.10
N ALA A 213 24.12 -5.06 -20.91
CA ALA A 213 24.73 -5.34 -19.61
C ALA A 213 25.61 -4.18 -19.15
N PHE A 214 26.57 -3.83 -20.01
CA PHE A 214 27.54 -2.80 -19.68
C PHE A 214 26.86 -1.44 -19.56
N ALA A 215 25.89 -1.14 -20.43
CA ALA A 215 25.22 0.15 -20.35
C ALA A 215 24.52 0.32 -19.01
N ILE A 216 23.78 -0.70 -18.58
CA ILE A 216 23.03 -0.61 -17.34
C ILE A 216 23.99 -0.40 -16.17
N GLN A 217 25.04 -1.23 -16.09
CA GLN A 217 25.93 -1.12 -14.94
C GLN A 217 26.67 0.21 -14.93
N ALA A 218 27.10 0.69 -16.10
CA ALA A 218 27.79 1.98 -16.16
C ALA A 218 26.89 3.10 -15.67
N MET A 219 25.62 3.10 -16.10
CA MET A 219 24.69 4.11 -15.58
C MET A 219 24.55 4.03 -14.06
N LYS A 220 24.49 2.82 -13.51
CA LYS A 220 24.37 2.67 -12.05
C LYS A 220 25.57 3.29 -11.34
N LEU A 221 26.77 2.85 -11.73
CA LEU A 221 27.98 3.36 -11.10
C LEU A 221 28.10 4.87 -11.25
N ILE A 222 27.72 5.41 -12.42
CA ILE A 222 27.83 6.84 -12.64
C ILE A 222 26.91 7.59 -11.67
N ASN A 223 25.63 7.19 -11.64
CA ASN A 223 24.69 7.79 -10.70
C ASN A 223 25.22 7.83 -9.28
N GLU A 224 25.91 6.78 -8.84
CA GLU A 224 26.35 6.87 -7.44
C GLU A 224 27.66 7.64 -7.26
N TYR A 225 28.64 7.48 -8.16
CA TYR A 225 29.99 7.93 -7.85
C TYR A 225 30.50 9.11 -8.68
N LEU A 226 29.84 9.47 -9.79
CA LEU A 226 30.25 10.67 -10.51
C LEU A 226 30.07 11.94 -9.68
N PRO A 227 28.95 12.14 -8.97
CA PRO A 227 28.86 13.31 -8.08
C PRO A 227 29.95 13.31 -7.03
N LYS A 228 30.33 12.13 -6.56
CA LYS A 228 31.39 12.07 -5.55
C LYS A 228 32.74 12.44 -6.14
N ALA A 229 33.01 11.98 -7.37
CA ALA A 229 34.27 12.32 -8.03
C ALA A 229 34.34 13.80 -8.40
N VAL A 230 33.19 14.43 -8.64
CA VAL A 230 33.19 15.88 -8.83
C VAL A 230 33.45 16.57 -7.49
N ALA A 231 32.91 16.03 -6.41
CA ALA A 231 32.98 16.70 -5.11
C ALA A 231 34.40 16.70 -4.56
N ASN A 232 35.04 15.52 -4.53
CA ASN A 232 36.39 15.37 -3.99
C ASN A 232 37.19 14.49 -4.95
N GLY A 233 38.10 15.11 -5.71
CA GLY A 233 38.94 14.36 -6.63
C GLY A 233 39.88 13.37 -5.97
N GLU A 234 40.19 13.58 -4.68
CA GLU A 234 41.08 12.70 -3.93
C GLU A 234 40.39 11.41 -3.47
N ASP A 235 39.08 11.28 -3.68
CA ASP A 235 38.38 10.04 -3.33
C ASP A 235 38.74 8.97 -4.35
N ILE A 236 39.62 8.04 -3.94
CA ILE A 236 40.15 7.07 -4.89
C ILE A 236 39.09 6.05 -5.29
N GLU A 237 38.19 5.70 -4.37
CA GLU A 237 37.12 4.76 -4.67
C GLU A 237 36.24 5.27 -5.81
N ALA A 238 35.88 6.56 -5.76
CA ALA A 238 35.02 7.14 -6.79
C ALA A 238 35.72 7.17 -8.14
N ARG A 239 37.01 7.51 -8.14
CA ARG A 239 37.77 7.50 -9.39
C ARG A 239 37.82 6.11 -10.00
N GLU A 240 38.00 5.08 -9.17
CA GLU A 240 38.00 3.72 -9.69
C GLU A 240 36.66 3.35 -10.30
N LYS A 241 35.57 3.64 -9.58
CA LYS A 241 34.26 3.27 -10.10
C LYS A 241 33.93 4.02 -11.37
N MET A 242 34.37 5.28 -11.49
CA MET A 242 34.20 5.99 -12.74
C MET A 242 35.06 5.40 -13.85
N ALA A 243 36.24 4.88 -13.52
CA ALA A 243 37.05 4.23 -14.55
C ALA A 243 36.33 3.01 -15.10
N TYR A 244 35.78 2.18 -14.21
CA TYR A 244 34.98 1.03 -14.66
C TYR A 244 33.79 1.48 -15.49
N ALA A 245 33.10 2.53 -15.05
CA ALA A 245 31.94 3.02 -15.78
C ALA A 245 32.29 3.43 -17.20
N GLN A 246 33.32 4.28 -17.35
CA GLN A 246 33.78 4.73 -18.66
C GLN A 246 34.16 3.57 -19.56
N TYR A 247 34.90 2.60 -19.02
CA TYR A 247 35.27 1.42 -19.78
C TYR A 247 34.02 0.73 -20.34
N MET A 248 33.07 0.42 -19.47
CA MET A 248 31.92 -0.36 -19.90
C MET A 248 31.05 0.42 -20.90
N ALA A 249 30.91 1.73 -20.69
CA ALA A 249 30.10 2.52 -21.60
C ALA A 249 30.76 2.64 -22.97
N GLY A 250 32.09 2.76 -23.01
CA GLY A 250 32.78 2.69 -24.27
C GLY A 250 32.51 1.40 -25.01
N VAL A 251 32.65 0.26 -24.32
CA VAL A 251 32.36 -1.02 -24.98
C VAL A 251 30.93 -1.05 -25.50
N ALA A 252 29.98 -0.58 -24.68
CA ALA A 252 28.57 -0.61 -25.07
C ALA A 252 28.32 0.21 -26.33
N PHE A 253 28.73 1.48 -26.35
CA PHE A 253 28.43 2.27 -27.54
C PHE A 253 29.21 1.79 -28.75
N ASN A 254 30.42 1.27 -28.57
CA ASN A 254 31.17 0.77 -29.71
C ASN A 254 30.42 -0.36 -30.39
N ASN A 255 29.96 -1.34 -29.62
CA ASN A 255 29.32 -2.48 -30.25
C ASN A 255 27.80 -2.35 -30.36
N GLY A 256 27.22 -1.31 -29.77
CA GLY A 256 25.79 -1.08 -29.86
C GLY A 256 25.42 0.15 -30.68
N GLY A 257 26.02 1.27 -30.36
CA GLY A 257 25.83 2.47 -31.17
C GLY A 257 25.72 3.71 -30.33
N LEU A 258 25.88 4.84 -31.02
CA LEU A 258 25.65 6.14 -30.42
C LEU A 258 24.38 6.74 -30.99
N GLY A 259 24.32 8.06 -31.16
CA GLY A 259 23.11 8.66 -31.67
C GLY A 259 23.25 10.15 -31.82
N LEU A 260 22.11 10.83 -31.84
CA LEU A 260 22.08 12.24 -32.22
C LEU A 260 22.82 13.14 -31.25
N VAL A 261 23.04 12.68 -30.01
CA VAL A 261 23.82 13.48 -29.08
C VAL A 261 25.21 13.71 -29.65
N HIS A 262 25.90 12.63 -30.02
CA HIS A 262 27.24 12.78 -30.56
C HIS A 262 27.21 13.36 -31.96
N SER A 263 26.16 13.08 -32.75
CA SER A 263 26.04 13.66 -34.08
C SER A 263 25.96 15.18 -34.04
N ILE A 264 25.21 15.72 -33.08
CA ILE A 264 25.12 17.18 -32.91
C ILE A 264 26.41 17.72 -32.30
N SER A 265 26.94 17.04 -31.27
CA SER A 265 28.12 17.57 -30.61
C SER A 265 29.33 17.58 -31.53
N HIS A 266 29.37 16.68 -32.53
CA HIS A 266 30.50 16.68 -33.44
C HIS A 266 30.56 17.95 -34.27
N GLN A 267 29.40 18.42 -34.75
CA GLN A 267 29.38 19.68 -35.49
C GLN A 267 29.60 20.87 -34.56
N VAL A 268 28.96 20.86 -33.38
CA VAL A 268 29.10 21.99 -32.47
C VAL A 268 30.56 22.15 -32.03
N GLY A 269 31.22 21.04 -31.70
CA GLY A 269 32.62 21.09 -31.33
C GLY A 269 33.55 21.32 -32.51
N GLY A 270 33.14 20.95 -33.72
CA GLY A 270 33.97 21.23 -34.89
C GLY A 270 33.95 22.70 -35.25
N VAL A 271 32.79 23.35 -35.09
CA VAL A 271 32.67 24.76 -35.43
C VAL A 271 33.23 25.64 -34.32
N TYR A 272 32.74 25.47 -33.10
CA TYR A 272 33.03 26.39 -32.01
C TYR A 272 34.11 25.90 -31.06
N LYS A 273 34.59 24.67 -31.21
CA LYS A 273 35.68 24.13 -30.42
C LYS A 273 35.36 24.20 -28.92
N LEU A 274 34.35 23.42 -28.55
CA LEU A 274 33.87 23.36 -27.19
C LEU A 274 34.07 21.94 -26.67
N GLN A 275 34.08 21.83 -25.34
CA GLN A 275 34.37 20.54 -24.72
C GLN A 275 33.24 19.56 -25.00
N HIS A 276 33.62 18.38 -25.50
CA HIS A 276 32.69 17.37 -25.99
C HIS A 276 31.64 16.99 -24.95
N GLY A 277 32.08 16.76 -23.71
CA GLY A 277 31.15 16.34 -22.67
C GLY A 277 30.07 17.38 -22.39
N ILE A 278 30.45 18.66 -22.41
CA ILE A 278 29.50 19.72 -22.08
C ILE A 278 28.47 19.90 -23.19
N CYS A 279 28.92 19.81 -24.45
CA CYS A 279 27.99 19.85 -25.56
C CYS A 279 27.01 18.68 -25.49
N ASN A 280 27.54 17.48 -25.18
CA ASN A 280 26.67 16.32 -25.00
C ASN A 280 25.63 16.58 -23.91
N SER A 281 26.05 17.22 -22.82
CA SER A 281 25.13 17.46 -21.72
C SER A 281 24.02 18.43 -22.11
N VAL A 282 24.38 19.53 -22.78
CA VAL A 282 23.35 20.49 -23.22
C VAL A 282 22.40 19.82 -24.20
N ASN A 283 22.92 18.90 -25.01
CA ASN A 283 22.15 18.30 -26.09
C ASN A 283 21.21 17.21 -25.59
N MET A 284 21.70 16.33 -24.71
CA MET A 284 21.01 15.08 -24.39
C MET A 284 19.55 15.24 -23.99
N PRO A 285 19.16 16.17 -23.11
CA PRO A 285 17.75 16.23 -22.72
C PRO A 285 16.79 16.43 -23.88
N HIS A 286 17.23 17.04 -24.98
CA HIS A 286 16.35 17.27 -26.13
C HIS A 286 16.40 16.13 -27.13
N VAL A 287 17.58 15.54 -27.32
CA VAL A 287 17.67 14.31 -28.11
C VAL A 287 16.80 13.23 -27.49
N CYS A 288 16.84 13.11 -26.16
CA CYS A 288 16.09 12.06 -25.49
C CYS A 288 14.59 12.26 -25.67
N ALA A 289 14.13 13.52 -25.61
CA ALA A 289 12.73 13.81 -25.83
C ALA A 289 12.30 13.46 -27.26
N PHE A 290 13.15 13.77 -28.24
CA PHE A 290 12.87 13.39 -29.62
C PHE A 290 12.73 11.88 -29.76
N ASN A 291 13.67 11.14 -29.17
CA ASN A 291 13.73 9.68 -29.29
C ASN A 291 12.77 8.94 -28.37
N LEU A 292 12.06 9.67 -27.49
CA LEU A 292 11.26 9.04 -26.45
C LEU A 292 10.22 8.07 -26.99
N ILE A 293 9.67 8.34 -28.18
CA ILE A 293 8.64 7.45 -28.74
C ILE A 293 9.18 6.11 -29.21
N ALA A 294 10.47 6.03 -29.57
CA ALA A 294 11.03 4.79 -30.10
C ALA A 294 11.32 3.77 -29.00
N LYS A 295 11.77 4.24 -27.82
CA LYS A 295 12.27 3.39 -26.76
C LYS A 295 11.70 3.85 -25.41
N THR A 296 10.37 3.89 -25.33
CA THR A 296 9.69 4.42 -24.15
C THR A 296 10.03 3.63 -22.90
N GLU A 297 9.97 2.30 -22.99
CA GLU A 297 10.25 1.44 -21.86
C GLU A 297 11.68 1.60 -21.39
N ARG A 298 12.63 1.64 -22.33
CA ARG A 298 14.03 1.75 -21.92
C ARG A 298 14.33 3.11 -21.32
N PHE A 299 13.63 4.17 -21.77
CA PHE A 299 13.80 5.46 -21.11
C PHE A 299 13.22 5.45 -19.69
N ALA A 300 12.12 4.71 -19.47
CA ALA A 300 11.64 4.54 -18.10
C ALA A 300 12.68 3.84 -17.23
N HIS A 301 13.32 2.82 -17.78
CA HIS A 301 14.38 2.15 -17.01
C HIS A 301 15.55 3.10 -16.75
N ILE A 302 15.88 3.95 -17.74
CA ILE A 302 16.96 4.92 -17.57
C ILE A 302 16.61 5.92 -16.47
N ALA A 303 15.33 6.29 -16.38
CA ALA A 303 14.89 7.15 -15.30
C ALA A 303 15.10 6.49 -13.96
N GLU A 304 14.80 5.19 -13.86
CA GLU A 304 15.03 4.53 -12.59
C GLU A 304 16.53 4.42 -12.27
N LEU A 305 17.35 4.12 -13.28
CA LEU A 305 18.79 4.00 -13.07
C LEU A 305 19.44 5.34 -12.75
N LEU A 306 18.87 6.44 -13.24
CA LEU A 306 19.35 7.78 -12.98
C LEU A 306 18.83 8.36 -11.67
N GLY A 307 18.13 7.54 -10.88
CA GLY A 307 17.81 7.86 -9.51
C GLY A 307 16.42 8.44 -9.29
N GLU A 308 15.41 7.93 -9.98
CA GLU A 308 14.04 8.44 -9.83
C GLU A 308 13.11 7.31 -9.44
N ASN A 309 12.13 7.62 -8.58
CA ASN A 309 11.14 6.63 -8.13
C ASN A 309 9.96 6.65 -9.10
N VAL A 310 10.00 5.77 -10.09
CA VAL A 310 8.99 5.71 -11.12
C VAL A 310 7.84 4.77 -10.75
N ALA A 311 7.72 4.39 -9.47
CA ALA A 311 6.65 3.49 -9.08
C ALA A 311 5.28 4.16 -9.23
N GLY A 312 4.27 3.34 -9.50
CA GLY A 312 2.91 3.86 -9.67
C GLY A 312 2.73 4.77 -10.86
N LEU A 313 3.68 4.78 -11.78
CA LEU A 313 3.64 5.64 -12.95
C LEU A 313 3.43 4.79 -14.20
N SER A 314 2.67 5.32 -15.15
CA SER A 314 2.64 4.72 -16.47
C SER A 314 4.03 4.80 -17.10
N THR A 315 4.27 3.92 -18.07
CA THR A 315 5.58 3.91 -18.71
C THR A 315 5.89 5.23 -19.41
N ALA A 316 4.86 5.92 -19.89
CA ALA A 316 5.06 7.24 -20.49
C ALA A 316 5.58 8.23 -19.45
N ALA A 317 4.86 8.36 -18.33
CA ALA A 317 5.26 9.30 -17.29
C ALA A 317 6.66 8.97 -16.78
N ALA A 318 6.92 7.70 -16.50
CA ALA A 318 8.24 7.29 -16.07
C ALA A 318 9.29 7.68 -17.11
N ALA A 319 8.95 7.58 -18.40
CA ALA A 319 9.90 7.96 -19.43
C ALA A 319 10.25 9.44 -19.35
N GLU A 320 9.25 10.31 -19.17
CA GLU A 320 9.55 11.74 -19.04
CA GLU A 320 9.57 11.73 -19.05
C GLU A 320 10.36 12.02 -17.78
N ARG A 321 10.20 11.18 -16.75
CA ARG A 321 11.03 11.35 -15.55
C ARG A 321 12.52 11.24 -15.86
N ALA A 322 12.88 10.63 -17.00
CA ALA A 322 14.28 10.58 -17.42
C ALA A 322 14.80 11.95 -17.82
N ILE A 323 14.00 12.72 -18.55
CA ILE A 323 14.40 14.08 -18.87
C ILE A 323 14.52 14.89 -17.59
N VAL A 324 13.61 14.65 -16.65
CA VAL A 324 13.71 15.34 -15.36
C VAL A 324 15.06 15.05 -14.70
N ALA A 325 15.43 13.77 -14.63
CA ALA A 325 16.68 13.40 -13.97
C ALA A 325 17.89 13.98 -14.71
N LEU A 326 17.86 13.95 -16.04
CA LEU A 326 18.95 14.55 -16.80
C LEU A 326 19.12 16.03 -16.45
N GLU A 327 18.01 16.78 -16.44
CA GLU A 327 18.10 18.20 -16.16
C GLU A 327 18.59 18.45 -14.73
N ARG A 328 18.16 17.61 -13.78
CA ARG A 328 18.64 17.73 -12.41
C ARG A 328 20.15 17.56 -12.35
N ILE A 329 20.67 16.49 -12.98
CA ILE A 329 22.11 16.26 -12.96
C ILE A 329 22.84 17.43 -13.60
N ASN A 330 22.28 17.97 -14.69
CA ASN A 330 22.86 19.15 -15.31
C ASN A 330 22.95 20.30 -14.33
N LYS A 331 21.88 20.52 -13.56
CA LYS A 331 21.89 21.63 -12.61
C LYS A 331 22.92 21.39 -11.50
N SER A 332 23.13 20.13 -11.12
CA SER A 332 24.06 19.82 -10.03
C SER A 332 25.51 20.09 -10.42
N PHE A 333 25.83 20.01 -11.71
CA PHE A 333 27.19 20.18 -12.20
C PHE A 333 27.37 21.50 -12.95
N GLY A 334 26.43 22.42 -12.84
CA GLY A 334 26.60 23.75 -13.40
C GLY A 334 26.73 23.78 -14.90
N ILE A 335 26.10 22.85 -15.59
CA ILE A 335 26.13 22.82 -17.06
C ILE A 335 25.57 24.13 -17.59
N PRO A 336 26.13 24.69 -18.67
CA PRO A 336 25.50 25.86 -19.30
C PRO A 336 24.04 25.59 -19.61
N SER A 337 23.20 26.62 -19.46
CA SER A 337 21.77 26.41 -19.64
C SER A 337 21.40 26.17 -21.10
N GLY A 338 22.21 26.66 -22.04
CA GLY A 338 21.95 26.37 -23.44
C GLY A 338 23.17 26.59 -24.30
N TYR A 339 23.07 26.15 -25.56
CA TYR A 339 24.14 26.36 -26.51
C TYR A 339 24.39 27.83 -26.79
N ALA A 340 23.39 28.69 -26.56
CA ALA A 340 23.53 30.10 -26.89
C ALA A 340 24.58 30.77 -26.02
N GLU A 341 24.56 30.50 -24.71
CA GLU A 341 25.56 31.09 -23.82
C GLU A 341 26.96 30.65 -24.17
N MET A 342 27.12 29.45 -24.73
CA MET A 342 28.44 28.96 -25.10
C MET A 342 28.93 29.52 -26.42
N GLY A 343 28.12 30.35 -27.08
CA GLY A 343 28.51 31.02 -28.30
C GLY A 343 27.94 30.47 -29.60
N VAL A 344 27.09 29.45 -29.54
CA VAL A 344 26.48 28.92 -30.76
C VAL A 344 25.58 30.00 -31.37
N LYS A 345 25.65 30.14 -32.69
CA LYS A 345 24.95 31.21 -33.40
C LYS A 345 23.78 30.64 -34.18
N GLU A 346 22.63 31.33 -34.12
CA GLU A 346 21.43 30.83 -34.76
C GLU A 346 21.64 30.62 -36.26
N GLU A 347 22.37 31.51 -36.88
CA GLU A 347 22.62 31.43 -38.29
C GLU A 347 23.34 30.20 -38.71
N ASP A 348 24.01 29.55 -37.78
CA ASP A 348 24.82 28.40 -38.11
C ASP A 348 24.13 27.09 -37.86
N ILE A 349 22.90 27.13 -37.39
CA ILE A 349 22.17 25.91 -37.08
C ILE A 349 21.90 25.07 -38.31
N GLU A 350 21.72 25.71 -39.44
CA GLU A 350 21.50 24.97 -40.67
C GLU A 350 22.60 23.99 -40.97
N LEU A 351 23.83 24.47 -41.02
CA LEU A 351 24.94 23.61 -41.35
C LEU A 351 25.19 22.62 -40.27
N LEU A 352 24.96 23.01 -39.03
CA LEU A 352 25.16 22.11 -37.93
C LEU A 352 24.34 20.89 -38.13
N ALA A 353 23.11 21.05 -38.60
CA ALA A 353 22.22 19.93 -38.78
C ALA A 353 22.43 19.17 -40.03
N LYS A 354 22.91 19.84 -41.06
CA LYS A 354 23.12 19.20 -42.34
C LYS A 354 24.25 18.28 -42.24
N ASN A 355 25.31 18.70 -41.56
CA ASN A 355 26.48 17.89 -41.47
C ASN A 355 26.25 16.76 -40.51
N ALA A 356 25.33 16.93 -39.59
CA ALA A 356 25.03 15.91 -38.60
C ALA A 356 24.30 14.80 -39.23
N TYR A 357 23.41 15.13 -40.13
CA TYR A 357 22.64 14.14 -40.80
C TYR A 357 23.58 13.15 -41.41
N GLU A 358 24.77 13.60 -41.80
CA GLU A 358 25.63 12.66 -42.48
C GLU A 358 26.56 11.90 -41.55
N ASP A 359 26.53 12.18 -40.25
CA ASP A 359 27.30 11.41 -39.29
C ASP A 359 26.72 10.01 -39.20
N VAL A 360 27.60 9.00 -39.17
CA VAL A 360 27.14 7.63 -39.07
C VAL A 360 26.37 7.43 -37.77
N CYS A 361 26.66 8.27 -36.75
CA CYS A 361 25.98 8.16 -35.47
C CYS A 361 24.47 8.30 -35.62
N THR A 362 24.02 9.13 -36.57
CA THR A 362 22.59 9.36 -36.77
C THR A 362 21.85 8.12 -37.27
N GLN A 363 22.58 7.09 -37.69
CA GLN A 363 21.92 5.85 -38.12
C GLN A 363 21.61 4.92 -36.97
N SER A 364 22.38 5.01 -35.87
CA SER A 364 22.10 4.23 -34.67
C SER A 364 21.06 4.89 -33.78
N ASN A 365 20.66 6.11 -34.08
CA ASN A 365 19.69 6.80 -33.26
C ASN A 365 18.35 6.08 -33.35
N PRO A 366 17.63 5.89 -32.23
CA PRO A 366 16.38 5.13 -32.28
C PRO A 366 15.37 5.66 -33.29
N ARG A 367 15.14 6.96 -33.30
CA ARG A 367 14.14 7.59 -34.17
C ARG A 367 14.83 8.14 -35.41
N VAL A 368 14.31 7.78 -36.58
CA VAL A 368 14.98 8.21 -37.81
C VAL A 368 14.70 9.69 -38.04
N PRO A 369 15.74 10.50 -38.23
CA PRO A 369 15.52 11.95 -38.29
C PRO A 369 15.61 12.54 -39.70
N THR A 370 15.00 13.71 -39.87
CA THR A 370 15.21 14.57 -41.03
C THR A 370 16.17 15.68 -40.65
N VAL A 371 16.66 16.41 -41.66
CA VAL A 371 17.52 17.54 -41.36
C VAL A 371 16.79 18.56 -40.51
N GLN A 372 15.49 18.73 -40.77
CA GLN A 372 14.69 19.68 -40.00
C GLN A 372 14.45 19.19 -38.58
N ASP A 373 14.29 17.87 -38.41
CA ASP A 373 14.20 17.30 -37.06
C ASP A 373 15.44 17.66 -36.24
N ILE A 374 16.61 17.53 -36.86
CA ILE A 374 17.86 17.82 -36.17
C ILE A 374 17.97 19.31 -35.88
N ALA A 375 17.63 20.15 -36.85
CA ALA A 375 17.63 21.58 -36.59
C ALA A 375 16.70 21.93 -35.45
N GLN A 376 15.59 21.20 -35.30
CA GLN A 376 14.67 21.49 -34.20
C GLN A 376 15.30 21.14 -32.87
N ILE A 377 15.97 19.99 -32.80
CA ILE A 377 16.70 19.66 -31.56
C ILE A 377 17.69 20.77 -31.22
N ILE A 378 18.53 21.15 -32.18
CA ILE A 378 19.56 22.14 -31.91
C ILE A 378 18.93 23.45 -31.45
N LYS A 379 17.90 23.92 -32.16
CA LYS A 379 17.26 25.18 -31.80
C LYS A 379 16.66 25.11 -30.40
N ASN A 380 16.06 23.98 -30.04
CA ASN A 380 15.50 23.82 -28.70
C ASN A 380 16.58 23.79 -27.63
N ALA A 381 17.78 23.36 -27.97
CA ALA A 381 18.89 23.36 -27.02
C ALA A 381 19.59 24.71 -26.91
N MET A 382 19.13 25.72 -27.64
CA MET A 382 19.87 26.99 -27.67
C MET A 382 19.71 27.75 -26.36
N LEU A 383 18.47 27.90 -25.89
CA LEU A 383 18.21 28.70 -24.71
C LEU A 383 17.35 27.89 -23.74
N GLU A 384 16.68 28.60 -22.83
CA GLU A 384 15.85 28.01 -21.79
C GLU A 384 16.69 27.12 -20.87
N MET B 1 42.30 -4.05 -6.39
CA MET B 1 41.75 -3.16 -7.42
C MET B 1 42.35 -3.46 -8.79
N THR B 2 43.60 -3.92 -8.80
CA THR B 2 44.31 -4.28 -10.04
C THR B 2 43.78 -5.62 -10.51
N THR B 3 43.03 -5.62 -11.61
CA THR B 3 42.42 -6.82 -12.15
C THR B 3 42.70 -6.90 -13.65
N ASN B 4 42.77 -8.12 -14.17
CA ASN B 4 42.99 -8.35 -15.58
C ASN B 4 41.69 -8.84 -16.23
N PHE B 5 41.39 -8.32 -17.40
CA PHE B 5 40.20 -8.69 -18.14
C PHE B 5 40.63 -9.29 -19.47
N PHE B 6 40.42 -10.60 -19.63
CA PHE B 6 40.85 -11.35 -20.80
C PHE B 6 39.63 -11.90 -21.52
N ILE B 7 39.47 -11.53 -22.78
CA ILE B 7 38.27 -11.83 -23.55
C ILE B 7 38.67 -11.99 -25.01
N PRO B 8 38.03 -12.86 -25.78
CA PRO B 8 38.29 -12.93 -27.22
C PRO B 8 38.14 -11.57 -27.88
N PRO B 9 39.16 -11.10 -28.57
CA PRO B 9 39.08 -9.77 -29.20
C PRO B 9 38.01 -9.66 -30.28
N ALA B 10 37.54 -10.78 -30.83
CA ALA B 10 36.50 -10.75 -31.83
C ALA B 10 35.48 -11.85 -31.56
N SER B 11 34.20 -11.46 -31.52
CA SER B 11 33.11 -12.39 -31.29
C SER B 11 32.01 -12.13 -32.30
N VAL B 12 31.50 -13.19 -32.91
CA VAL B 12 30.43 -13.14 -33.89
C VAL B 12 29.27 -13.93 -33.32
N ILE B 13 28.27 -13.21 -32.79
CA ILE B 13 27.13 -13.82 -32.11
C ILE B 13 25.88 -13.52 -32.93
N GLY B 14 25.19 -14.55 -33.37
CA GLY B 14 23.93 -14.36 -34.07
C GLY B 14 23.66 -15.47 -35.06
N ARG B 15 22.42 -15.49 -35.55
CA ARG B 15 22.00 -16.49 -36.50
C ARG B 15 22.83 -16.41 -37.77
N GLY B 16 23.44 -17.51 -38.17
CA GLY B 16 24.24 -17.53 -39.39
C GLY B 16 25.66 -17.09 -39.21
N ALA B 17 26.17 -17.14 -37.98
CA ALA B 17 27.49 -16.67 -37.70
C ALA B 17 28.56 -17.61 -38.12
N VAL B 18 28.21 -18.87 -38.29
CA VAL B 18 29.20 -19.87 -38.65
C VAL B 18 29.77 -19.64 -40.04
N LYS B 19 29.21 -18.70 -40.77
CA LYS B 19 29.68 -18.47 -42.10
C LYS B 19 30.89 -17.58 -42.12
N GLU B 20 31.21 -16.97 -41.01
CA GLU B 20 32.34 -16.07 -40.98
C GLU B 20 33.59 -16.75 -40.50
N VAL B 21 33.53 -18.03 -40.19
CA VAL B 21 34.70 -18.69 -39.63
C VAL B 21 35.88 -18.55 -40.54
N GLY B 22 35.77 -18.98 -41.79
CA GLY B 22 36.91 -18.97 -42.69
C GLY B 22 37.42 -17.59 -42.97
N THR B 23 36.52 -16.65 -43.07
CA THR B 23 36.93 -15.30 -43.30
C THR B 23 37.84 -14.88 -42.16
N ARG B 24 37.33 -14.84 -40.93
CA ARG B 24 38.12 -14.39 -39.80
C ARG B 24 39.37 -15.21 -39.71
N LEU B 25 39.27 -16.49 -40.00
CA LEU B 25 40.43 -17.36 -39.98
C LEU B 25 41.54 -16.82 -40.87
N LYS B 26 41.24 -16.65 -42.15
CA LYS B 26 42.28 -16.19 -43.05
C LYS B 26 42.67 -14.75 -42.75
N GLN B 27 41.76 -13.97 -42.15
CA GLN B 27 42.11 -12.62 -41.75
C GLN B 27 43.29 -12.63 -40.79
N ILE B 28 43.33 -13.63 -39.89
CA ILE B 28 44.47 -13.78 -38.99
C ILE B 28 45.66 -14.41 -39.71
N GLY B 29 45.51 -14.73 -40.99
CA GLY B 29 46.61 -15.24 -41.80
C GLY B 29 47.02 -16.67 -41.50
N ALA B 30 46.05 -17.54 -41.27
CA ALA B 30 46.35 -18.93 -41.00
C ALA B 30 46.41 -19.71 -42.31
N LYS B 31 47.16 -20.81 -42.30
CA LYS B 31 47.31 -21.64 -43.48
C LYS B 31 46.73 -23.04 -43.31
N LYS B 32 46.98 -23.67 -42.17
CA LYS B 32 46.53 -25.04 -41.90
C LYS B 32 45.89 -25.10 -40.52
N ALA B 33 44.58 -25.35 -40.50
CA ALA B 33 43.81 -25.46 -39.28
C ALA B 33 43.43 -26.91 -39.03
N LEU B 34 43.57 -27.32 -37.78
CA LEU B 34 43.01 -28.61 -37.33
C LEU B 34 41.62 -28.36 -36.78
N ILE B 35 40.61 -28.92 -37.44
CA ILE B 35 39.27 -28.94 -36.89
C ILE B 35 39.21 -30.01 -35.79
N VAL B 36 38.71 -29.63 -34.62
CA VAL B 36 38.54 -30.54 -33.51
C VAL B 36 37.04 -30.61 -33.21
N THR B 37 36.48 -31.81 -33.30
CA THR B 37 35.05 -32.02 -33.15
C THR B 37 34.86 -33.35 -32.44
N ASP B 38 33.59 -33.70 -32.16
CA ASP B 38 33.28 -34.98 -31.55
C ASP B 38 32.90 -35.98 -32.63
N ALA B 39 32.36 -37.13 -32.22
CA ALA B 39 32.02 -38.18 -33.17
C ALA B 39 30.74 -37.82 -33.93
N PHE B 40 29.63 -37.64 -33.20
CA PHE B 40 28.35 -37.38 -33.85
C PHE B 40 28.42 -36.13 -34.72
N LEU B 41 29.08 -35.07 -34.23
CA LEU B 41 29.18 -33.84 -35.01
C LEU B 41 29.86 -34.08 -36.35
N HIS B 42 30.89 -34.92 -36.37
CA HIS B 42 31.50 -35.27 -37.64
C HIS B 42 30.53 -36.07 -38.51
N SER B 43 29.69 -36.91 -37.88
CA SER B 43 28.73 -37.68 -38.66
C SER B 43 27.65 -36.79 -39.27
N THR B 44 27.19 -35.75 -38.54
CA THR B 44 26.12 -34.88 -39.02
C THR B 44 26.48 -34.12 -40.28
N GLY B 45 27.76 -34.10 -40.65
CA GLY B 45 28.21 -33.35 -41.80
C GLY B 45 28.72 -31.96 -41.51
N LEU B 46 28.59 -31.49 -40.26
CA LEU B 46 28.93 -30.11 -39.93
C LEU B 46 30.41 -29.82 -40.16
N SER B 47 31.27 -30.78 -39.77
CA SER B 47 32.70 -30.65 -40.00
C SER B 47 32.99 -30.24 -41.44
N GLU B 48 32.43 -30.97 -42.40
CA GLU B 48 32.69 -30.69 -43.81
C GLU B 48 32.11 -29.35 -44.23
N GLU B 49 31.00 -28.93 -43.62
CA GLU B 49 30.43 -27.62 -43.95
C GLU B 49 31.37 -26.50 -43.56
N VAL B 50 31.81 -26.51 -42.29
CA VAL B 50 32.77 -25.52 -41.83
C VAL B 50 34.03 -25.57 -42.69
N ALA B 51 34.50 -26.78 -42.99
CA ALA B 51 35.71 -26.93 -43.80
C ALA B 51 35.52 -26.34 -45.19
N LYS B 52 34.33 -26.49 -45.77
CA LYS B 52 34.07 -25.87 -47.07
C LYS B 52 34.22 -24.36 -46.98
N ASN B 53 33.59 -23.74 -45.98
CA ASN B 53 33.71 -22.29 -45.83
C ASN B 53 35.16 -21.87 -45.64
N ILE B 54 35.91 -22.64 -44.84
CA ILE B 54 37.30 -22.30 -44.57
C ILE B 54 38.16 -22.47 -45.82
N ARG B 55 37.98 -23.56 -46.56
CA ARG B 55 38.74 -23.78 -47.77
C ARG B 55 38.43 -22.73 -48.81
N GLU B 56 37.19 -22.26 -48.87
CA GLU B 56 36.86 -21.17 -49.77
C GLU B 56 37.66 -19.91 -49.44
N ALA B 57 38.01 -19.73 -48.17
CA ALA B 57 38.84 -18.63 -47.73
C ALA B 57 40.34 -18.95 -47.83
N GLY B 58 40.68 -20.11 -48.39
CA GLY B 58 42.06 -20.41 -48.69
C GLY B 58 42.87 -21.02 -47.58
N VAL B 59 42.26 -21.85 -46.73
CA VAL B 59 42.94 -22.43 -45.58
C VAL B 59 42.71 -23.94 -45.57
N ASP B 60 43.80 -24.69 -45.40
CA ASP B 60 43.73 -26.14 -45.28
C ASP B 60 43.06 -26.53 -43.98
N VAL B 61 42.54 -27.75 -43.93
CA VAL B 61 41.74 -28.21 -42.78
C VAL B 61 41.98 -29.70 -42.57
N ALA B 62 41.93 -30.11 -41.31
CA ALA B 62 41.98 -31.52 -40.93
C ALA B 62 41.15 -31.72 -39.67
N ILE B 63 40.51 -32.89 -39.56
CA ILE B 63 39.49 -33.15 -38.55
C ILE B 63 40.03 -34.13 -37.52
N PHE B 64 39.81 -33.83 -36.23
CA PHE B 64 40.14 -34.72 -35.12
C PHE B 64 38.85 -35.03 -34.37
N PRO B 65 38.06 -36.03 -34.88
CA PRO B 65 36.78 -36.20 -34.22
C PRO B 65 36.76 -37.10 -33.03
N LYS B 66 37.78 -37.01 -32.21
CA LYS B 66 37.85 -37.94 -31.11
C LYS B 66 37.64 -37.28 -29.79
N ALA B 67 37.58 -35.95 -29.81
CA ALA B 67 37.39 -35.22 -28.59
C ALA B 67 36.12 -35.70 -28.01
N GLN B 68 36.20 -36.40 -26.90
CA GLN B 68 35.02 -36.98 -26.38
C GLN B 68 34.63 -36.30 -25.10
N PRO B 69 33.40 -36.57 -24.64
CA PRO B 69 32.99 -36.02 -23.36
C PRO B 69 34.06 -36.13 -22.31
N ASP B 70 34.27 -35.06 -21.55
CA ASP B 70 35.32 -35.01 -20.51
C ASP B 70 36.65 -35.30 -21.13
N PRO B 71 37.27 -34.26 -21.70
CA PRO B 71 38.53 -34.45 -22.39
C PRO B 71 39.48 -35.16 -21.49
N ALA B 72 39.81 -36.38 -21.82
CA ALA B 72 40.65 -37.11 -20.92
C ALA B 72 42.05 -36.99 -21.41
N ASP B 73 42.99 -36.89 -20.47
CA ASP B 73 44.40 -36.74 -20.81
C ASP B 73 44.87 -37.61 -21.98
N THR B 74 44.38 -38.82 -22.08
CA THR B 74 44.83 -39.73 -23.14
C THR B 74 44.46 -39.18 -24.52
N GLN B 75 43.20 -38.79 -24.70
CA GLN B 75 42.77 -38.27 -25.99
C GLN B 75 43.38 -36.90 -26.26
N VAL B 76 43.63 -36.10 -25.23
CA VAL B 76 44.26 -34.82 -25.50
C VAL B 76 45.70 -35.02 -25.94
N HIS B 77 46.36 -36.05 -25.44
CA HIS B 77 47.74 -36.31 -25.88
C HIS B 77 47.74 -36.88 -27.29
N GLU B 78 46.77 -37.76 -27.60
CA GLU B 78 46.61 -38.20 -28.98
C GLU B 78 46.39 -37.02 -29.91
N GLY B 79 45.60 -36.04 -29.46
CA GLY B 79 45.33 -34.88 -30.29
C GLY B 79 46.54 -33.99 -30.47
N VAL B 80 47.35 -33.85 -29.43
CA VAL B 80 48.62 -33.15 -29.58
C VAL B 80 49.45 -33.82 -30.64
N ASP B 81 49.53 -35.16 -30.58
CA ASP B 81 50.29 -35.91 -31.57
C ASP B 81 49.81 -35.62 -32.99
N VAL B 82 48.50 -35.75 -33.22
CA VAL B 82 47.99 -35.56 -34.59
C VAL B 82 48.13 -34.11 -35.03
N PHE B 83 48.05 -33.16 -34.09
CA PHE B 83 48.27 -31.76 -34.42
C PHE B 83 49.67 -31.57 -34.99
N LYS B 84 50.67 -32.12 -34.31
CA LYS B 84 52.04 -31.99 -34.77
C LYS B 84 52.24 -32.68 -36.11
N GLN B 85 51.77 -33.93 -36.24
CA GLN B 85 51.99 -34.68 -37.48
C GLN B 85 51.32 -34.03 -38.68
N GLU B 86 50.26 -33.24 -38.45
CA GLU B 86 49.52 -32.61 -39.53
C GLU B 86 50.07 -31.24 -39.91
N ASN B 87 50.93 -30.64 -39.09
CA ASN B 87 51.63 -29.38 -39.39
C ASN B 87 50.63 -28.24 -39.55
N CYS B 88 49.93 -27.93 -38.45
CA CYS B 88 48.85 -26.96 -38.45
C CYS B 88 49.22 -25.73 -37.63
N ASP B 89 48.91 -24.56 -38.17
CA ASP B 89 49.17 -23.29 -37.50
C ASP B 89 47.92 -22.71 -36.83
N SER B 90 46.74 -23.30 -37.03
CA SER B 90 45.54 -22.77 -36.44
C SER B 90 44.65 -23.91 -35.95
N LEU B 91 43.74 -23.57 -35.02
CA LEU B 91 42.81 -24.54 -34.49
C LEU B 91 41.38 -24.01 -34.62
N VAL B 92 40.48 -24.86 -35.11
CA VAL B 92 39.06 -24.53 -35.20
C VAL B 92 38.29 -25.60 -34.44
N SER B 93 37.60 -25.18 -33.39
CA SER B 93 36.88 -26.05 -32.48
C SER B 93 35.40 -26.01 -32.84
N ILE B 94 34.79 -27.17 -33.05
CA ILE B 94 33.36 -27.26 -33.36
C ILE B 94 32.72 -28.25 -32.39
N GLY B 95 31.96 -27.74 -31.45
CA GLY B 95 31.29 -28.61 -30.50
C GLY B 95 31.13 -27.92 -29.17
N GLY B 96 30.88 -28.75 -28.16
CA GLY B 96 30.73 -28.26 -26.82
C GLY B 96 32.08 -27.94 -26.19
N GLY B 97 32.04 -27.80 -24.86
CA GLY B 97 33.24 -27.43 -24.13
C GLY B 97 34.35 -28.46 -24.24
N SER B 98 34.00 -29.73 -24.43
CA SER B 98 35.00 -30.77 -24.59
C SER B 98 35.90 -30.47 -25.78
N SER B 99 35.30 -30.21 -26.95
CA SER B 99 36.09 -29.93 -28.14
C SER B 99 36.89 -28.65 -27.98
N HIS B 100 36.30 -27.63 -27.36
CA HIS B 100 36.99 -26.36 -27.15
C HIS B 100 38.23 -26.55 -26.29
N ASP B 101 38.06 -27.20 -25.13
CA ASP B 101 39.19 -27.42 -24.24
C ASP B 101 40.23 -28.31 -24.88
N THR B 102 39.80 -29.27 -25.70
CA THR B 102 40.77 -30.09 -26.41
C THR B 102 41.61 -29.24 -27.35
N ALA B 103 40.97 -28.35 -28.11
CA ALA B 103 41.74 -27.51 -29.04
C ALA B 103 42.68 -26.59 -28.28
N LYS B 104 42.20 -25.96 -27.20
CA LYS B 104 43.04 -25.06 -26.43
C LYS B 104 44.25 -25.79 -25.85
N ALA B 105 44.03 -27.00 -25.30
CA ALA B 105 45.11 -27.77 -24.69
C ALA B 105 46.10 -28.26 -25.76
N ILE B 106 45.59 -28.74 -26.90
CA ILE B 106 46.44 -29.10 -28.02
C ILE B 106 47.37 -27.93 -28.37
N GLY B 107 46.80 -26.74 -28.55
CA GLY B 107 47.61 -25.60 -28.94
C GLY B 107 48.61 -25.20 -27.87
N LEU B 108 48.24 -25.33 -26.60
CA LEU B 108 49.16 -25.00 -25.52
C LEU B 108 50.33 -25.97 -25.49
N VAL B 109 50.04 -27.26 -25.34
CA VAL B 109 51.08 -28.29 -25.30
C VAL B 109 51.87 -28.35 -26.60
N ALA B 110 51.37 -27.75 -27.68
CA ALA B 110 52.14 -27.69 -28.91
C ALA B 110 53.47 -26.98 -28.68
N ALA B 111 53.43 -25.84 -28.00
CA ALA B 111 54.66 -25.09 -27.81
C ALA B 111 55.28 -25.38 -26.44
N ASN B 112 54.44 -25.49 -25.41
CA ASN B 112 54.95 -25.82 -24.09
C ASN B 112 55.56 -27.21 -24.05
N GLY B 113 54.83 -28.21 -24.55
CA GLY B 113 55.39 -29.54 -24.72
C GLY B 113 55.26 -30.46 -23.52
N GLY B 114 54.75 -31.68 -23.73
CA GLY B 114 54.73 -32.66 -22.67
C GLY B 114 53.37 -33.24 -22.31
N ARG B 115 52.93 -32.99 -21.07
CA ARG B 115 51.66 -33.53 -20.57
C ARG B 115 50.70 -32.40 -20.21
N ILE B 116 49.69 -32.72 -19.41
CA ILE B 116 48.64 -31.77 -19.06
C ILE B 116 48.53 -31.69 -17.53
N ASN B 117 48.65 -32.85 -16.86
CA ASN B 117 48.64 -32.87 -15.40
C ASN B 117 49.61 -31.86 -14.81
N ASP B 118 50.68 -31.54 -15.55
CA ASP B 118 51.67 -30.60 -15.04
C ASP B 118 51.16 -29.16 -15.08
N TYR B 119 50.37 -28.82 -16.11
CA TYR B 119 49.91 -27.45 -16.26
C TYR B 119 48.66 -27.14 -15.44
N GLN B 120 48.23 -28.05 -14.57
CA GLN B 120 46.98 -27.86 -13.84
C GLN B 120 47.06 -26.61 -12.99
N GLY B 121 46.08 -25.72 -13.17
CA GLY B 121 46.03 -24.47 -12.40
C GLY B 121 46.50 -23.28 -13.21
N VAL B 122 46.71 -22.18 -12.48
CA VAL B 122 47.18 -20.95 -13.10
C VAL B 122 48.60 -21.16 -13.60
N ASN B 123 48.82 -20.89 -14.89
CA ASN B 123 50.10 -21.18 -15.52
C ASN B 123 50.51 -20.00 -16.40
N SER B 124 51.23 -19.05 -15.82
CA SER B 124 51.88 -18.04 -16.65
C SER B 124 52.89 -18.73 -17.56
N VAL B 125 52.65 -18.68 -18.86
CA VAL B 125 53.42 -19.43 -19.84
C VAL B 125 54.21 -18.45 -20.70
N GLU B 126 55.35 -18.91 -21.23
CA GLU B 126 56.19 -18.07 -22.07
C GLU B 126 56.07 -18.39 -23.56
N LYS B 127 55.54 -19.55 -23.92
CA LYS B 127 55.46 -19.97 -25.31
C LYS B 127 54.13 -19.53 -25.93
N PRO B 128 54.14 -18.68 -26.97
CA PRO B 128 52.88 -18.26 -27.61
C PRO B 128 52.22 -19.43 -28.31
N VAL B 129 50.89 -19.44 -28.28
CA VAL B 129 50.14 -20.57 -28.82
C VAL B 129 49.46 -20.15 -30.12
N VAL B 130 49.02 -21.15 -30.87
CA VAL B 130 48.41 -21.00 -32.18
C VAL B 130 47.07 -20.28 -32.02
N PRO B 131 46.63 -19.52 -33.03
CA PRO B 131 45.30 -18.91 -32.96
C PRO B 131 44.21 -19.97 -32.98
N VAL B 132 43.13 -19.70 -32.23
CA VAL B 132 42.02 -20.63 -32.12
C VAL B 132 40.70 -19.90 -32.35
N VAL B 133 39.86 -20.51 -33.17
CA VAL B 133 38.48 -20.10 -33.42
C VAL B 133 37.59 -21.14 -32.79
N ALA B 134 36.65 -20.70 -31.95
CA ALA B 134 35.80 -21.62 -31.20
C ALA B 134 34.35 -21.41 -31.61
N ILE B 135 33.70 -22.49 -32.04
CA ILE B 135 32.29 -22.48 -32.46
C ILE B 135 31.51 -23.34 -31.49
N THR B 136 30.60 -22.73 -30.74
CA THR B 136 29.87 -23.42 -29.70
C THR B 136 28.59 -24.03 -30.26
N THR B 137 28.32 -25.27 -29.84
CA THR B 137 27.08 -25.96 -30.17
C THR B 137 26.21 -26.18 -28.93
N THR B 138 26.60 -25.62 -27.80
CA THR B 138 25.84 -25.72 -26.56
C THR B 138 25.74 -24.36 -25.90
N ALA B 139 24.65 -24.17 -25.15
CA ALA B 139 24.43 -22.95 -24.39
C ALA B 139 24.91 -23.14 -22.94
N GLY B 140 26.18 -23.47 -22.84
CA GLY B 140 26.83 -23.63 -21.54
C GLY B 140 28.33 -23.57 -21.72
N THR B 141 29.05 -23.96 -20.65
CA THR B 141 30.52 -23.95 -20.59
C THR B 141 31.07 -22.55 -20.80
N GLY B 142 30.72 -21.93 -21.93
CA GLY B 142 31.25 -20.62 -22.28
C GLY B 142 32.71 -20.73 -22.66
N SER B 143 33.16 -21.97 -22.89
CA SER B 143 34.59 -22.20 -23.13
C SER B 143 35.07 -21.51 -24.38
N GLU B 144 34.16 -21.06 -25.24
CA GLU B 144 34.57 -20.23 -26.37
C GLU B 144 35.11 -18.88 -25.92
N THR B 145 34.96 -18.53 -24.63
CA THR B 145 35.49 -17.30 -24.07
C THR B 145 36.46 -17.50 -22.92
N THR B 146 36.36 -18.62 -22.21
CA THR B 146 37.15 -18.87 -20.99
C THR B 146 38.62 -19.10 -21.33
N SER B 147 39.47 -18.81 -20.34
CA SER B 147 40.90 -19.09 -20.41
C SER B 147 41.25 -20.40 -19.72
N LEU B 148 40.32 -21.35 -19.72
CA LEU B 148 40.41 -22.53 -18.88
C LEU B 148 40.08 -23.78 -19.67
N ALA B 149 40.79 -24.87 -19.39
CA ALA B 149 40.56 -26.14 -20.07
C ALA B 149 40.42 -27.25 -19.03
N VAL B 150 39.21 -27.75 -18.85
CA VAL B 150 38.96 -28.84 -17.90
C VAL B 150 39.35 -30.18 -18.51
N ILE B 151 40.64 -30.44 -18.63
CA ILE B 151 41.10 -31.78 -18.94
C ILE B 151 41.05 -32.60 -17.66
N THR B 152 40.86 -33.91 -17.78
CA THR B 152 40.66 -34.75 -16.61
C THR B 152 41.86 -35.68 -16.41
N ASP B 153 42.32 -35.80 -15.16
CA ASP B 153 43.35 -36.77 -14.83
C ASP B 153 42.74 -38.17 -14.75
N SER B 154 43.38 -39.13 -15.39
CA SER B 154 42.81 -40.47 -15.53
C SER B 154 42.72 -41.18 -14.19
N ALA B 155 43.86 -41.39 -13.52
CA ALA B 155 43.88 -42.19 -12.31
C ALA B 155 43.30 -41.46 -11.10
N ARG B 156 43.50 -40.14 -11.02
CA ARG B 156 43.01 -39.39 -9.87
C ARG B 156 41.49 -39.33 -9.78
N LYS B 157 40.78 -39.65 -10.86
CA LYS B 157 39.32 -39.45 -10.93
C LYS B 157 38.98 -37.99 -10.63
N VAL B 158 39.85 -37.09 -11.09
CA VAL B 158 39.79 -35.67 -10.79
C VAL B 158 39.77 -34.90 -12.10
N LYS B 159 38.64 -34.29 -12.44
CA LYS B 159 38.56 -33.30 -13.50
C LYS B 159 39.36 -32.06 -13.08
N MET B 160 40.51 -31.85 -13.72
CA MET B 160 41.45 -30.83 -13.25
C MET B 160 41.40 -29.59 -14.12
N PRO B 161 41.28 -28.40 -13.51
CA PRO B 161 41.28 -27.16 -14.30
C PRO B 161 42.68 -26.72 -14.71
N VAL B 162 42.82 -26.33 -15.98
CA VAL B 162 44.07 -25.79 -16.53
C VAL B 162 43.76 -24.39 -17.06
N ILE B 163 44.59 -23.42 -16.66
CA ILE B 163 44.27 -22.00 -16.85
C ILE B 163 45.51 -21.25 -17.35
N ASP B 164 45.33 -20.42 -18.37
CA ASP B 164 46.36 -19.50 -18.87
C ASP B 164 45.70 -18.52 -19.84
N GLU B 165 46.28 -17.32 -19.94
CA GLU B 165 45.73 -16.30 -20.83
C GLU B 165 45.84 -16.70 -22.29
N LYS B 166 47.00 -17.22 -22.70
CA LYS B 166 47.23 -17.51 -24.10
C LYS B 166 46.25 -18.52 -24.68
N ILE B 167 45.64 -19.35 -23.84
CA ILE B 167 44.64 -20.29 -24.35
C ILE B 167 43.27 -19.66 -24.54
N THR B 168 43.10 -18.38 -24.20
CA THR B 168 41.86 -17.68 -24.51
C THR B 168 41.68 -17.67 -26.02
N PRO B 169 40.51 -18.04 -26.52
CA PRO B 169 40.31 -18.10 -27.98
C PRO B 169 40.51 -16.73 -28.63
N THR B 170 41.08 -16.75 -29.84
CA THR B 170 41.24 -15.51 -30.59
C THR B 170 39.93 -15.09 -31.24
N VAL B 171 39.13 -16.02 -31.74
CA VAL B 171 37.82 -15.66 -32.27
C VAL B 171 36.76 -16.60 -31.70
N ALA B 172 35.62 -16.04 -31.31
CA ALA B 172 34.49 -16.81 -30.82
C ALA B 172 33.29 -16.65 -31.73
N ILE B 173 32.74 -17.77 -32.20
CA ILE B 173 31.55 -17.82 -33.04
C ILE B 173 30.45 -18.48 -32.24
N VAL B 174 29.34 -17.78 -32.03
CA VAL B 174 28.19 -18.33 -31.33
C VAL B 174 27.00 -18.25 -32.28
N ASP B 175 26.71 -19.35 -32.98
CA ASP B 175 25.57 -19.42 -33.89
C ASP B 175 24.45 -20.22 -33.25
N PRO B 176 23.31 -19.59 -32.93
CA PRO B 176 22.23 -20.32 -32.25
C PRO B 176 21.59 -21.41 -33.09
N GLU B 177 21.71 -21.36 -34.41
CA GLU B 177 21.08 -22.38 -35.23
C GLU B 177 21.75 -23.74 -35.06
N LEU B 178 23.02 -23.74 -34.65
CA LEU B 178 23.73 -24.98 -34.33
C LEU B 178 23.32 -25.58 -32.99
N MET B 179 22.40 -24.92 -32.28
CA MET B 179 21.95 -25.36 -30.98
C MET B 179 20.49 -25.80 -30.98
N VAL B 180 19.84 -25.79 -32.14
CA VAL B 180 18.41 -26.04 -32.20
C VAL B 180 18.10 -27.50 -31.89
N LYS B 181 18.88 -28.43 -32.44
CA LYS B 181 18.60 -29.85 -32.28
C LYS B 181 19.07 -30.40 -30.94
N LYS B 182 19.59 -29.57 -30.06
CA LYS B 182 19.97 -29.98 -28.72
C LYS B 182 18.77 -30.58 -28.00
N PRO B 183 18.84 -31.84 -27.57
CA PRO B 183 17.72 -32.43 -26.82
C PRO B 183 17.47 -31.70 -25.51
N ALA B 184 16.31 -31.98 -24.91
CA ALA B 184 15.89 -31.27 -23.70
C ALA B 184 16.87 -31.47 -22.55
N GLY B 185 17.39 -32.70 -22.39
CA GLY B 185 18.31 -32.95 -21.30
C GLY B 185 19.60 -32.18 -21.44
N LEU B 186 20.20 -32.20 -22.64
CA LEU B 186 21.42 -31.45 -22.87
C LEU B 186 21.18 -29.96 -22.66
N THR B 187 20.03 -29.48 -23.15
CA THR B 187 19.63 -28.10 -22.92
C THR B 187 19.60 -27.77 -21.44
N ILE B 188 18.91 -28.60 -20.65
CA ILE B 188 18.80 -28.37 -19.22
C ILE B 188 20.18 -28.28 -18.60
N ALA B 189 21.00 -29.29 -18.85
CA ALA B 189 22.30 -29.39 -18.18
C ALA B 189 23.18 -28.19 -18.53
N THR B 190 23.22 -27.80 -19.80
CA THR B 190 24.06 -26.68 -20.19
C THR B 190 23.54 -25.35 -19.65
N GLY B 191 22.22 -25.16 -19.68
CA GLY B 191 21.67 -23.91 -19.16
C GLY B 191 21.92 -23.78 -17.68
N MET B 192 21.82 -24.90 -16.95
CA MET B 192 22.08 -24.88 -15.52
C MET B 192 23.56 -24.68 -15.22
N ASP B 193 24.46 -25.17 -16.08
CA ASP B 193 25.86 -24.82 -15.93
C ASP B 193 26.08 -23.32 -16.13
N ALA B 194 25.38 -22.73 -17.12
CA ALA B 194 25.49 -21.28 -17.32
C ALA B 194 24.99 -20.51 -16.09
N LEU B 195 23.85 -20.93 -15.54
CA LEU B 195 23.32 -20.29 -14.34
C LEU B 195 24.30 -20.44 -13.18
N SER B 196 24.93 -21.62 -13.06
CA SER B 196 25.96 -21.82 -12.05
C SER B 196 27.10 -20.83 -12.20
N HIS B 197 27.60 -20.65 -13.44
CA HIS B 197 28.69 -19.71 -13.65
C HIS B 197 28.30 -18.30 -13.22
N ALA B 198 27.09 -17.87 -13.63
CA ALA B 198 26.64 -16.52 -13.29
C ALA B 198 26.55 -16.31 -11.77
N ILE B 199 25.90 -17.25 -11.08
CA ILE B 199 25.74 -17.11 -9.62
C ILE B 199 27.11 -17.12 -8.94
N GLU B 200 27.92 -18.13 -9.23
CA GLU B 200 29.21 -18.25 -8.57
C GLU B 200 30.09 -17.04 -8.83
N ALA B 201 30.00 -16.45 -10.03
CA ALA B 201 30.81 -15.28 -10.34
C ALA B 201 30.30 -14.04 -9.62
N TYR B 202 28.98 -13.93 -9.40
CA TYR B 202 28.46 -12.77 -8.68
C TYR B 202 28.90 -12.78 -7.22
N VAL B 203 28.78 -13.94 -6.55
CA VAL B 203 29.17 -14.05 -5.15
C VAL B 203 30.65 -14.33 -4.96
N ALA B 204 31.42 -14.43 -6.04
CA ALA B 204 32.85 -14.71 -5.91
C ALA B 204 33.58 -13.54 -5.26
N LYS B 205 34.77 -13.84 -4.72
CA LYS B 205 35.60 -12.81 -4.10
C LYS B 205 36.32 -11.94 -5.12
N GLY B 206 36.64 -12.47 -6.29
CA GLY B 206 37.36 -11.68 -7.29
C GLY B 206 36.45 -10.94 -8.26
N ALA B 207 35.19 -10.74 -7.88
CA ALA B 207 34.24 -10.06 -8.74
C ALA B 207 34.56 -8.58 -8.89
N THR B 208 34.56 -8.11 -10.13
CA THR B 208 34.68 -6.71 -10.49
C THR B 208 33.33 -6.19 -10.95
N PRO B 209 33.15 -4.88 -11.08
CA PRO B 209 31.91 -4.36 -11.67
C PRO B 209 31.65 -4.89 -13.07
N VAL B 210 32.73 -5.09 -13.84
CA VAL B 210 32.61 -5.64 -15.18
C VAL B 210 32.02 -7.04 -15.14
N THR B 211 32.57 -7.91 -14.30
CA THR B 211 32.01 -9.26 -14.21
C THR B 211 30.56 -9.22 -13.77
N ASP B 212 30.24 -8.34 -12.82
CA ASP B 212 28.90 -8.31 -12.26
C ASP B 212 27.87 -7.93 -13.33
N ALA B 213 28.23 -7.02 -14.22
CA ALA B 213 27.33 -6.67 -15.33
C ALA B 213 26.86 -7.91 -16.07
N PHE B 214 27.82 -8.69 -16.55
CA PHE B 214 27.50 -9.87 -17.35
C PHE B 214 26.78 -10.92 -16.51
N ALA B 215 27.17 -11.07 -15.24
CA ALA B 215 26.51 -12.04 -14.38
C ALA B 215 25.03 -11.72 -14.20
N ILE B 216 24.71 -10.44 -13.95
CA ILE B 216 23.32 -10.05 -13.73
C ILE B 216 22.49 -10.24 -15.00
N GLN B 217 23.03 -9.81 -16.15
CA GLN B 217 22.28 -9.99 -17.38
C GLN B 217 22.10 -11.47 -17.70
N ALA B 218 23.10 -12.29 -17.38
CA ALA B 218 23.00 -13.72 -17.57
C ALA B 218 21.85 -14.30 -16.75
N MET B 219 21.76 -13.91 -15.47
CA MET B 219 20.68 -14.44 -14.64
C MET B 219 19.32 -13.99 -15.15
N LYS B 220 19.19 -12.71 -15.53
CA LYS B 220 17.92 -12.21 -16.07
C LYS B 220 17.48 -13.00 -17.30
N LEU B 221 18.37 -13.06 -18.30
CA LEU B 221 18.08 -13.77 -19.54
C LEU B 221 17.73 -15.22 -19.28
N ILE B 222 18.47 -15.88 -18.38
CA ILE B 222 18.22 -17.29 -18.12
C ILE B 222 16.87 -17.49 -17.47
N ASN B 223 16.52 -16.68 -16.46
CA ASN B 223 15.21 -16.82 -15.83
C ASN B 223 14.08 -16.64 -16.83
N GLU B 224 14.25 -15.74 -17.80
CA GLU B 224 13.14 -15.61 -18.77
C GLU B 224 13.12 -16.74 -19.79
N TYR B 225 14.26 -17.08 -20.39
CA TYR B 225 14.24 -17.89 -21.60
C TYR B 225 14.70 -19.33 -21.46
N LEU B 226 15.45 -19.68 -20.42
CA LEU B 226 15.86 -21.08 -20.28
C LEU B 226 14.66 -22.03 -20.20
N PRO B 227 13.61 -21.74 -19.42
CA PRO B 227 12.43 -22.64 -19.44
C PRO B 227 11.86 -22.82 -20.83
N LYS B 228 11.82 -21.73 -21.62
CA LYS B 228 11.30 -21.80 -22.98
C LYS B 228 12.19 -22.68 -23.85
N ALA B 229 13.50 -22.55 -23.70
CA ALA B 229 14.41 -23.34 -24.51
C ALA B 229 14.29 -24.82 -24.16
N VAL B 230 14.07 -25.14 -22.88
CA VAL B 230 13.80 -26.53 -22.52
C VAL B 230 12.48 -26.99 -23.11
N ALA B 231 11.49 -26.09 -23.17
CA ALA B 231 10.15 -26.48 -23.62
C ALA B 231 10.13 -26.82 -25.10
N ASN B 232 10.59 -25.90 -25.95
CA ASN B 232 10.56 -26.06 -27.40
C ASN B 232 11.92 -25.69 -27.96
N GLY B 233 12.69 -26.71 -28.36
CA GLY B 233 14.03 -26.48 -28.87
C GLY B 233 14.09 -25.81 -30.22
N GLU B 234 12.96 -25.68 -30.92
CA GLU B 234 12.92 -25.03 -32.22
C GLU B 234 12.73 -23.52 -32.14
N ASP B 235 12.45 -22.99 -30.95
CA ASP B 235 12.32 -21.55 -30.77
C ASP B 235 13.71 -20.93 -30.81
N ILE B 236 14.06 -20.34 -31.96
CA ILE B 236 15.39 -19.76 -32.13
C ILE B 236 15.59 -18.53 -31.26
N GLU B 237 14.51 -17.85 -30.85
CA GLU B 237 14.69 -16.68 -30.00
C GLU B 237 15.24 -17.07 -28.63
N ALA B 238 14.65 -18.10 -28.01
CA ALA B 238 15.12 -18.56 -26.71
C ALA B 238 16.54 -19.11 -26.80
N ARG B 239 16.85 -19.81 -27.90
CA ARG B 239 18.20 -20.32 -28.10
C ARG B 239 19.19 -19.18 -28.29
N GLU B 240 18.75 -18.08 -28.92
CA GLU B 240 19.61 -16.91 -29.07
C GLU B 240 19.90 -16.27 -27.73
N LYS B 241 18.84 -16.01 -26.95
CA LYS B 241 19.03 -15.38 -25.64
C LYS B 241 19.89 -16.24 -24.74
N MET B 242 19.72 -17.57 -24.82
CA MET B 242 20.56 -18.47 -24.03
C MET B 242 22.00 -18.46 -24.50
N ALA B 243 22.23 -18.28 -25.81
CA ALA B 243 23.58 -18.15 -26.34
C ALA B 243 24.25 -16.90 -25.80
N TYR B 244 23.53 -15.79 -25.79
CA TYR B 244 24.06 -14.55 -25.23
C TYR B 244 24.40 -14.71 -23.76
N ALA B 245 23.44 -15.22 -22.98
CA ALA B 245 23.68 -15.39 -21.54
C ALA B 245 24.84 -16.34 -21.28
N GLN B 246 25.01 -17.35 -22.13
CA GLN B 246 26.11 -18.30 -21.97
C GLN B 246 27.45 -17.61 -22.19
N TYR B 247 27.55 -16.83 -23.27
CA TYR B 247 28.75 -16.05 -23.53
C TYR B 247 29.11 -15.16 -22.33
N MET B 248 28.12 -14.44 -21.82
CA MET B 248 28.36 -13.48 -20.76
C MET B 248 28.76 -14.17 -19.46
N ALA B 249 28.10 -15.29 -19.14
CA ALA B 249 28.44 -16.05 -17.95
C ALA B 249 29.86 -16.59 -18.02
N GLY B 250 30.27 -17.06 -19.21
CA GLY B 250 31.65 -17.50 -19.38
C GLY B 250 32.64 -16.40 -19.09
N VAL B 251 32.42 -15.22 -19.68
CA VAL B 251 33.30 -14.08 -19.42
C VAL B 251 33.33 -13.75 -17.93
N ALA B 252 32.15 -13.76 -17.29
CA ALA B 252 32.06 -13.34 -15.90
C ALA B 252 32.83 -14.27 -14.98
N PHE B 253 32.71 -15.58 -15.18
CA PHE B 253 33.44 -16.47 -14.29
C PHE B 253 34.91 -16.55 -14.69
N ASN B 254 35.24 -16.35 -15.96
CA ASN B 254 36.64 -16.41 -16.34
C ASN B 254 37.44 -15.29 -15.67
N ASN B 255 36.84 -14.09 -15.58
CA ASN B 255 37.59 -12.98 -14.99
C ASN B 255 37.24 -12.68 -13.53
N GLY B 256 36.14 -13.25 -13.00
CA GLY B 256 35.72 -13.01 -11.64
C GLY B 256 35.92 -14.20 -10.72
N GLY B 257 35.61 -15.40 -11.21
CA GLY B 257 35.89 -16.62 -10.47
C GLY B 257 34.67 -17.52 -10.34
N LEU B 258 34.93 -18.72 -9.82
CA LEU B 258 33.89 -19.69 -9.54
C LEU B 258 33.81 -20.00 -8.04
N GLY B 259 33.45 -21.21 -7.69
CA GLY B 259 33.32 -21.54 -6.29
C GLY B 259 33.11 -23.01 -6.06
N LEU B 260 32.49 -23.32 -4.93
CA LEU B 260 32.40 -24.69 -4.45
C LEU B 260 31.47 -25.57 -5.27
N VAL B 261 30.54 -24.97 -6.03
CA VAL B 261 29.71 -25.77 -6.92
C VAL B 261 30.58 -26.53 -7.90
N HIS B 262 31.44 -25.81 -8.61
CA HIS B 262 32.33 -26.45 -9.56
C HIS B 262 33.40 -27.28 -8.85
N SER B 263 33.83 -26.87 -7.65
CA SER B 263 34.83 -27.66 -6.93
C SER B 263 34.31 -29.03 -6.57
N ILE B 264 33.09 -29.10 -6.04
CA ILE B 264 32.46 -30.38 -5.75
C ILE B 264 32.19 -31.15 -7.03
N SER B 265 31.55 -30.51 -8.02
CA SER B 265 31.10 -31.28 -9.17
C SER B 265 32.25 -31.68 -10.09
N HIS B 266 33.42 -31.05 -9.98
CA HIS B 266 34.61 -31.55 -10.66
C HIS B 266 34.95 -32.94 -10.14
N GLN B 267 35.03 -33.09 -8.82
CA GLN B 267 35.37 -34.38 -8.25
C GLN B 267 34.26 -35.40 -8.48
N VAL B 268 33.00 -34.98 -8.33
CA VAL B 268 31.89 -35.90 -8.48
C VAL B 268 31.77 -36.37 -9.93
N GLY B 269 31.95 -35.46 -10.90
CA GLY B 269 31.90 -35.85 -12.29
C GLY B 269 33.12 -36.62 -12.75
N GLY B 270 34.29 -36.36 -12.16
CA GLY B 270 35.44 -37.18 -12.47
C GLY B 270 35.25 -38.61 -12.00
N VAL B 271 34.82 -38.76 -10.74
CA VAL B 271 34.67 -40.09 -10.15
C VAL B 271 33.52 -40.84 -10.81
N TYR B 272 32.30 -40.34 -10.64
CA TYR B 272 31.14 -41.13 -11.03
C TYR B 272 30.75 -40.96 -12.49
N LYS B 273 31.42 -40.09 -13.23
CA LYS B 273 31.11 -39.86 -14.64
C LYS B 273 29.63 -39.51 -14.82
N LEU B 274 29.30 -38.31 -14.34
CA LEU B 274 27.95 -37.78 -14.38
C LEU B 274 27.98 -36.40 -15.02
N GLN B 275 26.77 -35.92 -15.38
CA GLN B 275 26.65 -34.68 -16.14
C GLN B 275 27.06 -33.47 -15.30
N HIS B 276 27.96 -32.64 -15.86
CA HIS B 276 28.49 -31.50 -15.13
C HIS B 276 27.37 -30.54 -14.69
N GLY B 277 26.52 -30.13 -15.63
CA GLY B 277 25.43 -29.20 -15.29
C GLY B 277 24.48 -29.77 -14.25
N ILE B 278 24.19 -31.07 -14.35
CA ILE B 278 23.27 -31.69 -13.39
C ILE B 278 23.91 -31.74 -12.00
N CYS B 279 25.18 -32.11 -11.92
CA CYS B 279 25.87 -32.11 -10.63
C CYS B 279 25.86 -30.72 -10.01
N ASN B 280 26.16 -29.72 -10.83
CA ASN B 280 26.11 -28.33 -10.38
C ASN B 280 24.74 -28.00 -9.80
N SER B 281 23.67 -28.33 -10.52
CA SER B 281 22.34 -28.03 -10.03
C SER B 281 22.06 -28.71 -8.69
N VAL B 282 22.63 -29.90 -8.48
CA VAL B 282 22.35 -30.64 -7.25
C VAL B 282 23.01 -29.96 -6.06
N ASN B 283 24.26 -29.51 -6.20
CA ASN B 283 24.92 -28.93 -5.01
C ASN B 283 24.71 -27.43 -4.85
N MET B 284 24.33 -26.69 -5.90
CA MET B 284 24.15 -25.24 -5.81
C MET B 284 23.30 -24.79 -4.62
N PRO B 285 22.10 -25.34 -4.37
CA PRO B 285 21.33 -24.88 -3.21
C PRO B 285 22.11 -25.01 -1.91
N HIS B 286 22.87 -26.08 -1.75
CA HIS B 286 23.54 -26.31 -0.49
C HIS B 286 24.81 -25.47 -0.37
N VAL B 287 25.59 -25.38 -1.45
CA VAL B 287 26.75 -24.49 -1.45
C VAL B 287 26.30 -23.06 -1.15
N CYS B 288 25.24 -22.61 -1.82
CA CYS B 288 24.73 -21.26 -1.62
C CYS B 288 24.31 -21.05 -0.16
N ALA B 289 23.51 -21.98 0.38
CA ALA B 289 23.13 -21.90 1.78
C ALA B 289 24.34 -21.78 2.69
N PHE B 290 25.40 -22.54 2.39
CA PHE B 290 26.64 -22.41 3.14
C PHE B 290 27.23 -21.00 2.96
N ASN B 291 27.10 -20.43 1.78
CA ASN B 291 27.72 -19.14 1.45
C ASN B 291 26.87 -17.93 1.81
N LEU B 292 25.66 -18.13 2.37
CA LEU B 292 24.72 -17.02 2.51
C LEU B 292 25.31 -15.89 3.36
N ILE B 293 26.00 -16.23 4.45
CA ILE B 293 26.53 -15.22 5.35
C ILE B 293 27.60 -14.36 4.68
N ALA B 294 28.22 -14.86 3.61
CA ALA B 294 29.31 -14.13 2.98
C ALA B 294 28.80 -13.00 2.08
N LYS B 295 27.70 -13.25 1.35
CA LYS B 295 27.15 -12.30 0.36
C LYS B 295 25.62 -12.26 0.47
N THR B 296 25.12 -11.89 1.66
CA THR B 296 23.69 -11.88 1.90
C THR B 296 22.94 -10.96 0.94
N GLU B 297 23.48 -9.76 0.72
CA GLU B 297 22.84 -8.77 -0.14
C GLU B 297 22.79 -9.23 -1.60
N ARG B 298 23.87 -9.84 -2.09
CA ARG B 298 23.88 -10.35 -3.46
C ARG B 298 23.00 -11.58 -3.61
N PHE B 299 22.82 -12.36 -2.55
CA PHE B 299 21.89 -13.47 -2.65
C PHE B 299 20.44 -12.97 -2.67
N ALA B 300 20.14 -11.89 -1.95
CA ALA B 300 18.82 -11.27 -2.10
C ALA B 300 18.63 -10.74 -3.52
N HIS B 301 19.68 -10.15 -4.08
CA HIS B 301 19.61 -9.71 -5.48
C HIS B 301 19.33 -10.88 -6.41
N ILE B 302 20.06 -12.00 -6.24
CA ILE B 302 19.84 -13.20 -7.04
C ILE B 302 18.39 -13.65 -6.92
N ALA B 303 17.88 -13.69 -5.69
CA ALA B 303 16.47 -14.03 -5.47
C ALA B 303 15.57 -13.18 -6.36
N GLU B 304 15.82 -11.87 -6.41
CA GLU B 304 14.97 -11.04 -7.27
C GLU B 304 15.19 -11.35 -8.76
N LEU B 305 16.44 -11.59 -9.16
CA LEU B 305 16.73 -11.91 -10.56
C LEU B 305 16.20 -13.26 -10.97
N LEU B 306 16.13 -14.21 -10.03
CA LEU B 306 15.65 -15.55 -10.31
C LEU B 306 14.14 -15.69 -10.15
N GLY B 307 13.40 -14.60 -10.25
CA GLY B 307 11.96 -14.69 -10.32
C GLY B 307 11.25 -14.75 -9.00
N GLU B 308 11.80 -14.11 -7.97
CA GLU B 308 11.17 -14.04 -6.66
C GLU B 308 10.89 -12.59 -6.30
N ASN B 309 9.74 -12.38 -5.64
CA ASN B 309 9.36 -11.07 -5.14
C ASN B 309 9.86 -10.94 -3.70
N VAL B 310 10.85 -10.06 -3.51
CA VAL B 310 11.46 -9.86 -2.21
C VAL B 310 10.90 -8.61 -1.52
N ALA B 311 9.75 -8.12 -1.97
CA ALA B 311 9.15 -6.95 -1.35
C ALA B 311 8.68 -7.27 0.06
N GLY B 312 9.01 -6.37 1.01
CA GLY B 312 8.62 -6.51 2.39
C GLY B 312 9.41 -7.50 3.21
N LEU B 313 10.48 -8.07 2.64
CA LEU B 313 11.30 -9.06 3.33
C LEU B 313 12.62 -8.44 3.76
N SER B 314 13.12 -8.88 4.91
CA SER B 314 14.47 -8.53 5.29
C SER B 314 15.46 -9.06 4.27
N THR B 315 16.69 -8.55 4.33
CA THR B 315 17.72 -9.06 3.42
C THR B 315 18.02 -10.53 3.68
N ALA B 316 17.80 -11.00 4.91
CA ALA B 316 18.05 -12.40 5.25
C ALA B 316 16.97 -13.31 4.66
N ALA B 317 15.71 -12.96 4.86
CA ALA B 317 14.62 -13.72 4.26
C ALA B 317 14.71 -13.71 2.75
N ALA B 318 15.04 -12.54 2.18
CA ALA B 318 15.22 -12.43 0.73
C ALA B 318 16.35 -13.34 0.27
N ALA B 319 17.47 -13.35 0.99
CA ALA B 319 18.58 -14.22 0.63
C ALA B 319 18.17 -15.70 0.65
N GLU B 320 17.37 -16.10 1.62
CA GLU B 320 16.91 -17.50 1.65
C GLU B 320 15.96 -17.81 0.50
N ARG B 321 15.25 -16.78 0.01
CA ARG B 321 14.39 -16.98 -1.15
C ARG B 321 15.19 -17.32 -2.40
N ALA B 322 16.50 -17.09 -2.40
CA ALA B 322 17.34 -17.54 -3.49
C ALA B 322 17.47 -19.06 -3.49
N ILE B 323 17.69 -19.65 -2.32
CA ILE B 323 17.69 -21.10 -2.23
C ILE B 323 16.34 -21.65 -2.67
N VAL B 324 15.27 -20.99 -2.26
CA VAL B 324 13.93 -21.44 -2.63
C VAL B 324 13.77 -21.44 -4.15
N ALA B 325 14.21 -20.35 -4.80
CA ALA B 325 14.06 -20.25 -6.25
C ALA B 325 14.91 -21.29 -6.97
N LEU B 326 16.14 -21.50 -6.50
CA LEU B 326 16.99 -22.54 -7.10
C LEU B 326 16.28 -23.88 -7.08
N GLU B 327 15.66 -24.22 -5.95
CA GLU B 327 14.96 -25.51 -5.85
C GLU B 327 13.73 -25.56 -6.77
N ARG B 328 12.98 -24.46 -6.85
CA ARG B 328 11.84 -24.41 -7.76
C ARG B 328 12.26 -24.71 -9.18
N ILE B 329 13.34 -24.05 -9.64
CA ILE B 329 13.83 -24.26 -11.00
C ILE B 329 14.23 -25.73 -11.19
N ASN B 330 15.04 -26.25 -10.26
CA ASN B 330 15.50 -27.63 -10.37
C ASN B 330 14.33 -28.61 -10.46
N LYS B 331 13.30 -28.40 -9.65
CA LYS B 331 12.12 -29.27 -9.72
C LYS B 331 11.41 -29.11 -11.06
N SER B 332 11.33 -27.87 -11.56
CA SER B 332 10.68 -27.66 -12.85
C SER B 332 11.39 -28.39 -13.97
N PHE B 333 12.70 -28.66 -13.82
CA PHE B 333 13.43 -29.33 -14.87
C PHE B 333 13.66 -30.81 -14.61
N GLY B 334 13.08 -31.37 -13.55
CA GLY B 334 13.27 -32.78 -13.24
C GLY B 334 14.69 -33.15 -12.86
N ILE B 335 15.42 -32.25 -12.23
CA ILE B 335 16.79 -32.52 -11.78
C ILE B 335 16.77 -33.61 -10.73
N PRO B 336 17.77 -34.54 -10.70
CA PRO B 336 17.87 -35.48 -9.58
C PRO B 336 17.69 -34.83 -8.22
N SER B 337 16.97 -35.48 -7.31
CA SER B 337 16.69 -34.86 -6.01
C SER B 337 17.89 -34.85 -5.08
N GLY B 338 18.85 -35.76 -5.29
CA GLY B 338 20.11 -35.73 -4.58
C GLY B 338 21.15 -36.53 -5.32
N TYR B 339 22.40 -36.44 -4.84
CA TYR B 339 23.48 -37.21 -5.47
C TYR B 339 23.28 -38.71 -5.33
N ALA B 340 22.59 -39.13 -4.26
CA ALA B 340 22.44 -40.56 -4.00
C ALA B 340 21.72 -41.28 -5.13
N GLU B 341 20.67 -40.66 -5.69
CA GLU B 341 19.94 -41.29 -6.77
C GLU B 341 20.79 -41.37 -8.03
N MET B 342 21.75 -40.46 -8.19
CA MET B 342 22.69 -40.48 -9.31
C MET B 342 23.83 -41.46 -9.11
N GLY B 343 23.96 -42.04 -7.92
CA GLY B 343 24.94 -43.08 -7.68
C GLY B 343 26.11 -42.73 -6.78
N VAL B 344 26.14 -41.54 -6.19
CA VAL B 344 27.23 -41.18 -5.29
C VAL B 344 27.11 -41.98 -4.00
N LYS B 345 28.25 -42.41 -3.48
CA LYS B 345 28.33 -43.27 -2.31
C LYS B 345 29.01 -42.53 -1.17
N GLU B 346 28.50 -42.75 0.04
CA GLU B 346 28.98 -42.03 1.22
C GLU B 346 30.45 -42.33 1.48
N GLU B 347 30.87 -43.56 1.20
CA GLU B 347 32.27 -43.95 1.42
C GLU B 347 33.23 -42.98 0.76
N ASP B 348 32.88 -42.49 -0.43
CA ASP B 348 33.77 -41.64 -1.21
C ASP B 348 33.80 -40.18 -0.76
N ILE B 349 32.85 -39.76 0.09
CA ILE B 349 32.68 -38.33 0.38
C ILE B 349 34.01 -37.71 0.79
N GLU B 350 34.65 -38.27 1.82
CA GLU B 350 35.94 -37.78 2.29
C GLU B 350 36.91 -37.52 1.14
N LEU B 351 37.11 -38.54 0.30
CA LEU B 351 37.95 -38.37 -0.89
C LEU B 351 37.43 -37.20 -1.74
N LEU B 352 36.17 -37.28 -2.15
CA LEU B 352 35.56 -36.19 -2.91
C LEU B 352 35.83 -34.84 -2.26
N ALA B 353 35.80 -34.77 -0.93
CA ALA B 353 36.01 -33.48 -0.28
C ALA B 353 37.46 -33.03 -0.35
N LYS B 354 38.39 -33.94 -0.04
CA LYS B 354 39.80 -33.57 0.01
C LYS B 354 40.26 -33.04 -1.34
N ASN B 355 39.99 -33.81 -2.41
CA ASN B 355 40.25 -33.34 -3.76
C ASN B 355 39.59 -31.99 -4.01
N ALA B 356 38.32 -31.88 -3.59
CA ALA B 356 37.60 -30.63 -3.79
C ALA B 356 38.32 -29.48 -3.10
N TYR B 357 38.85 -29.72 -1.90
CA TYR B 357 39.55 -28.66 -1.18
C TYR B 357 40.72 -28.09 -1.97
N GLU B 358 41.26 -28.85 -2.93
CA GLU B 358 42.44 -28.42 -3.67
C GLU B 358 42.11 -27.89 -5.07
N ASP B 359 40.83 -27.81 -5.43
CA ASP B 359 40.47 -27.14 -6.68
C ASP B 359 40.67 -25.65 -6.52
N VAL B 360 41.19 -25.00 -7.58
CA VAL B 360 41.42 -23.56 -7.54
C VAL B 360 40.14 -22.81 -7.22
N CYS B 361 39.00 -23.37 -7.60
CA CYS B 361 37.73 -22.66 -7.43
C CYS B 361 37.42 -22.41 -5.96
N THR B 362 37.83 -23.32 -5.06
CA THR B 362 37.52 -23.08 -3.65
C THR B 362 38.22 -21.86 -3.13
N GLN B 363 39.29 -21.40 -3.80
CA GLN B 363 39.91 -20.16 -3.38
C GLN B 363 39.02 -18.97 -3.70
N SER B 364 38.20 -19.08 -4.73
CA SER B 364 37.29 -18.01 -5.11
C SER B 364 36.00 -18.01 -4.31
N ASN B 365 35.66 -19.12 -3.66
CA ASN B 365 34.40 -19.19 -2.95
C ASN B 365 34.35 -18.11 -1.88
N PRO B 366 33.22 -17.43 -1.72
CA PRO B 366 33.18 -16.27 -0.80
C PRO B 366 33.44 -16.64 0.65
N ARG B 367 33.06 -17.85 1.07
CA ARG B 367 33.29 -18.34 2.44
C ARG B 367 34.40 -19.37 2.41
N VAL B 368 35.42 -19.16 3.24
CA VAL B 368 36.58 -20.05 3.27
C VAL B 368 36.23 -21.36 3.96
N PRO B 369 36.26 -22.48 3.25
CA PRO B 369 35.81 -23.74 3.85
C PRO B 369 36.94 -24.56 4.46
N THR B 370 36.54 -25.49 5.31
CA THR B 370 37.37 -26.60 5.73
C THR B 370 36.93 -27.86 4.98
N VAL B 371 37.81 -28.87 4.98
CA VAL B 371 37.47 -30.11 4.30
C VAL B 371 36.19 -30.71 4.88
N GLN B 372 35.98 -30.55 6.18
CA GLN B 372 34.74 -31.04 6.78
C GLN B 372 33.55 -30.16 6.41
N ASP B 373 33.78 -28.86 6.21
CA ASP B 373 32.74 -27.97 5.68
C ASP B 373 32.22 -28.48 4.33
N ILE B 374 33.15 -28.67 3.38
CA ILE B 374 32.83 -29.20 2.06
C ILE B 374 32.15 -30.56 2.18
N ALA B 375 32.68 -31.42 3.06
CA ALA B 375 32.10 -32.75 3.22
C ALA B 375 30.65 -32.68 3.66
N GLN B 376 30.35 -31.84 4.66
CA GLN B 376 28.97 -31.71 5.12
C GLN B 376 28.07 -31.18 4.01
N ILE B 377 28.59 -30.29 3.15
CA ILE B 377 27.79 -29.83 2.00
C ILE B 377 27.45 -31.02 1.10
N ILE B 378 28.43 -31.86 0.80
CA ILE B 378 28.16 -33.02 -0.04
C ILE B 378 27.14 -33.94 0.63
N LYS B 379 27.28 -34.15 1.94
CA LYS B 379 26.34 -34.99 2.68
C LYS B 379 24.93 -34.44 2.59
N ASN B 380 24.78 -33.12 2.69
CA ASN B 380 23.46 -32.50 2.55
C ASN B 380 22.92 -32.68 1.15
N ALA B 381 23.80 -32.70 0.14
CA ALA B 381 23.35 -32.87 -1.24
C ALA B 381 23.01 -34.32 -1.58
N MET B 382 23.47 -35.27 -0.76
CA MET B 382 23.27 -36.68 -1.09
C MET B 382 21.80 -37.03 -1.21
N LEU B 383 21.01 -36.71 -0.20
CA LEU B 383 19.61 -37.09 -0.12
C LEU B 383 18.71 -35.85 -0.15
N GLU B 384 17.49 -36.05 -0.66
CA GLU B 384 16.51 -34.97 -0.80
C GLU B 384 16.34 -34.21 0.50
N MET C 1 41.28 3.75 8.94
CA MET C 1 42.68 3.51 9.22
C MET C 1 43.01 4.08 10.59
N THR C 2 44.27 4.48 10.80
CA THR C 2 44.70 5.02 12.07
C THR C 2 44.03 6.36 12.32
N THR C 3 42.99 6.36 13.14
CA THR C 3 42.33 7.57 13.59
C THR C 3 42.43 7.64 15.11
N ASN C 4 42.72 8.84 15.63
CA ASN C 4 42.89 9.05 17.06
C ASN C 4 41.61 9.66 17.63
N PHE C 5 41.17 9.10 18.76
CA PHE C 5 39.92 9.49 19.39
C PHE C 5 40.23 10.10 20.75
N PHE C 6 40.01 11.41 20.89
CA PHE C 6 40.37 12.15 22.09
C PHE C 6 39.10 12.64 22.78
N ILE C 7 38.99 12.36 24.07
CA ILE C 7 37.76 12.64 24.81
C ILE C 7 38.13 12.81 26.28
N PRO C 8 37.46 13.70 27.03
CA PRO C 8 37.68 13.76 28.49
C PRO C 8 37.54 12.39 29.13
N PRO C 9 38.56 11.91 29.84
CA PRO C 9 38.47 10.56 30.43
C PRO C 9 37.38 10.42 31.49
N ALA C 10 36.93 11.53 32.10
CA ALA C 10 35.87 11.52 33.09
C ALA C 10 34.85 12.60 32.74
N SER C 11 33.59 12.19 32.59
CA SER C 11 32.50 13.11 32.29
C SER C 11 31.36 12.86 33.27
N VAL C 12 30.83 13.91 33.86
CA VAL C 12 29.71 13.83 34.79
C VAL C 12 28.58 14.67 34.21
N ILE C 13 27.54 14.00 33.71
CA ILE C 13 26.42 14.63 33.04
C ILE C 13 25.16 14.30 33.83
N GLY C 14 24.44 15.33 34.24
CA GLY C 14 23.20 15.17 34.98
C GLY C 14 23.03 16.26 36.01
N ARG C 15 21.79 16.38 36.51
CA ARG C 15 21.46 17.42 37.48
C ARG C 15 22.29 17.27 38.75
N GLY C 16 23.01 18.32 39.10
CA GLY C 16 23.83 18.30 40.28
C GLY C 16 25.26 17.86 40.04
N ALA C 17 25.69 17.80 38.78
CA ALA C 17 27.05 17.35 38.50
C ALA C 17 28.06 18.34 39.05
N VAL C 18 27.66 19.61 39.18
CA VAL C 18 28.58 20.62 39.68
C VAL C 18 29.05 20.24 41.09
N LYS C 19 28.24 19.47 41.82
CA LYS C 19 28.61 19.03 43.16
C LYS C 19 29.95 18.31 43.18
N GLU C 20 30.29 17.64 42.08
CA GLU C 20 31.50 16.82 42.03
C GLU C 20 32.74 17.61 41.67
N VAL C 21 32.62 18.93 41.43
CA VAL C 21 33.73 19.69 40.86
C VAL C 21 34.99 19.49 41.70
N GLY C 22 34.90 19.74 43.01
CA GLY C 22 36.07 19.59 43.86
C GLY C 22 36.46 18.14 44.06
N THR C 23 35.45 17.24 44.11
CA THR C 23 35.69 15.84 44.43
C THR C 23 36.72 15.25 43.47
N ARG C 24 36.34 15.14 42.19
CA ARG C 24 37.25 14.66 41.16
C ARG C 24 38.59 15.36 41.22
N LEU C 25 38.59 16.65 41.58
CA LEU C 25 39.82 17.44 41.55
C LEU C 25 40.88 16.85 42.47
N LYS C 26 40.47 16.27 43.60
CA LYS C 26 41.47 15.66 44.46
C LYS C 26 41.95 14.32 43.89
N GLN C 27 41.07 13.58 43.20
CA GLN C 27 41.52 12.38 42.49
C GLN C 27 42.65 12.69 41.51
N ILE C 28 42.63 13.89 40.94
CA ILE C 28 43.70 14.35 40.06
C ILE C 28 44.88 14.89 40.85
N GLY C 29 44.68 15.21 42.13
CA GLY C 29 45.76 15.70 42.97
C GLY C 29 46.14 17.13 42.71
N ALA C 30 45.19 17.98 42.36
CA ALA C 30 45.45 19.35 41.95
C ALA C 30 45.29 20.27 43.14
N LYS C 31 46.39 20.87 43.59
CA LYS C 31 46.40 21.58 44.87
C LYS C 31 45.78 22.98 44.77
N LYS C 32 45.96 23.67 43.65
CA LYS C 32 45.51 25.05 43.53
C LYS C 32 44.86 25.27 42.18
N ALA C 33 43.55 25.50 42.17
CA ALA C 33 42.80 25.70 40.96
C ALA C 33 42.50 27.18 40.74
N LEU C 34 42.71 27.65 39.51
CA LEU C 34 42.28 28.98 39.09
C LEU C 34 40.98 28.85 38.32
N ILE C 35 40.01 29.72 38.62
CA ILE C 35 38.70 29.72 37.98
C ILE C 35 38.69 30.79 36.89
N VAL C 36 38.22 30.41 35.70
CA VAL C 36 38.04 31.34 34.59
C VAL C 36 36.56 31.41 34.27
N THR C 37 36.00 32.63 34.29
CA THR C 37 34.55 32.80 34.17
C THR C 37 34.24 34.14 33.54
N ASP C 38 32.95 34.41 33.37
CA ASP C 38 32.42 35.66 32.87
C ASP C 38 31.99 36.55 34.04
N ALA C 39 31.94 37.86 33.78
CA ALA C 39 31.62 38.83 34.82
C ALA C 39 30.26 38.54 35.46
N PHE C 40 29.24 38.36 34.62
CA PHE C 40 27.88 38.10 35.14
C PHE C 40 27.89 36.89 36.05
N LEU C 41 28.64 35.85 35.68
CA LEU C 41 28.68 34.63 36.49
C LEU C 41 29.34 34.90 37.84
N HIS C 42 30.46 35.61 37.85
CA HIS C 42 31.10 35.95 39.12
C HIS C 42 30.14 36.73 40.01
N SER C 43 29.34 37.63 39.41
CA SER C 43 28.39 38.40 40.22
C SER C 43 27.19 37.57 40.67
N THR C 44 26.80 36.56 39.91
CA THR C 44 25.70 35.69 40.33
C THR C 44 26.06 34.84 41.54
N GLY C 45 27.33 34.76 41.91
CA GLY C 45 27.78 33.98 43.03
C GLY C 45 28.12 32.55 42.71
N LEU C 46 27.77 32.07 41.52
CA LEU C 46 28.09 30.68 41.15
C LEU C 46 29.60 30.44 41.19
N SER C 47 30.38 31.44 40.78
CA SER C 47 31.83 31.37 40.90
C SER C 47 32.25 30.98 42.31
N GLU C 48 31.74 31.70 43.31
CA GLU C 48 32.09 31.42 44.70
C GLU C 48 31.53 30.09 45.18
N GLU C 49 30.36 29.66 44.65
CA GLU C 49 29.82 28.36 45.02
C GLU C 49 30.75 27.24 44.60
N VAL C 50 31.18 27.27 43.33
CA VAL C 50 32.13 26.27 42.83
C VAL C 50 33.44 26.38 43.59
N ALA C 51 33.89 27.60 43.90
CA ALA C 51 35.09 27.79 44.68
C ALA C 51 34.98 27.11 46.05
N LYS C 52 33.82 27.23 46.69
CA LYS C 52 33.61 26.61 47.99
C LYS C 52 33.61 25.09 47.89
N ASN C 53 32.94 24.55 46.87
CA ASN C 53 32.97 23.10 46.67
C ASN C 53 34.41 22.61 46.47
N ILE C 54 35.22 23.41 45.79
CA ILE C 54 36.61 23.05 45.56
C ILE C 54 37.40 23.10 46.86
N ARG C 55 37.23 24.18 47.63
CA ARG C 55 37.98 24.34 48.87
C ARG C 55 37.63 23.27 49.88
N GLU C 56 36.35 22.85 49.93
CA GLU C 56 35.91 21.92 50.96
C GLU C 56 36.59 20.56 50.88
N ALA C 57 37.22 20.23 49.75
CA ALA C 57 37.99 19.00 49.64
C ALA C 57 39.49 19.25 49.66
N GLY C 58 39.93 20.49 49.83
CA GLY C 58 41.32 20.81 50.09
C GLY C 58 42.11 21.36 48.92
N VAL C 59 41.57 22.38 48.24
CA VAL C 59 42.23 22.97 47.09
C VAL C 59 42.11 24.49 47.14
N ASP C 60 43.19 25.17 46.78
CA ASP C 60 43.23 26.63 46.76
C ASP C 60 42.57 27.15 45.47
N VAL C 61 42.03 28.38 45.55
CA VAL C 61 41.23 28.92 44.46
C VAL C 61 41.70 30.34 44.12
N ALA C 62 41.13 30.87 43.04
CA ALA C 62 41.36 32.22 42.55
C ALA C 62 40.40 32.46 41.39
N ILE C 63 40.01 33.72 41.19
CA ILE C 63 38.98 34.05 40.21
C ILE C 63 39.57 34.99 39.15
N PHE C 64 39.17 34.79 37.90
CA PHE C 64 39.60 35.62 36.77
C PHE C 64 38.42 35.82 35.83
N PRO C 65 37.47 36.73 36.18
CA PRO C 65 36.24 36.90 35.41
C PRO C 65 36.38 37.82 34.19
N LYS C 66 37.33 37.50 33.32
CA LYS C 66 37.64 38.36 32.18
C LYS C 66 37.50 37.60 30.86
N ALA C 67 36.48 36.76 30.75
CA ALA C 67 36.14 36.13 29.48
C ALA C 67 34.93 36.81 28.87
N GLN C 68 35.05 37.26 27.63
CA GLN C 68 34.00 37.94 26.90
C GLN C 68 33.53 37.08 25.73
N PRO C 69 32.25 37.18 25.34
CA PRO C 69 31.83 36.55 24.07
C PRO C 69 32.68 37.04 22.91
N ASP C 70 32.95 36.13 21.98
CA ASP C 70 34.00 36.30 20.98
C ASP C 70 35.30 36.66 21.68
N PRO C 71 35.83 35.77 22.54
CA PRO C 71 36.98 36.15 23.37
C PRO C 71 38.17 36.54 22.52
N ALA C 72 38.93 37.50 23.04
CA ALA C 72 40.09 38.02 22.32
C ALA C 72 41.37 37.45 22.90
N ASP C 73 42.44 37.52 22.10
CA ASP C 73 43.77 37.20 22.62
C ASP C 73 44.23 38.20 23.67
N THR C 74 43.60 39.38 23.72
CA THR C 74 43.94 40.36 24.74
C THR C 74 43.70 39.80 26.14
N GLN C 75 42.44 39.44 26.43
CA GLN C 75 42.11 38.80 27.70
C GLN C 75 42.87 37.50 27.88
N VAL C 76 43.16 36.79 26.78
CA VAL C 76 43.87 35.51 26.88
C VAL C 76 45.27 35.71 27.46
N HIS C 77 46.05 36.61 26.84
CA HIS C 77 47.39 36.89 27.30
C HIS C 77 47.38 37.47 28.71
N GLU C 78 46.45 38.41 28.96
CA GLU C 78 46.25 38.93 30.30
C GLU C 78 46.07 37.80 31.31
N GLY C 79 45.26 36.80 30.93
CA GLY C 79 44.97 35.71 31.83
C GLY C 79 46.16 34.81 32.09
N VAL C 80 46.95 34.55 31.05
CA VAL C 80 48.14 33.74 31.26
C VAL C 80 49.07 34.43 32.26
N ASP C 81 49.23 35.75 32.11
CA ASP C 81 50.10 36.49 33.03
C ASP C 81 49.60 36.38 34.47
N VAL C 82 48.33 36.72 34.69
CA VAL C 82 47.80 36.70 36.05
C VAL C 82 47.83 35.28 36.61
N PHE C 83 47.48 34.28 35.80
CA PHE C 83 47.57 32.88 36.19
C PHE C 83 48.94 32.56 36.75
N LYS C 84 49.99 32.81 35.96
CA LYS C 84 51.34 32.53 36.43
C LYS C 84 51.65 33.29 37.70
N GLN C 85 51.12 34.50 37.85
CA GLN C 85 51.32 35.21 39.11
C GLN C 85 50.66 34.47 40.27
N GLU C 86 49.63 33.67 40.00
CA GLU C 86 48.95 32.94 41.08
C GLU C 86 49.56 31.58 41.41
N ASN C 87 50.61 31.15 40.69
CA ASN C 87 51.24 29.83 40.83
C ASN C 87 50.21 28.71 41.00
N CYS C 88 49.35 28.58 39.98
CA CYS C 88 48.24 27.64 40.00
C CYS C 88 48.63 26.33 39.30
N ASP C 89 48.16 25.21 39.87
CA ASP C 89 48.46 23.92 39.29
C ASP C 89 47.28 23.30 38.54
N SER C 90 46.08 23.85 38.67
CA SER C 90 44.92 23.35 37.94
C SER C 90 44.05 24.52 37.50
N LEU C 91 43.14 24.21 36.58
CA LEU C 91 42.24 25.19 36.00
C LEU C 91 40.82 24.65 36.03
N VAL C 92 39.87 25.50 36.44
CA VAL C 92 38.45 25.21 36.35
C VAL C 92 37.80 26.33 35.54
N SER C 93 37.04 25.96 34.52
CA SER C 93 36.37 26.91 33.65
C SER C 93 34.88 26.85 33.91
N ILE C 94 34.27 28.01 34.12
CA ILE C 94 32.83 28.10 34.36
C ILE C 94 32.26 29.11 33.38
N GLY C 95 31.37 28.64 32.51
CA GLY C 95 30.71 29.51 31.56
C GLY C 95 30.46 28.80 30.26
N GLY C 96 30.23 29.61 29.22
CA GLY C 96 30.04 29.13 27.87
C GLY C 96 31.36 28.82 27.20
N GLY C 97 31.34 28.81 25.86
CA GLY C 97 32.54 28.47 25.11
C GLY C 97 33.69 29.44 25.32
N SER C 98 33.37 30.71 25.57
CA SER C 98 34.43 31.72 25.72
C SER C 98 35.32 31.40 26.93
N SER C 99 34.72 31.18 28.09
CA SER C 99 35.49 30.91 29.30
C SER C 99 36.31 29.64 29.16
N HIS C 100 35.69 28.58 28.64
CA HIS C 100 36.40 27.31 28.46
C HIS C 100 37.58 27.47 27.53
N ASP C 101 37.37 28.16 26.40
CA ASP C 101 38.44 28.35 25.43
C ASP C 101 39.59 29.16 26.03
N THR C 102 39.26 30.20 26.78
CA THR C 102 40.30 31.01 27.42
C THR C 102 41.13 30.18 28.38
N ALA C 103 40.47 29.40 29.24
CA ALA C 103 41.21 28.56 30.19
C ALA C 103 42.01 27.47 29.48
N LYS C 104 41.51 26.97 28.35
CA LYS C 104 42.29 26.05 27.52
C LYS C 104 43.56 26.70 27.01
N ALA C 105 43.47 27.97 26.63
CA ALA C 105 44.63 28.72 26.14
C ALA C 105 45.65 29.02 27.24
N ILE C 106 45.18 29.20 28.48
CA ILE C 106 46.07 29.63 29.56
C ILE C 106 47.13 28.57 29.85
N GLY C 107 46.72 27.33 30.07
CA GLY C 107 47.68 26.28 30.34
C GLY C 107 48.65 26.08 29.18
N LEU C 108 48.17 26.31 27.95
CA LEU C 108 49.01 26.12 26.78
C LEU C 108 50.08 27.20 26.69
N VAL C 109 49.70 28.46 26.93
CA VAL C 109 50.67 29.54 26.85
C VAL C 109 51.61 29.52 28.06
N ALA C 110 51.19 28.94 29.18
CA ALA C 110 52.12 28.73 30.27
C ALA C 110 53.11 27.62 29.92
N ALA C 111 52.63 26.59 29.24
CA ALA C 111 53.44 25.43 28.88
C ALA C 111 54.53 25.79 27.88
N ASN C 112 54.13 26.14 26.66
CA ASN C 112 55.13 26.42 25.63
C ASN C 112 55.70 27.83 25.77
N GLY C 113 54.84 28.84 25.70
CA GLY C 113 55.29 30.18 26.05
C GLY C 113 55.23 31.23 24.96
N GLY C 114 54.29 31.12 24.01
CA GLY C 114 54.18 32.08 22.93
C GLY C 114 52.79 32.67 22.83
N ARG C 115 52.68 33.67 21.96
CA ARG C 115 51.40 34.31 21.68
C ARG C 115 50.39 33.30 21.13
N ILE C 116 49.11 33.62 21.30
CA ILE C 116 48.05 32.73 20.84
C ILE C 116 48.12 32.56 19.32
N ASN C 117 48.43 33.64 18.60
CA ASN C 117 48.49 33.59 17.14
C ASN C 117 49.50 32.56 16.64
N ASP C 118 50.46 32.17 17.49
CA ASP C 118 51.47 31.21 17.09
C ASP C 118 50.89 29.81 16.93
N TYR C 119 49.83 29.47 17.67
CA TYR C 119 49.32 28.10 17.67
C TYR C 119 48.03 27.95 16.87
N GLN C 120 47.78 28.83 15.89
CA GLN C 120 46.61 28.65 15.04
C GLN C 120 46.80 27.40 14.17
N GLY C 121 45.71 26.66 13.98
CA GLY C 121 45.76 25.42 13.24
C GLY C 121 45.90 24.22 14.15
N VAL C 122 46.55 23.17 13.66
CA VAL C 122 46.79 21.96 14.44
C VAL C 122 48.24 21.98 14.93
N ASN C 123 48.42 21.86 16.25
CA ASN C 123 49.73 21.97 16.84
C ASN C 123 50.10 20.71 17.62
N SER C 124 51.40 20.55 17.86
CA SER C 124 51.93 19.47 18.68
C SER C 124 52.82 20.09 19.75
N VAL C 125 52.28 20.26 20.95
CA VAL C 125 53.02 20.86 22.05
C VAL C 125 53.59 19.75 22.91
N GLU C 126 54.88 19.84 23.21
CA GLU C 126 55.57 18.81 23.97
C GLU C 126 55.66 19.12 25.45
N LYS C 127 55.37 20.35 25.87
CA LYS C 127 55.31 20.70 27.28
C LYS C 127 53.95 20.32 27.83
N PRO C 128 53.87 19.46 28.86
CA PRO C 128 52.56 19.05 29.38
C PRO C 128 51.80 20.24 29.96
N VAL C 129 50.52 20.34 29.60
CA VAL C 129 49.66 21.38 30.16
C VAL C 129 48.96 20.83 31.39
N VAL C 130 48.43 21.73 32.20
CA VAL C 130 47.81 21.35 33.47
C VAL C 130 46.42 20.77 33.22
N PRO C 131 45.90 19.93 34.13
CA PRO C 131 44.56 19.37 33.93
C PRO C 131 43.48 20.44 33.95
N VAL C 132 42.49 20.27 33.08
CA VAL C 132 41.40 21.22 32.95
C VAL C 132 40.07 20.53 33.29
N VAL C 133 39.29 21.18 34.15
CA VAL C 133 37.94 20.74 34.47
C VAL C 133 37.00 21.82 33.98
N ALA C 134 35.99 21.41 33.22
CA ALA C 134 35.12 22.37 32.53
C ALA C 134 33.67 22.17 32.93
N ILE C 135 33.05 23.21 33.47
CA ILE C 135 31.64 23.21 33.83
C ILE C 135 30.90 24.04 32.79
N THR C 136 30.05 23.41 31.99
CA THR C 136 29.43 24.13 30.88
C THR C 136 28.08 24.73 31.28
N THR C 137 27.81 25.94 30.79
CA THR C 137 26.59 26.66 31.14
C THR C 137 25.69 26.94 29.94
N THR C 138 26.01 26.40 28.77
CA THR C 138 25.20 26.57 27.57
C THR C 138 25.04 25.23 26.88
N ALA C 139 24.02 25.14 26.04
CA ALA C 139 23.72 23.95 25.25
C ALA C 139 24.34 24.02 23.86
N GLY C 140 25.62 24.30 23.79
CA GLY C 140 26.31 24.37 22.52
C GLY C 140 27.78 24.38 22.75
N THR C 141 28.57 24.65 21.72
CA THR C 141 30.03 24.67 21.79
C THR C 141 30.66 23.33 21.97
N GLY C 142 30.26 22.60 23.00
CA GLY C 142 30.81 21.29 23.25
C GLY C 142 32.22 21.40 23.71
N SER C 143 32.65 22.60 24.09
CA SER C 143 34.04 22.82 24.42
C SER C 143 34.53 22.02 25.57
N GLU C 144 33.64 21.62 26.45
CA GLU C 144 34.04 20.79 27.54
C GLU C 144 34.66 19.49 27.04
N THR C 145 34.63 19.23 25.73
CA THR C 145 35.12 17.95 25.20
C THR C 145 36.03 18.10 24.00
N THR C 146 36.35 19.32 23.59
CA THR C 146 37.10 19.52 22.35
C THR C 146 38.56 19.79 22.65
N SER C 147 39.42 19.47 21.67
CA SER C 147 40.82 19.83 21.69
C SER C 147 41.08 21.17 21.01
N LEU C 148 40.07 22.03 20.94
CA LEU C 148 40.14 23.26 20.17
C LEU C 148 39.67 24.44 21.02
N ALA C 149 40.36 25.56 20.86
CA ALA C 149 39.98 26.83 21.46
C ALA C 149 39.86 27.84 20.34
N VAL C 150 38.70 28.49 20.27
CA VAL C 150 38.42 29.51 19.25
C VAL C 150 38.78 30.86 19.85
N ILE C 151 39.94 31.38 19.49
CA ILE C 151 40.36 32.71 19.91
C ILE C 151 40.54 33.54 18.66
N THR C 152 40.12 34.79 18.68
CA THR C 152 40.19 35.63 17.50
C THR C 152 41.48 36.46 17.50
N ASP C 153 41.96 36.77 16.31
CA ASP C 153 43.01 37.75 16.13
C ASP C 153 42.36 39.08 15.74
N SER C 154 42.69 40.12 16.50
CA SER C 154 42.21 41.48 16.28
C SER C 154 42.86 42.13 15.07
N ALA C 155 43.97 41.58 14.58
CA ALA C 155 44.59 42.12 13.38
C ALA C 155 43.64 42.00 12.20
N ARG C 156 43.34 40.77 11.78
CA ARG C 156 42.48 40.53 10.63
C ARG C 156 41.04 40.23 11.02
N LYS C 157 40.67 40.44 12.28
CA LYS C 157 39.34 40.12 12.80
C LYS C 157 38.95 38.69 12.47
N VAL C 158 39.88 37.76 12.65
CA VAL C 158 39.67 36.39 12.19
C VAL C 158 39.61 35.46 13.39
N LYS C 159 38.53 34.69 13.50
CA LYS C 159 38.41 33.64 14.51
C LYS C 159 39.42 32.54 14.20
N MET C 160 40.50 32.50 14.96
CA MET C 160 41.53 31.49 14.78
C MET C 160 41.18 30.25 15.61
N PRO C 161 41.12 29.07 14.98
CA PRO C 161 41.01 27.81 15.72
C PRO C 161 42.38 27.29 16.13
N VAL C 162 42.57 27.03 17.43
CA VAL C 162 43.84 26.56 17.97
C VAL C 162 43.61 25.18 18.55
N ILE C 163 44.37 24.19 18.07
CA ILE C 163 44.09 22.78 18.32
C ILE C 163 45.35 22.07 18.82
N ASP C 164 45.21 21.33 19.92
CA ASP C 164 46.21 20.40 20.40
C ASP C 164 45.52 19.38 21.30
N GLU C 165 46.02 18.14 21.27
CA GLU C 165 45.40 17.10 22.10
C GLU C 165 45.62 17.35 23.59
N LYS C 166 46.69 18.07 23.94
CA LYS C 166 46.96 18.33 25.34
C LYS C 166 45.87 19.19 25.98
N ILE C 167 45.18 20.02 25.18
CA ILE C 167 44.19 20.93 25.74
C ILE C 167 42.81 20.31 25.81
N THR C 168 42.66 19.04 25.46
CA THR C 168 41.39 18.34 25.69
C THR C 168 41.13 18.36 27.19
N PRO C 169 39.98 18.85 27.65
CA PRO C 169 39.76 18.96 29.10
C PRO C 169 39.87 17.60 29.76
N THR C 170 40.35 17.60 31.00
CA THR C 170 40.52 16.35 31.72
C THR C 170 39.21 15.87 32.31
N VAL C 171 38.41 16.77 32.85
CA VAL C 171 37.11 16.40 33.39
C VAL C 171 36.04 17.30 32.77
N ALA C 172 34.94 16.69 32.34
CA ALA C 172 33.80 17.45 31.81
C ALA C 172 32.63 17.39 32.78
N ILE C 173 31.97 18.52 32.99
CA ILE C 173 30.82 18.65 33.87
C ILE C 173 29.70 19.29 33.07
N VAL C 174 28.62 18.53 32.86
CA VAL C 174 27.47 18.99 32.09
C VAL C 174 26.26 18.93 33.03
N ASP C 175 25.99 20.05 33.71
CA ASP C 175 24.86 20.15 34.62
C ASP C 175 23.74 20.96 33.95
N PRO C 176 22.58 20.37 33.69
CA PRO C 176 21.49 21.14 33.07
C PRO C 176 20.90 22.20 33.98
N GLU C 177 21.04 22.08 35.30
CA GLU C 177 20.41 23.03 36.20
C GLU C 177 20.99 24.43 36.05
N LEU C 178 22.26 24.53 35.68
CA LEU C 178 22.87 25.82 35.41
C LEU C 178 22.36 26.45 34.13
N MET C 179 21.79 25.65 33.23
CA MET C 179 21.38 26.13 31.90
C MET C 179 19.92 26.53 31.85
N VAL C 180 19.15 26.32 32.92
CA VAL C 180 17.72 26.64 32.89
C VAL C 180 17.51 28.14 32.70
N LYS C 181 18.44 28.96 33.18
CA LYS C 181 18.28 30.40 33.11
C LYS C 181 18.74 30.99 31.79
N LYS C 182 19.11 30.16 30.83
CA LYS C 182 19.47 30.65 29.50
C LYS C 182 18.22 31.22 28.84
N PRO C 183 18.25 32.48 28.41
CA PRO C 183 17.10 33.03 27.68
C PRO C 183 16.89 32.31 26.35
N ALA C 184 15.73 32.60 25.74
CA ALA C 184 15.34 31.93 24.51
C ALA C 184 16.35 32.15 23.39
N GLY C 185 16.95 33.35 23.33
CA GLY C 185 17.92 33.62 22.27
C GLY C 185 19.21 32.83 22.44
N LEU C 186 19.77 32.84 23.65
CA LEU C 186 20.99 32.08 23.88
C LEU C 186 20.74 30.58 23.74
N THR C 187 19.55 30.13 24.15
CA THR C 187 19.13 28.76 23.93
C THR C 187 19.13 28.41 22.45
N ILE C 188 18.46 29.22 21.63
CA ILE C 188 18.42 28.95 20.20
C ILE C 188 19.83 28.94 19.61
N ALA C 189 20.62 29.96 19.94
CA ALA C 189 21.95 30.08 19.34
C ALA C 189 22.80 28.84 19.65
N THR C 190 22.89 28.48 20.94
CA THR C 190 23.73 27.34 21.31
C THR C 190 23.20 26.02 20.77
N GLY C 191 21.87 25.82 20.80
CA GLY C 191 21.31 24.59 20.27
C GLY C 191 21.51 24.44 18.78
N MET C 192 21.36 25.54 18.04
CA MET C 192 21.59 25.48 16.60
C MET C 192 23.07 25.27 16.29
N ASP C 193 23.97 25.76 17.15
CA ASP C 193 25.38 25.44 16.96
C ASP C 193 25.63 23.96 17.19
N ALA C 194 24.94 23.37 18.18
CA ALA C 194 25.05 21.93 18.40
C ALA C 194 24.58 21.15 17.18
N LEU C 195 23.43 21.55 16.62
CA LEU C 195 22.91 20.89 15.42
C LEU C 195 23.88 21.03 14.25
N SER C 196 24.45 22.23 14.06
CA SER C 196 25.45 22.41 13.02
C SER C 196 26.64 21.48 13.22
N HIS C 197 27.12 21.37 14.47
CA HIS C 197 28.24 20.48 14.77
C HIS C 197 27.91 19.04 14.37
N ALA C 198 26.72 18.58 14.74
CA ALA C 198 26.33 17.21 14.46
C ALA C 198 26.27 16.94 12.95
N ILE C 199 25.64 17.85 12.20
CA ILE C 199 25.51 17.64 10.77
C ILE C 199 26.87 17.72 10.08
N GLU C 200 27.70 18.69 10.46
CA GLU C 200 29.01 18.84 9.84
C GLU C 200 29.91 17.67 10.14
N ALA C 201 29.80 17.10 11.35
CA ALA C 201 30.62 15.94 11.67
C ALA C 201 30.09 14.69 10.98
N TYR C 202 28.78 14.62 10.71
CA TYR C 202 28.26 13.49 9.96
C TYR C 202 28.75 13.51 8.52
N VAL C 203 28.73 14.69 7.87
CA VAL C 203 29.13 14.73 6.46
C VAL C 203 30.63 14.96 6.28
N ALA C 204 31.39 15.15 7.36
CA ALA C 204 32.79 15.48 7.24
C ALA C 204 33.58 14.34 6.60
N LYS C 205 34.81 14.67 6.16
CA LYS C 205 35.68 13.69 5.52
C LYS C 205 36.37 12.78 6.53
N GLY C 206 36.66 13.27 7.74
CA GLY C 206 37.33 12.44 8.72
C GLY C 206 36.37 11.74 9.66
N ALA C 207 35.15 11.46 9.21
CA ALA C 207 34.13 10.85 10.04
C ALA C 207 34.34 9.35 10.16
N THR C 208 34.37 8.85 11.39
CA THR C 208 34.50 7.44 11.74
C THR C 208 33.18 6.90 12.26
N PRO C 209 32.99 5.57 12.29
CA PRO C 209 31.75 5.03 12.87
C PRO C 209 31.50 5.51 14.29
N VAL C 210 32.56 5.71 15.06
CA VAL C 210 32.42 6.18 16.43
C VAL C 210 31.82 7.58 16.47
N THR C 211 32.43 8.53 15.75
CA THR C 211 31.85 9.87 15.72
C THR C 211 30.43 9.85 15.16
N ASP C 212 30.14 8.94 14.23
CA ASP C 212 28.83 8.90 13.60
C ASP C 212 27.76 8.48 14.58
N ALA C 213 28.08 7.59 15.51
CA ALA C 213 27.13 7.23 16.56
C ALA C 213 26.66 8.48 17.32
N PHE C 214 27.63 9.25 17.81
CA PHE C 214 27.31 10.44 18.58
C PHE C 214 26.57 11.46 17.73
N ALA C 215 26.95 11.62 16.46
CA ALA C 215 26.30 12.62 15.62
C ALA C 215 24.84 12.26 15.37
N ILE C 216 24.57 10.99 15.05
CA ILE C 216 23.20 10.53 14.83
C ILE C 216 22.35 10.79 16.06
N GLN C 217 22.83 10.31 17.22
CA GLN C 217 22.04 10.47 18.44
C GLN C 217 21.89 11.94 18.82
N ALA C 218 22.89 12.75 18.52
CA ALA C 218 22.78 14.19 18.76
C ALA C 218 21.61 14.77 17.98
N MET C 219 21.56 14.50 16.67
CA MET C 219 20.47 15.04 15.87
C MET C 219 19.13 14.53 16.36
N LYS C 220 19.05 13.24 16.70
CA LYS C 220 17.78 12.69 17.19
C LYS C 220 17.32 13.39 18.45
N LEU C 221 18.22 13.66 19.38
CA LEU C 221 17.85 14.35 20.61
C LEU C 221 17.44 15.79 20.32
N ILE C 222 18.23 16.47 19.48
CA ILE C 222 18.01 17.89 19.21
C ILE C 222 16.64 18.10 18.56
N ASN C 223 16.33 17.28 17.55
CA ASN C 223 15.09 17.47 16.79
C ASN C 223 13.87 17.44 17.70
N GLU C 224 13.88 16.59 18.72
CA GLU C 224 12.73 16.49 19.61
C GLU C 224 12.74 17.58 20.68
N TYR C 225 13.89 17.81 21.32
CA TYR C 225 13.86 18.59 22.55
C TYR C 225 14.33 20.04 22.41
N LEU C 226 15.17 20.37 21.42
CA LEU C 226 15.56 21.76 21.24
C LEU C 226 14.36 22.70 21.11
N PRO C 227 13.35 22.41 20.28
CA PRO C 227 12.18 23.31 20.25
C PRO C 227 11.50 23.42 21.60
N LYS C 228 11.40 22.32 22.35
CA LYS C 228 10.73 22.36 23.64
C LYS C 228 11.47 23.30 24.59
N ALA C 229 12.79 23.17 24.64
CA ALA C 229 13.59 24.03 25.52
C ALA C 229 13.56 25.48 25.07
N VAL C 230 13.43 25.73 23.76
CA VAL C 230 13.28 27.10 23.28
C VAL C 230 11.95 27.68 23.73
N ALA C 231 10.89 26.87 23.70
CA ALA C 231 9.57 27.36 24.08
C ALA C 231 9.47 27.59 25.58
N ASN C 232 9.95 26.62 26.36
CA ASN C 232 9.90 26.66 27.83
C ASN C 232 11.27 26.25 28.35
N GLY C 233 12.07 27.24 28.76
CA GLY C 233 13.39 27.01 29.30
C GLY C 233 13.43 26.42 30.69
N GLU C 234 12.28 26.30 31.35
CA GLU C 234 12.17 25.74 32.70
C GLU C 234 11.96 24.23 32.70
N ASP C 235 11.82 23.61 31.53
CA ASP C 235 11.64 22.17 31.41
C ASP C 235 12.99 21.50 31.64
N ILE C 236 13.11 20.75 32.75
CA ILE C 236 14.41 20.20 33.07
C ILE C 236 14.76 19.04 32.13
N GLU C 237 13.76 18.31 31.64
CA GLU C 237 14.03 17.20 30.73
C GLU C 237 14.60 17.70 29.40
N ALA C 238 14.02 18.76 28.85
CA ALA C 238 14.54 19.30 27.60
C ALA C 238 15.96 19.80 27.77
N ARG C 239 16.23 20.50 28.88
CA ARG C 239 17.58 20.99 29.13
C ARG C 239 18.56 19.83 29.25
N GLU C 240 18.17 18.76 29.95
CA GLU C 240 19.02 17.58 30.09
C GLU C 240 19.34 16.94 28.74
N LYS C 241 18.30 16.70 27.94
CA LYS C 241 18.49 16.09 26.64
C LYS C 241 19.41 16.93 25.78
N MET C 242 19.20 18.25 25.78
CA MET C 242 20.05 19.14 25.01
C MET C 242 21.49 19.12 25.51
N ALA C 243 21.68 18.98 26.82
CA ALA C 243 23.01 18.85 27.38
C ALA C 243 23.72 17.63 26.81
N TYR C 244 23.03 16.47 26.86
CA TYR C 244 23.60 15.24 26.30
C TYR C 244 23.91 15.41 24.82
N ALA C 245 23.01 16.05 24.08
CA ALA C 245 23.19 16.20 22.64
C ALA C 245 24.39 17.08 22.32
N GLN C 246 24.57 18.17 23.08
CA GLN C 246 25.76 19.01 22.90
C GLN C 246 27.02 18.22 23.20
N TYR C 247 27.01 17.43 24.26
CA TYR C 247 28.20 16.64 24.59
C TYR C 247 28.57 15.73 23.44
N MET C 248 27.59 14.96 22.95
CA MET C 248 27.89 14.00 21.89
C MET C 248 28.31 14.70 20.60
N ALA C 249 27.67 15.83 20.30
CA ALA C 249 28.04 16.62 19.13
C ALA C 249 29.47 17.16 19.25
N GLY C 250 29.87 17.58 20.45
CA GLY C 250 31.23 18.08 20.64
C GLY C 250 32.27 16.99 20.45
N VAL C 251 32.03 15.81 21.01
CA VAL C 251 32.94 14.70 20.75
C VAL C 251 33.03 14.43 19.26
N ALA C 252 31.86 14.35 18.61
CA ALA C 252 31.79 13.99 17.20
C ALA C 252 32.52 14.99 16.32
N PHE C 253 32.42 16.29 16.63
CA PHE C 253 33.08 17.24 15.76
C PHE C 253 34.56 17.41 16.13
N ASN C 254 34.92 17.18 17.39
CA ASN C 254 36.34 17.22 17.73
C ASN C 254 37.09 16.16 16.95
N ASN C 255 36.53 14.96 16.87
CA ASN C 255 37.30 13.92 16.19
C ASN C 255 37.00 13.81 14.70
N GLY C 256 35.77 14.04 14.30
CA GLY C 256 35.39 13.86 12.90
C GLY C 256 35.55 15.05 12.04
N GLY C 257 35.21 16.21 12.58
CA GLY C 257 35.43 17.41 11.82
C GLY C 257 34.25 18.29 11.62
N LEU C 258 34.50 19.40 10.97
CA LEU C 258 33.45 20.35 10.74
C LEU C 258 33.37 20.67 9.28
N GLY C 259 33.21 21.94 8.96
CA GLY C 259 33.08 22.30 7.57
C GLY C 259 32.83 23.74 7.22
N LEU C 260 32.27 23.97 6.06
CA LEU C 260 32.13 25.33 5.59
C LEU C 260 31.16 26.16 6.37
N VAL C 261 30.26 25.52 7.09
CA VAL C 261 29.41 26.29 8.00
C VAL C 261 30.27 27.08 8.97
N HIS C 262 31.18 26.39 9.67
CA HIS C 262 32.01 27.05 10.64
C HIS C 262 33.10 27.90 9.99
N SER C 263 33.62 27.46 8.83
CA SER C 263 34.56 28.28 8.08
C SER C 263 33.99 29.67 7.80
N ILE C 264 32.76 29.71 7.28
CA ILE C 264 32.14 30.99 6.91
C ILE C 264 31.76 31.78 8.14
N SER C 265 31.11 31.14 9.11
CA SER C 265 30.62 31.90 10.25
C SER C 265 31.76 32.41 11.13
N HIS C 266 32.94 31.76 11.09
CA HIS C 266 34.11 32.30 11.79
C HIS C 266 34.42 33.71 11.30
N GLN C 267 34.50 33.89 9.98
CA GLN C 267 34.81 35.21 9.43
C GLN C 267 33.67 36.19 9.65
N VAL C 268 32.42 35.73 9.49
CA VAL C 268 31.30 36.67 9.63
C VAL C 268 31.22 37.19 11.06
N GLY C 269 31.31 36.30 12.03
CA GLY C 269 31.26 36.72 13.42
C GLY C 269 32.50 37.46 13.85
N GLY C 270 33.63 37.19 13.19
CA GLY C 270 34.84 37.92 13.51
C GLY C 270 34.80 39.36 13.04
N VAL C 271 34.26 39.59 11.85
CA VAL C 271 34.22 40.95 11.33
C VAL C 271 33.07 41.73 11.93
N TYR C 272 31.92 41.10 12.08
CA TYR C 272 30.75 41.83 12.50
C TYR C 272 30.26 41.67 13.91
N LYS C 273 30.94 40.84 14.70
CA LYS C 273 30.56 40.60 16.09
C LYS C 273 29.11 40.18 16.24
N LEU C 274 28.79 38.99 15.79
CA LEU C 274 27.44 38.51 15.84
C LEU C 274 27.45 37.14 16.48
N GLN C 275 26.28 36.62 16.82
CA GLN C 275 26.19 35.34 17.49
C GLN C 275 26.57 34.17 16.61
N HIS C 276 27.45 33.31 17.11
CA HIS C 276 27.97 32.19 16.33
C HIS C 276 26.86 31.25 15.86
N GLY C 277 25.92 30.91 16.77
CA GLY C 277 24.85 29.98 16.41
C GLY C 277 23.96 30.50 15.30
N ILE C 278 23.60 31.79 15.35
CA ILE C 278 22.73 32.37 14.34
C ILE C 278 23.45 32.48 13.01
N CYS C 279 24.75 32.78 13.04
CA CYS C 279 25.52 32.77 11.81
C CYS C 279 25.47 31.39 11.16
N ASN C 280 25.71 30.35 11.97
CA ASN C 280 25.65 28.99 11.46
C ASN C 280 24.28 28.70 10.86
N SER C 281 23.22 29.11 11.55
CA SER C 281 21.88 28.79 11.06
C SER C 281 21.62 29.48 9.73
N VAL C 282 22.09 30.72 9.59
CA VAL C 282 21.85 31.45 8.35
C VAL C 282 22.59 30.81 7.19
N ASN C 283 23.83 30.36 7.42
CA ASN C 283 24.56 29.82 6.26
C ASN C 283 24.32 28.34 6.02
N MET C 284 23.77 27.60 6.98
CA MET C 284 23.79 26.14 6.88
C MET C 284 23.01 25.57 5.70
N PRO C 285 21.78 26.00 5.38
CA PRO C 285 21.09 25.41 4.22
C PRO C 285 21.86 25.53 2.92
N HIS C 286 22.58 26.65 2.73
CA HIS C 286 23.33 26.85 1.50
C HIS C 286 24.60 26.00 1.46
N VAL C 287 25.33 25.91 2.57
CA VAL C 287 26.49 25.03 2.63
C VAL C 287 26.07 23.59 2.38
N CYS C 288 24.97 23.17 3.01
CA CYS C 288 24.50 21.79 2.84
C CYS C 288 24.06 21.54 1.40
N ALA C 289 23.43 22.54 0.78
CA ALA C 289 23.09 22.45 -0.64
C ALA C 289 24.34 22.23 -1.49
N PHE C 290 25.35 23.07 -1.29
CA PHE C 290 26.60 22.94 -2.04
C PHE C 290 27.23 21.57 -1.85
N ASN C 291 27.17 21.04 -0.63
CA ASN C 291 27.81 19.75 -0.35
C ASN C 291 26.94 18.56 -0.74
N LEU C 292 25.65 18.76 -0.98
CA LEU C 292 24.70 17.67 -1.24
C LEU C 292 25.21 16.65 -2.24
N ILE C 293 26.13 17.06 -3.11
CA ILE C 293 26.61 16.21 -4.18
C ILE C 293 27.56 15.13 -3.66
N ALA C 294 28.30 15.42 -2.58
CA ALA C 294 29.28 14.48 -2.05
C ALA C 294 28.62 13.38 -1.20
N LYS C 295 27.70 13.76 -0.33
CA LYS C 295 27.12 12.82 0.63
C LYS C 295 25.61 12.78 0.50
N THR C 296 25.12 12.35 -0.67
CA THR C 296 23.69 12.41 -0.94
C THR C 296 22.90 11.50 -0.01
N GLU C 297 23.39 10.28 0.19
CA GLU C 297 22.70 9.35 1.08
C GLU C 297 22.70 9.86 2.51
N ARG C 298 23.82 10.42 2.97
CA ARG C 298 23.88 10.91 4.35
C ARG C 298 22.96 12.09 4.56
N PHE C 299 22.85 12.98 3.57
CA PHE C 299 21.90 14.08 3.70
C PHE C 299 20.45 13.59 3.63
N ALA C 300 20.19 12.48 2.93
CA ALA C 300 18.88 11.85 3.06
C ALA C 300 18.63 11.37 4.48
N HIS C 301 19.65 10.76 5.10
CA HIS C 301 19.51 10.35 6.50
C HIS C 301 19.29 11.54 7.40
N ILE C 302 20.01 12.64 7.14
CA ILE C 302 19.84 13.87 7.92
C ILE C 302 18.41 14.40 7.76
N ALA C 303 17.84 14.23 6.56
CA ALA C 303 16.45 14.62 6.34
C ALA C 303 15.52 13.83 7.25
N GLU C 304 15.78 12.52 7.36
CA GLU C 304 14.97 11.67 8.24
C GLU C 304 15.14 12.07 9.71
N LEU C 305 16.38 12.33 10.14
CA LEU C 305 16.65 12.64 11.55
C LEU C 305 16.13 14.02 11.95
N LEU C 306 16.16 14.98 11.02
CA LEU C 306 15.64 16.31 11.29
C LEU C 306 14.13 16.38 11.22
N GLY C 307 13.46 15.28 10.90
CA GLY C 307 12.02 15.21 11.06
C GLY C 307 11.19 15.13 9.79
N GLU C 308 11.74 14.60 8.72
CA GLU C 308 11.04 14.52 7.45
C GLU C 308 10.74 13.06 7.11
N ASN C 309 9.62 12.86 6.41
CA ASN C 309 9.22 11.54 5.94
C ASN C 309 9.78 11.33 4.54
N VAL C 310 10.79 10.47 4.42
CA VAL C 310 11.50 10.28 3.16
C VAL C 310 11.00 9.03 2.43
N ALA C 311 9.90 8.45 2.88
CA ALA C 311 9.40 7.23 2.25
C ALA C 311 8.92 7.50 0.83
N GLY C 312 9.23 6.57 -0.07
CA GLY C 312 8.83 6.70 -1.45
C GLY C 312 9.54 7.81 -2.20
N LEU C 313 10.70 8.24 -1.72
CA LEU C 313 11.43 9.35 -2.32
C LEU C 313 12.73 8.84 -2.92
N SER C 314 13.15 9.49 -4.01
CA SER C 314 14.50 9.26 -4.52
C SER C 314 15.53 9.68 -3.48
N THR C 315 16.74 9.18 -3.62
CA THR C 315 17.79 9.56 -2.69
C THR C 315 18.13 11.04 -2.82
N ALA C 316 18.15 11.56 -4.05
CA ALA C 316 18.39 12.99 -4.21
C ALA C 316 17.20 13.80 -3.70
N ALA C 317 15.99 13.27 -3.87
CA ALA C 317 14.80 13.98 -3.41
C ALA C 317 14.81 14.12 -1.88
N ALA C 318 15.12 13.03 -1.18
CA ALA C 318 15.27 13.09 0.27
C ALA C 318 16.41 14.01 0.68
N ALA C 319 17.53 13.95 -0.05
CA ALA C 319 18.65 14.84 0.23
C ALA C 319 18.22 16.30 0.18
N GLU C 320 17.34 16.66 -0.76
CA GLU C 320 16.83 18.03 -0.77
C GLU C 320 15.84 18.29 0.36
N ARG C 321 15.08 17.26 0.74
CA ARG C 321 14.21 17.38 1.91
C ARG C 321 14.99 17.84 3.13
N ALA C 322 16.29 17.49 3.18
CA ALA C 322 17.15 17.95 4.27
C ALA C 322 17.20 19.48 4.35
N ILE C 323 17.45 20.13 3.22
CA ILE C 323 17.48 21.59 3.20
C ILE C 323 16.12 22.14 3.57
N VAL C 324 15.05 21.50 3.09
CA VAL C 324 13.71 21.97 3.45
C VAL C 324 13.54 21.98 4.96
N ALA C 325 14.04 20.92 5.62
CA ALA C 325 13.93 20.79 7.07
C ALA C 325 14.71 21.88 7.79
N LEU C 326 15.95 22.11 7.36
CA LEU C 326 16.75 23.18 7.97
C LEU C 326 16.06 24.54 7.80
N GLU C 327 15.42 24.77 6.66
CA GLU C 327 14.73 26.04 6.47
C GLU C 327 13.57 26.19 7.44
N ARG C 328 12.81 25.11 7.67
CA ARG C 328 11.67 25.28 8.57
C ARG C 328 12.12 25.40 10.02
N ILE C 329 13.21 24.73 10.40
CA ILE C 329 13.77 24.97 11.73
C ILE C 329 14.17 26.43 11.87
N ASN C 330 14.73 27.02 10.80
CA ASN C 330 15.12 28.42 10.86
C ASN C 330 13.91 29.33 10.99
N LYS C 331 12.80 28.98 10.34
CA LYS C 331 11.62 29.83 10.42
C LYS C 331 10.93 29.69 11.76
N SER C 332 10.98 28.50 12.38
CA SER C 332 10.30 28.29 13.65
C SER C 332 11.03 28.96 14.81
N PHE C 333 12.37 28.95 14.76
CA PHE C 333 13.18 29.60 15.78
C PHE C 333 13.51 31.05 15.43
N GLY C 334 12.96 31.56 14.33
CA GLY C 334 13.11 32.96 14.00
C GLY C 334 14.49 33.37 13.56
N ILE C 335 15.26 32.44 12.97
CA ILE C 335 16.54 32.82 12.39
C ILE C 335 16.31 33.88 11.32
N PRO C 336 17.15 34.94 11.26
CA PRO C 336 17.05 35.94 10.18
C PRO C 336 16.98 35.31 8.79
N SER C 337 16.41 36.02 7.81
CA SER C 337 16.25 35.45 6.48
C SER C 337 17.57 35.38 5.75
N GLY C 338 18.43 36.40 5.92
CA GLY C 338 19.70 36.42 5.22
C GLY C 338 20.73 37.22 5.98
N TYR C 339 21.97 37.15 5.49
CA TYR C 339 23.08 37.87 6.09
C TYR C 339 22.91 39.38 5.95
N ALA C 340 22.07 39.83 5.01
CA ALA C 340 21.88 41.26 4.84
C ALA C 340 21.21 41.89 6.06
N GLU C 341 20.18 41.23 6.62
CA GLU C 341 19.53 41.76 7.83
C GLU C 341 20.50 41.88 8.99
N MET C 342 21.48 40.99 9.07
CA MET C 342 22.44 40.99 10.17
C MET C 342 23.52 42.05 10.01
N GLY C 343 23.55 42.77 8.89
CA GLY C 343 24.49 43.84 8.69
C GLY C 343 25.72 43.52 7.86
N VAL C 344 25.78 42.33 7.25
CA VAL C 344 26.90 42.00 6.37
C VAL C 344 26.87 42.91 5.15
N LYS C 345 28.05 43.30 4.67
CA LYS C 345 28.17 44.14 3.48
C LYS C 345 28.71 43.30 2.33
N GLU C 346 28.13 43.47 1.15
CA GLU C 346 28.47 42.65 0.00
C GLU C 346 29.93 42.85 -0.40
N GLU C 347 30.41 44.10 -0.31
CA GLU C 347 31.82 44.39 -0.60
C GLU C 347 32.77 43.48 0.16
N ASP C 348 32.38 43.07 1.38
CA ASP C 348 33.24 42.26 2.22
C ASP C 348 33.31 40.80 1.80
N ILE C 349 32.33 40.32 1.04
CA ILE C 349 32.20 38.88 0.78
C ILE C 349 33.54 38.29 0.38
N GLU C 350 34.18 38.89 -0.63
CA GLU C 350 35.47 38.42 -1.12
C GLU C 350 36.46 38.21 0.02
N LEU C 351 36.71 39.28 0.79
CA LEU C 351 37.59 39.16 1.95
C LEU C 351 37.21 37.96 2.78
N LEU C 352 35.95 37.93 3.20
CA LEU C 352 35.42 36.82 3.97
C LEU C 352 35.77 35.49 3.30
N ALA C 353 35.36 35.35 2.03
CA ALA C 353 35.62 34.12 1.29
C ALA C 353 37.11 33.75 1.35
N LYS C 354 37.97 34.71 1.04
CA LYS C 354 39.41 34.45 1.06
C LYS C 354 39.81 33.90 2.41
N ASN C 355 39.50 34.66 3.47
CA ASN C 355 39.86 34.21 4.81
C ASN C 355 39.20 32.87 5.10
N ALA C 356 37.94 32.71 4.68
CA ALA C 356 37.25 31.46 4.97
C ALA C 356 37.92 30.30 4.29
N TYR C 357 38.55 30.53 3.13
CA TYR C 357 39.25 29.47 2.44
C TYR C 357 40.48 29.02 3.23
N GLU C 358 41.09 29.91 4.00
CA GLU C 358 42.31 29.60 4.73
C GLU C 358 42.06 28.97 6.09
N ASP C 359 40.80 28.81 6.46
CA ASP C 359 40.45 28.15 7.72
C ASP C 359 40.79 26.66 7.64
N VAL C 360 41.01 26.05 8.81
CA VAL C 360 41.26 24.62 8.83
C VAL C 360 40.00 23.85 8.47
N CYS C 361 38.82 24.40 8.82
CA CYS C 361 37.57 23.65 8.69
C CYS C 361 37.22 23.38 7.24
N THR C 362 37.64 24.24 6.30
CA THR C 362 37.37 23.95 4.90
C THR C 362 38.03 22.65 4.46
N GLN C 363 39.08 22.21 5.14
CA GLN C 363 39.66 20.93 4.74
C GLN C 363 38.73 19.79 5.07
N SER C 364 37.90 19.93 6.11
CA SER C 364 36.98 18.87 6.50
C SER C 364 35.70 18.88 5.69
N ASN C 365 35.48 19.90 4.86
CA ASN C 365 34.24 19.97 4.09
C ASN C 365 34.17 18.77 3.14
N PRO C 366 33.04 18.07 3.07
CA PRO C 366 32.93 16.94 2.15
C PRO C 366 33.20 17.30 0.70
N ARG C 367 32.85 18.51 0.29
CA ARG C 367 33.13 18.96 -1.07
C ARG C 367 34.31 19.93 -1.05
N VAL C 368 35.21 19.76 -2.00
CA VAL C 368 36.39 20.62 -2.11
C VAL C 368 35.99 22.01 -2.58
N PRO C 369 36.24 23.06 -1.80
CA PRO C 369 35.77 24.39 -2.21
C PRO C 369 36.84 25.23 -2.90
N THR C 370 36.39 26.22 -3.68
CA THR C 370 37.24 27.30 -4.16
C THR C 370 36.80 28.59 -3.50
N VAL C 371 37.68 29.59 -3.52
CA VAL C 371 37.32 30.89 -2.96
C VAL C 371 36.04 31.40 -3.62
N GLN C 372 35.88 31.14 -4.92
CA GLN C 372 34.67 31.55 -5.61
C GLN C 372 33.47 30.72 -5.18
N ASP C 373 33.68 29.42 -4.93
CA ASP C 373 32.60 28.58 -4.38
C ASP C 373 32.12 29.12 -3.04
N ILE C 374 33.06 29.35 -2.11
CA ILE C 374 32.72 29.88 -0.80
C ILE C 374 31.98 31.21 -0.93
N ALA C 375 32.49 32.09 -1.80
CA ALA C 375 31.87 33.40 -1.98
C ALA C 375 30.45 33.27 -2.52
N GLN C 376 30.23 32.33 -3.44
CA GLN C 376 28.87 32.11 -3.94
C GLN C 376 27.96 31.65 -2.82
N ILE C 377 28.45 30.78 -1.94
CA ILE C 377 27.66 30.37 -0.78
C ILE C 377 27.27 31.60 0.04
N ILE C 378 28.25 32.46 0.34
CA ILE C 378 27.99 33.66 1.13
C ILE C 378 26.91 34.51 0.47
N LYS C 379 27.05 34.76 -0.84
CA LYS C 379 26.07 35.56 -1.56
C LYS C 379 24.68 34.96 -1.47
N ASN C 380 24.58 33.65 -1.72
CA ASN C 380 23.28 33.00 -1.72
C ASN C 380 22.61 33.11 -0.34
N ALA C 381 23.42 33.16 0.72
CA ALA C 381 22.86 33.30 2.07
C ALA C 381 22.56 34.75 2.45
N MET C 382 22.74 35.71 1.55
CA MET C 382 22.55 37.12 1.91
C MET C 382 21.08 37.49 2.05
N LEU C 383 20.18 36.85 1.31
CA LEU C 383 18.77 37.25 1.34
C LEU C 383 17.90 36.05 0.95
N GLU C 384 16.63 36.35 0.65
CA GLU C 384 15.56 35.42 0.26
C GLU C 384 14.92 34.70 1.46
N MET D 1 19.88 10.41 37.03
CA MET D 1 20.13 11.69 36.37
C MET D 1 21.63 11.96 36.24
N THR D 2 22.28 12.22 37.37
CA THR D 2 23.72 12.48 37.39
C THR D 2 24.49 11.19 37.17
N THR D 3 25.05 11.03 35.98
CA THR D 3 25.77 9.83 35.61
C THR D 3 27.21 10.18 35.25
N ASN D 4 28.10 9.20 35.45
CA ASN D 4 29.51 9.33 35.12
C ASN D 4 29.82 8.52 33.88
N PHE D 5 30.71 9.04 33.05
CA PHE D 5 31.12 8.38 31.80
C PHE D 5 32.64 8.31 31.77
N PHE D 6 33.17 7.10 31.90
CA PHE D 6 34.61 6.88 31.97
C PHE D 6 35.07 6.15 30.71
N ILE D 7 36.01 6.76 30.00
CA ILE D 7 36.52 6.23 28.74
C ILE D 7 38.00 6.52 28.66
N PRO D 8 38.76 5.61 28.05
CA PRO D 8 40.19 5.88 27.79
C PRO D 8 40.37 7.24 27.15
N PRO D 9 41.28 8.06 27.68
CA PRO D 9 41.46 9.41 27.11
C PRO D 9 41.95 9.41 25.68
N ALA D 10 42.66 8.36 25.25
CA ALA D 10 43.17 8.25 23.89
C ALA D 10 42.97 6.83 23.37
N SER D 11 42.42 6.73 22.15
CA SER D 11 42.19 5.47 21.48
C SER D 11 42.57 5.62 20.03
N VAL D 12 43.26 4.61 19.49
CA VAL D 12 43.60 4.57 18.08
C VAL D 12 43.03 3.28 17.52
N ILE D 13 42.06 3.41 16.62
CA ILE D 13 41.37 2.26 16.03
C ILE D 13 41.62 2.28 14.53
N GLY D 14 42.08 1.16 13.98
CA GLY D 14 42.35 1.07 12.55
C GLY D 14 43.59 0.29 12.15
N ARG D 15 43.77 0.11 10.84
CA ARG D 15 44.89 -0.68 10.35
C ARG D 15 46.21 -0.01 10.68
N GLY D 16 47.13 -0.78 11.26
CA GLY D 16 48.41 -0.21 11.65
C GLY D 16 48.37 0.66 12.88
N ALA D 17 47.30 0.60 13.66
CA ALA D 17 47.20 1.42 14.87
C ALA D 17 48.27 1.05 15.89
N VAL D 18 48.69 -0.22 15.90
CA VAL D 18 49.71 -0.66 16.84
C VAL D 18 51.02 0.10 16.66
N LYS D 19 51.25 0.65 15.47
CA LYS D 19 52.45 1.44 15.22
C LYS D 19 52.56 2.61 16.18
N GLU D 20 51.44 3.04 16.73
CA GLU D 20 51.43 4.22 17.57
C GLU D 20 51.67 3.91 19.02
N VAL D 21 52.05 2.69 19.37
CA VAL D 21 52.19 2.41 20.79
C VAL D 21 53.32 3.18 21.39
N GLY D 22 54.45 3.21 20.72
CA GLY D 22 55.60 3.90 21.25
C GLY D 22 55.33 5.37 21.31
N THR D 23 54.78 5.91 20.23
CA THR D 23 54.46 7.31 20.21
C THR D 23 53.57 7.59 21.39
N ARG D 24 52.50 6.85 21.55
CA ARG D 24 51.57 7.14 22.63
C ARG D 24 52.28 7.07 23.97
N LEU D 25 53.09 6.06 24.18
CA LEU D 25 53.75 5.91 25.44
C LEU D 25 54.52 7.15 25.73
N LYS D 26 55.11 7.76 24.72
CA LYS D 26 55.95 8.94 24.92
C LYS D 26 55.15 10.11 25.47
N GLN D 27 53.90 10.26 25.03
CA GLN D 27 53.09 11.38 25.51
C GLN D 27 52.84 11.26 27.00
N ILE D 28 52.60 10.04 27.48
CA ILE D 28 52.48 9.85 28.92
C ILE D 28 53.87 9.85 29.57
N GLY D 29 54.82 9.15 28.93
CA GLY D 29 56.18 9.12 29.40
C GLY D 29 56.38 8.19 30.58
N ALA D 30 56.99 7.04 30.33
CA ALA D 30 57.26 6.05 31.37
C ALA D 30 58.62 5.43 31.15
N LYS D 31 59.03 4.57 32.10
CA LYS D 31 60.35 3.93 32.08
C LYS D 31 60.28 2.42 31.85
N LYS D 32 59.36 1.76 32.53
CA LYS D 32 59.29 0.30 32.45
C LYS D 32 57.94 -0.15 31.99
N ALA D 33 57.90 -0.98 30.97
CA ALA D 33 56.65 -1.48 30.48
C ALA D 33 56.57 -2.97 30.65
N LEU D 34 55.69 -3.45 31.51
CA LEU D 34 55.53 -4.89 31.61
C LEU D 34 54.62 -5.37 30.51
N ILE D 35 55.18 -5.93 29.45
CA ILE D 35 54.40 -6.46 28.36
C ILE D 35 53.72 -7.74 28.77
N VAL D 36 52.57 -7.61 29.39
CA VAL D 36 51.84 -8.78 29.80
C VAL D 36 51.18 -9.38 28.59
N THR D 37 51.51 -10.62 28.29
CA THR D 37 50.93 -11.24 27.14
C THR D 37 50.70 -12.70 27.41
N ASP D 38 50.10 -13.43 26.48
CA ASP D 38 50.02 -14.88 26.64
C ASP D 38 51.17 -15.54 25.90
N ALA D 39 51.41 -16.80 26.23
CA ALA D 39 52.60 -17.48 25.72
C ALA D 39 52.47 -17.84 24.24
N PHE D 40 51.25 -18.12 23.77
CA PHE D 40 51.04 -18.32 22.34
C PHE D 40 51.55 -17.11 21.56
N LEU D 41 51.13 -15.92 21.98
CA LEU D 41 51.59 -14.69 21.35
C LEU D 41 53.09 -14.52 21.44
N HIS D 42 53.69 -14.90 22.58
CA HIS D 42 55.13 -14.80 22.72
C HIS D 42 55.84 -15.69 21.69
N SER D 43 55.29 -16.88 21.45
CA SER D 43 55.82 -17.75 20.41
C SER D 43 55.68 -17.12 19.03
N THR D 44 54.57 -16.41 18.78
CA THR D 44 54.43 -15.72 17.49
C THR D 44 55.47 -14.63 17.30
N GLY D 45 56.08 -14.13 18.38
CA GLY D 45 57.06 -13.06 18.27
C GLY D 45 56.49 -11.65 18.25
N LEU D 46 55.17 -11.50 18.37
CA LEU D 46 54.56 -10.17 18.32
C LEU D 46 54.98 -9.31 19.51
N SER D 47 55.12 -9.95 20.69
CA SER D 47 55.55 -9.25 21.89
C SER D 47 56.78 -8.39 21.61
N GLU D 48 57.79 -8.99 20.96
CA GLU D 48 59.02 -8.26 20.69
C GLU D 48 58.83 -7.14 19.70
N GLU D 49 57.90 -7.28 18.75
CA GLU D 49 57.64 -6.22 17.78
C GLU D 49 57.10 -4.98 18.48
N VAL D 50 56.02 -5.16 19.24
CA VAL D 50 55.45 -4.03 19.98
C VAL D 50 56.52 -3.44 20.87
N ALA D 51 57.19 -4.30 21.64
CA ALA D 51 58.25 -3.87 22.53
C ALA D 51 59.34 -3.09 21.80
N LYS D 52 59.59 -3.41 20.53
CA LYS D 52 60.63 -2.71 19.78
C LYS D 52 60.21 -1.28 19.50
N ASN D 53 58.96 -1.08 19.08
CA ASN D 53 58.51 0.30 18.91
C ASN D 53 58.56 1.05 20.25
N ILE D 54 58.11 0.38 21.32
CA ILE D 54 58.20 0.95 22.66
C ILE D 54 59.63 1.37 22.98
N ARG D 55 60.61 0.54 22.65
CA ARG D 55 62.00 0.91 22.87
C ARG D 55 62.39 2.12 22.04
N GLU D 56 61.88 2.21 20.81
CA GLU D 56 62.11 3.42 20.01
C GLU D 56 61.73 4.64 20.80
N ALA D 57 60.69 4.53 21.64
CA ALA D 57 60.39 5.64 22.53
C ALA D 57 61.20 5.61 23.83
N GLY D 58 61.95 4.53 24.08
CA GLY D 58 62.84 4.45 25.23
C GLY D 58 62.15 3.96 26.49
N VAL D 59 61.75 2.69 26.49
CA VAL D 59 61.14 2.06 27.66
C VAL D 59 61.64 0.62 27.71
N ASP D 60 62.33 0.27 28.79
CA ASP D 60 62.69 -1.12 29.01
C ASP D 60 61.40 -1.91 29.20
N VAL D 61 61.26 -2.98 28.42
CA VAL D 61 60.03 -3.76 28.39
C VAL D 61 60.30 -5.17 28.92
N ALA D 62 59.38 -5.68 29.71
CA ALA D 62 59.55 -6.98 30.37
C ALA D 62 58.40 -7.89 29.95
N ILE D 63 58.71 -8.87 29.08
CA ILE D 63 57.67 -9.76 28.61
C ILE D 63 57.19 -10.63 29.77
N PHE D 64 55.92 -11.00 29.74
CA PHE D 64 55.31 -11.74 30.83
C PHE D 64 54.25 -12.65 30.26
N PRO D 65 54.64 -13.84 29.78
CA PRO D 65 53.66 -14.73 29.16
C PRO D 65 52.81 -15.47 30.17
N LYS D 66 52.81 -15.00 31.42
CA LYS D 66 52.13 -15.71 32.51
C LYS D 66 50.69 -15.21 32.64
N ALA D 67 49.81 -15.76 31.83
CA ALA D 67 48.41 -15.39 31.89
C ALA D 67 47.71 -16.53 31.22
N GLN D 68 46.45 -16.76 31.57
CA GLN D 68 45.74 -17.89 31.00
C GLN D 68 44.39 -17.51 30.57
N PRO D 69 43.82 -18.30 29.65
CA PRO D 69 42.44 -18.06 29.34
C PRO D 69 41.82 -18.21 30.69
N ASP D 70 41.10 -17.23 31.23
CA ASP D 70 40.60 -17.25 32.61
C ASP D 70 41.80 -16.93 33.49
N PRO D 71 42.01 -15.66 33.79
CA PRO D 71 43.12 -15.27 34.64
C PRO D 71 42.68 -15.36 36.05
N ALA D 72 42.75 -16.52 36.64
CA ALA D 72 42.24 -16.69 37.99
C ALA D 72 43.17 -16.13 39.02
N ASP D 73 42.74 -16.15 40.28
CA ASP D 73 43.55 -15.59 41.34
C ASP D 73 44.95 -16.16 41.24
N THR D 74 45.05 -17.42 40.83
CA THR D 74 46.37 -18.03 40.64
C THR D 74 47.24 -17.17 39.73
N GLN D 75 46.83 -17.01 38.48
CA GLN D 75 47.63 -16.24 37.52
C GLN D 75 47.77 -14.79 37.96
N VAL D 76 46.69 -14.21 38.51
CA VAL D 76 46.72 -12.82 38.95
C VAL D 76 47.78 -12.61 40.01
N HIS D 77 47.67 -13.36 41.11
CA HIS D 77 48.63 -13.26 42.20
C HIS D 77 50.04 -13.56 41.72
N GLU D 78 50.18 -14.53 40.83
CA GLU D 78 51.49 -14.85 40.26
C GLU D 78 52.10 -13.63 39.58
N GLY D 79 51.29 -12.92 38.79
CA GLY D 79 51.82 -11.81 38.02
C GLY D 79 52.16 -10.61 38.89
N VAL D 80 51.36 -10.37 39.94
CA VAL D 80 51.57 -9.17 40.74
C VAL D 80 52.95 -9.19 41.38
N ASP D 81 53.44 -10.36 41.80
CA ASP D 81 54.77 -10.47 42.38
C ASP D 81 55.83 -10.07 41.36
N VAL D 82 55.78 -10.70 40.17
CA VAL D 82 56.77 -10.44 39.14
C VAL D 82 56.78 -8.97 38.75
N PHE D 83 55.61 -8.30 38.80
CA PHE D 83 55.57 -6.87 38.50
C PHE D 83 56.61 -6.11 39.30
N LYS D 84 56.45 -6.07 40.63
CA LYS D 84 57.37 -5.31 41.44
C LYS D 84 58.78 -5.92 41.43
N GLN D 85 58.90 -7.22 41.08
CA GLN D 85 60.25 -7.75 40.89
C GLN D 85 60.99 -6.96 39.83
N GLU D 86 60.27 -6.46 38.82
CA GLU D 86 60.82 -5.58 37.81
C GLU D 86 60.63 -4.10 38.13
N ASN D 87 59.95 -3.79 39.24
CA ASN D 87 59.61 -2.42 39.67
C ASN D 87 59.15 -1.57 38.48
N CYS D 88 58.00 -1.96 37.91
CA CYS D 88 57.53 -1.35 36.67
C CYS D 88 56.70 -0.11 36.95
N ASP D 89 56.68 0.81 35.99
CA ASP D 89 55.92 2.03 36.12
C ASP D 89 54.78 2.15 35.11
N SER D 90 54.74 1.30 34.09
CA SER D 90 53.64 1.30 33.13
C SER D 90 53.39 -0.12 32.63
N LEU D 91 52.12 -0.40 32.36
CA LEU D 91 51.68 -1.73 31.93
C LEU D 91 51.15 -1.65 30.51
N VAL D 92 51.79 -2.38 29.60
CA VAL D 92 51.30 -2.53 28.24
C VAL D 92 50.83 -3.96 28.11
N SER D 93 49.51 -4.15 27.93
CA SER D 93 48.91 -5.47 27.85
C SER D 93 48.59 -5.78 26.38
N ILE D 94 49.15 -6.88 25.87
CA ILE D 94 48.93 -7.31 24.50
C ILE D 94 48.21 -8.65 24.53
N GLY D 95 47.05 -8.71 23.90
CA GLY D 95 46.31 -9.96 23.82
C GLY D 95 44.82 -9.70 23.82
N GLY D 96 44.08 -10.78 24.08
CA GLY D 96 42.64 -10.71 24.20
C GLY D 96 42.23 -10.24 25.57
N GLY D 97 41.00 -10.58 25.95
CA GLY D 97 40.47 -10.11 27.21
C GLY D 97 41.32 -10.49 28.40
N SER D 98 41.82 -11.73 28.43
CA SER D 98 42.49 -12.25 29.62
C SER D 98 43.67 -11.37 30.02
N SER D 99 44.54 -11.04 29.07
CA SER D 99 45.77 -10.33 29.39
C SER D 99 45.47 -8.94 29.93
N HIS D 100 44.46 -8.27 29.38
CA HIS D 100 44.14 -6.92 29.82
C HIS D 100 43.67 -6.92 31.26
N ASP D 101 42.76 -7.84 31.61
CA ASP D 101 42.25 -7.88 32.97
C ASP D 101 43.33 -8.27 33.96
N THR D 102 44.22 -9.17 33.58
CA THR D 102 45.32 -9.49 34.47
C THR D 102 46.12 -8.25 34.75
N ALA D 103 46.57 -7.56 33.72
CA ALA D 103 47.44 -6.42 33.92
C ALA D 103 46.79 -5.35 34.73
N LYS D 104 45.50 -5.18 34.54
CA LYS D 104 44.79 -4.20 35.32
C LYS D 104 45.03 -4.50 36.78
N ALA D 105 44.66 -5.71 37.19
CA ALA D 105 44.88 -6.10 38.58
C ALA D 105 46.31 -5.93 39.01
N ILE D 106 47.22 -6.43 38.20
CA ILE D 106 48.63 -6.36 38.54
C ILE D 106 49.08 -4.98 38.98
N GLY D 107 48.74 -3.94 38.21
CA GLY D 107 49.21 -2.60 38.52
C GLY D 107 48.28 -1.84 39.39
N LEU D 108 47.15 -2.43 39.71
CA LEU D 108 46.27 -1.78 40.64
C LEU D 108 47.02 -1.99 41.92
N VAL D 109 47.36 -3.24 42.20
CA VAL D 109 48.02 -3.56 43.45
C VAL D 109 49.47 -3.12 43.46
N ALA D 110 49.70 -1.84 43.69
CA ALA D 110 51.04 -1.35 43.85
C ALA D 110 50.73 -0.76 45.19
N ALA D 111 50.05 -1.54 46.02
CA ALA D 111 49.64 -1.05 47.32
C ALA D 111 49.94 -2.11 48.35
N VAL D 122 32.47 -2.98 43.43
CA VAL D 122 32.82 -1.61 43.05
C VAL D 122 33.75 -1.01 44.12
N ASN D 123 34.83 -0.38 43.68
CA ASN D 123 35.84 0.16 44.57
C ASN D 123 36.09 1.62 44.26
N SER D 124 36.65 2.33 45.24
CA SER D 124 37.04 3.73 45.08
C SER D 124 38.55 3.86 45.05
N VAL D 125 39.23 3.18 45.98
CA VAL D 125 40.69 2.98 45.94
C VAL D 125 41.44 4.24 46.40
N GLU D 126 41.25 5.36 45.71
CA GLU D 126 41.81 6.66 46.12
C GLU D 126 43.31 6.64 46.32
N LYS D 127 44.02 5.96 45.42
CA LYS D 127 45.48 5.92 45.46
C LYS D 127 46.01 5.72 44.04
N PRO D 128 47.06 6.43 43.68
CA PRO D 128 47.50 6.46 42.27
C PRO D 128 47.92 5.08 41.77
N VAL D 129 47.47 4.76 40.57
CA VAL D 129 47.87 3.55 39.87
C VAL D 129 48.70 3.94 38.65
N VAL D 130 49.10 2.97 37.85
CA VAL D 130 50.01 3.20 36.73
C VAL D 130 49.21 3.35 35.44
N PRO D 131 49.71 4.09 34.47
CA PRO D 131 49.04 4.16 33.15
C PRO D 131 49.13 2.82 32.43
N VAL D 132 48.06 2.48 31.71
CA VAL D 132 48.00 1.19 31.01
C VAL D 132 47.61 1.41 29.56
N VAL D 133 48.31 0.71 28.67
CA VAL D 133 48.06 0.71 27.24
C VAL D 133 47.67 -0.71 26.85
N ALA D 134 46.51 -0.86 26.24
CA ALA D 134 45.95 -2.17 25.91
C ALA D 134 45.80 -2.31 24.40
N ILE D 135 46.50 -3.29 23.84
CA ILE D 135 46.40 -3.63 22.41
C ILE D 135 45.57 -4.90 22.30
N THR D 136 44.39 -4.79 21.72
CA THR D 136 43.49 -5.96 21.74
C THR D 136 43.62 -6.80 20.47
N THR D 137 43.48 -8.11 20.63
CA THR D 137 43.65 -9.01 19.49
C THR D 137 42.40 -9.80 19.23
N THR D 138 41.31 -9.43 19.87
CA THR D 138 40.05 -10.10 19.66
C THR D 138 38.99 -9.05 19.47
N ALA D 139 38.00 -9.34 18.65
CA ALA D 139 36.93 -8.39 18.40
C ALA D 139 35.75 -8.68 19.26
N GLY D 140 35.93 -8.52 20.56
CA GLY D 140 34.88 -8.75 21.51
C GLY D 140 35.48 -8.28 22.79
N THR D 141 34.96 -8.67 23.95
CA THR D 141 35.45 -8.27 25.28
C THR D 141 35.37 -6.78 25.56
N GLY D 142 36.10 -5.96 24.81
CA GLY D 142 36.02 -4.54 24.99
C GLY D 142 36.75 -4.11 26.21
N SER D 143 37.67 -4.94 26.70
CA SER D 143 38.37 -4.65 27.92
C SER D 143 39.35 -3.55 27.75
N GLU D 144 39.69 -3.25 26.52
CA GLU D 144 40.58 -2.16 26.25
C GLU D 144 39.96 -0.86 26.68
N THR D 145 38.73 -0.89 27.16
CA THR D 145 38.04 0.32 27.52
C THR D 145 37.23 0.19 28.78
N THR D 146 37.42 -0.89 29.54
CA THR D 146 36.60 -1.08 30.70
C THR D 146 37.29 -0.90 32.01
N SER D 147 36.50 -0.48 32.99
CA SER D 147 37.01 -0.25 34.31
C SER D 147 36.73 -1.47 35.15
N LEU D 148 36.59 -2.61 34.51
CA LEU D 148 36.35 -3.83 35.22
C LEU D 148 37.46 -4.82 34.96
N ALA D 149 37.70 -5.70 35.91
CA ALA D 149 38.72 -6.70 35.74
C ALA D 149 38.07 -8.04 36.02
N VAL D 150 38.06 -8.91 35.03
CA VAL D 150 37.42 -10.21 35.17
C VAL D 150 38.43 -11.19 35.77
N ILE D 151 38.23 -11.56 37.02
CA ILE D 151 39.06 -12.60 37.61
C ILE D 151 38.16 -13.69 38.21
N LYS D 157 34.64 -21.45 41.81
CA LYS D 157 34.72 -21.46 40.36
C LYS D 157 33.69 -20.51 39.76
N VAL D 158 33.77 -19.24 40.14
CA VAL D 158 32.80 -18.23 39.72
C VAL D 158 33.56 -17.09 39.05
N LYS D 159 33.23 -16.81 37.78
CA LYS D 159 33.75 -15.62 37.12
C LYS D 159 33.17 -14.38 37.78
N MET D 160 34.04 -13.54 38.33
CA MET D 160 33.64 -12.44 39.20
C MET D 160 34.19 -11.11 38.70
N PRO D 161 33.50 -10.01 39.02
CA PRO D 161 33.97 -8.69 38.60
C PRO D 161 34.74 -7.91 39.68
N VAL D 162 35.62 -7.02 39.23
CA VAL D 162 36.37 -6.11 40.09
C VAL D 162 36.39 -4.74 39.41
N ILE D 163 35.71 -3.76 40.01
CA ILE D 163 35.38 -2.50 39.35
C ILE D 163 36.04 -1.34 40.11
N ASP D 164 36.73 -0.48 39.38
CA ASP D 164 37.28 0.75 39.93
C ASP D 164 37.53 1.73 38.79
N GLU D 165 37.47 3.02 39.11
CA GLU D 165 37.65 4.04 38.08
C GLU D 165 39.08 4.02 37.53
N LYS D 166 40.08 3.84 38.41
CA LYS D 166 41.47 4.05 38.00
C LYS D 166 42.01 2.93 37.12
N ILE D 167 41.28 1.81 36.99
CA ILE D 167 41.76 0.72 36.13
C ILE D 167 41.20 0.90 34.72
N THR D 168 40.60 2.05 34.45
CA THR D 168 40.23 2.37 33.08
C THR D 168 41.50 2.64 32.29
N PRO D 169 41.69 1.99 31.14
CA PRO D 169 42.97 2.07 30.45
C PRO D 169 43.27 3.49 29.97
N THR D 170 44.55 3.83 30.00
CA THR D 170 44.96 5.16 29.57
C THR D 170 45.04 5.27 28.05
N VAL D 171 45.50 4.22 27.38
CA VAL D 171 45.51 4.21 25.92
C VAL D 171 44.93 2.89 25.43
N ALA D 172 43.96 2.97 24.52
CA ALA D 172 43.39 1.80 23.86
C ALA D 172 43.84 1.77 22.40
N ILE D 173 44.49 0.68 22.00
CA ILE D 173 44.92 0.48 20.63
C ILE D 173 44.20 -0.74 20.08
N VAL D 174 43.36 -0.51 19.07
CA VAL D 174 42.53 -1.52 18.46
C VAL D 174 43.01 -1.64 17.01
N ASP D 175 43.85 -2.61 16.73
CA ASP D 175 44.37 -2.78 15.37
C ASP D 175 43.75 -4.03 14.74
N PRO D 176 42.85 -3.89 13.76
CA PRO D 176 42.22 -5.08 13.17
C PRO D 176 43.19 -6.02 12.47
N GLU D 177 44.37 -5.54 12.04
CA GLU D 177 45.31 -6.40 11.35
C GLU D 177 45.76 -7.56 12.23
N LEU D 178 45.72 -7.37 13.56
CA LEU D 178 46.10 -8.39 14.50
C LEU D 178 45.03 -9.46 14.69
N MET D 179 43.81 -9.22 14.20
CA MET D 179 42.70 -10.14 14.37
C MET D 179 42.39 -10.97 13.13
N VAL D 180 43.15 -10.79 12.05
CA VAL D 180 42.87 -11.51 10.81
C VAL D 180 43.04 -13.01 11.00
N LYS D 181 43.99 -13.42 11.85
CA LYS D 181 44.26 -14.84 12.03
C LYS D 181 43.33 -15.50 13.03
N LYS D 182 42.44 -14.73 13.65
CA LYS D 182 41.40 -15.27 14.51
C LYS D 182 40.61 -16.33 13.75
N PRO D 183 40.61 -17.59 14.20
CA PRO D 183 39.80 -18.62 13.54
C PRO D 183 38.31 -18.27 13.56
N ALA D 184 37.55 -19.02 12.76
CA ALA D 184 36.12 -18.74 12.60
C ALA D 184 35.36 -18.83 13.92
N GLY D 185 35.63 -19.86 14.71
CA GLY D 185 34.92 -20.03 15.97
C GLY D 185 35.26 -18.93 16.96
N LEU D 186 36.54 -18.57 17.05
CA LEU D 186 36.94 -17.44 17.88
C LEU D 186 36.25 -16.17 17.42
N THR D 187 36.15 -15.98 16.11
CA THR D 187 35.46 -14.82 15.56
C THR D 187 33.99 -14.79 15.99
N ILE D 188 33.30 -15.92 15.83
CA ILE D 188 31.89 -15.99 16.22
C ILE D 188 31.73 -15.68 17.69
N ALA D 189 32.55 -16.30 18.53
CA ALA D 189 32.39 -16.13 19.97
C ALA D 189 32.66 -14.69 20.39
N THR D 190 33.76 -14.10 19.91
CA THR D 190 34.09 -12.72 20.29
C THR D 190 33.02 -11.74 19.79
N GLY D 191 32.64 -11.87 18.52
CA GLY D 191 31.62 -10.98 17.99
C GLY D 191 30.28 -11.13 18.68
N MET D 192 29.93 -12.36 19.07
CA MET D 192 28.67 -12.54 19.77
C MET D 192 28.73 -11.99 21.19
N ASP D 193 29.90 -12.03 21.82
CA ASP D 193 30.04 -11.36 23.11
C ASP D 193 29.86 -9.85 22.94
N ALA D 194 30.37 -9.30 21.85
CA ALA D 194 30.19 -7.88 21.56
C ALA D 194 28.72 -7.53 21.32
N LEU D 195 28.04 -8.37 20.53
CA LEU D 195 26.60 -8.19 20.31
C LEU D 195 25.84 -8.27 21.62
N SER D 196 26.22 -9.21 22.49
CA SER D 196 25.63 -9.34 23.82
C SER D 196 25.83 -8.06 24.62
N HIS D 197 27.04 -7.51 24.59
CA HIS D 197 27.31 -6.26 25.29
C HIS D 197 26.37 -5.16 24.82
N ALA D 198 26.26 -4.99 23.50
CA ALA D 198 25.42 -3.93 22.95
C ALA D 198 23.96 -4.12 23.35
N ILE D 199 23.45 -5.35 23.21
CA ILE D 199 22.04 -5.60 23.51
C ILE D 199 21.76 -5.39 25.00
N GLU D 200 22.64 -5.90 25.86
CA GLU D 200 22.42 -5.77 27.30
C GLU D 200 22.55 -4.31 27.74
N ALA D 201 23.47 -3.56 27.12
CA ALA D 201 23.63 -2.16 27.49
C ALA D 201 22.44 -1.32 27.02
N TYR D 202 21.78 -1.71 25.93
CA TYR D 202 20.60 -0.99 25.49
C TYR D 202 19.47 -1.14 26.51
N VAL D 203 19.22 -2.37 26.97
CA VAL D 203 18.13 -2.62 27.91
C VAL D 203 18.56 -2.49 29.37
N ALA D 204 19.80 -2.08 29.63
CA ALA D 204 20.23 -1.90 31.01
C ALA D 204 19.47 -0.76 31.67
N LYS D 205 19.52 -0.75 33.01
CA LYS D 205 18.78 0.27 33.77
C LYS D 205 19.55 1.57 33.87
N GLY D 206 20.88 1.52 33.82
CA GLY D 206 21.69 2.71 33.92
C GLY D 206 22.15 3.25 32.58
N ALA D 207 21.38 2.98 31.53
CA ALA D 207 21.75 3.42 30.19
C ALA D 207 21.45 4.91 30.04
N THR D 208 22.41 5.65 29.54
CA THR D 208 22.33 7.06 29.23
C THR D 208 22.20 7.22 27.73
N PRO D 209 21.83 8.42 27.24
CA PRO D 209 21.88 8.65 25.79
C PRO D 209 23.23 8.34 25.18
N VAL D 210 24.30 8.54 25.96
CA VAL D 210 25.65 8.26 25.45
C VAL D 210 25.86 6.76 25.28
N THR D 211 25.52 5.97 26.30
CA THR D 211 25.64 4.51 26.15
C THR D 211 24.76 4.01 25.01
N ASP D 212 23.58 4.60 24.85
CA ASP D 212 22.66 4.15 23.81
C ASP D 212 23.24 4.39 22.43
N ALA D 213 23.90 5.54 22.22
CA ALA D 213 24.48 5.84 20.91
C ALA D 213 25.41 4.72 20.46
N PHE D 214 26.39 4.39 21.30
CA PHE D 214 27.37 3.37 20.95
C PHE D 214 26.72 2.00 20.83
N ALA D 215 25.74 1.70 21.69
CA ALA D 215 25.07 0.40 21.60
C ALA D 215 24.37 0.22 20.27
N ILE D 216 23.61 1.24 19.87
CA ILE D 216 22.87 1.21 18.61
C ILE D 216 23.83 1.00 17.43
N GLN D 217 24.88 1.83 17.36
CA GLN D 217 25.75 1.75 16.20
C GLN D 217 26.52 0.44 16.18
N ALA D 218 26.92 -0.07 17.36
CA ALA D 218 27.55 -1.37 17.43
C ALA D 218 26.64 -2.46 16.90
N MET D 219 25.36 -2.41 17.25
CA MET D 219 24.45 -3.44 16.74
C MET D 219 24.32 -3.36 15.23
N LYS D 220 24.22 -2.14 14.68
CA LYS D 220 24.15 -2.01 13.23
C LYS D 220 25.38 -2.61 12.55
N LEU D 221 26.56 -2.22 13.03
CA LEU D 221 27.81 -2.70 12.47
C LEU D 221 27.91 -4.22 12.58
N ILE D 222 27.58 -4.77 13.74
CA ILE D 222 27.67 -6.21 13.94
C ILE D 222 26.74 -6.93 12.98
N ASN D 223 25.48 -6.48 12.90
CA ASN D 223 24.52 -7.12 12.01
C ASN D 223 25.05 -7.20 10.59
N GLU D 224 25.66 -6.11 10.10
CA GLU D 224 26.14 -6.21 8.72
C GLU D 224 27.43 -7.02 8.59
N TYR D 225 28.41 -6.81 9.48
CA TYR D 225 29.77 -7.24 9.21
C TYR D 225 30.23 -8.48 9.95
N LEU D 226 29.59 -8.86 11.06
CA LEU D 226 30.02 -10.06 11.77
C LEU D 226 29.91 -11.31 10.89
N PRO D 227 28.81 -11.56 10.17
CA PRO D 227 28.77 -12.74 9.28
C PRO D 227 29.87 -12.73 8.25
N LYS D 228 30.25 -11.56 7.77
CA LYS D 228 31.31 -11.47 6.76
C LYS D 228 32.64 -11.90 7.35
N ALA D 229 32.97 -11.42 8.55
CA ALA D 229 34.22 -11.82 9.19
C ALA D 229 34.20 -13.30 9.56
N VAL D 230 33.02 -13.85 9.85
CA VAL D 230 32.92 -15.29 10.07
C VAL D 230 33.26 -16.04 8.80
N ALA D 231 32.79 -15.54 7.65
CA ALA D 231 33.04 -16.22 6.38
C ALA D 231 34.47 -16.03 5.89
N ASN D 232 34.91 -14.79 5.73
CA ASN D 232 36.24 -14.52 5.19
C ASN D 232 37.02 -13.70 6.22
N GLY D 233 37.89 -14.39 6.97
CA GLY D 233 38.68 -13.73 8.00
C GLY D 233 39.67 -12.73 7.46
N GLU D 234 40.06 -12.86 6.19
CA GLU D 234 41.01 -11.93 5.59
C GLU D 234 40.37 -10.62 5.17
N ASP D 235 39.04 -10.52 5.23
CA ASP D 235 38.35 -9.28 4.88
C ASP D 235 38.67 -8.21 5.91
N ILE D 236 39.57 -7.30 5.55
CA ILE D 236 40.01 -6.28 6.50
C ILE D 236 38.90 -5.27 6.78
N GLU D 237 37.99 -5.06 5.82
CA GLU D 237 36.82 -4.23 6.06
C GLU D 237 35.98 -4.79 7.21
N ALA D 238 35.72 -6.10 7.18
CA ALA D 238 34.92 -6.72 8.22
C ALA D 238 35.62 -6.62 9.57
N ARG D 239 36.91 -6.96 9.62
CA ARG D 239 37.64 -6.94 10.88
C ARG D 239 37.67 -5.54 11.47
N GLU D 240 37.86 -4.52 10.62
CA GLU D 240 37.93 -3.15 11.09
C GLU D 240 36.57 -2.69 11.62
N LYS D 241 35.50 -2.95 10.87
CA LYS D 241 34.16 -2.60 11.33
C LYS D 241 33.83 -3.28 12.66
N MET D 242 34.24 -4.54 12.80
CA MET D 242 33.99 -5.27 14.04
C MET D 242 34.82 -4.71 15.18
N ALA D 243 36.03 -4.22 14.91
CA ALA D 243 36.80 -3.56 15.95
C ALA D 243 36.07 -2.33 16.45
N TYR D 244 35.56 -1.52 15.54
CA TYR D 244 34.76 -0.36 15.96
C TYR D 244 33.56 -0.81 16.80
N ALA D 245 32.90 -1.89 16.39
CA ALA D 245 31.73 -2.37 17.11
C ALA D 245 32.07 -2.79 18.53
N GLN D 246 33.17 -3.54 18.70
CA GLN D 246 33.56 -4.01 20.03
C GLN D 246 33.99 -2.86 20.93
N TYR D 247 34.70 -1.87 20.37
CA TYR D 247 35.06 -0.70 21.17
C TYR D 247 33.81 0.00 21.70
N MET D 248 32.87 0.29 20.79
CA MET D 248 31.66 1.00 21.19
C MET D 248 30.84 0.20 22.21
N ALA D 249 30.70 -1.11 21.98
CA ALA D 249 29.92 -1.95 22.91
C ALA D 249 30.58 -2.00 24.29
N GLY D 250 31.92 -2.11 24.33
CA GLY D 250 32.60 -2.16 25.61
C GLY D 250 32.42 -0.90 26.42
N VAL D 251 32.60 0.26 25.78
CA VAL D 251 32.37 1.52 26.48
C VAL D 251 30.90 1.63 26.93
N ALA D 252 29.98 1.14 26.09
CA ALA D 252 28.57 1.31 26.40
C ALA D 252 28.12 0.40 27.54
N PHE D 253 28.79 -0.73 27.76
CA PHE D 253 28.41 -1.51 28.93
C PHE D 253 29.20 -1.11 30.16
N ASN D 254 30.41 -0.58 30.00
CA ASN D 254 31.13 -0.11 31.17
C ASN D 254 30.42 1.06 31.84
N ASN D 255 29.78 1.90 31.06
CA ASN D 255 29.14 3.07 31.65
C ASN D 255 27.63 3.01 31.64
N GLY D 256 27.09 1.81 31.47
CA GLY D 256 25.65 1.68 31.44
C GLY D 256 25.17 0.40 32.03
N GLY D 257 25.87 -0.67 31.74
CA GLY D 257 25.51 -1.92 32.35
C GLY D 257 25.33 -3.12 31.48
N LEU D 258 25.10 -4.25 32.12
CA LEU D 258 24.87 -5.46 31.39
C LEU D 258 23.64 -6.12 31.97
N GLY D 259 23.77 -7.38 32.32
CA GLY D 259 22.64 -8.08 32.89
C GLY D 259 22.76 -9.57 33.10
N LEU D 260 21.63 -10.24 33.15
CA LEU D 260 21.60 -11.66 33.42
C LEU D 260 22.22 -12.59 32.42
N VAL D 261 22.51 -12.14 31.21
CA VAL D 261 23.19 -13.03 30.31
C VAL D 261 24.54 -13.24 30.89
N HIS D 262 25.21 -12.16 31.20
CA HIS D 262 26.56 -12.30 31.67
C HIS D 262 26.56 -12.94 33.00
N SER D 263 25.61 -12.59 33.85
CA SER D 263 25.49 -13.24 35.15
C SER D 263 25.48 -14.76 34.99
N ILE D 264 24.58 -15.28 34.16
CA ILE D 264 24.46 -16.73 33.97
C ILE D 264 25.74 -17.30 33.37
N SER D 265 26.24 -16.66 32.30
CA SER D 265 27.37 -17.24 31.59
C SER D 265 28.65 -17.18 32.40
N HIS D 266 28.78 -16.24 33.35
CA HIS D 266 29.92 -16.29 34.27
C HIS D 266 29.95 -17.62 35.02
N GLN D 267 28.82 -17.99 35.62
CA GLN D 267 28.73 -19.24 36.37
C GLN D 267 28.96 -20.44 35.46
N VAL D 268 28.27 -20.47 34.32
CA VAL D 268 28.37 -21.65 33.46
C VAL D 268 29.78 -21.79 32.91
N GLY D 269 30.41 -20.68 32.52
CA GLY D 269 31.76 -20.76 31.98
C GLY D 269 32.78 -21.16 33.01
N GLY D 270 32.68 -20.62 34.23
CA GLY D 270 33.59 -21.04 35.29
C GLY D 270 33.44 -22.51 35.63
N VAL D 271 32.20 -22.95 35.87
CA VAL D 271 31.95 -24.31 36.34
C VAL D 271 32.26 -25.33 35.26
N TYR D 272 31.78 -25.12 34.04
CA TYR D 272 31.91 -26.13 33.01
C TYR D 272 33.02 -25.83 32.00
N LYS D 273 33.81 -24.77 32.20
CA LYS D 273 34.97 -24.44 31.37
C LYS D 273 34.59 -24.34 29.89
N LEU D 274 33.68 -23.40 29.60
CA LEU D 274 33.14 -23.19 28.27
C LEU D 274 33.44 -21.78 27.79
N GLN D 275 33.25 -21.56 26.49
CA GLN D 275 33.53 -20.27 25.86
C GLN D 275 32.47 -19.24 26.21
N HIS D 276 32.94 -18.02 26.53
CA HIS D 276 32.06 -16.98 27.05
C HIS D 276 30.99 -16.60 26.05
N GLY D 277 31.38 -16.22 24.83
CA GLY D 277 30.42 -15.75 23.85
C GLY D 277 29.38 -16.79 23.51
N ILE D 278 29.79 -18.06 23.44
CA ILE D 278 28.86 -19.14 23.10
C ILE D 278 27.84 -19.34 24.21
N CYS D 279 28.27 -19.22 25.46
CA CYS D 279 27.34 -19.27 26.57
C CYS D 279 26.36 -18.10 26.51
N ASN D 280 26.88 -16.89 26.26
CA ASN D 280 26.02 -15.74 26.07
C ASN D 280 24.99 -16.01 24.98
N SER D 281 25.40 -16.73 23.93
CA SER D 281 24.51 -16.94 22.79
C SER D 281 23.44 -17.95 23.10
N VAL D 282 23.74 -18.94 23.94
CA VAL D 282 22.67 -19.84 24.38
C VAL D 282 21.75 -19.16 25.39
N ASN D 283 22.23 -18.10 26.06
CA ASN D 283 21.40 -17.38 27.03
C ASN D 283 20.44 -16.40 26.35
N MET D 284 20.99 -15.40 25.65
CA MET D 284 20.24 -14.23 25.18
C MET D 284 18.85 -14.52 24.63
N PRO D 285 18.65 -15.51 23.75
CA PRO D 285 17.28 -15.80 23.30
C PRO D 285 16.31 -16.04 24.44
N HIS D 286 16.80 -16.39 25.64
CA HIS D 286 15.93 -16.64 26.78
C HIS D 286 15.94 -15.50 27.79
N VAL D 287 17.12 -14.93 28.04
CA VAL D 287 17.21 -13.77 28.92
C VAL D 287 16.37 -12.62 28.38
N CYS D 288 16.47 -12.38 27.07
CA CYS D 288 15.70 -11.28 26.50
C CYS D 288 14.21 -11.57 26.60
N ALA D 289 13.83 -12.84 26.40
CA ALA D 289 12.43 -13.20 26.54
C ALA D 289 11.93 -12.89 27.94
N PHE D 290 12.77 -13.14 28.95
CA PHE D 290 12.41 -12.75 30.31
C PHE D 290 12.20 -11.25 30.40
N ASN D 291 13.18 -10.48 29.90
CA ASN D 291 13.16 -9.03 30.11
C ASN D 291 12.15 -8.29 29.24
N LEU D 292 11.51 -8.97 28.29
CA LEU D 292 10.64 -8.31 27.32
C LEU D 292 9.63 -7.36 27.99
N ILE D 293 9.00 -7.78 29.08
CA ILE D 293 7.94 -6.97 29.69
C ILE D 293 8.45 -5.61 30.15
N ALA D 294 9.77 -5.45 30.32
CA ALA D 294 10.31 -4.19 30.79
C ALA D 294 10.65 -3.22 29.67
N LYS D 295 11.10 -3.72 28.52
CA LYS D 295 11.66 -2.90 27.46
C LYS D 295 11.10 -3.30 26.09
N THR D 296 9.77 -3.32 25.95
CA THR D 296 9.15 -3.80 24.71
C THR D 296 9.52 -2.90 23.52
N GLU D 297 9.45 -1.58 23.70
CA GLU D 297 9.81 -0.65 22.63
C GLU D 297 11.25 -0.84 22.19
N ARG D 298 12.17 -0.90 23.16
CA ARG D 298 13.59 -1.04 22.82
C ARG D 298 13.87 -2.40 22.19
N PHE D 299 13.11 -3.42 22.52
CA PHE D 299 13.31 -4.73 21.90
C PHE D 299 12.79 -4.75 20.47
N ALA D 300 11.70 -4.03 20.18
CA ALA D 300 11.30 -3.84 18.79
C ALA D 300 12.38 -3.11 18.01
N HIS D 301 12.98 -2.08 18.61
CA HIS D 301 14.08 -1.41 17.96
C HIS D 301 15.24 -2.36 17.69
N ILE D 302 15.55 -3.23 18.66
CA ILE D 302 16.62 -4.21 18.47
C ILE D 302 16.30 -5.15 17.31
N ALA D 303 15.04 -5.56 17.19
CA ALA D 303 14.64 -6.38 16.06
C ALA D 303 14.91 -5.67 14.74
N GLU D 304 14.62 -4.36 14.69
CA GLU D 304 14.94 -3.60 13.48
C GLU D 304 16.44 -3.59 13.23
N LEU D 305 17.22 -3.41 14.30
CA LEU D 305 18.67 -3.37 14.16
C LEU D 305 19.24 -4.73 13.78
N LEU D 306 18.60 -5.82 14.19
CA LEU D 306 19.06 -7.16 13.85
C LEU D 306 18.50 -7.66 12.52
N GLY D 307 17.77 -6.81 11.78
CA GLY D 307 17.41 -7.09 10.41
C GLY D 307 15.94 -7.37 10.16
N GLU D 308 15.20 -7.82 11.17
CA GLU D 308 13.79 -8.11 11.00
C GLU D 308 13.02 -6.86 10.59
N ASN D 309 12.00 -7.03 9.75
CA ASN D 309 11.18 -5.92 9.27
C ASN D 309 9.90 -5.87 10.10
N VAL D 310 9.89 -4.99 11.10
CA VAL D 310 8.80 -4.93 12.07
C VAL D 310 7.60 -4.15 11.55
N ALA D 311 7.70 -3.57 10.36
CA ALA D 311 6.60 -2.76 9.84
C ALA D 311 5.33 -3.59 9.72
N GLY D 312 4.20 -2.96 10.03
CA GLY D 312 2.94 -3.65 10.03
C GLY D 312 2.70 -4.57 11.21
N LEU D 313 3.44 -4.38 12.30
CA LEU D 313 3.27 -5.19 13.49
C LEU D 313 3.06 -4.27 14.69
N SER D 314 2.38 -4.80 15.70
CA SER D 314 2.31 -4.13 16.99
C SER D 314 3.71 -4.06 17.60
N THR D 315 3.86 -3.22 18.63
CA THR D 315 5.12 -3.19 19.35
C THR D 315 5.44 -4.54 19.97
N ALA D 316 4.40 -5.28 20.40
CA ALA D 316 4.61 -6.58 21.00
C ALA D 316 5.12 -7.59 19.98
N ALA D 317 4.50 -7.62 18.79
CA ALA D 317 4.92 -8.58 17.77
C ALA D 317 6.37 -8.36 17.39
N ALA D 318 6.76 -7.10 17.21
CA ALA D 318 8.13 -6.76 16.81
C ALA D 318 9.12 -7.10 17.91
N ALA D 319 8.77 -6.76 19.16
CA ALA D 319 9.61 -7.11 20.29
C ALA D 319 9.85 -8.62 20.35
N GLU D 320 8.81 -9.41 20.09
CA GLU D 320 9.01 -10.84 19.98
C GLU D 320 9.95 -11.17 18.82
N ARG D 321 9.79 -10.49 17.67
CA ARG D 321 10.64 -10.73 16.50
C ARG D 321 12.11 -10.64 16.83
N ALA D 322 12.45 -9.83 17.85
CA ALA D 322 13.84 -9.71 18.29
C ALA D 322 14.46 -11.08 18.60
N ILE D 323 13.72 -11.90 19.34
CA ILE D 323 14.26 -13.22 19.72
C ILE D 323 14.43 -14.09 18.48
N VAL D 324 13.46 -14.06 17.56
CA VAL D 324 13.54 -14.84 16.33
C VAL D 324 14.79 -14.48 15.56
N ALA D 325 15.12 -13.18 15.55
CA ALA D 325 16.35 -12.72 14.93
C ALA D 325 17.56 -13.35 15.61
N LEU D 326 17.59 -13.28 16.95
CA LEU D 326 18.71 -13.85 17.68
C LEU D 326 18.87 -15.34 17.36
N GLU D 327 17.76 -16.06 17.24
CA GLU D 327 17.82 -17.49 16.93
C GLU D 327 18.34 -17.73 15.52
N ARG D 328 17.93 -16.89 14.56
CA ARG D 328 18.45 -17.00 13.20
C ARG D 328 19.96 -16.78 13.17
N ILE D 329 20.45 -15.77 13.91
CA ILE D 329 21.89 -15.53 13.99
C ILE D 329 22.59 -16.71 14.65
N ASN D 330 22.00 -17.24 15.73
CA ASN D 330 22.56 -18.39 16.42
C ASN D 330 22.72 -19.57 15.49
N LYS D 331 21.68 -19.87 14.71
CA LYS D 331 21.77 -21.00 13.81
C LYS D 331 22.79 -20.74 12.71
N SER D 332 22.78 -19.54 12.12
CA SER D 332 23.70 -19.23 11.05
C SER D 332 25.14 -19.32 11.52
N PHE D 333 25.39 -19.16 12.81
CA PHE D 333 26.76 -19.22 13.33
C PHE D 333 27.07 -20.52 14.06
N GLY D 334 26.15 -21.48 14.08
CA GLY D 334 26.44 -22.79 14.59
C GLY D 334 26.45 -22.94 16.08
N ILE D 335 25.83 -22.02 16.81
CA ILE D 335 25.80 -22.10 18.27
C ILE D 335 25.09 -23.38 18.70
N PRO D 336 25.50 -24.03 19.79
CA PRO D 336 24.77 -25.20 20.27
C PRO D 336 23.29 -24.92 20.48
N SER D 337 22.47 -25.97 20.36
CA SER D 337 21.04 -25.81 20.53
C SER D 337 20.67 -25.52 21.97
N GLY D 338 21.50 -25.94 22.92
CA GLY D 338 21.21 -25.68 24.31
C GLY D 338 22.40 -25.97 25.19
N TYR D 339 22.26 -25.54 26.45
CA TYR D 339 23.29 -25.76 27.46
C TYR D 339 23.54 -27.24 27.72
N ALA D 340 22.56 -28.10 27.43
CA ALA D 340 22.68 -29.52 27.75
C ALA D 340 23.80 -30.17 26.94
N GLU D 341 23.78 -30.00 25.62
CA GLU D 341 24.83 -30.60 24.81
C GLU D 341 26.20 -30.01 25.12
N MET D 342 26.24 -28.87 25.81
CA MET D 342 27.49 -28.30 26.28
C MET D 342 27.94 -28.88 27.61
N GLY D 343 27.20 -29.85 28.15
CA GLY D 343 27.59 -30.53 29.35
C GLY D 343 26.95 -30.04 30.62
N VAL D 344 26.03 -29.08 30.54
CA VAL D 344 25.34 -28.63 31.74
C VAL D 344 24.42 -29.74 32.25
N LYS D 345 24.42 -29.93 33.57
CA LYS D 345 23.58 -30.90 34.24
C LYS D 345 22.53 -30.17 35.07
N GLU D 346 21.30 -30.68 35.05
CA GLU D 346 20.24 -30.09 35.88
C GLU D 346 20.56 -30.16 37.37
N GLU D 347 21.59 -30.93 37.75
CA GLU D 347 21.99 -31.01 39.16
C GLU D 347 22.48 -29.67 39.68
N ASP D 348 23.21 -28.92 38.86
CA ASP D 348 23.75 -27.64 39.31
C ASP D 348 22.93 -26.44 38.85
N ILE D 349 21.78 -26.66 38.21
CA ILE D 349 20.97 -25.52 37.77
C ILE D 349 20.65 -24.61 38.94
N GLU D 350 20.33 -25.20 40.10
CA GLU D 350 19.98 -24.41 41.27
C GLU D 350 21.17 -23.58 41.77
N LEU D 351 22.32 -24.23 41.95
CA LEU D 351 23.49 -23.53 42.49
C LEU D 351 24.00 -22.48 41.52
N LEU D 352 24.02 -22.79 40.22
CA LEU D 352 24.32 -21.81 39.20
C LEU D 352 23.41 -20.59 39.33
N ALA D 353 22.10 -20.85 39.48
CA ALA D 353 21.14 -19.75 39.58
C ALA D 353 21.41 -18.87 40.79
N LYS D 354 21.75 -19.48 41.93
CA LYS D 354 22.03 -18.70 43.14
C LYS D 354 23.26 -17.82 42.94
N ASN D 355 24.38 -18.44 42.56
CA ASN D 355 25.61 -17.68 42.35
C ASN D 355 25.39 -16.58 41.33
N ALA D 356 24.56 -16.84 40.32
CA ALA D 356 24.24 -15.81 39.34
C ALA D 356 23.42 -14.69 39.97
N TYR D 357 22.45 -15.04 40.82
CA TYR D 357 21.67 -14.05 41.55
C TYR D 357 22.58 -13.07 42.26
N GLU D 358 23.73 -13.53 42.75
CA GLU D 358 24.64 -12.64 43.44
C GLU D 358 25.57 -11.84 42.51
N ASP D 359 25.52 -12.08 41.19
CA ASP D 359 26.33 -11.29 40.27
C ASP D 359 25.83 -9.85 40.24
N VAL D 360 26.78 -8.90 40.16
CA VAL D 360 26.39 -7.49 40.16
C VAL D 360 25.54 -7.16 38.95
N CYS D 361 25.74 -7.88 37.84
CA CYS D 361 25.01 -7.58 36.61
C CYS D 361 23.51 -7.78 36.76
N THR D 362 23.07 -8.62 37.70
CA THR D 362 21.64 -8.78 37.91
C THR D 362 20.99 -7.51 38.42
N GLN D 363 21.77 -6.60 39.01
CA GLN D 363 21.23 -5.29 39.37
C GLN D 363 21.05 -4.41 38.15
N SER D 364 21.83 -4.67 37.08
CA SER D 364 21.69 -3.96 35.83
C SER D 364 20.56 -4.53 34.96
N ASN D 365 20.17 -5.78 35.18
CA ASN D 365 19.14 -6.40 34.35
C ASN D 365 17.84 -5.60 34.46
N PRO D 366 17.15 -5.33 33.35
CA PRO D 366 15.99 -4.43 33.42
C PRO D 366 14.86 -4.97 34.29
N ARG D 367 14.68 -6.29 34.33
CA ARG D 367 13.63 -6.90 35.14
C ARG D 367 14.25 -7.53 36.39
N VAL D 368 13.65 -7.25 37.55
CA VAL D 368 14.16 -7.72 38.84
C VAL D 368 13.96 -9.22 38.95
N PRO D 369 15.02 -10.00 39.09
CA PRO D 369 14.87 -11.46 39.10
C PRO D 369 14.75 -12.06 40.48
N THR D 370 14.23 -13.28 40.55
CA THR D 370 14.37 -14.13 41.71
C THR D 370 15.29 -15.29 41.35
N VAL D 371 15.72 -16.03 42.37
CA VAL D 371 16.57 -17.19 42.09
C VAL D 371 15.85 -18.19 41.20
N GLN D 372 14.53 -18.34 41.40
CA GLN D 372 13.79 -19.29 40.58
C GLN D 372 13.59 -18.78 39.16
N ASP D 373 13.49 -17.45 38.99
CA ASP D 373 13.47 -16.87 37.65
C ASP D 373 14.73 -17.25 36.87
N ILE D 374 15.90 -17.10 37.50
CA ILE D 374 17.15 -17.44 36.83
C ILE D 374 17.23 -18.93 36.57
N ALA D 375 16.78 -19.74 37.53
CA ALA D 375 16.75 -21.19 37.35
C ALA D 375 15.91 -21.56 36.14
N GLN D 376 14.74 -20.94 35.99
CA GLN D 376 13.87 -21.22 34.84
C GLN D 376 14.50 -20.77 33.53
N ILE D 377 15.16 -19.60 33.53
CA ILE D 377 15.87 -19.18 32.31
C ILE D 377 16.88 -20.24 31.90
N ILE D 378 17.69 -20.71 32.87
CA ILE D 378 18.68 -21.74 32.55
C ILE D 378 17.99 -23.01 32.04
N LYS D 379 16.88 -23.39 32.67
CA LYS D 379 16.18 -24.62 32.30
C LYS D 379 15.65 -24.56 30.88
N ASN D 380 15.08 -23.42 30.48
CA ASN D 380 14.55 -23.31 29.13
C ASN D 380 15.64 -23.29 28.08
N ALA D 381 16.85 -22.91 28.46
CA ALA D 381 18.01 -22.95 27.57
C ALA D 381 18.75 -24.27 27.64
N MET D 382 18.20 -25.26 28.34
CA MET D 382 18.90 -26.53 28.49
C MET D 382 19.00 -27.25 27.16
N LEU D 383 17.86 -27.57 26.55
CA LEU D 383 17.89 -28.41 25.37
C LEU D 383 17.02 -27.92 24.21
N GLU D 384 16.30 -26.81 24.38
CA GLU D 384 15.35 -26.34 23.37
C GLU D 384 15.95 -26.30 21.98
N MET E 1 3.77 -13.98 -40.22
CA MET E 1 4.56 -14.44 -41.36
C MET E 1 3.83 -15.56 -42.11
N THR E 2 3.34 -15.22 -43.30
CA THR E 2 2.53 -16.11 -44.15
C THR E 2 1.55 -16.94 -43.31
N THR E 3 0.81 -16.25 -42.45
CA THR E 3 -0.19 -16.88 -41.60
C THR E 3 -1.57 -16.76 -42.24
N ASN E 4 -2.28 -17.87 -42.33
CA ASN E 4 -3.58 -17.91 -42.95
C ASN E 4 -4.66 -17.85 -41.89
N PHE E 5 -5.68 -17.02 -42.12
CA PHE E 5 -6.82 -16.91 -41.21
C PHE E 5 -8.08 -17.27 -41.98
N PHE E 6 -8.68 -18.41 -41.64
CA PHE E 6 -9.91 -18.87 -42.26
C PHE E 6 -11.06 -18.79 -41.25
N ILE E 7 -12.16 -18.18 -41.65
CA ILE E 7 -13.32 -18.01 -40.79
C ILE E 7 -14.55 -17.99 -41.67
N PRO E 8 -15.69 -18.52 -41.25
CA PRO E 8 -16.94 -18.34 -42.00
C PRO E 8 -17.15 -16.88 -42.38
N PRO E 9 -17.34 -16.60 -43.67
CA PRO E 9 -17.48 -15.20 -44.09
C PRO E 9 -18.71 -14.51 -43.53
N ALA E 10 -19.76 -15.27 -43.18
CA ALA E 10 -20.98 -14.72 -42.61
C ALA E 10 -21.42 -15.56 -41.41
N SER E 11 -21.71 -14.86 -40.30
CA SER E 11 -22.21 -15.48 -39.09
C SER E 11 -23.35 -14.63 -38.54
N VAL E 12 -24.39 -15.30 -38.06
CA VAL E 12 -25.54 -14.68 -37.42
C VAL E 12 -25.63 -15.26 -36.02
N ILE E 13 -25.27 -14.45 -35.03
CA ILE E 13 -25.16 -14.86 -33.63
C ILE E 13 -26.16 -14.02 -32.85
N GLY E 14 -27.29 -14.60 -32.48
CA GLY E 14 -28.31 -13.85 -31.77
C GLY E 14 -29.58 -14.65 -31.65
N ARG E 15 -30.51 -14.12 -30.86
CA ARG E 15 -31.78 -14.79 -30.62
CA ARG E 15 -31.79 -14.79 -30.61
C ARG E 15 -32.69 -14.75 -31.84
N GLY E 16 -33.11 -15.92 -32.30
CA GLY E 16 -33.92 -16.00 -33.51
C GLY E 16 -33.10 -16.09 -34.76
N ALA E 17 -31.81 -16.41 -34.66
CA ALA E 17 -30.96 -16.51 -35.84
C ALA E 17 -31.33 -17.69 -36.71
N VAL E 18 -31.93 -18.74 -36.13
CA VAL E 18 -32.32 -19.92 -36.91
C VAL E 18 -33.19 -19.50 -38.09
N LYS E 19 -34.06 -18.51 -37.88
CA LYS E 19 -34.97 -18.08 -38.94
C LYS E 19 -34.24 -17.50 -40.12
N GLU E 20 -32.95 -17.23 -40.00
CA GLU E 20 -32.24 -16.62 -41.12
C GLU E 20 -31.75 -17.64 -42.13
N VAL E 21 -31.83 -18.93 -41.80
CA VAL E 21 -31.15 -19.95 -42.61
C VAL E 21 -31.47 -19.76 -44.09
N GLY E 22 -32.75 -19.93 -44.46
CA GLY E 22 -33.13 -19.81 -45.85
C GLY E 22 -32.65 -18.52 -46.48
N THR E 23 -32.83 -17.39 -45.79
CA THR E 23 -32.39 -16.11 -46.32
C THR E 23 -30.93 -16.18 -46.74
N ARG E 24 -30.07 -16.60 -45.81
CA ARG E 24 -28.65 -16.70 -46.15
C ARG E 24 -28.42 -17.74 -47.23
N LEU E 25 -29.16 -18.85 -47.18
CA LEU E 25 -29.08 -19.84 -48.25
C LEU E 25 -29.44 -19.22 -49.59
N LYS E 26 -30.41 -18.29 -49.59
CA LYS E 26 -30.77 -17.62 -50.83
C LYS E 26 -29.62 -16.76 -51.33
N GLN E 27 -28.83 -16.19 -50.43
CA GLN E 27 -27.76 -15.28 -50.82
C GLN E 27 -26.50 -16.00 -51.27
N ILE E 28 -26.44 -17.32 -51.13
CA ILE E 28 -25.34 -18.11 -51.71
C ILE E 28 -25.73 -18.65 -53.07
N GLY E 29 -27.01 -18.62 -53.43
CA GLY E 29 -27.43 -19.13 -54.71
C GLY E 29 -27.84 -20.57 -54.63
N ALA E 30 -28.26 -21.00 -53.45
CA ALA E 30 -28.58 -22.40 -53.25
C ALA E 30 -29.93 -22.74 -53.85
N LYS E 31 -30.04 -23.95 -54.38
CA LYS E 31 -31.27 -24.46 -54.96
C LYS E 31 -31.83 -25.64 -54.18
N LYS E 32 -30.99 -26.59 -53.79
CA LYS E 32 -31.43 -27.75 -53.03
C LYS E 32 -30.43 -28.03 -51.92
N ALA E 33 -30.87 -27.90 -50.67
CA ALA E 33 -30.05 -28.15 -49.49
C ALA E 33 -30.40 -29.48 -48.87
N LEU E 34 -29.38 -30.21 -48.43
CA LEU E 34 -29.58 -31.42 -47.65
C LEU E 34 -29.35 -31.09 -46.17
N ILE E 35 -30.37 -31.33 -45.34
CA ILE E 35 -30.27 -31.13 -43.89
C ILE E 35 -29.67 -32.38 -43.28
N VAL E 36 -28.61 -32.20 -42.50
CA VAL E 36 -27.93 -33.30 -41.81
C VAL E 36 -28.07 -33.06 -40.31
N THR E 37 -28.73 -33.99 -39.62
CA THR E 37 -29.01 -33.85 -38.20
C THR E 37 -28.95 -35.24 -37.56
N ASP E 38 -29.29 -35.30 -36.28
CA ASP E 38 -29.30 -36.56 -35.55
C ASP E 38 -30.67 -37.22 -35.64
N ALA E 39 -31.14 -37.82 -34.55
CA ALA E 39 -32.48 -38.39 -34.46
C ALA E 39 -33.36 -37.64 -33.47
N PHE E 40 -32.80 -37.22 -32.35
CA PHE E 40 -33.52 -36.44 -31.36
C PHE E 40 -34.11 -35.20 -32.01
N LEU E 41 -33.24 -34.27 -32.45
CA LEU E 41 -33.67 -33.02 -33.05
C LEU E 41 -34.76 -33.23 -34.09
N HIS E 42 -34.65 -34.31 -34.86
CA HIS E 42 -35.73 -34.64 -35.80
C HIS E 42 -37.03 -34.90 -35.05
N SER E 43 -37.00 -35.76 -34.02
CA SER E 43 -38.21 -36.03 -33.26
C SER E 43 -38.75 -34.77 -32.58
N THR E 44 -37.87 -33.82 -32.25
CA THR E 44 -38.29 -32.56 -31.65
C THR E 44 -38.97 -31.64 -32.65
N GLY E 45 -38.75 -31.85 -33.95
CA GLY E 45 -39.35 -31.05 -34.99
C GLY E 45 -38.44 -30.01 -35.60
N LEU E 46 -37.28 -29.75 -35.00
CA LEU E 46 -36.39 -28.67 -35.46
C LEU E 46 -36.07 -28.80 -36.93
N SER E 47 -35.79 -30.03 -37.40
CA SER E 47 -35.47 -30.26 -38.80
C SER E 47 -36.55 -29.71 -39.72
N GLU E 48 -37.82 -29.96 -39.39
CA GLU E 48 -38.91 -29.49 -40.25
C GLU E 48 -39.14 -27.99 -40.11
N GLU E 49 -38.94 -27.42 -38.92
CA GLU E 49 -39.00 -25.97 -38.77
C GLU E 49 -38.00 -25.30 -39.71
N VAL E 50 -36.74 -25.73 -39.63
CA VAL E 50 -35.71 -25.20 -40.51
C VAL E 50 -36.08 -25.45 -41.95
N ALA E 51 -36.61 -26.63 -42.25
CA ALA E 51 -36.98 -26.98 -43.61
C ALA E 51 -38.00 -26.01 -44.18
N LYS E 52 -39.04 -25.71 -43.40
CA LYS E 52 -40.02 -24.72 -43.82
C LYS E 52 -39.34 -23.40 -44.14
N ASN E 53 -38.51 -22.90 -43.23
CA ASN E 53 -37.83 -21.62 -43.49
C ASN E 53 -37.09 -21.67 -44.82
N ILE E 54 -36.40 -22.79 -45.09
CA ILE E 54 -35.67 -22.95 -46.33
C ILE E 54 -36.64 -22.91 -47.51
N ARG E 55 -37.76 -23.62 -47.42
CA ARG E 55 -38.66 -23.76 -48.56
C ARG E 55 -39.34 -22.42 -48.88
N GLU E 56 -39.83 -21.74 -47.85
CA GLU E 56 -40.42 -20.42 -48.04
C GLU E 56 -39.47 -19.49 -48.78
N ALA E 57 -38.21 -19.46 -48.34
CA ALA E 57 -37.24 -18.57 -48.96
C ALA E 57 -36.97 -18.90 -50.42
N GLY E 58 -37.47 -20.03 -50.92
CA GLY E 58 -37.32 -20.40 -52.31
C GLY E 58 -36.40 -21.56 -52.54
N VAL E 59 -35.74 -22.07 -51.51
CA VAL E 59 -34.80 -23.17 -51.64
C VAL E 59 -35.52 -24.47 -51.31
N ASP E 60 -35.02 -25.59 -51.83
CA ASP E 60 -35.59 -26.89 -51.53
C ASP E 60 -34.69 -27.66 -50.57
N VAL E 61 -35.27 -28.63 -49.86
CA VAL E 61 -34.55 -29.28 -48.78
C VAL E 61 -34.89 -30.77 -48.74
N ALA E 62 -33.89 -31.59 -48.40
CA ALA E 62 -34.07 -32.99 -48.03
C ALA E 62 -33.42 -33.21 -46.67
N ILE E 63 -33.87 -34.23 -45.95
CA ILE E 63 -33.42 -34.46 -44.58
C ILE E 63 -32.72 -35.81 -44.48
N PHE E 64 -31.45 -35.79 -44.06
CA PHE E 64 -30.69 -37.00 -43.73
C PHE E 64 -30.44 -37.03 -42.23
N PRO E 65 -31.27 -37.73 -41.45
CA PRO E 65 -31.15 -37.67 -40.00
C PRO E 65 -30.43 -38.85 -39.36
N LYS E 66 -29.25 -39.21 -39.87
CA LYS E 66 -28.53 -40.41 -39.41
C LYS E 66 -27.18 -40.07 -38.79
N ALA E 67 -26.97 -38.80 -38.42
CA ALA E 67 -25.73 -38.43 -37.74
C ALA E 67 -25.76 -38.95 -36.30
N GLN E 68 -24.67 -39.58 -35.88
CA GLN E 68 -24.58 -40.17 -34.56
C GLN E 68 -23.47 -39.50 -33.75
N PRO E 69 -23.58 -39.49 -32.42
CA PRO E 69 -22.43 -39.06 -31.61
C PRO E 69 -21.23 -39.94 -31.88
N ASP E 70 -20.03 -39.36 -31.73
CA ASP E 70 -18.82 -39.98 -32.24
C ASP E 70 -19.01 -40.28 -33.72
N PRO E 71 -18.97 -39.27 -34.58
CA PRO E 71 -19.23 -39.50 -36.01
C PRO E 71 -18.32 -40.58 -36.57
N ALA E 72 -18.87 -41.43 -37.42
CA ALA E 72 -18.16 -42.59 -37.93
C ALA E 72 -18.22 -42.61 -39.45
N ASP E 73 -17.30 -43.38 -40.03
CA ASP E 73 -17.09 -43.39 -41.48
C ASP E 73 -18.34 -43.87 -42.23
N THR E 74 -19.04 -44.86 -41.67
CA THR E 74 -20.22 -45.46 -42.30
C THR E 74 -21.24 -44.39 -42.70
N GLN E 75 -21.72 -43.64 -41.69
CA GLN E 75 -22.73 -42.62 -41.94
C GLN E 75 -22.23 -41.55 -42.88
N VAL E 76 -20.93 -41.23 -42.83
CA VAL E 76 -20.39 -40.24 -43.76
C VAL E 76 -20.65 -40.67 -45.20
N HIS E 77 -20.14 -41.84 -45.58
CA HIS E 77 -20.32 -42.26 -46.97
C HIS E 77 -21.79 -42.46 -47.30
N GLU E 78 -22.59 -42.93 -46.33
CA GLU E 78 -24.02 -43.13 -46.56
C GLU E 78 -24.71 -41.81 -46.93
N GLY E 79 -24.47 -40.77 -46.12
CA GLY E 79 -25.02 -39.47 -46.43
C GLY E 79 -24.49 -38.90 -47.73
N VAL E 80 -23.26 -39.27 -48.11
CA VAL E 80 -22.76 -38.87 -49.42
C VAL E 80 -23.65 -39.43 -50.52
N ASP E 81 -23.99 -40.72 -50.39
CA ASP E 81 -24.91 -41.33 -51.35
C ASP E 81 -26.24 -40.57 -51.39
N VAL E 82 -26.78 -40.25 -50.22
CA VAL E 82 -28.06 -39.53 -50.19
C VAL E 82 -27.93 -38.17 -50.88
N PHE E 83 -26.82 -37.48 -50.64
CA PHE E 83 -26.54 -36.21 -51.29
C PHE E 83 -26.61 -36.36 -52.81
N LYS E 84 -25.99 -37.42 -53.33
CA LYS E 84 -25.98 -37.63 -54.78
C LYS E 84 -27.36 -37.99 -55.32
N GLN E 85 -28.09 -38.85 -54.61
CA GLN E 85 -29.41 -39.28 -55.08
C GLN E 85 -30.39 -38.10 -55.17
N GLU E 86 -30.42 -37.26 -54.13
CA GLU E 86 -31.40 -36.17 -54.08
C GLU E 86 -30.97 -34.96 -54.90
N ASN E 87 -29.78 -35.02 -55.52
CA ASN E 87 -29.24 -33.94 -56.36
C ASN E 87 -29.24 -32.61 -55.61
N CYS E 88 -28.58 -32.60 -54.46
CA CYS E 88 -28.53 -31.42 -53.60
C CYS E 88 -27.32 -30.56 -53.95
N ASP E 89 -27.49 -29.25 -53.83
CA ASP E 89 -26.39 -28.34 -54.13
C ASP E 89 -25.79 -27.69 -52.89
N SER E 90 -26.39 -27.87 -51.71
CA SER E 90 -25.81 -27.30 -50.50
C SER E 90 -26.07 -28.23 -49.33
N LEU E 91 -25.41 -27.94 -48.21
CA LEU E 91 -25.56 -28.71 -46.98
C LEU E 91 -25.92 -27.78 -45.82
N VAL E 92 -26.82 -28.24 -44.94
CA VAL E 92 -27.23 -27.52 -43.74
C VAL E 92 -27.19 -28.47 -42.56
N SER E 93 -26.32 -28.20 -41.59
CA SER E 93 -26.13 -29.08 -40.44
C SER E 93 -26.79 -28.51 -39.20
N ILE E 94 -27.62 -29.32 -38.56
CA ILE E 94 -28.37 -28.88 -37.38
C ILE E 94 -28.05 -29.83 -36.24
N GLY E 95 -27.31 -29.34 -35.26
CA GLY E 95 -27.06 -30.12 -34.06
C GLY E 95 -25.72 -29.74 -33.45
N GLY E 96 -25.16 -30.70 -32.72
CA GLY E 96 -23.83 -30.55 -32.16
C GLY E 96 -22.75 -30.74 -33.22
N GLY E 97 -21.54 -30.94 -32.73
CA GLY E 97 -20.42 -31.10 -33.65
C GLY E 97 -20.55 -32.33 -34.53
N SER E 98 -21.30 -33.33 -34.08
CA SER E 98 -21.49 -34.56 -34.85
C SER E 98 -22.12 -34.28 -36.20
N SER E 99 -23.25 -33.56 -36.21
CA SER E 99 -23.92 -33.23 -37.46
C SER E 99 -23.02 -32.39 -38.36
N HIS E 100 -22.42 -31.34 -37.79
CA HIS E 100 -21.55 -30.44 -38.55
C HIS E 100 -20.43 -31.22 -39.24
N ASP E 101 -19.68 -32.00 -38.46
CA ASP E 101 -18.52 -32.71 -38.99
C ASP E 101 -18.93 -33.74 -40.03
N THR E 102 -20.03 -34.47 -39.77
CA THR E 102 -20.51 -35.42 -40.74
C THR E 102 -20.90 -34.72 -42.04
N ALA E 103 -21.51 -33.53 -41.96
CA ALA E 103 -21.89 -32.81 -43.17
C ALA E 103 -20.67 -32.33 -43.94
N LYS E 104 -19.65 -31.84 -43.23
CA LYS E 104 -18.40 -31.45 -43.86
C LYS E 104 -17.82 -32.61 -44.65
N ALA E 105 -17.77 -33.79 -44.02
CA ALA E 105 -17.23 -34.97 -44.67
C ALA E 105 -18.09 -35.38 -45.88
N ILE E 106 -19.41 -35.26 -45.74
CA ILE E 106 -20.31 -35.53 -46.86
C ILE E 106 -19.92 -34.70 -48.07
N GLY E 107 -19.87 -33.38 -47.92
CA GLY E 107 -19.57 -32.51 -49.05
C GLY E 107 -18.17 -32.74 -49.61
N LEU E 108 -17.18 -32.90 -48.72
CA LEU E 108 -15.82 -33.18 -49.15
C LEU E 108 -15.76 -34.40 -50.05
N VAL E 109 -16.21 -35.55 -49.52
CA VAL E 109 -16.13 -36.80 -50.28
C VAL E 109 -17.04 -36.76 -51.49
N ALA E 110 -18.13 -35.99 -51.41
CA ALA E 110 -19.00 -35.81 -52.57
C ALA E 110 -18.25 -35.21 -53.73
N ALA E 111 -17.38 -34.24 -53.45
CA ALA E 111 -16.56 -33.67 -54.51
C ALA E 111 -15.41 -34.60 -54.92
N ASN E 112 -14.52 -34.93 -53.98
CA ASN E 112 -13.18 -35.39 -54.35
C ASN E 112 -12.98 -36.91 -54.31
N GLY E 113 -13.97 -37.70 -53.88
CA GLY E 113 -13.90 -39.13 -54.20
C GLY E 113 -13.95 -40.18 -53.10
N GLY E 114 -12.78 -40.60 -52.62
CA GLY E 114 -12.68 -41.78 -51.76
C GLY E 114 -13.20 -41.58 -50.35
N ARG E 115 -12.85 -42.54 -49.48
CA ARG E 115 -13.32 -42.52 -48.11
C ARG E 115 -12.73 -41.34 -47.34
N ILE E 116 -13.50 -40.83 -46.38
CA ILE E 116 -13.06 -39.69 -45.60
C ILE E 116 -11.81 -40.03 -44.78
N ASN E 117 -11.64 -41.31 -44.41
CA ASN E 117 -10.43 -41.74 -43.75
C ASN E 117 -9.19 -41.52 -44.63
N ASP E 118 -9.38 -41.42 -45.94
CA ASP E 118 -8.26 -41.10 -46.82
C ASP E 118 -7.85 -39.63 -46.70
N TYR E 119 -8.78 -38.75 -46.36
CA TYR E 119 -8.51 -37.32 -46.28
C TYR E 119 -8.04 -36.90 -44.89
N GLN E 120 -7.47 -37.82 -44.11
CA GLN E 120 -7.03 -37.50 -42.76
C GLN E 120 -5.86 -36.53 -42.81
N GLY E 121 -5.73 -35.73 -41.76
CA GLY E 121 -4.65 -34.77 -41.69
C GLY E 121 -5.03 -33.44 -42.32
N VAL E 122 -4.02 -32.76 -42.84
CA VAL E 122 -4.21 -31.48 -43.51
C VAL E 122 -4.24 -31.73 -45.01
N ASN E 123 -5.31 -31.29 -45.67
CA ASN E 123 -5.50 -31.52 -47.10
C ASN E 123 -5.64 -30.19 -47.82
N SER E 124 -5.00 -30.09 -48.98
CA SER E 124 -5.25 -29.02 -49.94
C SER E 124 -5.97 -29.66 -51.11
N VAL E 125 -7.27 -29.83 -50.97
CA VAL E 125 -8.10 -30.41 -52.01
C VAL E 125 -8.38 -29.35 -53.07
N GLU E 126 -8.51 -29.77 -54.33
CA GLU E 126 -8.57 -28.84 -55.43
C GLU E 126 -9.93 -28.75 -56.10
N LYS E 127 -10.91 -29.56 -55.68
CA LYS E 127 -12.25 -29.40 -56.25
C LYS E 127 -13.14 -28.67 -55.25
N PRO E 128 -13.82 -27.60 -55.65
CA PRO E 128 -14.58 -26.81 -54.68
C PRO E 128 -15.71 -27.63 -54.07
N VAL E 129 -15.75 -27.65 -52.74
CA VAL E 129 -16.81 -28.35 -52.01
C VAL E 129 -18.01 -27.42 -51.88
N VAL E 130 -19.18 -28.03 -51.68
CA VAL E 130 -20.45 -27.31 -51.61
C VAL E 130 -20.49 -26.41 -50.38
N PRO E 131 -21.30 -25.37 -50.38
CA PRO E 131 -21.41 -24.53 -49.17
C PRO E 131 -22.06 -25.27 -48.01
N VAL E 132 -21.55 -25.01 -46.81
CA VAL E 132 -22.10 -25.57 -45.59
C VAL E 132 -22.68 -24.44 -44.74
N VAL E 133 -23.91 -24.64 -44.28
CA VAL E 133 -24.55 -23.78 -43.31
C VAL E 133 -24.70 -24.59 -42.04
N ALA E 134 -24.16 -24.09 -40.93
CA ALA E 134 -24.12 -24.86 -39.70
C ALA E 134 -24.93 -24.13 -38.64
N ILE E 135 -25.95 -24.80 -38.11
CA ILE E 135 -26.80 -24.29 -37.03
C ILE E 135 -26.43 -25.03 -35.76
N THR E 136 -25.87 -24.31 -34.78
CA THR E 136 -25.33 -24.95 -33.57
C THR E 136 -26.38 -25.06 -32.48
N THR E 137 -26.31 -26.17 -31.72
CA THR E 137 -27.16 -26.38 -30.56
C THR E 137 -26.37 -26.59 -29.27
N THR E 138 -25.05 -26.43 -29.31
CA THR E 138 -24.21 -26.64 -28.14
C THR E 138 -23.23 -25.49 -28.00
N ALA E 139 -23.06 -25.00 -26.75
CA ALA E 139 -22.08 -23.97 -26.44
C ALA E 139 -20.69 -24.58 -26.25
N GLY E 140 -20.16 -25.11 -27.35
CA GLY E 140 -18.87 -25.76 -27.33
C GLY E 140 -18.50 -26.18 -28.73
N THR E 141 -17.56 -27.12 -28.84
CA THR E 141 -17.06 -27.64 -30.11
C THR E 141 -16.50 -26.53 -31.01
N GLY E 142 -17.30 -25.51 -31.31
CA GLY E 142 -16.87 -24.48 -32.23
C GLY E 142 -16.96 -24.87 -33.69
N SER E 143 -17.45 -26.07 -33.98
CA SER E 143 -17.34 -26.66 -35.31
C SER E 143 -17.94 -25.79 -36.41
N GLU E 144 -18.87 -24.89 -36.09
CA GLU E 144 -19.43 -24.06 -37.14
C GLU E 144 -18.47 -22.99 -37.63
N THR E 145 -17.28 -22.88 -37.04
CA THR E 145 -16.28 -21.94 -37.50
C THR E 145 -14.96 -22.61 -37.84
N THR E 146 -14.84 -23.91 -37.60
CA THR E 146 -13.58 -24.60 -37.76
C THR E 146 -13.49 -25.24 -39.14
N SER E 147 -12.26 -25.42 -39.62
CA SER E 147 -11.99 -26.14 -40.86
C SER E 147 -11.65 -27.60 -40.58
N LEU E 148 -12.23 -28.17 -39.53
CA LEU E 148 -11.89 -29.52 -39.08
C LEU E 148 -13.16 -30.33 -38.91
N ALA E 149 -13.09 -31.61 -39.28
CA ALA E 149 -14.13 -32.59 -39.01
C ALA E 149 -13.50 -33.79 -38.31
N VAL E 150 -14.07 -34.18 -37.17
CA VAL E 150 -13.58 -35.33 -36.42
C VAL E 150 -14.41 -36.53 -36.85
N ILE E 151 -13.89 -37.30 -37.78
CA ILE E 151 -14.52 -38.54 -38.19
C ILE E 151 -13.79 -39.66 -37.45
N THR E 152 -14.52 -40.40 -36.62
CA THR E 152 -13.89 -41.47 -35.87
C THR E 152 -13.75 -42.71 -36.75
N ASP E 153 -12.58 -43.34 -36.71
CA ASP E 153 -12.41 -44.66 -37.31
C ASP E 153 -12.42 -45.68 -36.19
N SER E 154 -13.52 -46.45 -36.10
CA SER E 154 -13.56 -47.54 -35.12
C SER E 154 -12.67 -48.70 -35.53
N ALA E 155 -12.38 -48.81 -36.83
CA ALA E 155 -11.42 -49.80 -37.29
C ALA E 155 -10.06 -49.61 -36.65
N ARG E 156 -9.83 -48.47 -36.01
CA ARG E 156 -8.66 -48.26 -35.18
C ARG E 156 -9.05 -47.64 -33.85
N LYS E 157 -10.35 -47.45 -33.61
CA LYS E 157 -10.87 -46.95 -32.35
C LYS E 157 -10.25 -45.60 -31.97
N VAL E 158 -10.07 -44.74 -32.97
CA VAL E 158 -9.46 -43.42 -32.75
C VAL E 158 -10.23 -42.36 -33.53
N LYS E 159 -10.53 -41.24 -32.86
CA LYS E 159 -11.16 -40.09 -33.51
C LYS E 159 -10.15 -39.42 -34.43
N MET E 160 -10.37 -39.47 -35.75
CA MET E 160 -9.37 -38.89 -36.61
C MET E 160 -9.77 -37.47 -37.02
N PRO E 161 -8.86 -36.52 -36.88
CA PRO E 161 -9.11 -35.17 -37.40
C PRO E 161 -8.84 -35.08 -38.89
N VAL E 162 -9.71 -34.35 -39.60
CA VAL E 162 -9.61 -34.12 -41.04
C VAL E 162 -9.75 -32.62 -41.28
N ILE E 163 -8.70 -32.01 -41.83
CA ILE E 163 -8.61 -30.55 -41.93
C ILE E 163 -8.45 -30.17 -43.40
N ASP E 164 -9.32 -29.30 -43.88
CA ASP E 164 -9.17 -28.67 -45.17
C ASP E 164 -9.96 -27.37 -45.15
N GLU E 165 -9.40 -26.33 -45.76
CA GLU E 165 -10.03 -25.03 -45.68
C GLU E 165 -11.40 -25.02 -46.34
N LYS E 166 -11.67 -25.96 -47.24
CA LYS E 166 -12.94 -25.94 -47.95
C LYS E 166 -14.08 -26.40 -47.07
N ILE E 167 -13.81 -27.19 -46.02
CA ILE E 167 -14.87 -27.60 -45.10
C ILE E 167 -15.11 -26.58 -43.99
N THR E 168 -14.45 -25.44 -44.04
CA THR E 168 -14.85 -24.33 -43.18
C THR E 168 -16.27 -23.92 -43.58
N PRO E 169 -17.21 -23.85 -42.64
CA PRO E 169 -18.59 -23.54 -43.00
C PRO E 169 -18.70 -22.18 -43.66
N THR E 170 -19.65 -22.08 -44.59
CA THR E 170 -19.88 -20.84 -45.30
C THR E 170 -20.85 -19.92 -44.58
N VAL E 171 -21.82 -20.48 -43.85
CA VAL E 171 -22.69 -19.66 -43.01
C VAL E 171 -22.74 -20.27 -41.62
N ALA E 172 -22.56 -19.43 -40.59
CA ALA E 172 -22.66 -19.85 -39.20
C ALA E 172 -23.93 -19.28 -38.58
N ILE E 173 -24.76 -20.14 -38.01
CA ILE E 173 -26.02 -19.77 -37.36
C ILE E 173 -25.93 -20.20 -35.91
N VAL E 174 -25.75 -19.22 -35.02
CA VAL E 174 -25.57 -19.47 -33.59
C VAL E 174 -26.76 -18.83 -32.88
N ASP E 175 -27.83 -19.61 -32.68
CA ASP E 175 -29.01 -19.12 -31.97
C ASP E 175 -29.01 -19.67 -30.55
N PRO E 176 -28.97 -18.83 -29.53
CA PRO E 176 -28.98 -19.34 -28.15
C PRO E 176 -30.28 -20.00 -27.73
N GLU E 177 -31.40 -19.69 -28.41
CA GLU E 177 -32.69 -20.25 -28.02
C GLU E 177 -32.79 -21.75 -28.27
N LEU E 178 -31.98 -22.28 -29.18
CA LEU E 178 -31.93 -23.73 -29.36
C LEU E 178 -31.09 -24.41 -28.29
N MET E 179 -30.34 -23.63 -27.51
CA MET E 179 -29.47 -24.14 -26.46
C MET E 179 -30.08 -24.04 -25.08
N VAL E 180 -31.31 -23.55 -24.97
CA VAL E 180 -31.89 -23.29 -23.64
C VAL E 180 -32.09 -24.59 -22.87
N LYS E 181 -32.66 -25.60 -23.51
CA LYS E 181 -33.04 -26.82 -22.82
C LYS E 181 -31.87 -27.77 -22.58
N LYS E 182 -30.64 -27.38 -22.93
CA LYS E 182 -29.48 -28.22 -22.64
C LYS E 182 -29.43 -28.59 -21.17
N PRO E 183 -29.46 -29.87 -20.82
CA PRO E 183 -29.32 -30.25 -19.40
C PRO E 183 -28.00 -29.77 -18.83
N ALA E 184 -27.89 -29.84 -17.50
CA ALA E 184 -26.74 -29.29 -16.80
C ALA E 184 -25.45 -29.96 -17.24
N GLY E 185 -25.45 -31.31 -17.32
CA GLY E 185 -24.24 -32.01 -17.67
C GLY E 185 -23.73 -31.65 -19.04
N LEU E 186 -24.64 -31.58 -20.02
CA LEU E 186 -24.25 -31.17 -21.38
C LEU E 186 -23.72 -29.74 -21.38
N THR E 187 -24.35 -28.85 -20.60
CA THR E 187 -23.86 -27.49 -20.47
C THR E 187 -22.43 -27.47 -19.94
N ILE E 188 -22.16 -28.24 -18.89
CA ILE E 188 -20.82 -28.28 -18.30
C ILE E 188 -19.82 -28.80 -19.33
N ALA E 189 -20.14 -29.91 -19.97
CA ALA E 189 -19.21 -30.52 -20.92
C ALA E 189 -18.88 -29.58 -22.06
N THR E 190 -19.91 -29.01 -22.70
CA THR E 190 -19.69 -28.09 -23.81
C THR E 190 -18.91 -26.86 -23.37
N GLY E 191 -19.31 -26.25 -22.25
CA GLY E 191 -18.65 -25.02 -21.82
C GLY E 191 -17.21 -25.25 -21.44
N MET E 192 -16.93 -26.36 -20.74
CA MET E 192 -15.56 -26.66 -20.36
C MET E 192 -14.72 -27.05 -21.57
N ASP E 193 -15.32 -27.65 -22.61
CA ASP E 193 -14.56 -27.88 -23.82
C ASP E 193 -14.20 -26.55 -24.48
N ALA E 194 -15.15 -25.61 -24.49
CA ALA E 194 -14.87 -24.27 -25.03
C ALA E 194 -13.76 -23.57 -24.24
N LEU E 195 -13.80 -23.70 -22.91
CA LEU E 195 -12.73 -23.18 -22.06
C LEU E 195 -11.40 -23.80 -22.44
N SER E 196 -11.39 -25.12 -22.64
CA SER E 196 -10.22 -25.81 -23.13
C SER E 196 -9.75 -25.22 -24.47
N HIS E 197 -10.68 -24.88 -25.35
CA HIS E 197 -10.32 -24.38 -26.66
C HIS E 197 -9.60 -23.04 -26.55
N ALA E 198 -10.14 -22.16 -25.73
CA ALA E 198 -9.52 -20.84 -25.53
C ALA E 198 -8.16 -20.98 -24.84
N ILE E 199 -8.07 -21.82 -23.80
CA ILE E 199 -6.84 -21.97 -23.05
C ILE E 199 -5.75 -22.62 -23.91
N GLU E 200 -6.11 -23.67 -24.67
CA GLU E 200 -5.16 -24.33 -25.56
C GLU E 200 -4.77 -23.46 -26.75
N ALA E 201 -5.66 -22.55 -27.17
CA ALA E 201 -5.33 -21.61 -28.22
C ALA E 201 -4.35 -20.54 -27.75
N TYR E 202 -4.50 -20.06 -26.52
CA TYR E 202 -3.63 -18.99 -26.03
C TYR E 202 -2.18 -19.46 -25.95
N VAL E 203 -1.96 -20.65 -25.39
CA VAL E 203 -0.61 -21.16 -25.24
C VAL E 203 -0.13 -21.93 -26.46
N ALA E 204 -0.97 -22.07 -27.49
CA ALA E 204 -0.57 -22.80 -28.68
C ALA E 204 0.64 -22.18 -29.34
N LYS E 205 1.40 -23.00 -30.06
CA LYS E 205 2.60 -22.50 -30.72
C LYS E 205 2.27 -21.55 -31.87
N GLY E 206 1.18 -21.81 -32.57
CA GLY E 206 0.86 -21.00 -33.73
C GLY E 206 -0.13 -19.89 -33.44
N ALA E 207 -0.21 -19.46 -32.19
CA ALA E 207 -1.13 -18.40 -31.83
C ALA E 207 -0.64 -17.07 -32.39
N THR E 208 -1.58 -16.26 -32.86
CA THR E 208 -1.34 -14.99 -33.51
C THR E 208 -2.12 -13.92 -32.76
N PRO E 209 -1.75 -12.64 -32.88
CA PRO E 209 -2.52 -11.57 -32.20
C PRO E 209 -4.01 -11.67 -32.41
N VAL E 210 -4.42 -12.05 -33.62
CA VAL E 210 -5.84 -12.23 -33.94
C VAL E 210 -6.45 -13.34 -33.10
N THR E 211 -5.76 -14.49 -32.99
CA THR E 211 -6.31 -15.57 -32.17
C THR E 211 -6.37 -15.16 -30.72
N ASP E 212 -5.34 -14.47 -30.23
CA ASP E 212 -5.32 -14.10 -28.81
C ASP E 212 -6.51 -13.21 -28.49
N ALA E 213 -6.91 -12.34 -29.42
CA ALA E 213 -8.10 -11.52 -29.19
C ALA E 213 -9.30 -12.36 -28.76
N PHE E 214 -9.70 -13.30 -29.63
CA PHE E 214 -10.87 -14.13 -29.40
C PHE E 214 -10.68 -15.03 -28.19
N ALA E 215 -9.46 -15.54 -28.00
CA ALA E 215 -9.18 -16.44 -26.89
C ALA E 215 -9.35 -15.73 -25.55
N ILE E 216 -8.78 -14.53 -25.43
CA ILE E 216 -8.89 -13.79 -24.18
C ILE E 216 -10.34 -13.42 -23.90
N GLN E 217 -11.06 -12.95 -24.93
CA GLN E 217 -12.44 -12.55 -24.68
C GLN E 217 -13.32 -13.74 -24.35
N ALA E 218 -13.07 -14.88 -24.98
CA ALA E 218 -13.83 -16.08 -24.65
C ALA E 218 -13.56 -16.52 -23.22
N MET E 219 -12.30 -16.43 -22.77
CA MET E 219 -11.99 -16.80 -21.38
C MET E 219 -12.71 -15.89 -20.39
N LYS E 220 -12.68 -14.57 -20.62
CA LYS E 220 -13.41 -13.64 -19.76
C LYS E 220 -14.90 -13.98 -19.69
N LEU E 221 -15.51 -14.20 -20.87
CA LEU E 221 -16.94 -14.50 -20.91
C LEU E 221 -17.27 -15.82 -20.22
N ILE E 222 -16.45 -16.85 -20.44
CA ILE E 222 -16.70 -18.15 -19.81
C ILE E 222 -16.65 -17.99 -18.29
N ASN E 223 -15.59 -17.35 -17.79
CA ASN E 223 -15.48 -17.14 -16.35
C ASN E 223 -16.70 -16.44 -15.79
N GLU E 224 -17.21 -15.42 -16.50
CA GLU E 224 -18.34 -14.68 -15.92
C GLU E 224 -19.64 -15.48 -15.97
N TYR E 225 -19.93 -16.17 -17.09
CA TYR E 225 -21.29 -16.64 -17.33
C TYR E 225 -21.49 -18.15 -17.40
N LEU E 226 -20.47 -18.96 -17.71
CA LEU E 226 -20.68 -20.41 -17.79
C LEU E 226 -21.26 -20.98 -16.50
N PRO E 227 -20.79 -20.62 -15.30
CA PRO E 227 -21.51 -21.09 -14.10
C PRO E 227 -22.95 -20.63 -14.07
N LYS E 228 -23.23 -19.45 -14.60
CA LYS E 228 -24.60 -18.94 -14.59
C LYS E 228 -25.52 -19.81 -15.44
N ALA E 229 -25.02 -20.29 -16.59
CA ALA E 229 -25.78 -21.20 -17.43
C ALA E 229 -25.88 -22.59 -16.81
N VAL E 230 -24.84 -23.04 -16.12
CA VAL E 230 -24.90 -24.33 -15.42
C VAL E 230 -25.95 -24.30 -14.32
N ALA E 231 -26.14 -23.16 -13.66
CA ALA E 231 -27.13 -23.07 -12.59
C ALA E 231 -28.55 -23.04 -13.14
N ASN E 232 -28.81 -22.14 -14.09
CA ASN E 232 -30.14 -21.96 -14.67
C ASN E 232 -29.99 -21.94 -16.18
N GLY E 233 -30.38 -23.03 -16.83
CA GLY E 233 -30.34 -23.11 -18.28
C GLY E 233 -31.37 -22.24 -18.99
N GLU E 234 -32.36 -21.71 -18.27
CA GLU E 234 -33.40 -20.87 -18.85
C GLU E 234 -33.04 -19.38 -18.81
N ASP E 235 -31.80 -19.04 -18.45
CA ASP E 235 -31.33 -17.66 -18.48
C ASP E 235 -30.75 -17.37 -19.87
N ILE E 236 -31.55 -16.70 -20.71
CA ILE E 236 -31.18 -16.51 -22.11
C ILE E 236 -29.91 -15.66 -22.24
N GLU E 237 -29.65 -14.74 -21.31
CA GLU E 237 -28.43 -13.95 -21.39
C GLU E 237 -27.19 -14.81 -21.17
N ALA E 238 -27.28 -15.75 -20.23
CA ALA E 238 -26.14 -16.64 -19.99
C ALA E 238 -25.90 -17.53 -21.20
N ARG E 239 -26.96 -18.12 -21.74
CA ARG E 239 -26.83 -18.93 -22.95
C ARG E 239 -26.22 -18.14 -24.09
N GLU E 240 -26.65 -16.87 -24.25
CA GLU E 240 -26.19 -16.05 -25.37
C GLU E 240 -24.73 -15.68 -25.21
N LYS E 241 -24.33 -15.28 -24.00
CA LYS E 241 -22.92 -15.00 -23.76
C LYS E 241 -22.06 -16.23 -24.03
N MET E 242 -22.54 -17.41 -23.64
CA MET E 242 -21.78 -18.61 -23.92
C MET E 242 -21.73 -18.89 -25.42
N ALA E 243 -22.76 -18.52 -26.16
CA ALA E 243 -22.75 -18.68 -27.61
C ALA E 243 -21.62 -17.86 -28.24
N TYR E 244 -21.55 -16.58 -27.86
CA TYR E 244 -20.44 -15.75 -28.34
C TYR E 244 -19.08 -16.34 -27.95
N ALA E 245 -18.99 -16.83 -26.70
CA ALA E 245 -17.72 -17.37 -26.22
C ALA E 245 -17.30 -18.58 -27.05
N GLN E 246 -18.23 -19.51 -27.26
CA GLN E 246 -17.93 -20.73 -27.99
C GLN E 246 -17.49 -20.42 -29.43
N TYR E 247 -18.19 -19.50 -30.09
CA TYR E 247 -17.83 -19.11 -31.45
C TYR E 247 -16.39 -18.61 -31.51
N MET E 248 -16.03 -17.73 -30.58
CA MET E 248 -14.69 -17.15 -30.59
C MET E 248 -13.62 -18.20 -30.27
N ALA E 249 -13.93 -19.13 -29.37
CA ALA E 249 -12.94 -20.16 -29.07
C ALA E 249 -12.73 -21.07 -30.26
N GLY E 250 -13.80 -21.34 -31.00
CA GLY E 250 -13.66 -22.17 -32.20
C GLY E 250 -12.73 -21.52 -33.21
N VAL E 251 -12.97 -20.24 -33.51
CA VAL E 251 -12.05 -19.52 -34.40
C VAL E 251 -10.62 -19.58 -33.86
N ALA E 252 -10.47 -19.39 -32.54
CA ALA E 252 -9.15 -19.32 -31.92
C ALA E 252 -8.36 -20.62 -32.16
N PHE E 253 -8.92 -21.74 -31.73
CA PHE E 253 -8.17 -22.98 -31.89
C PHE E 253 -8.10 -23.44 -33.34
N ASN E 254 -9.04 -23.00 -34.19
CA ASN E 254 -8.95 -23.34 -35.60
C ASN E 254 -7.73 -22.70 -36.24
N ASN E 255 -7.47 -21.42 -35.94
CA ASN E 255 -6.33 -20.75 -36.56
C ASN E 255 -5.06 -20.75 -35.72
N GLY E 256 -5.16 -20.92 -34.41
CA GLY E 256 -3.96 -20.98 -33.60
C GLY E 256 -3.50 -22.40 -33.32
N GLY E 257 -4.43 -23.26 -32.91
CA GLY E 257 -4.12 -24.65 -32.65
C GLY E 257 -4.51 -25.12 -31.25
N LEU E 258 -4.65 -26.44 -31.07
CA LEU E 258 -4.94 -27.00 -29.76
C LEU E 258 -3.69 -27.57 -29.12
N GLY E 259 -3.85 -28.65 -28.36
CA GLY E 259 -2.71 -29.21 -27.66
C GLY E 259 -3.04 -30.54 -27.02
N LEU E 260 -2.22 -30.91 -26.05
CA LEU E 260 -2.27 -32.25 -25.47
C LEU E 260 -3.56 -32.54 -24.71
N VAL E 261 -4.31 -31.52 -24.30
CA VAL E 261 -5.63 -31.75 -23.72
C VAL E 261 -6.50 -32.54 -24.70
N HIS E 262 -6.63 -32.01 -25.91
CA HIS E 262 -7.47 -32.67 -26.91
C HIS E 262 -6.81 -33.95 -27.43
N SER E 263 -5.48 -33.95 -27.57
CA SER E 263 -4.78 -35.18 -27.94
C SER E 263 -5.16 -36.33 -27.02
N ILE E 264 -5.04 -36.11 -25.70
CA ILE E 264 -5.37 -37.14 -24.74
C ILE E 264 -6.86 -37.47 -24.78
N SER E 265 -7.72 -36.44 -24.74
CA SER E 265 -9.15 -36.70 -24.66
C SER E 265 -9.66 -37.48 -25.85
N HIS E 266 -9.07 -37.28 -27.04
CA HIS E 266 -9.48 -38.07 -28.18
C HIS E 266 -9.28 -39.55 -27.92
N GLN E 267 -8.12 -39.93 -27.35
CA GLN E 267 -7.86 -41.33 -27.07
C GLN E 267 -8.77 -41.85 -25.96
N VAL E 268 -8.88 -41.10 -24.87
CA VAL E 268 -9.67 -41.60 -23.74
C VAL E 268 -11.14 -41.70 -24.10
N GLY E 269 -11.69 -40.69 -24.77
CA GLY E 269 -13.09 -40.72 -25.15
C GLY E 269 -13.40 -41.66 -26.30
N GLY E 270 -12.41 -41.93 -27.16
CA GLY E 270 -12.64 -42.91 -28.22
C GLY E 270 -12.59 -44.33 -27.69
N VAL E 271 -11.64 -44.62 -26.80
CA VAL E 271 -11.51 -45.97 -26.27
C VAL E 271 -12.63 -46.28 -25.29
N TYR E 272 -12.78 -45.44 -24.27
CA TYR E 272 -13.71 -45.73 -23.18
C TYR E 272 -15.10 -45.16 -23.40
N LYS E 273 -15.33 -44.45 -24.50
CA LYS E 273 -16.64 -43.88 -24.84
C LYS E 273 -17.17 -42.99 -23.71
N LEU E 274 -16.45 -41.89 -23.50
CA LEU E 274 -16.80 -40.87 -22.52
C LEU E 274 -16.96 -39.53 -23.23
N GLN E 275 -17.57 -38.59 -22.50
CA GLN E 275 -17.83 -37.26 -23.07
C GLN E 275 -16.54 -36.47 -23.22
N HIS E 276 -16.43 -35.76 -24.34
CA HIS E 276 -15.20 -35.04 -24.66
C HIS E 276 -14.88 -33.97 -23.63
N GLY E 277 -15.86 -33.12 -23.30
CA GLY E 277 -15.62 -32.01 -22.39
C GLY E 277 -15.11 -32.45 -21.03
N ILE E 278 -15.70 -33.51 -20.47
CA ILE E 278 -15.31 -33.94 -19.13
C ILE E 278 -13.92 -34.56 -19.14
N CYS E 279 -13.57 -35.24 -20.23
CA CYS E 279 -12.21 -35.77 -20.37
C CYS E 279 -11.20 -34.64 -20.40
N ASN E 280 -11.47 -33.62 -21.22
CA ASN E 280 -10.63 -32.42 -21.24
C ASN E 280 -10.50 -31.82 -19.84
N SER E 281 -11.62 -31.72 -19.13
CA SER E 281 -11.64 -31.09 -17.83
C SER E 281 -10.80 -31.86 -16.81
N VAL E 282 -10.76 -33.19 -16.92
CA VAL E 282 -9.94 -33.97 -16.00
C VAL E 282 -8.46 -33.86 -16.34
N ASN E 283 -8.09 -33.81 -17.63
CA ASN E 283 -6.68 -33.75 -17.94
C ASN E 283 -6.07 -32.34 -17.84
N MET E 284 -6.83 -31.28 -18.13
CA MET E 284 -6.28 -29.93 -18.27
C MET E 284 -5.32 -29.52 -17.16
N PRO E 285 -5.69 -29.60 -15.86
CA PRO E 285 -4.77 -29.17 -14.80
C PRO E 285 -3.35 -29.70 -14.98
N HIS E 286 -3.25 -30.99 -15.28
CA HIS E 286 -1.94 -31.61 -15.40
C HIS E 286 -1.24 -31.25 -16.71
N VAL E 287 -1.98 -31.20 -17.82
CA VAL E 287 -1.40 -30.79 -19.10
C VAL E 287 -0.83 -29.38 -18.99
N CYS E 288 -1.62 -28.47 -18.41
CA CYS E 288 -1.20 -27.10 -18.19
C CYS E 288 0.05 -27.05 -17.32
N ALA E 289 0.05 -27.80 -16.22
CA ALA E 289 1.23 -27.84 -15.35
C ALA E 289 2.47 -28.35 -16.10
N PHE E 290 2.28 -29.29 -17.03
CA PHE E 290 3.37 -29.72 -17.90
C PHE E 290 3.87 -28.57 -18.74
N ASN E 291 2.94 -27.77 -19.28
CA ASN E 291 3.28 -26.66 -20.19
C ASN E 291 3.80 -25.42 -19.50
N LEU E 292 3.68 -25.33 -18.17
CA LEU E 292 4.01 -24.10 -17.43
C LEU E 292 5.36 -23.51 -17.82
N ILE E 293 6.40 -24.35 -17.98
CA ILE E 293 7.72 -23.84 -18.31
C ILE E 293 7.77 -23.18 -19.69
N ALA E 294 6.82 -23.53 -20.56
CA ALA E 294 6.78 -23.02 -21.93
C ALA E 294 6.20 -21.61 -22.01
N LYS E 295 5.12 -21.35 -21.29
CA LYS E 295 4.37 -20.10 -21.40
C LYS E 295 3.97 -19.58 -20.02
N THR E 296 4.99 -19.26 -19.19
CA THR E 296 4.72 -18.81 -17.82
C THR E 296 3.90 -17.53 -17.80
N GLU E 297 4.26 -16.56 -18.64
CA GLU E 297 3.58 -15.27 -18.66
C GLU E 297 2.10 -15.43 -19.04
N ARG E 298 1.83 -16.13 -20.14
CA ARG E 298 0.45 -16.28 -20.59
C ARG E 298 -0.37 -17.10 -19.61
N PHE E 299 0.25 -18.07 -18.94
CA PHE E 299 -0.48 -18.83 -17.93
C PHE E 299 -0.83 -17.97 -16.72
N ALA E 300 0.08 -17.04 -16.33
CA ALA E 300 -0.28 -16.08 -15.30
C ALA E 300 -1.46 -15.21 -15.74
N HIS E 301 -1.46 -14.81 -17.03
CA HIS E 301 -2.61 -14.08 -17.57
C HIS E 301 -3.89 -14.91 -17.45
N ILE E 302 -3.82 -16.20 -17.77
CA ILE E 302 -4.99 -17.08 -17.65
C ILE E 302 -5.48 -17.12 -16.21
N ALA E 303 -4.53 -17.18 -15.27
CA ALA E 303 -4.90 -17.09 -13.86
C ALA E 303 -5.76 -15.87 -13.61
N GLU E 304 -5.33 -14.72 -14.13
CA GLU E 304 -6.12 -13.50 -13.91
C GLU E 304 -7.47 -13.57 -14.62
N LEU E 305 -7.48 -14.06 -15.87
CA LEU E 305 -8.71 -14.11 -16.65
C LEU E 305 -9.70 -15.12 -16.09
N LEU E 306 -9.21 -16.18 -15.44
CA LEU E 306 -10.07 -17.16 -14.80
C LEU E 306 -10.42 -16.78 -13.37
N GLY E 307 -10.23 -15.52 -13.01
CA GLY E 307 -10.78 -14.98 -11.79
C GLY E 307 -9.88 -14.95 -10.58
N GLU E 308 -8.57 -14.97 -10.75
CA GLU E 308 -7.64 -14.94 -9.64
C GLU E 308 -7.01 -13.56 -9.54
N ASN E 309 -6.79 -13.11 -8.31
CA ASN E 309 -6.11 -11.85 -8.02
C ASN E 309 -4.63 -12.16 -7.85
N VAL E 310 -3.83 -11.89 -8.88
CA VAL E 310 -2.42 -12.31 -8.87
C VAL E 310 -1.53 -11.14 -8.49
N ALA E 311 -2.12 -10.15 -7.83
CA ALA E 311 -1.35 -8.98 -7.45
C ALA E 311 -0.32 -9.33 -6.39
N GLY E 312 0.89 -8.82 -6.57
CA GLY E 312 1.95 -9.08 -5.60
C GLY E 312 2.46 -10.50 -5.62
N LEU E 313 2.42 -11.16 -6.77
CA LEU E 313 2.89 -12.52 -6.89
C LEU E 313 4.02 -12.58 -7.90
N SER E 314 4.92 -13.55 -7.73
CA SER E 314 5.88 -13.80 -8.79
C SER E 314 5.13 -14.29 -10.04
N THR E 315 5.77 -14.11 -11.20
CA THR E 315 5.16 -14.59 -12.44
C THR E 315 5.01 -16.11 -12.42
N ALA E 316 5.94 -16.83 -11.77
CA ALA E 316 5.80 -18.27 -11.61
C ALA E 316 4.68 -18.62 -10.65
N ALA E 317 4.53 -17.82 -9.57
CA ALA E 317 3.45 -18.02 -8.63
C ALA E 317 2.10 -17.79 -9.30
N ALA E 318 2.00 -16.69 -10.05
CA ALA E 318 0.76 -16.38 -10.75
C ALA E 318 0.41 -17.46 -11.76
N ALA E 319 1.42 -17.98 -12.47
CA ALA E 319 1.21 -19.10 -13.38
C ALA E 319 0.67 -20.32 -12.64
N GLU E 320 1.34 -20.71 -11.54
CA GLU E 320 0.83 -21.81 -10.73
C GLU E 320 -0.63 -21.62 -10.32
N ARG E 321 -1.03 -20.36 -10.10
CA ARG E 321 -2.42 -20.10 -9.71
C ARG E 321 -3.43 -20.52 -10.76
N ALA E 322 -3.01 -20.70 -12.02
CA ALA E 322 -3.96 -21.13 -13.06
C ALA E 322 -4.44 -22.57 -12.81
N ILE E 323 -3.57 -23.43 -12.31
CA ILE E 323 -3.98 -24.78 -11.96
C ILE E 323 -4.97 -24.76 -10.80
N VAL E 324 -4.75 -23.86 -9.84
CA VAL E 324 -5.69 -23.73 -8.72
C VAL E 324 -7.04 -23.29 -9.25
N ALA E 325 -7.06 -22.30 -10.14
CA ALA E 325 -8.31 -21.82 -10.72
C ALA E 325 -9.04 -22.95 -11.43
N LEU E 326 -8.31 -23.72 -12.25
CA LEU E 326 -8.92 -24.82 -12.97
C LEU E 326 -9.52 -25.85 -12.01
N GLU E 327 -8.78 -26.23 -10.97
CA GLU E 327 -9.28 -27.24 -10.04
C GLU E 327 -10.50 -26.74 -9.28
N ARG E 328 -10.50 -25.45 -8.95
CA ARG E 328 -11.67 -24.85 -8.31
C ARG E 328 -12.89 -24.94 -9.22
N ILE E 329 -12.72 -24.60 -10.50
CA ILE E 329 -13.82 -24.74 -11.47
C ILE E 329 -14.30 -26.19 -11.53
N ASN E 330 -13.34 -27.11 -11.66
CA ASN E 330 -13.67 -28.54 -11.75
C ASN E 330 -14.55 -28.96 -10.59
N LYS E 331 -14.12 -28.64 -9.37
CA LYS E 331 -14.92 -29.06 -8.21
C LYS E 331 -16.29 -28.37 -8.22
N SER E 332 -16.34 -27.09 -8.60
CA SER E 332 -17.62 -26.38 -8.62
C SER E 332 -18.61 -26.99 -9.59
N PHE E 333 -18.12 -27.63 -10.66
CA PHE E 333 -19.00 -28.23 -11.65
C PHE E 333 -19.16 -29.74 -11.49
N GLY E 334 -18.60 -30.32 -10.42
CA GLY E 334 -18.74 -31.75 -10.20
C GLY E 334 -17.97 -32.63 -11.16
N ILE E 335 -16.92 -32.10 -11.80
CA ILE E 335 -16.08 -32.92 -12.69
C ILE E 335 -15.53 -34.10 -11.92
N PRO E 336 -15.52 -35.32 -12.48
CA PRO E 336 -14.87 -36.45 -11.82
C PRO E 336 -13.46 -36.11 -11.34
N SER E 337 -13.13 -36.58 -10.12
CA SER E 337 -11.84 -36.26 -9.53
C SER E 337 -10.70 -36.81 -10.37
N GLY E 338 -10.89 -37.95 -11.02
CA GLY E 338 -9.82 -38.55 -11.78
C GLY E 338 -10.33 -39.39 -12.94
N TYR E 339 -9.40 -39.74 -13.83
CA TYR E 339 -9.73 -40.60 -14.95
C TYR E 339 -10.07 -42.01 -14.50
N ALA E 340 -9.54 -42.43 -13.34
CA ALA E 340 -9.75 -43.79 -12.86
C ALA E 340 -11.22 -44.10 -12.68
N GLU E 341 -11.96 -43.20 -12.02
CA GLU E 341 -13.39 -43.41 -11.82
C GLU E 341 -14.14 -43.47 -13.14
N MET E 342 -13.68 -42.75 -14.15
CA MET E 342 -14.34 -42.76 -15.44
C MET E 342 -14.17 -44.08 -16.19
N GLY E 343 -13.49 -45.05 -15.60
CA GLY E 343 -13.34 -46.36 -16.19
C GLY E 343 -12.04 -46.60 -16.93
N VAL E 344 -11.11 -45.64 -16.92
CA VAL E 344 -9.83 -45.81 -17.59
C VAL E 344 -8.98 -46.81 -16.81
N LYS E 345 -8.31 -47.69 -17.53
CA LYS E 345 -7.50 -48.74 -16.93
C LYS E 345 -6.02 -48.40 -17.10
N GLU E 346 -5.26 -48.57 -16.02
CA GLU E 346 -3.83 -48.22 -16.05
C GLU E 346 -3.11 -48.95 -17.17
N GLU E 347 -3.51 -50.19 -17.44
CA GLU E 347 -2.86 -50.99 -18.47
C GLU E 347 -2.84 -50.25 -19.80
N ASP E 348 -3.97 -49.66 -20.17
CA ASP E 348 -4.11 -49.02 -21.47
C ASP E 348 -3.36 -47.70 -21.58
N ILE E 349 -2.85 -47.17 -20.46
CA ILE E 349 -2.21 -45.85 -20.47
C ILE E 349 -1.24 -45.73 -21.64
N GLU E 350 -0.27 -46.64 -21.72
CA GLU E 350 0.74 -46.59 -22.77
C GLU E 350 0.09 -46.46 -24.15
N LEU E 351 -0.84 -47.37 -24.48
CA LEU E 351 -1.41 -47.37 -25.82
C LEU E 351 -2.18 -46.08 -26.09
N LEU E 352 -2.83 -45.53 -25.06
CA LEU E 352 -3.42 -44.21 -25.22
C LEU E 352 -2.33 -43.18 -25.45
N ALA E 353 -1.35 -43.15 -24.54
CA ALA E 353 -0.25 -42.19 -24.61
C ALA E 353 0.41 -42.23 -25.99
N LYS E 354 0.92 -43.40 -26.39
CA LYS E 354 1.55 -43.55 -27.69
C LYS E 354 0.65 -43.04 -28.81
N ASN E 355 -0.63 -43.43 -28.79
CA ASN E 355 -1.50 -43.00 -29.86
C ASN E 355 -1.69 -41.49 -29.82
N ALA E 356 -1.80 -40.92 -28.62
CA ALA E 356 -1.91 -39.48 -28.49
C ALA E 356 -0.73 -38.77 -29.16
N TYR E 357 0.44 -39.42 -29.17
CA TYR E 357 1.61 -38.81 -29.79
C TYR E 357 1.37 -38.48 -31.25
N GLU E 358 0.53 -39.26 -31.93
CA GLU E 358 0.35 -39.09 -33.37
C GLU E 358 -0.71 -38.06 -33.74
N ASP E 359 -1.47 -37.55 -32.77
CA ASP E 359 -2.46 -36.53 -33.06
C ASP E 359 -1.76 -35.23 -33.45
N VAL E 360 -2.40 -34.48 -34.36
CA VAL E 360 -1.80 -33.23 -34.82
C VAL E 360 -1.65 -32.25 -33.67
N CYS E 361 -2.50 -32.34 -32.64
CA CYS E 361 -2.47 -31.37 -31.56
C CYS E 361 -1.15 -31.41 -30.80
N THR E 362 -0.51 -32.58 -30.70
CA THR E 362 0.77 -32.62 -30.02
C THR E 362 1.80 -31.76 -30.73
N GLN E 363 1.61 -31.50 -32.02
CA GLN E 363 2.50 -30.59 -32.75
C GLN E 363 2.12 -29.12 -32.56
N SER E 364 0.97 -28.84 -31.95
CA SER E 364 0.58 -27.49 -31.57
C SER E 364 0.81 -27.21 -30.09
N ASN E 365 1.10 -28.24 -29.30
CA ASN E 365 1.30 -28.07 -27.88
C ASN E 365 2.49 -27.14 -27.65
N PRO E 366 2.44 -26.26 -26.66
CA PRO E 366 3.57 -25.34 -26.42
C PRO E 366 4.87 -26.05 -26.11
N ARG E 367 4.82 -27.18 -25.42
CA ARG E 367 6.00 -27.93 -25.01
C ARG E 367 6.10 -29.18 -25.87
N VAL E 368 7.27 -29.39 -26.48
CA VAL E 368 7.47 -30.55 -27.33
C VAL E 368 7.56 -31.81 -26.47
N PRO E 369 6.63 -32.78 -26.63
CA PRO E 369 6.52 -33.89 -25.67
C PRO E 369 7.23 -35.17 -26.11
N THR E 370 7.47 -36.06 -25.14
CA THR E 370 7.83 -37.45 -25.41
C THR E 370 6.68 -38.34 -25.00
N VAL E 371 6.62 -39.55 -25.59
CA VAL E 371 5.53 -40.46 -25.30
C VAL E 371 5.41 -40.70 -23.79
N GLN E 372 6.55 -40.75 -23.10
CA GLN E 372 6.55 -40.98 -21.66
C GLN E 372 6.14 -39.74 -20.89
N ASP E 373 6.42 -38.55 -21.42
CA ASP E 373 5.85 -37.32 -20.86
C ASP E 373 4.32 -37.39 -20.82
N ILE E 374 3.71 -37.69 -21.97
CA ILE E 374 2.27 -37.84 -22.06
C ILE E 374 1.77 -38.94 -21.13
N ALA E 375 2.54 -40.04 -21.04
CA ALA E 375 2.16 -41.13 -20.15
C ALA E 375 2.11 -40.66 -18.70
N GLN E 376 3.09 -39.85 -18.28
CA GLN E 376 3.09 -39.35 -16.91
C GLN E 376 1.92 -38.42 -16.66
N ILE E 377 1.55 -37.61 -17.67
CA ILE E 377 0.38 -36.75 -17.55
C ILE E 377 -0.88 -37.59 -17.33
N ILE E 378 -1.05 -38.63 -18.15
CA ILE E 378 -2.21 -39.49 -18.00
C ILE E 378 -2.19 -40.22 -16.65
N LYS E 379 -1.01 -40.56 -16.16
CA LYS E 379 -0.90 -41.19 -14.83
C LYS E 379 -1.38 -40.26 -13.74
N ASN E 380 -0.91 -39.00 -13.77
CA ASN E 380 -1.32 -38.03 -12.77
C ASN E 380 -2.78 -37.65 -12.86
N ALA E 381 -3.41 -37.83 -14.02
CA ALA E 381 -4.82 -37.50 -14.20
C ALA E 381 -5.75 -38.65 -13.81
N MET E 382 -5.26 -39.67 -13.11
CA MET E 382 -6.07 -40.81 -12.74
C MET E 382 -6.67 -40.69 -11.35
N LEU E 383 -5.90 -40.26 -10.37
CA LEU E 383 -6.39 -40.15 -9.01
C LEU E 383 -6.12 -38.75 -8.49
N GLU E 384 -7.16 -38.11 -7.99
CA GLU E 384 -7.09 -36.75 -7.47
C GLU E 384 -6.43 -35.79 -8.45
N THR F 2 -43.52 6.57 16.35
CA THR F 2 -44.61 6.29 15.42
C THR F 2 -44.42 7.03 14.09
N THR F 3 -44.10 6.28 13.05
CA THR F 3 -43.91 6.81 11.71
C THR F 3 -44.82 6.07 10.74
N ASN F 4 -45.40 6.82 9.80
CA ASN F 4 -46.33 6.26 8.84
C ASN F 4 -45.66 6.08 7.49
N PHE F 5 -46.02 5.00 6.80
CA PHE F 5 -45.50 4.70 5.48
C PHE F 5 -46.69 4.45 4.57
N PHE F 6 -46.90 5.35 3.61
CA PHE F 6 -48.03 5.31 2.69
C PHE F 6 -47.51 5.01 1.29
N ILE F 7 -48.03 3.94 0.68
CA ILE F 7 -47.59 3.54 -0.65
C ILE F 7 -48.80 2.96 -1.38
N PRO F 8 -48.92 3.14 -2.69
CA PRO F 8 -49.98 2.45 -3.45
C PRO F 8 -49.93 0.94 -3.21
N PRO F 9 -51.07 0.32 -2.95
CA PRO F 9 -51.06 -1.12 -2.60
C PRO F 9 -50.61 -2.03 -3.71
N ALA F 10 -50.62 -1.56 -4.96
CA ALA F 10 -50.25 -2.37 -6.12
C ALA F 10 -49.51 -1.51 -7.14
N SER F 11 -48.34 -1.97 -7.53
CA SER F 11 -47.48 -1.25 -8.47
C SER F 11 -47.01 -2.22 -9.54
N VAL F 12 -47.28 -1.89 -10.79
CA VAL F 12 -46.81 -2.66 -11.94
C VAL F 12 -45.71 -1.82 -12.59
N ILE F 13 -44.48 -2.30 -12.48
CA ILE F 13 -43.31 -1.60 -12.99
C ILE F 13 -42.62 -2.51 -13.98
N GLY F 14 -42.14 -1.92 -15.07
CA GLY F 14 -41.46 -2.67 -16.11
C GLY F 14 -42.11 -2.47 -17.47
N ARG F 15 -41.46 -3.03 -18.48
CA ARG F 15 -41.91 -2.90 -19.86
C ARG F 15 -43.24 -3.62 -20.05
N GLY F 16 -44.17 -2.94 -20.71
CA GLY F 16 -45.47 -3.50 -20.99
C GLY F 16 -46.46 -3.42 -19.85
N ALA F 17 -46.19 -2.61 -18.84
CA ALA F 17 -47.05 -2.57 -17.67
C ALA F 17 -48.42 -1.99 -17.99
N VAL F 18 -48.50 -1.10 -18.98
CA VAL F 18 -49.76 -0.47 -19.34
C VAL F 18 -50.81 -1.47 -19.78
N LYS F 19 -50.41 -2.72 -20.02
CA LYS F 19 -51.37 -3.75 -20.40
C LYS F 19 -52.20 -4.21 -19.22
N GLU F 20 -51.75 -3.99 -17.99
CA GLU F 20 -52.45 -4.49 -16.82
C GLU F 20 -53.48 -3.50 -16.27
N VAL F 21 -53.65 -2.34 -16.89
CA VAL F 21 -54.53 -1.33 -16.32
C VAL F 21 -55.88 -1.94 -15.98
N GLY F 22 -56.62 -2.39 -17.00
CA GLY F 22 -57.88 -3.07 -16.75
C GLY F 22 -57.71 -4.25 -15.82
N THR F 23 -56.67 -5.06 -16.03
CA THR F 23 -56.43 -6.20 -15.14
C THR F 23 -56.40 -5.75 -13.68
N ARG F 24 -55.62 -4.71 -13.38
CA ARG F 24 -55.59 -4.23 -12.00
C ARG F 24 -56.94 -3.69 -11.58
N LEU F 25 -57.61 -2.94 -12.49
CA LEU F 25 -58.96 -2.48 -12.22
C LEU F 25 -59.85 -3.64 -11.80
N LYS F 26 -59.64 -4.81 -12.39
CA LYS F 26 -60.49 -5.96 -12.10
C LYS F 26 -60.41 -6.35 -10.63
N GLN F 27 -59.20 -6.41 -10.08
CA GLN F 27 -59.11 -6.79 -8.67
C GLN F 27 -59.58 -5.66 -7.77
N ILE F 28 -59.63 -4.43 -8.29
CA ILE F 28 -60.24 -3.35 -7.56
C ILE F 28 -61.74 -3.55 -7.51
N GLY F 29 -62.29 -4.28 -8.47
CA GLY F 29 -63.73 -4.45 -8.56
C GLY F 29 -64.41 -3.27 -9.22
N ALA F 30 -63.66 -2.52 -10.03
CA ALA F 30 -64.21 -1.35 -10.67
C ALA F 30 -65.20 -1.73 -11.76
N LYS F 31 -66.09 -0.80 -12.07
CA LYS F 31 -67.17 -1.08 -13.02
C LYS F 31 -66.90 -0.38 -14.35
N LYS F 32 -66.94 0.95 -14.37
CA LYS F 32 -66.59 1.79 -15.50
C LYS F 32 -65.20 2.36 -15.27
N ALA F 33 -64.91 3.52 -15.86
CA ALA F 33 -63.68 4.25 -15.62
C ALA F 33 -63.77 5.59 -16.33
N LEU F 34 -63.06 6.58 -15.80
CA LEU F 34 -62.92 7.87 -16.44
C LEU F 34 -61.45 8.21 -16.53
N ILE F 35 -60.94 8.29 -17.75
CA ILE F 35 -59.51 8.47 -18.01
C ILE F 35 -59.19 9.95 -18.06
N VAL F 36 -58.42 10.44 -17.10
CA VAL F 36 -57.94 11.82 -17.11
C VAL F 36 -56.61 11.90 -17.84
N GLY F 45 -52.08 9.23 -29.28
CA GLY F 45 -53.34 8.54 -29.06
C GLY F 45 -53.27 7.37 -28.08
N LEU F 46 -52.63 7.60 -26.93
CA LEU F 46 -52.51 6.56 -25.93
C LEU F 46 -53.88 6.22 -25.33
N SER F 47 -54.72 7.23 -25.17
CA SER F 47 -55.99 7.09 -24.46
C SER F 47 -56.81 5.93 -25.01
N GLU F 48 -56.89 5.82 -26.33
CA GLU F 48 -57.79 4.85 -26.94
C GLU F 48 -57.30 3.42 -26.73
N GLU F 49 -55.99 3.19 -26.87
CA GLU F 49 -55.46 1.86 -26.64
C GLU F 49 -55.59 1.46 -25.17
N VAL F 50 -55.39 2.43 -24.28
CA VAL F 50 -55.59 2.17 -22.85
C VAL F 50 -57.03 1.73 -22.61
N ALA F 51 -57.99 2.49 -23.16
CA ALA F 51 -59.40 2.17 -22.98
C ALA F 51 -59.76 0.83 -23.61
N LYS F 52 -59.10 0.46 -24.71
CA LYS F 52 -59.34 -0.84 -25.31
C LYS F 52 -58.92 -1.95 -24.36
N ASN F 53 -57.74 -1.81 -23.74
CA ASN F 53 -57.33 -2.81 -22.76
C ASN F 53 -58.27 -2.84 -21.57
N ILE F 54 -58.76 -1.68 -21.15
CA ILE F 54 -59.72 -1.63 -20.05
C ILE F 54 -60.99 -2.39 -20.42
N ARG F 55 -61.54 -2.11 -21.61
CA ARG F 55 -62.73 -2.82 -22.06
C ARG F 55 -62.47 -4.32 -22.21
N GLU F 56 -61.23 -4.70 -22.52
CA GLU F 56 -60.89 -6.11 -22.69
C GLU F 56 -61.06 -6.91 -21.41
N ALA F 57 -61.33 -6.27 -20.28
CA ALA F 57 -61.58 -6.97 -19.04
C ALA F 57 -63.02 -6.79 -18.57
N GLY F 58 -63.88 -6.25 -19.42
CA GLY F 58 -65.26 -6.02 -19.06
C GLY F 58 -65.49 -4.75 -18.28
N VAL F 59 -64.72 -3.70 -18.57
CA VAL F 59 -64.77 -2.46 -17.81
C VAL F 59 -65.17 -1.33 -18.76
N ASP F 60 -66.31 -0.70 -18.49
CA ASP F 60 -66.76 0.44 -19.28
C ASP F 60 -65.76 1.59 -19.13
N VAL F 61 -65.75 2.49 -20.11
CA VAL F 61 -64.72 3.54 -20.17
C VAL F 61 -65.35 4.88 -20.51
N ALA F 62 -64.70 5.96 -20.04
CA ALA F 62 -64.97 7.32 -20.46
C ALA F 62 -63.64 8.06 -20.51
N ILE F 63 -63.64 9.28 -21.06
CA ILE F 63 -62.40 10.01 -21.29
C ILE F 63 -62.53 11.42 -20.74
N PHE F 64 -61.43 11.95 -20.17
CA PHE F 64 -61.35 13.34 -19.73
C PHE F 64 -60.14 13.97 -20.39
N PRO F 65 -60.29 14.50 -21.60
CA PRO F 65 -59.12 15.06 -22.30
C PRO F 65 -58.66 16.41 -21.77
N LYS F 66 -59.35 17.00 -20.81
CA LYS F 66 -58.89 18.25 -20.21
C LYS F 66 -57.75 17.94 -19.25
N ALA F 67 -56.53 18.26 -19.65
CA ALA F 67 -55.34 17.97 -18.87
C ALA F 67 -54.43 19.19 -18.87
N GLN F 68 -54.95 20.31 -18.38
CA GLN F 68 -54.20 21.55 -18.42
C GLN F 68 -52.93 21.40 -17.60
N PRO F 69 -51.78 21.81 -18.13
CA PRO F 69 -50.50 21.61 -17.43
C PRO F 69 -50.46 22.25 -16.03
N ASP F 70 -50.62 23.56 -15.94
CA ASP F 70 -50.48 24.20 -14.64
C ASP F 70 -51.83 24.29 -13.93
N PRO F 71 -51.82 24.37 -12.58
CA PRO F 71 -53.03 24.60 -11.81
C PRO F 71 -53.15 26.04 -11.31
N VAL F 76 -56.89 23.08 -13.64
CA VAL F 76 -57.12 23.91 -12.46
C VAL F 76 -58.48 23.52 -11.87
N HIS F 77 -59.10 24.39 -11.04
CA HIS F 77 -60.35 24.02 -10.39
C HIS F 77 -61.49 23.80 -11.39
N GLU F 78 -61.53 24.57 -12.47
CA GLU F 78 -62.58 24.37 -13.48
C GLU F 78 -62.53 22.95 -14.01
N GLY F 79 -61.33 22.43 -14.26
CA GLY F 79 -61.21 21.08 -14.79
C GLY F 79 -61.67 20.04 -13.79
N VAL F 80 -61.42 20.28 -12.51
CA VAL F 80 -61.86 19.37 -11.46
C VAL F 80 -63.39 19.26 -11.47
N ASP F 81 -64.07 20.41 -11.48
CA ASP F 81 -65.53 20.37 -11.47
C ASP F 81 -66.08 19.79 -12.77
N VAL F 82 -65.42 20.09 -13.90
CA VAL F 82 -65.81 19.49 -15.18
C VAL F 82 -65.79 17.98 -15.06
N PHE F 83 -64.66 17.42 -14.59
CA PHE F 83 -64.60 15.97 -14.38
C PHE F 83 -65.73 15.49 -13.49
N LYS F 84 -65.99 16.20 -12.38
CA LYS F 84 -67.04 15.78 -11.48
C LYS F 84 -68.36 15.59 -12.23
N GLN F 85 -68.67 16.50 -13.16
CA GLN F 85 -69.93 16.41 -13.88
C GLN F 85 -70.08 15.05 -14.57
N GLU F 86 -69.07 14.60 -15.31
CA GLU F 86 -69.08 13.23 -15.85
C GLU F 86 -68.66 12.31 -14.71
N ASN F 87 -69.60 12.01 -13.83
CA ASN F 87 -69.28 11.19 -12.67
C ASN F 87 -69.05 9.75 -13.11
N CYS F 88 -68.13 9.07 -12.41
CA CYS F 88 -67.81 7.68 -12.74
C CYS F 88 -67.24 6.99 -11.51
N ASP F 89 -67.20 5.66 -11.57
CA ASP F 89 -66.84 4.81 -10.43
C ASP F 89 -65.34 4.76 -10.14
N SER F 90 -64.50 5.03 -11.15
CA SER F 90 -63.06 4.85 -11.00
C SER F 90 -62.33 5.78 -11.96
N LEU F 91 -61.05 6.02 -11.68
CA LEU F 91 -60.26 6.98 -12.44
C LEU F 91 -58.96 6.36 -12.95
N VAL F 92 -58.57 6.77 -14.15
CA VAL F 92 -57.30 6.41 -14.74
C VAL F 92 -56.63 7.70 -15.19
N SER F 93 -55.37 7.88 -14.84
CA SER F 93 -54.67 9.12 -15.13
C SER F 93 -53.38 8.83 -15.88
N ILE F 94 -53.20 9.48 -17.02
CA ILE F 94 -52.06 9.22 -17.92
C ILE F 94 -51.29 10.52 -18.12
N GLY F 95 -50.00 10.49 -17.85
CA GLY F 95 -49.16 11.62 -18.16
C GLY F 95 -48.14 11.87 -17.06
N GLY F 96 -47.61 13.09 -17.05
CA GLY F 96 -46.73 13.54 -16.00
C GLY F 96 -47.52 13.97 -14.77
N GLY F 97 -46.85 14.74 -13.91
CA GLY F 97 -47.46 15.13 -12.65
C GLY F 97 -48.80 15.84 -12.79
N SER F 98 -48.97 16.62 -13.87
CA SER F 98 -50.15 17.46 -14.02
C SER F 98 -51.43 16.63 -14.05
N SER F 99 -51.49 15.63 -14.93
CA SER F 99 -52.70 14.82 -15.07
C SER F 99 -53.02 14.08 -13.78
N HIS F 100 -52.00 13.56 -13.11
CA HIS F 100 -52.22 12.85 -11.86
C HIS F 100 -52.80 13.79 -10.81
N ASP F 101 -52.18 14.95 -10.62
CA ASP F 101 -52.67 15.91 -9.64
C ASP F 101 -54.10 16.34 -9.97
N THR F 102 -54.40 16.53 -11.25
CA THR F 102 -55.73 16.95 -11.63
C THR F 102 -56.76 15.88 -11.29
N ALA F 103 -56.43 14.62 -11.55
CA ALA F 103 -57.36 13.54 -11.25
C ALA F 103 -57.38 13.17 -9.77
N LYS F 104 -56.47 13.73 -8.97
CA LYS F 104 -56.44 13.42 -7.55
C LYS F 104 -57.79 13.72 -6.89
N ALA F 105 -58.48 14.75 -7.38
CA ALA F 105 -59.81 15.16 -6.89
C ALA F 105 -60.67 14.00 -6.40
N VAL F 129 -63.70 5.73 -1.11
CA VAL F 129 -62.58 6.33 -1.81
C VAL F 129 -62.53 5.78 -3.21
N VAL F 130 -62.80 6.64 -4.18
CA VAL F 130 -62.72 6.24 -5.59
C VAL F 130 -61.27 5.87 -5.93
N PRO F 131 -61.05 4.78 -6.64
CA PRO F 131 -59.68 4.35 -6.95
C PRO F 131 -59.05 5.16 -8.07
N VAL F 132 -57.77 5.50 -7.87
CA VAL F 132 -56.99 6.24 -8.86
C VAL F 132 -55.87 5.34 -9.39
N VAL F 133 -55.78 5.27 -10.72
CA VAL F 133 -54.77 4.49 -11.41
C VAL F 133 -53.87 5.48 -12.14
N ALA F 134 -52.58 5.46 -11.84
CA ALA F 134 -51.67 6.48 -12.34
C ALA F 134 -50.65 5.85 -13.29
N ILE F 135 -50.69 6.28 -14.55
CA ILE F 135 -49.76 5.82 -15.58
C ILE F 135 -48.77 6.95 -15.82
N THR F 136 -47.49 6.73 -15.49
CA THR F 136 -46.51 7.80 -15.63
C THR F 136 -45.78 7.71 -16.98
N THR F 137 -45.58 8.87 -17.60
CA THR F 137 -44.88 8.98 -18.87
C THR F 137 -43.52 9.66 -18.76
N THR F 138 -43.11 10.03 -17.56
CA THR F 138 -41.84 10.68 -17.33
C THR F 138 -41.15 10.00 -16.19
N ALA F 139 -39.84 9.97 -16.20
CA ALA F 139 -39.08 9.36 -15.12
C ALA F 139 -38.65 10.40 -14.14
N GLY F 140 -39.63 11.08 -13.56
CA GLY F 140 -39.36 12.08 -12.55
C GLY F 140 -40.70 12.29 -11.94
N THR F 141 -40.86 13.28 -11.07
CA THR F 141 -42.11 13.59 -10.37
C THR F 141 -42.54 12.58 -9.33
N GLY F 142 -42.66 11.32 -9.71
CA GLY F 142 -43.07 10.29 -8.78
C GLY F 142 -44.46 10.46 -8.26
N SER F 143 -45.25 11.30 -8.92
CA SER F 143 -46.56 11.60 -8.46
C SER F 143 -47.46 10.41 -8.50
N GLU F 144 -47.05 9.37 -9.20
CA GLU F 144 -47.89 8.18 -9.16
C GLU F 144 -47.87 7.47 -7.82
N THR F 145 -47.05 7.94 -6.87
CA THR F 145 -46.86 7.28 -5.58
C THR F 145 -46.93 8.27 -4.42
N THR F 146 -47.61 9.39 -4.60
CA THR F 146 -47.58 10.45 -3.59
C THR F 146 -48.98 10.71 -3.04
N SER F 147 -48.99 11.35 -1.87
CA SER F 147 -50.21 11.79 -1.21
C SER F 147 -50.39 13.31 -1.31
N LEU F 148 -49.81 13.91 -2.34
CA LEU F 148 -49.77 15.36 -2.50
C LEU F 148 -50.31 15.75 -3.88
N ALA F 149 -51.01 16.87 -3.93
CA ALA F 149 -51.51 17.39 -5.21
C ALA F 149 -51.10 18.85 -5.43
N ILE F 163 -52.90 17.21 -0.08
CA ILE F 163 -52.03 16.67 0.95
C ILE F 163 -52.85 15.81 1.88
N ASP F 164 -53.10 14.57 1.47
CA ASP F 164 -53.87 13.65 2.29
C ASP F 164 -53.58 12.22 1.84
N GLU F 165 -53.54 11.30 2.80
CA GLU F 165 -53.15 9.93 2.47
C GLU F 165 -54.19 9.22 1.61
N LYS F 166 -55.42 9.73 1.55
CA LYS F 166 -56.45 9.10 0.74
C LYS F 166 -56.33 9.39 -0.74
N ILE F 167 -55.49 10.36 -1.12
CA ILE F 167 -55.24 10.66 -2.53
C ILE F 167 -54.02 9.92 -3.06
N THR F 168 -53.36 9.13 -2.23
CA THR F 168 -52.33 8.23 -2.74
C THR F 168 -52.97 7.24 -3.70
N PRO F 169 -52.42 7.07 -4.91
CA PRO F 169 -53.11 6.24 -5.91
C PRO F 169 -53.30 4.80 -5.48
N THR F 170 -54.37 4.19 -5.98
CA THR F 170 -54.64 2.79 -5.71
C THR F 170 -53.78 1.87 -6.57
N VAL F 171 -53.39 2.30 -7.78
CA VAL F 171 -52.50 1.49 -8.61
C VAL F 171 -51.49 2.40 -9.30
N ALA F 172 -50.23 1.96 -9.34
CA ALA F 172 -49.16 2.70 -10.01
C ALA F 172 -48.63 1.90 -11.18
N ILE F 173 -48.72 2.47 -12.39
CA ILE F 173 -48.27 1.82 -13.63
C ILE F 173 -47.12 2.62 -14.22
N VAL F 174 -45.93 2.00 -14.23
CA VAL F 174 -44.71 2.61 -14.74
C VAL F 174 -44.23 1.76 -15.91
N ASP F 175 -44.46 2.24 -17.13
CA ASP F 175 -44.01 1.55 -18.34
C ASP F 175 -42.87 2.32 -18.97
N PRO F 176 -41.64 1.77 -18.98
CA PRO F 176 -40.54 2.47 -19.68
C PRO F 176 -40.78 2.63 -21.16
N GLU F 177 -41.60 1.76 -21.76
CA GLU F 177 -41.88 1.88 -23.20
C GLU F 177 -42.59 3.19 -23.52
N LEU F 178 -43.33 3.74 -22.56
CA LEU F 178 -44.00 5.02 -22.74
C LEU F 178 -43.05 6.21 -22.58
N MET F 179 -41.79 5.97 -22.25
CA MET F 179 -40.83 7.04 -22.00
C MET F 179 -39.72 7.10 -23.03
N VAL F 180 -39.71 6.18 -24.00
CA VAL F 180 -38.63 6.14 -24.98
C VAL F 180 -38.58 7.43 -25.80
N LYS F 181 -39.73 7.93 -26.20
CA LYS F 181 -39.79 9.11 -27.05
C LYS F 181 -39.62 10.40 -26.28
N LYS F 182 -39.21 10.32 -25.02
CA LYS F 182 -38.89 11.52 -24.25
C LYS F 182 -37.64 12.18 -24.83
N PRO F 183 -37.69 13.43 -25.27
CA PRO F 183 -36.49 14.10 -25.78
C PRO F 183 -35.49 14.35 -24.67
N ALA F 184 -34.24 14.63 -25.09
CA ALA F 184 -33.13 14.71 -24.14
C ALA F 184 -33.36 15.75 -23.06
N GLY F 185 -33.97 16.89 -23.42
CA GLY F 185 -34.26 17.90 -22.40
C GLY F 185 -35.21 17.38 -21.34
N LEU F 186 -36.29 16.73 -21.78
CA LEU F 186 -37.25 16.16 -20.83
C LEU F 186 -36.58 15.08 -19.98
N THR F 187 -35.73 14.27 -20.59
CA THR F 187 -35.01 13.24 -19.84
C THR F 187 -34.13 13.87 -18.76
N ILE F 188 -33.36 14.90 -19.13
CA ILE F 188 -32.44 15.52 -18.19
C ILE F 188 -33.21 16.14 -17.03
N ALA F 189 -34.21 16.96 -17.35
CA ALA F 189 -35.02 17.60 -16.31
C ALA F 189 -35.65 16.56 -15.37
N THR F 190 -36.34 15.57 -15.94
CA THR F 190 -37.07 14.61 -15.12
C THR F 190 -36.14 13.74 -14.27
N GLY F 191 -35.05 13.25 -14.86
CA GLY F 191 -34.13 12.44 -14.09
C GLY F 191 -33.41 13.23 -13.01
N MET F 192 -33.03 14.48 -13.32
CA MET F 192 -32.40 15.31 -12.31
C MET F 192 -33.37 15.67 -11.19
N ASP F 193 -34.67 15.81 -11.51
CA ASP F 193 -35.65 15.97 -10.43
C ASP F 193 -35.72 14.71 -9.57
N ALA F 194 -35.64 13.54 -10.19
CA ALA F 194 -35.63 12.31 -9.40
C ALA F 194 -34.41 12.24 -8.49
N LEU F 195 -33.23 12.59 -9.01
CA LEU F 195 -32.02 12.67 -8.20
C LEU F 195 -32.21 13.65 -7.05
N SER F 196 -32.81 14.80 -7.34
CA SER F 196 -33.13 15.77 -6.29
C SER F 196 -33.96 15.13 -5.20
N HIS F 197 -34.99 14.38 -5.60
CA HIS F 197 -35.87 13.72 -4.63
C HIS F 197 -35.06 12.78 -3.74
N ALA F 198 -34.25 11.93 -4.35
CA ALA F 198 -33.48 10.94 -3.58
C ALA F 198 -32.53 11.62 -2.60
N ILE F 199 -31.78 12.61 -3.09
CA ILE F 199 -30.81 13.31 -2.25
C ILE F 199 -31.51 14.02 -1.10
N GLU F 200 -32.59 14.75 -1.39
CA GLU F 200 -33.28 15.51 -0.35
C GLU F 200 -33.88 14.58 0.70
N ALA F 201 -34.39 13.42 0.26
CA ALA F 201 -34.99 12.52 1.24
C ALA F 201 -33.93 11.84 2.11
N TYR F 202 -32.73 11.58 1.57
CA TYR F 202 -31.72 10.90 2.38
C TYR F 202 -31.23 11.76 3.54
N VAL F 203 -31.08 13.07 3.31
CA VAL F 203 -30.69 13.99 4.37
C VAL F 203 -31.88 14.63 5.08
N ALA F 204 -33.11 14.22 4.73
CA ALA F 204 -34.30 14.85 5.31
C ALA F 204 -34.43 14.51 6.79
N LYS F 205 -35.23 15.31 7.50
CA LYS F 205 -35.41 15.09 8.94
C LYS F 205 -36.29 13.87 9.22
N GLY F 206 -37.29 13.62 8.38
CA GLY F 206 -38.24 12.55 8.65
C GLY F 206 -37.89 11.21 8.04
N ALA F 207 -36.62 11.06 7.66
CA ALA F 207 -36.20 9.82 6.99
C ALA F 207 -36.27 8.64 7.94
N THR F 208 -36.68 7.49 7.40
CA THR F 208 -36.68 6.21 8.08
C THR F 208 -35.74 5.27 7.35
N PRO F 209 -35.36 4.15 7.96
CA PRO F 209 -34.61 3.14 7.19
C PRO F 209 -35.35 2.68 5.95
N VAL F 210 -36.69 2.68 6.00
CA VAL F 210 -37.48 2.31 4.83
C VAL F 210 -37.25 3.31 3.70
N THR F 211 -37.36 4.60 3.98
CA THR F 211 -37.15 5.59 2.94
C THR F 211 -35.70 5.60 2.48
N ASP F 212 -34.77 5.41 3.40
CA ASP F 212 -33.35 5.46 3.06
C ASP F 212 -32.99 4.35 2.09
N ALA F 213 -33.63 3.18 2.24
CA ALA F 213 -33.42 2.08 1.30
C ALA F 213 -33.66 2.54 -0.13
N PHE F 214 -34.88 3.02 -0.37
CA PHE F 214 -35.27 3.40 -1.72
C PHE F 214 -34.42 4.55 -2.23
N ALA F 215 -34.09 5.51 -1.35
CA ALA F 215 -33.30 6.66 -1.80
C ALA F 215 -31.89 6.27 -2.19
N ILE F 216 -31.26 5.38 -1.43
CA ILE F 216 -29.92 4.92 -1.77
C ILE F 216 -29.95 4.21 -3.13
N GLN F 217 -30.94 3.33 -3.32
CA GLN F 217 -30.96 2.58 -4.58
C GLN F 217 -31.30 3.47 -5.76
N ALA F 218 -32.17 4.46 -5.56
CA ALA F 218 -32.43 5.45 -6.59
C ALA F 218 -31.15 6.16 -6.99
N MET F 219 -30.36 6.59 -6.00
CA MET F 219 -29.12 7.30 -6.31
C MET F 219 -28.17 6.42 -7.09
N LYS F 220 -28.02 5.15 -6.70
CA LYS F 220 -27.16 4.22 -7.44
C LYS F 220 -27.60 4.10 -8.90
N LEU F 221 -28.89 3.79 -9.08
CA LEU F 221 -29.43 3.57 -10.42
C LEU F 221 -29.28 4.82 -11.28
N ILE F 222 -29.56 5.98 -10.71
CA ILE F 222 -29.43 7.23 -11.46
C ILE F 222 -27.98 7.45 -11.86
N ASN F 223 -27.05 7.32 -10.91
CA ASN F 223 -25.63 7.50 -11.22
C ASN F 223 -25.24 6.66 -12.43
N GLU F 224 -25.65 5.40 -12.44
CA GLU F 224 -25.18 4.57 -13.55
C GLU F 224 -25.95 4.85 -14.86
N TYR F 225 -27.26 5.01 -14.79
CA TYR F 225 -28.09 4.88 -15.99
C TYR F 225 -28.73 6.17 -16.49
N LEU F 226 -28.81 7.23 -15.69
CA LEU F 226 -29.40 8.46 -16.20
C LEU F 226 -28.58 9.05 -17.35
N PRO F 227 -27.24 9.13 -17.28
CA PRO F 227 -26.49 9.55 -18.48
C PRO F 227 -26.71 8.63 -19.67
N LYS F 228 -26.96 7.34 -19.45
CA LYS F 228 -27.20 6.45 -20.57
C LYS F 228 -28.52 6.77 -21.26
N ALA F 229 -29.56 7.09 -20.49
CA ALA F 229 -30.83 7.48 -21.08
C ALA F 229 -30.74 8.86 -21.74
N VAL F 230 -29.93 9.76 -21.19
CA VAL F 230 -29.73 11.06 -21.83
C VAL F 230 -29.01 10.90 -23.16
N ALA F 231 -28.09 9.94 -23.25
CA ALA F 231 -27.32 9.78 -24.48
C ALA F 231 -28.17 9.14 -25.58
N ASN F 232 -28.78 7.99 -25.30
CA ASN F 232 -29.60 7.27 -26.26
C ASN F 232 -30.93 6.92 -25.59
N GLY F 233 -31.96 7.70 -25.85
CA GLY F 233 -33.28 7.44 -25.26
C GLY F 233 -33.94 6.17 -25.73
N GLU F 234 -33.45 5.55 -26.82
CA GLU F 234 -33.97 4.30 -27.35
C GLU F 234 -33.41 3.08 -26.62
N ASP F 235 -32.54 3.28 -25.64
CA ASP F 235 -32.07 2.21 -24.75
C ASP F 235 -33.16 1.89 -23.74
N ILE F 236 -33.76 0.70 -23.85
CA ILE F 236 -34.85 0.35 -22.94
C ILE F 236 -34.32 0.01 -21.55
N GLU F 237 -33.11 -0.52 -21.44
CA GLU F 237 -32.55 -0.83 -20.13
C GLU F 237 -32.41 0.42 -19.29
N ALA F 238 -31.86 1.49 -19.89
CA ALA F 238 -31.68 2.75 -19.19
C ALA F 238 -33.00 3.32 -18.72
N ARG F 239 -33.99 3.38 -19.62
CA ARG F 239 -35.31 3.92 -19.28
C ARG F 239 -36.01 3.06 -18.22
N GLU F 240 -35.82 1.74 -18.25
CA GLU F 240 -36.43 0.88 -17.23
C GLU F 240 -35.80 1.10 -15.86
N LYS F 241 -34.46 1.18 -15.82
CA LYS F 241 -33.78 1.48 -14.57
C LYS F 241 -34.21 2.83 -14.04
N MET F 242 -34.35 3.82 -14.93
CA MET F 242 -34.79 5.14 -14.50
C MET F 242 -36.23 5.10 -14.00
N ALA F 243 -37.05 4.22 -14.57
CA ALA F 243 -38.42 4.06 -14.09
C ALA F 243 -38.41 3.58 -12.64
N TYR F 244 -37.67 2.50 -12.38
CA TYR F 244 -37.58 1.98 -11.01
C TYR F 244 -37.03 3.05 -10.06
N ALA F 245 -36.03 3.81 -10.50
CA ALA F 245 -35.40 4.81 -9.65
C ALA F 245 -36.35 5.95 -9.32
N GLN F 246 -37.11 6.41 -10.31
CA GLN F 246 -38.14 7.42 -10.09
C GLN F 246 -39.17 6.95 -9.09
N TYR F 247 -39.62 5.70 -9.22
CA TYR F 247 -40.62 5.16 -8.29
C TYR F 247 -40.08 5.15 -6.86
N MET F 248 -38.86 4.65 -6.69
CA MET F 248 -38.28 4.55 -5.36
C MET F 248 -38.02 5.94 -4.77
N ALA F 249 -37.43 6.83 -5.55
CA ALA F 249 -37.20 8.19 -5.08
C ALA F 249 -38.51 8.86 -4.69
N GLY F 250 -39.57 8.60 -5.46
CA GLY F 250 -40.85 9.24 -5.17
C GLY F 250 -41.43 8.77 -3.85
N VAL F 251 -41.47 7.45 -3.63
CA VAL F 251 -41.94 6.92 -2.35
C VAL F 251 -41.10 7.51 -1.22
N ALA F 252 -39.79 7.61 -1.45
CA ALA F 252 -38.87 8.12 -0.44
C ALA F 252 -39.16 9.56 -0.07
N PHE F 253 -39.39 10.43 -1.07
CA PHE F 253 -39.63 11.82 -0.69
C PHE F 253 -41.05 12.02 -0.17
N ASN F 254 -42.00 11.15 -0.55
CA ASN F 254 -43.33 11.29 0.02
C ASN F 254 -43.30 10.97 1.51
N ASN F 255 -42.56 9.95 1.91
CA ASN F 255 -42.60 9.60 3.32
C ASN F 255 -41.54 10.29 4.16
N GLY F 256 -40.35 10.51 3.61
CA GLY F 256 -39.25 11.07 4.39
C GLY F 256 -39.15 12.58 4.34
N GLY F 257 -39.54 13.18 3.23
CA GLY F 257 -39.58 14.62 3.09
C GLY F 257 -38.56 15.13 2.08
N LEU F 258 -38.69 16.43 1.78
CA LEU F 258 -37.81 17.09 0.84
C LEU F 258 -36.94 18.13 1.54
N GLY F 259 -36.71 19.28 0.91
CA GLY F 259 -35.85 20.28 1.52
C GLY F 259 -35.77 21.55 0.71
N LEU F 260 -34.72 22.33 0.98
CA LEU F 260 -34.65 23.70 0.47
C LEU F 260 -34.53 23.77 -1.04
N VAL F 261 -34.05 22.71 -1.69
CA VAL F 261 -34.01 22.69 -3.16
C VAL F 261 -35.40 22.93 -3.72
N HIS F 262 -36.37 22.14 -3.27
CA HIS F 262 -37.74 22.29 -3.76
C HIS F 262 -38.38 23.57 -3.23
N SER F 263 -38.07 23.97 -2.00
CA SER F 263 -38.58 25.24 -1.49
C SER F 263 -38.24 26.38 -2.45
N ILE F 264 -36.96 26.45 -2.85
CA ILE F 264 -36.50 27.52 -3.72
C ILE F 264 -37.09 27.37 -5.13
N SER F 265 -37.02 26.15 -5.70
CA SER F 265 -37.43 26.00 -7.08
C SER F 265 -38.93 26.11 -7.28
N HIS F 266 -39.73 25.88 -6.24
CA HIS F 266 -41.15 26.13 -6.38
C HIS F 266 -41.41 27.59 -6.70
N GLN F 267 -40.76 28.49 -5.95
CA GLN F 267 -40.89 29.92 -6.22
C GLN F 267 -40.28 30.30 -7.56
N VAL F 268 -39.08 29.81 -7.85
CA VAL F 268 -38.41 30.23 -9.08
C VAL F 268 -39.21 29.79 -10.30
N GLY F 269 -39.67 28.53 -10.30
CA GLY F 269 -40.45 28.04 -11.43
C GLY F 269 -41.83 28.66 -11.48
N GLY F 270 -42.42 29.00 -10.33
CA GLY F 270 -43.70 29.67 -10.36
C GLY F 270 -43.61 31.06 -10.94
N VAL F 271 -42.69 31.87 -10.45
CA VAL F 271 -42.57 33.24 -10.91
C VAL F 271 -42.09 33.34 -12.33
N TYR F 272 -40.99 32.70 -12.65
CA TYR F 272 -40.41 32.86 -13.97
C TYR F 272 -40.73 31.80 -14.97
N LYS F 273 -41.67 30.92 -14.64
CA LYS F 273 -42.08 29.86 -15.56
C LYS F 273 -40.96 29.06 -16.17
N LEU F 274 -40.31 28.25 -15.36
CA LEU F 274 -39.20 27.46 -15.83
C LEU F 274 -39.36 26.00 -15.50
N GLN F 275 -38.37 25.19 -15.81
CA GLN F 275 -38.46 23.75 -15.58
C GLN F 275 -38.03 23.30 -14.20
N HIS F 276 -38.87 22.54 -13.52
CA HIS F 276 -38.63 22.12 -12.14
C HIS F 276 -37.28 21.43 -11.99
N GLY F 277 -37.02 20.41 -12.81
CA GLY F 277 -35.77 19.67 -12.70
C GLY F 277 -34.55 20.56 -12.88
N ILE F 278 -34.61 21.49 -13.84
CA ILE F 278 -33.44 22.30 -14.12
C ILE F 278 -33.18 23.27 -12.98
N CYS F 279 -34.23 23.86 -12.41
CA CYS F 279 -34.08 24.77 -11.28
C CYS F 279 -33.49 24.05 -10.08
N ASN F 280 -33.99 22.83 -9.81
CA ASN F 280 -33.43 22.00 -8.76
C ASN F 280 -31.95 21.75 -9.00
N SER F 281 -31.60 21.38 -10.22
CA SER F 281 -30.21 21.09 -10.53
C SER F 281 -29.32 22.31 -10.29
N VAL F 282 -29.84 23.52 -10.52
CA VAL F 282 -29.02 24.71 -10.36
C VAL F 282 -28.77 25.01 -8.89
N ASN F 283 -29.80 24.92 -8.05
CA ASN F 283 -29.52 25.31 -6.66
C ASN F 283 -29.04 24.15 -5.78
N MET F 284 -29.15 22.90 -6.23
CA MET F 284 -28.74 21.78 -5.40
C MET F 284 -27.30 21.82 -4.96
N PRO F 285 -26.31 22.15 -5.80
CA PRO F 285 -24.95 22.29 -5.26
C PRO F 285 -24.88 23.23 -4.05
N HIS F 286 -25.47 24.42 -4.14
CA HIS F 286 -25.33 25.40 -3.07
C HIS F 286 -26.19 25.05 -1.87
N VAL F 287 -27.39 24.50 -2.12
CA VAL F 287 -28.22 24.03 -1.01
C VAL F 287 -27.50 22.92 -0.24
N CYS F 288 -26.96 21.94 -0.96
CA CYS F 288 -26.26 20.87 -0.26
C CYS F 288 -25.09 21.42 0.52
N ALA F 289 -24.35 22.36 -0.09
CA ALA F 289 -23.24 22.99 0.60
C ALA F 289 -23.69 23.64 1.90
N PHE F 290 -24.83 24.31 1.87
CA PHE F 290 -25.39 24.93 3.07
C PHE F 290 -25.74 23.88 4.12
N ASN F 291 -26.26 22.72 3.69
CA ASN F 291 -26.69 21.67 4.60
C ASN F 291 -25.56 20.76 5.08
N LEU F 292 -24.35 20.92 4.54
CA LEU F 292 -23.26 19.98 4.83
C LEU F 292 -23.05 19.73 6.32
N ILE F 293 -23.01 20.79 7.15
CA ILE F 293 -22.73 20.61 8.57
C ILE F 293 -23.79 19.77 9.28
N ALA F 294 -24.99 19.68 8.70
CA ALA F 294 -26.07 18.93 9.32
C ALA F 294 -25.84 17.42 9.21
N LYS F 295 -25.62 16.92 7.99
CA LYS F 295 -25.49 15.48 7.73
C LYS F 295 -24.21 15.21 6.93
N THR F 296 -23.06 15.48 7.56
CA THR F 296 -21.78 15.34 6.88
C THR F 296 -21.52 13.89 6.47
N GLU F 297 -21.80 12.95 7.37
CA GLU F 297 -21.59 11.52 7.07
C GLU F 297 -22.38 11.10 5.82
N ARG F 298 -23.67 11.40 5.81
CA ARG F 298 -24.50 10.98 4.69
C ARG F 298 -24.13 11.71 3.40
N PHE F 299 -23.60 12.93 3.49
CA PHE F 299 -23.12 13.57 2.26
C PHE F 299 -21.86 12.92 1.74
N ALA F 300 -21.01 12.40 2.63
CA ALA F 300 -19.89 11.59 2.15
C ALA F 300 -20.40 10.32 1.47
N HIS F 301 -21.41 9.69 2.06
CA HIS F 301 -22.04 8.54 1.42
C HIS F 301 -22.58 8.91 0.03
N ILE F 302 -23.23 10.07 -0.08
CA ILE F 302 -23.79 10.54 -1.34
C ILE F 302 -22.69 10.77 -2.36
N ALA F 303 -21.56 11.32 -1.93
CA ALA F 303 -20.40 11.45 -2.81
C ALA F 303 -20.03 10.09 -3.38
N GLU F 304 -20.01 9.06 -2.53
CA GLU F 304 -19.71 7.71 -3.03
C GLU F 304 -20.76 7.25 -4.03
N LEU F 305 -22.04 7.49 -3.72
CA LEU F 305 -23.13 7.02 -4.57
C LEU F 305 -23.16 7.73 -5.91
N LEU F 306 -22.65 8.96 -5.99
CA LEU F 306 -22.57 9.71 -7.23
C LEU F 306 -21.25 9.51 -7.96
N GLY F 307 -20.52 8.45 -7.64
CA GLY F 307 -19.38 8.04 -8.44
C GLY F 307 -18.05 8.64 -8.07
N GLU F 308 -17.84 8.95 -6.80
CA GLU F 308 -16.59 9.54 -6.33
C GLU F 308 -15.87 8.54 -5.45
N ASN F 309 -14.54 8.59 -5.47
CA ASN F 309 -13.71 7.79 -4.58
C ASN F 309 -13.28 8.67 -3.41
N VAL F 310 -14.00 8.54 -2.30
CA VAL F 310 -13.67 9.25 -1.06
C VAL F 310 -12.72 8.46 -0.19
N ALA F 311 -12.16 7.35 -0.68
CA ALA F 311 -11.24 6.56 0.12
C ALA F 311 -9.99 7.37 0.45
N GLY F 312 -9.48 7.18 1.68
CA GLY F 312 -8.35 7.95 2.15
C GLY F 312 -8.65 9.40 2.41
N LEU F 313 -9.92 9.77 2.50
CA LEU F 313 -10.34 11.15 2.70
C LEU F 313 -11.07 11.27 4.02
N SER F 314 -10.84 12.39 4.69
CA SER F 314 -11.60 12.74 5.88
C SER F 314 -13.09 12.80 5.55
N THR F 315 -13.91 12.69 6.59
CA THR F 315 -15.35 12.81 6.38
C THR F 315 -15.72 14.20 5.87
N ALA F 316 -14.93 15.22 6.25
CA ALA F 316 -15.12 16.56 5.69
C ALA F 316 -14.81 16.60 4.19
N ALA F 317 -13.62 16.12 3.82
CA ALA F 317 -13.25 16.12 2.39
C ALA F 317 -14.22 15.28 1.58
N ALA F 318 -14.58 14.12 2.12
CA ALA F 318 -15.53 13.26 1.43
C ALA F 318 -16.87 13.96 1.26
N ALA F 319 -17.31 14.73 2.26
CA ALA F 319 -18.55 15.48 2.12
C ALA F 319 -18.45 16.52 1.02
N GLU F 320 -17.33 17.23 0.94
CA GLU F 320 -17.15 18.24 -0.11
C GLU F 320 -17.15 17.60 -1.51
N ARG F 321 -16.66 16.37 -1.60
CA ARG F 321 -16.70 15.67 -2.88
C ARG F 321 -18.13 15.48 -3.40
N ALA F 322 -19.14 15.63 -2.53
CA ALA F 322 -20.52 15.57 -3.00
C ALA F 322 -20.86 16.76 -3.87
N ILE F 323 -20.49 17.96 -3.42
CA ILE F 323 -20.67 19.13 -4.26
C ILE F 323 -19.89 18.97 -5.55
N VAL F 324 -18.67 18.44 -5.45
CA VAL F 324 -17.84 18.25 -6.65
C VAL F 324 -18.57 17.35 -7.66
N ALA F 325 -19.19 16.27 -7.18
CA ALA F 325 -19.89 15.35 -8.06
C ALA F 325 -21.12 16.00 -8.68
N LEU F 326 -21.91 16.72 -7.87
CA LEU F 326 -23.10 17.36 -8.41
C LEU F 326 -22.74 18.38 -9.49
N GLU F 327 -21.66 19.13 -9.27
CA GLU F 327 -21.23 20.09 -10.29
C GLU F 327 -20.74 19.39 -11.56
N ARG F 328 -20.03 18.27 -11.41
CA ARG F 328 -19.64 17.48 -12.58
C ARG F 328 -20.88 17.06 -13.37
N ILE F 329 -21.87 16.49 -12.68
CA ILE F 329 -23.08 16.03 -13.36
C ILE F 329 -23.78 17.19 -14.05
N ASN F 330 -23.86 18.33 -13.37
CA ASN F 330 -24.47 19.52 -13.96
C ASN F 330 -23.78 19.91 -15.26
N LYS F 331 -22.45 19.85 -15.28
CA LYS F 331 -21.73 20.23 -16.49
C LYS F 331 -21.86 19.18 -17.59
N SER F 332 -22.02 17.90 -17.22
CA SER F 332 -22.13 16.89 -18.26
C SER F 332 -23.47 16.96 -18.98
N PHE F 333 -24.52 17.46 -18.30
CA PHE F 333 -25.86 17.51 -18.85
C PHE F 333 -26.24 18.89 -19.38
N GLY F 334 -25.29 19.83 -19.40
CA GLY F 334 -25.56 21.15 -19.95
C GLY F 334 -26.46 22.02 -19.11
N ILE F 335 -26.46 21.82 -17.79
CA ILE F 335 -27.30 22.65 -16.92
C ILE F 335 -26.84 24.10 -17.02
N PRO F 336 -27.75 25.08 -17.02
CA PRO F 336 -27.33 26.49 -16.99
C PRO F 336 -26.45 26.77 -15.78
N SER F 337 -25.49 27.68 -15.99
CA SER F 337 -24.52 27.96 -14.93
C SER F 337 -25.15 28.64 -13.73
N GLY F 338 -26.20 29.44 -13.94
CA GLY F 338 -26.84 30.10 -12.82
C GLY F 338 -28.25 30.51 -13.20
N TYR F 339 -29.00 30.95 -12.19
CA TYR F 339 -30.38 31.38 -12.41
C TYR F 339 -30.43 32.62 -13.28
N ALA F 340 -29.36 33.41 -13.28
CA ALA F 340 -29.34 34.64 -14.06
C ALA F 340 -29.45 34.36 -15.55
N GLU F 341 -28.79 33.31 -16.04
CA GLU F 341 -28.94 32.94 -17.45
C GLU F 341 -30.37 32.49 -17.75
N MET F 342 -31.13 32.13 -16.73
CA MET F 342 -32.52 31.73 -16.89
C MET F 342 -33.48 32.90 -16.74
N GLY F 343 -32.96 34.10 -16.50
CA GLY F 343 -33.77 35.28 -16.43
C GLY F 343 -34.21 35.70 -15.05
N VAL F 344 -33.64 35.12 -14.01
CA VAL F 344 -33.97 35.51 -12.64
C VAL F 344 -33.21 36.79 -12.31
N LYS F 345 -33.89 37.72 -11.64
CA LYS F 345 -33.33 39.05 -11.36
C LYS F 345 -33.11 39.23 -9.87
N GLU F 346 -32.10 40.02 -9.53
CA GLU F 346 -31.72 40.20 -8.14
C GLU F 346 -32.84 40.82 -7.33
N GLU F 347 -33.60 41.73 -7.95
CA GLU F 347 -34.60 42.51 -7.25
C GLU F 347 -35.67 41.61 -6.65
N ASP F 348 -35.86 40.42 -7.20
CA ASP F 348 -36.91 39.51 -6.72
C ASP F 348 -36.44 38.55 -5.64
N ILE F 349 -35.12 38.41 -5.47
CA ILE F 349 -34.58 37.37 -4.58
C ILE F 349 -35.26 37.40 -3.22
N GLU F 350 -35.28 38.59 -2.59
CA GLU F 350 -35.95 38.78 -1.31
C GLU F 350 -37.30 38.08 -1.27
N LEU F 351 -38.20 38.48 -2.18
CA LEU F 351 -39.54 37.90 -2.17
C LEU F 351 -39.47 36.39 -2.30
N LEU F 352 -38.68 35.90 -3.25
CA LEU F 352 -38.48 34.47 -3.41
C LEU F 352 -38.13 33.84 -2.06
N ALA F 353 -37.08 34.37 -1.40
CA ALA F 353 -36.70 33.87 -0.09
C ALA F 353 -37.90 33.82 0.85
N LYS F 354 -38.60 34.94 0.99
CA LYS F 354 -39.75 34.97 1.90
C LYS F 354 -40.71 33.84 1.58
N ASN F 355 -41.12 33.75 0.31
CA ASN F 355 -42.09 32.74 -0.06
C ASN F 355 -41.53 31.35 0.12
N ALA F 356 -40.23 31.17 -0.14
CA ALA F 356 -39.64 29.85 0.06
C ALA F 356 -39.63 29.48 1.54
N TYR F 357 -39.49 30.45 2.43
CA TYR F 357 -39.44 30.15 3.86
C TYR F 357 -40.74 29.50 4.31
N GLU F 358 -41.87 29.97 3.80
CA GLU F 358 -43.15 29.48 4.27
C GLU F 358 -43.57 28.16 3.61
N ASP F 359 -42.83 27.69 2.61
CA ASP F 359 -43.06 26.35 2.07
C ASP F 359 -42.83 25.31 3.15
N VAL F 360 -43.60 24.22 3.11
CA VAL F 360 -43.44 23.21 4.15
C VAL F 360 -42.10 22.50 4.01
N CYS F 361 -41.52 22.50 2.81
CA CYS F 361 -40.26 21.80 2.58
C CYS F 361 -39.12 22.37 3.41
N THR F 362 -39.17 23.67 3.72
CA THR F 362 -38.13 24.26 4.54
C THR F 362 -38.07 23.61 5.92
N GLN F 363 -39.20 23.06 6.39
CA GLN F 363 -39.20 22.42 7.69
C GLN F 363 -38.60 21.03 7.64
N SER F 364 -38.50 20.43 6.46
CA SER F 364 -37.84 19.15 6.30
C SER F 364 -36.33 19.30 6.07
N ASN F 365 -35.86 20.51 5.80
CA ASN F 365 -34.45 20.72 5.48
C ASN F 365 -33.60 20.33 6.70
N PRO F 366 -32.48 19.64 6.49
CA PRO F 366 -31.66 19.22 7.65
C PRO F 366 -31.16 20.37 8.48
N ARG F 367 -30.95 21.54 7.88
CA ARG F 367 -30.48 22.73 8.58
C ARG F 367 -31.59 23.76 8.61
N VAL F 368 -31.91 24.25 9.80
CA VAL F 368 -33.02 25.21 9.94
C VAL F 368 -32.59 26.56 9.37
N PRO F 369 -33.32 27.14 8.45
CA PRO F 369 -32.84 28.35 7.79
C PRO F 369 -33.48 29.63 8.28
N THR F 370 -32.87 30.76 7.95
CA THR F 370 -33.50 32.07 8.03
C THR F 370 -33.81 32.50 6.60
N VAL F 371 -34.65 33.51 6.45
CA VAL F 371 -34.90 34.01 5.09
C VAL F 371 -33.61 34.53 4.48
N GLN F 372 -32.68 35.03 5.30
CA GLN F 372 -31.43 35.54 4.75
C GLN F 372 -30.52 34.41 4.30
N ASP F 373 -30.59 33.24 4.96
CA ASP F 373 -29.84 32.09 4.49
C ASP F 373 -30.34 31.64 3.12
N ILE F 374 -31.67 31.51 2.98
CA ILE F 374 -32.27 31.17 1.70
C ILE F 374 -31.89 32.20 0.64
N ALA F 375 -31.92 33.48 0.99
CA ALA F 375 -31.56 34.52 0.04
C ALA F 375 -30.11 34.41 -0.39
N GLN F 376 -29.21 34.10 0.55
CA GLN F 376 -27.82 33.88 0.19
C GLN F 376 -27.67 32.72 -0.76
N ILE F 377 -28.40 31.63 -0.51
CA ILE F 377 -28.35 30.49 -1.42
C ILE F 377 -28.76 30.91 -2.82
N ILE F 378 -29.91 31.59 -2.94
CA ILE F 378 -30.39 32.00 -4.25
C ILE F 378 -29.37 32.89 -4.94
N LYS F 379 -28.77 33.82 -4.18
CA LYS F 379 -27.77 34.71 -4.75
C LYS F 379 -26.55 33.94 -5.24
N ASN F 380 -26.04 33.02 -4.41
CA ASN F 380 -24.86 32.24 -4.78
C ASN F 380 -25.11 31.42 -6.04
N ALA F 381 -26.36 31.00 -6.26
CA ALA F 381 -26.69 30.21 -7.44
C ALA F 381 -27.04 31.05 -8.66
N MET F 382 -26.94 32.38 -8.58
CA MET F 382 -27.29 33.22 -9.73
C MET F 382 -26.22 33.13 -10.82
N LEU F 383 -24.94 33.11 -10.44
CA LEU F 383 -23.83 33.08 -11.38
C LEU F 383 -22.77 32.10 -10.88
N GLU F 384 -21.86 31.74 -11.77
CA GLU F 384 -20.82 30.77 -11.44
C GLU F 384 -19.48 31.46 -11.15
N MET G 1 -38.48 -6.28 -16.85
CA MET G 1 -39.77 -6.62 -17.47
C MET G 1 -40.90 -6.37 -16.49
N THR G 2 -42.11 -6.82 -16.86
CA THR G 2 -43.31 -6.53 -16.09
C THR G 2 -43.28 -7.27 -14.76
N THR G 3 -43.26 -6.52 -13.66
CA THR G 3 -43.26 -7.10 -12.32
C THR G 3 -44.29 -6.40 -11.46
N ASN G 4 -45.03 -7.18 -10.67
CA ASN G 4 -46.04 -6.67 -9.77
C ASN G 4 -45.47 -6.57 -8.37
N PHE G 5 -45.81 -5.47 -7.69
CA PHE G 5 -45.32 -5.17 -6.35
C PHE G 5 -46.53 -4.92 -5.45
N PHE G 6 -46.75 -5.83 -4.50
CA PHE G 6 -47.90 -5.75 -3.59
C PHE G 6 -47.40 -5.51 -2.18
N ILE G 7 -47.95 -4.49 -1.53
CA ILE G 7 -47.47 -4.06 -0.22
C ILE G 7 -48.67 -3.46 0.52
N PRO G 8 -48.75 -3.62 1.85
CA PRO G 8 -49.79 -2.93 2.61
C PRO G 8 -49.82 -1.44 2.30
N PRO G 9 -50.99 -0.87 2.03
CA PRO G 9 -51.05 0.55 1.67
C PRO G 9 -50.67 1.48 2.81
N ALA G 10 -50.91 1.08 4.06
CA ALA G 10 -50.56 1.89 5.22
C ALA G 10 -49.84 1.04 6.26
N SER G 11 -48.71 1.56 6.73
CA SER G 11 -47.91 0.90 7.75
C SER G 11 -47.54 1.94 8.80
N VAL G 12 -47.61 1.52 10.07
CA VAL G 12 -47.22 2.34 11.21
C VAL G 12 -46.11 1.59 11.91
N ILE G 13 -44.89 2.14 11.87
CA ILE G 13 -43.71 1.50 12.43
C ILE G 13 -43.14 2.43 13.51
N GLY G 14 -42.92 1.90 14.71
CA GLY G 14 -42.35 2.72 15.76
C GLY G 14 -42.94 2.50 17.13
N ARG G 15 -42.32 3.06 18.16
CA ARG G 15 -42.81 2.85 19.51
C ARG G 15 -44.23 3.39 19.64
N GLY G 16 -45.10 2.62 20.24
CA GLY G 16 -46.47 3.08 20.45
C GLY G 16 -47.34 3.03 19.23
N ALA G 17 -46.96 2.21 18.27
CA ALA G 17 -47.71 2.15 17.05
C ALA G 17 -49.02 1.46 17.26
N VAL G 18 -49.13 0.66 18.31
CA VAL G 18 -50.32 -0.10 18.55
C VAL G 18 -51.47 0.80 18.94
N LYS G 19 -51.16 2.05 19.21
CA LYS G 19 -52.19 2.98 19.60
C LYS G 19 -53.08 3.36 18.45
N GLU G 20 -52.63 3.15 17.23
CA GLU G 20 -53.41 3.60 16.09
C GLU G 20 -54.35 2.58 15.46
N VAL G 21 -54.46 1.41 16.01
CA VAL G 21 -55.29 0.39 15.39
C VAL G 21 -56.72 0.82 15.17
N GLY G 22 -57.41 1.17 16.23
CA GLY G 22 -58.81 1.52 16.11
C GLY G 22 -59.02 2.67 15.18
N THR G 23 -58.15 3.66 15.27
CA THR G 23 -58.24 4.79 14.38
C THR G 23 -58.30 4.31 12.95
N ARG G 24 -57.31 3.54 12.52
CA ARG G 24 -57.26 3.12 11.14
C ARG G 24 -58.45 2.27 10.77
N LEU G 25 -58.89 1.43 11.68
CA LEU G 25 -59.99 0.55 11.38
C LEU G 25 -61.25 1.35 11.09
N LYS G 26 -61.37 2.57 11.61
CA LYS G 26 -62.52 3.39 11.30
C LYS G 26 -62.32 4.06 9.95
N GLN G 27 -61.11 4.52 9.68
CA GLN G 27 -60.83 5.10 8.36
C GLN G 27 -61.11 4.09 7.25
N ILE G 28 -60.77 2.83 7.48
CA ILE G 28 -61.13 1.78 6.52
C ILE G 28 -62.63 1.53 6.55
N GLY G 29 -63.26 1.69 7.71
CA GLY G 29 -64.68 1.49 7.87
C GLY G 29 -65.03 0.05 8.18
N ALA G 30 -65.05 -0.30 9.47
CA ALA G 30 -65.34 -1.65 9.90
C ALA G 30 -66.15 -1.58 11.19
N LYS G 31 -66.84 -2.67 11.50
CA LYS G 31 -67.71 -2.73 12.68
C LYS G 31 -67.63 -4.03 13.47
N LYS G 32 -67.13 -5.11 12.90
CA LYS G 32 -67.10 -6.39 13.60
C LYS G 32 -65.75 -7.04 13.44
N ALA G 33 -64.81 -6.72 14.32
CA ALA G 33 -63.47 -7.26 14.21
C ALA G 33 -63.27 -8.56 14.92
N LEU G 34 -62.28 -9.32 14.47
CA LEU G 34 -61.97 -10.57 15.15
C LEU G 34 -60.51 -10.63 15.50
N ILE G 35 -60.18 -10.20 16.70
CA ILE G 35 -58.83 -10.31 17.18
C ILE G 35 -58.43 -11.76 17.10
N VAL G 36 -57.48 -12.07 16.23
CA VAL G 36 -57.00 -13.43 16.16
C VAL G 36 -55.68 -13.44 16.85
N THR G 37 -55.54 -14.29 17.86
CA THR G 37 -54.33 -14.30 18.64
C THR G 37 -54.09 -15.66 19.22
N ASP G 38 -53.08 -15.83 20.07
CA ASP G 38 -52.91 -17.08 20.79
C ASP G 38 -53.40 -16.91 22.23
N ALA G 39 -53.49 -18.02 22.95
CA ALA G 39 -54.07 -18.00 24.28
C ALA G 39 -53.12 -17.39 25.30
N PHE G 40 -51.82 -17.70 25.20
CA PHE G 40 -50.82 -17.07 26.05
C PHE G 40 -50.92 -15.55 25.94
N LEU G 41 -50.93 -15.03 24.72
CA LEU G 41 -51.12 -13.60 24.51
C LEU G 41 -52.41 -13.12 25.14
N HIS G 42 -53.46 -13.95 25.09
CA HIS G 42 -54.74 -13.56 25.68
C HIS G 42 -54.61 -13.39 27.20
N SER G 43 -53.85 -14.27 27.85
CA SER G 43 -53.63 -14.13 29.29
C SER G 43 -52.75 -12.93 29.59
N THR G 44 -51.85 -12.54 28.68
CA THR G 44 -51.10 -11.31 28.90
C THR G 44 -51.99 -10.08 28.93
N GLY G 45 -53.24 -10.19 28.47
CA GLY G 45 -54.14 -9.07 28.49
C GLY G 45 -54.02 -8.13 27.31
N LEU G 46 -53.03 -8.33 26.44
CA LEU G 46 -52.90 -7.51 25.24
C LEU G 46 -54.18 -7.52 24.43
N SER G 47 -54.85 -8.68 24.40
CA SER G 47 -56.14 -8.82 23.73
C SER G 47 -57.11 -7.73 24.15
N GLU G 48 -57.29 -7.55 25.47
CA GLU G 48 -58.26 -6.58 25.94
C GLU G 48 -57.82 -5.14 25.76
N GLU G 49 -56.52 -4.84 25.75
CA GLU G 49 -56.10 -3.46 25.52
C GLU G 49 -56.27 -3.07 24.06
N VAL G 50 -55.88 -3.95 23.14
CA VAL G 50 -56.15 -3.68 21.73
C VAL G 50 -57.65 -3.57 21.51
N ALA G 51 -58.42 -4.48 22.12
CA ALA G 51 -59.87 -4.41 22.04
C ALA G 51 -60.41 -3.11 22.62
N LYS G 52 -59.73 -2.54 23.61
CA LYS G 52 -60.13 -1.25 24.14
C LYS G 52 -59.96 -0.16 23.10
N ASN G 53 -58.80 -0.12 22.43
CA ASN G 53 -58.62 0.83 21.33
C ASN G 53 -59.72 0.67 20.28
N ILE G 54 -60.03 -0.58 19.93
CA ILE G 54 -60.99 -0.84 18.86
C ILE G 54 -62.40 -0.45 19.29
N ARG G 55 -62.82 -0.86 20.49
CA ARG G 55 -64.16 -0.52 20.97
C ARG G 55 -64.31 0.97 21.25
N GLU G 56 -63.20 1.67 21.52
CA GLU G 56 -63.27 3.12 21.61
C GLU G 56 -63.48 3.73 20.22
N ALA G 57 -62.83 3.18 19.21
CA ALA G 57 -63.10 3.63 17.85
C ALA G 57 -64.55 3.40 17.47
N GLY G 58 -65.15 2.33 17.98
CA GLY G 58 -66.55 2.00 17.73
C GLY G 58 -66.72 0.75 16.89
N VAL G 59 -65.97 -0.30 17.22
CA VAL G 59 -65.97 -1.54 16.46
C VAL G 59 -66.11 -2.69 17.44
N ASP G 60 -67.13 -3.52 17.22
CA ASP G 60 -67.33 -4.69 18.05
C ASP G 60 -66.16 -5.65 17.86
N VAL G 61 -65.82 -6.40 18.90
CA VAL G 61 -64.60 -7.19 18.90
C VAL G 61 -64.87 -8.57 19.47
N ALA G 62 -64.20 -9.58 18.92
CA ALA G 62 -64.18 -10.93 19.46
C ALA G 62 -62.78 -11.49 19.35
N ILE G 63 -62.43 -12.40 20.26
CA ILE G 63 -61.08 -12.95 20.34
C ILE G 63 -61.12 -14.45 20.07
N PHE G 64 -60.18 -14.93 19.25
CA PHE G 64 -60.07 -16.35 18.92
C PHE G 64 -58.64 -16.79 19.21
N PRO G 65 -58.34 -17.20 20.44
CA PRO G 65 -56.96 -17.50 20.84
C PRO G 65 -56.53 -18.93 20.54
N LYS G 66 -56.51 -19.29 19.25
CA LYS G 66 -56.18 -20.65 18.84
C LYS G 66 -55.03 -20.70 17.85
N ALA G 67 -54.15 -19.69 17.85
CA ALA G 67 -52.98 -19.69 16.98
C ALA G 67 -51.82 -20.37 17.68
N GLN G 68 -51.25 -21.38 17.04
CA GLN G 68 -50.18 -22.16 17.62
C GLN G 68 -48.98 -22.19 16.68
N PRO G 69 -47.78 -22.46 17.21
CA PRO G 69 -46.65 -22.72 16.31
C PRO G 69 -46.94 -23.93 15.44
N ASP G 70 -46.41 -23.88 14.22
CA ASP G 70 -46.82 -24.78 13.14
C ASP G 70 -48.35 -24.71 12.97
N PRO G 71 -48.89 -23.56 12.58
CA PRO G 71 -50.35 -23.42 12.50
C PRO G 71 -50.94 -24.45 11.55
N ALA G 72 -51.88 -25.24 12.07
CA ALA G 72 -52.38 -26.40 11.36
C ALA G 72 -53.61 -26.06 10.55
N ASP G 73 -53.91 -26.93 9.58
CA ASP G 73 -55.11 -26.76 8.78
C ASP G 73 -56.38 -26.87 9.62
N THR G 74 -56.32 -27.67 10.68
CA THR G 74 -57.46 -27.87 11.55
C THR G 74 -57.89 -26.56 12.22
N GLN G 75 -56.93 -25.87 12.84
CA GLN G 75 -57.28 -24.60 13.48
C GLN G 75 -57.68 -23.55 12.45
N VAL G 76 -57.19 -23.68 11.21
CA VAL G 76 -57.63 -22.76 10.16
C VAL G 76 -59.12 -22.92 9.90
N HIS G 77 -59.57 -24.15 9.63
CA HIS G 77 -60.99 -24.31 9.35
C HIS G 77 -61.84 -24.01 10.58
N GLU G 78 -61.32 -24.30 11.78
CA GLU G 78 -62.03 -23.99 13.00
C GLU G 78 -62.23 -22.48 13.17
N GLY G 79 -61.17 -21.71 12.98
CA GLY G 79 -61.28 -20.26 13.04
C GLY G 79 -62.16 -19.69 11.94
N VAL G 80 -62.15 -20.33 10.77
CA VAL G 80 -63.05 -19.92 9.70
C VAL G 80 -64.49 -20.02 10.19
N ASP G 81 -64.82 -21.14 10.85
CA ASP G 81 -66.13 -21.27 11.46
C ASP G 81 -66.42 -20.09 12.38
N VAL G 82 -65.50 -19.79 13.29
CA VAL G 82 -65.72 -18.67 14.22
C VAL G 82 -65.98 -17.37 13.47
N PHE G 83 -65.22 -17.13 12.39
CA PHE G 83 -65.44 -15.94 11.57
C PHE G 83 -66.88 -15.86 11.11
N LYS G 84 -67.41 -16.96 10.58
CA LYS G 84 -68.80 -16.92 10.12
C LYS G 84 -69.77 -16.78 11.28
N GLN G 85 -69.49 -17.46 12.40
CA GLN G 85 -70.42 -17.47 13.53
C GLN G 85 -70.57 -16.09 14.15
N GLU G 86 -69.47 -15.33 14.22
CA GLU G 86 -69.46 -14.00 14.81
C GLU G 86 -69.80 -12.91 13.81
N ASN G 87 -70.28 -13.28 12.62
CA ASN G 87 -70.65 -12.36 11.54
C ASN G 87 -69.63 -11.22 11.41
N CYS G 88 -68.35 -11.59 11.37
CA CYS G 88 -67.27 -10.62 11.45
C CYS G 88 -67.03 -9.98 10.09
N ASP G 89 -66.92 -8.65 10.08
CA ASP G 89 -66.69 -7.94 8.84
C ASP G 89 -65.22 -7.59 8.63
N SER G 90 -64.42 -7.61 9.70
CA SER G 90 -63.01 -7.22 9.61
C SER G 90 -62.16 -8.11 10.50
N LEU G 91 -60.89 -8.22 10.12
CA LEU G 91 -59.92 -9.06 10.82
C LEU G 91 -58.80 -8.19 11.35
N VAL G 92 -58.48 -8.37 12.62
CA VAL G 92 -57.30 -7.80 13.24
C VAL G 92 -56.47 -8.96 13.77
N SER G 93 -55.16 -8.91 13.53
CA SER G 93 -54.25 -9.99 13.86
C SER G 93 -53.22 -9.49 14.87
N ILE G 94 -53.09 -10.20 15.99
CA ILE G 94 -52.17 -9.81 17.05
C ILE G 94 -51.33 -11.04 17.39
N GLY G 95 -50.06 -10.99 17.05
CA GLY G 95 -49.16 -12.05 17.45
C GLY G 95 -48.04 -12.19 16.44
N GLY G 96 -47.37 -13.34 16.53
CA GLY G 96 -46.33 -13.69 15.59
C GLY G 96 -46.92 -14.18 14.28
N GLY G 97 -46.05 -14.78 13.48
CA GLY G 97 -46.46 -15.21 12.15
C GLY G 97 -47.61 -16.18 12.18
N SER G 98 -47.68 -17.03 13.22
CA SER G 98 -48.75 -18.02 13.33
C SER G 98 -50.12 -17.36 13.30
N SER G 99 -50.32 -16.37 14.17
CA SER G 99 -51.61 -15.70 14.26
C SER G 99 -51.94 -14.92 12.98
N HIS G 100 -50.97 -14.21 12.41
CA HIS G 100 -51.20 -13.48 11.17
C HIS G 100 -51.68 -14.41 10.07
N ASP G 101 -50.92 -15.48 9.85
CA ASP G 101 -51.27 -16.44 8.81
C ASP G 101 -52.65 -17.02 9.05
N THR G 102 -52.98 -17.29 10.31
CA THR G 102 -54.30 -17.83 10.62
C THR G 102 -55.41 -16.86 10.22
N ALA G 103 -55.26 -15.58 10.57
CA ALA G 103 -56.31 -14.61 10.29
C ALA G 103 -56.50 -14.42 8.78
N LYS G 104 -55.39 -14.28 8.03
CA LYS G 104 -55.54 -14.08 6.59
C LYS G 104 -56.13 -15.33 5.93
N ALA G 105 -55.77 -16.52 6.40
CA ALA G 105 -56.35 -17.74 5.87
C ALA G 105 -57.84 -17.83 6.16
N ILE G 106 -58.25 -17.35 7.33
CA ILE G 106 -59.68 -17.29 7.66
C ILE G 106 -60.42 -16.44 6.64
N GLY G 107 -59.90 -15.23 6.38
CA GLY G 107 -60.51 -14.40 5.35
C GLY G 107 -60.60 -15.11 4.00
N LEU G 108 -59.53 -15.81 3.63
CA LEU G 108 -59.45 -16.49 2.34
C LEU G 108 -60.55 -17.55 2.20
N VAL G 109 -60.62 -18.47 3.17
CA VAL G 109 -61.58 -19.57 3.06
C VAL G 109 -63.01 -19.06 3.22
N ALA G 110 -63.22 -18.07 4.09
CA ALA G 110 -64.55 -17.49 4.21
C ALA G 110 -64.98 -16.88 2.88
N ALA G 111 -64.03 -16.35 2.11
CA ALA G 111 -64.38 -15.77 0.82
C ALA G 111 -64.71 -16.86 -0.20
N ASN G 112 -63.75 -17.73 -0.50
CA ASN G 112 -63.92 -18.64 -1.64
C ASN G 112 -64.59 -19.95 -1.28
N GLY G 113 -64.53 -20.39 -0.02
CA GLY G 113 -65.23 -21.58 0.37
C GLY G 113 -64.38 -22.79 0.67
N GLY G 114 -63.61 -23.26 -0.31
CA GLY G 114 -62.84 -24.48 -0.16
C GLY G 114 -61.94 -24.49 1.07
N ARG G 115 -61.61 -25.68 1.58
CA ARG G 115 -60.78 -25.77 2.75
C ARG G 115 -59.36 -25.31 2.43
N ILE G 116 -58.45 -25.48 3.37
CA ILE G 116 -57.15 -24.82 3.29
C ILE G 116 -56.27 -25.44 2.19
N ASN G 117 -56.23 -26.79 2.10
CA ASN G 117 -55.29 -27.45 1.19
C ASN G 117 -55.48 -26.99 -0.25
N ASP G 118 -56.71 -26.63 -0.62
CA ASP G 118 -56.99 -26.22 -1.99
C ASP G 118 -56.21 -25.00 -2.42
N TYR G 119 -55.66 -24.24 -1.47
CA TYR G 119 -54.98 -23.00 -1.83
C TYR G 119 -53.47 -23.11 -1.69
N GLN G 120 -52.94 -24.32 -1.70
CA GLN G 120 -51.50 -24.53 -1.75
C GLN G 120 -50.97 -24.18 -3.13
N GLY G 121 -49.86 -23.47 -3.17
CA GLY G 121 -49.36 -22.91 -4.41
C GLY G 121 -49.83 -21.49 -4.60
N VAL G 122 -49.53 -20.95 -5.78
CA VAL G 122 -49.96 -19.60 -6.12
C VAL G 122 -51.38 -19.65 -6.66
N ASN G 123 -52.30 -18.95 -5.99
CA ASN G 123 -53.68 -18.85 -6.42
C ASN G 123 -54.03 -17.39 -6.73
N SER G 124 -55.05 -17.20 -7.58
CA SER G 124 -55.54 -15.88 -7.98
C SER G 124 -57.01 -15.78 -7.62
N VAL G 125 -57.26 -15.69 -6.31
CA VAL G 125 -58.62 -15.71 -5.78
C VAL G 125 -59.45 -14.59 -6.41
N GLU G 126 -60.70 -14.92 -6.76
CA GLU G 126 -61.63 -14.00 -7.39
C GLU G 126 -62.64 -13.39 -6.42
N LYS G 127 -62.78 -13.96 -5.22
CA LYS G 127 -63.74 -13.44 -4.25
C LYS G 127 -63.04 -12.50 -3.28
N PRO G 128 -63.52 -11.28 -3.10
CA PRO G 128 -62.86 -10.34 -2.19
C PRO G 128 -62.84 -10.84 -0.76
N VAL G 129 -61.81 -10.41 0.00
CA VAL G 129 -61.68 -10.78 1.39
C VAL G 129 -61.72 -9.51 2.25
N VAL G 130 -61.96 -9.70 3.54
CA VAL G 130 -62.16 -8.60 4.49
C VAL G 130 -60.84 -7.87 4.75
N PRO G 131 -60.88 -6.59 5.11
CA PRO G 131 -59.64 -5.88 5.44
C PRO G 131 -58.95 -6.49 6.66
N VAL G 132 -57.62 -6.50 6.62
CA VAL G 132 -56.82 -7.09 7.69
C VAL G 132 -55.85 -6.05 8.23
N VAL G 133 -55.82 -5.93 9.55
CA VAL G 133 -54.86 -5.10 10.28
C VAL G 133 -54.00 -6.03 11.12
N ALA G 134 -52.70 -6.05 10.86
CA ALA G 134 -51.80 -7.04 11.44
C ALA G 134 -50.85 -6.36 12.42
N ILE G 135 -50.92 -6.74 13.69
CA ILE G 135 -50.06 -6.21 14.75
C ILE G 135 -49.03 -7.27 15.09
N THR G 136 -47.77 -7.03 14.78
CA THR G 136 -46.76 -8.07 14.98
C THR G 136 -46.05 -7.94 16.32
N THR G 137 -45.77 -9.08 16.94
CA THR G 137 -45.04 -9.14 18.20
C THR G 137 -43.67 -9.79 18.08
N THR G 138 -43.25 -10.19 16.88
CA THR G 138 -41.96 -10.83 16.64
C THR G 138 -41.23 -10.12 15.52
N ALA G 139 -39.92 -9.94 15.69
CA ALA G 139 -39.06 -9.33 14.66
C ALA G 139 -38.53 -10.41 13.72
N GLY G 140 -39.48 -11.08 13.08
CA GLY G 140 -39.26 -12.04 12.02
C GLY G 140 -40.53 -12.17 11.23
N THR G 141 -40.65 -13.27 10.48
CA THR G 141 -41.84 -13.59 9.67
C THR G 141 -42.10 -12.51 8.62
N GLY G 142 -42.27 -11.27 9.05
CA GLY G 142 -42.70 -10.19 8.17
C GLY G 142 -44.10 -10.36 7.64
N SER G 143 -44.84 -11.34 8.16
CA SER G 143 -46.15 -11.70 7.62
C SER G 143 -47.15 -10.56 7.70
N GLU G 144 -46.84 -9.49 8.43
CA GLU G 144 -47.70 -8.32 8.41
C GLU G 144 -47.70 -7.64 7.05
N THR G 145 -46.81 -8.04 6.13
CA THR G 145 -46.67 -7.41 4.82
C THR G 145 -46.74 -8.40 3.67
N THR G 146 -47.01 -9.67 3.93
CA THR G 146 -46.89 -10.69 2.90
C THR G 146 -48.25 -11.08 2.34
N SER G 147 -48.23 -11.60 1.11
CA SER G 147 -49.37 -12.22 0.48
C SER G 147 -49.40 -13.72 0.72
N LEU G 148 -48.66 -14.20 1.71
CA LEU G 148 -48.48 -15.61 1.97
C LEU G 148 -48.98 -16.01 3.35
N ALA G 149 -49.48 -17.24 3.45
CA ALA G 149 -49.87 -17.84 4.72
C ALA G 149 -49.31 -19.24 4.74
N VAL G 150 -48.52 -19.55 5.76
CA VAL G 150 -47.88 -20.86 5.87
C VAL G 150 -48.70 -21.77 6.79
N ILE G 151 -49.65 -22.48 6.22
CA ILE G 151 -50.44 -23.39 7.02
C ILE G 151 -50.06 -24.81 6.72
N THR G 152 -49.86 -25.63 7.75
CA THR G 152 -49.44 -26.99 7.53
C THR G 152 -50.55 -27.98 7.22
N ASP G 153 -50.21 -29.06 6.54
CA ASP G 153 -51.17 -30.10 6.23
C ASP G 153 -51.11 -31.12 7.33
N SER G 154 -52.25 -31.67 7.72
CA SER G 154 -52.30 -32.63 8.77
C SER G 154 -51.62 -33.90 8.36
N ALA G 155 -52.22 -34.60 7.43
CA ALA G 155 -51.68 -35.88 7.01
C ALA G 155 -50.31 -35.81 6.44
N ARG G 156 -50.16 -35.12 5.33
CA ARG G 156 -48.87 -35.09 4.67
C ARG G 156 -47.76 -34.39 5.43
N LYS G 157 -48.09 -33.66 6.50
CA LYS G 157 -47.09 -32.92 7.26
C LYS G 157 -46.24 -32.03 6.39
N VAL G 158 -46.90 -31.16 5.63
CA VAL G 158 -46.19 -30.23 4.76
C VAL G 158 -46.69 -28.84 5.11
N LYS G 159 -45.81 -27.96 5.56
CA LYS G 159 -46.22 -26.59 5.82
C LYS G 159 -46.57 -25.91 4.49
N MET G 160 -47.84 -26.02 4.08
CA MET G 160 -48.26 -25.57 2.76
C MET G 160 -48.08 -24.07 2.60
N PRO G 161 -47.45 -23.62 1.50
CA PRO G 161 -47.49 -22.19 1.18
C PRO G 161 -48.79 -21.84 0.49
N VAL G 162 -49.43 -20.75 0.93
CA VAL G 162 -50.69 -20.30 0.35
C VAL G 162 -50.53 -18.83 -0.02
N ILE G 163 -50.53 -18.52 -1.31
CA ILE G 163 -50.20 -17.19 -1.82
C ILE G 163 -51.41 -16.61 -2.54
N ASP G 164 -51.74 -15.34 -2.24
CA ASP G 164 -52.79 -14.63 -2.95
C ASP G 164 -52.71 -13.14 -2.67
N GLU G 165 -52.90 -12.33 -3.72
CA GLU G 165 -52.82 -10.88 -3.57
C GLU G 165 -53.89 -10.34 -2.65
N LYS G 166 -55.04 -11.03 -2.56
CA LYS G 166 -56.14 -10.53 -1.76
C LYS G 166 -55.84 -10.57 -0.26
N ILE G 167 -55.01 -11.52 0.19
CA ILE G 167 -54.74 -11.68 1.62
C ILE G 167 -53.61 -10.81 2.13
N THR G 168 -53.02 -9.96 1.28
CA THR G 168 -52.01 -9.02 1.78
C THR G 168 -52.69 -8.01 2.68
N PRO G 169 -52.18 -7.79 3.90
CA PRO G 169 -52.90 -6.95 4.87
C PRO G 169 -53.13 -5.54 4.37
N THR G 170 -54.19 -4.93 4.88
CA THR G 170 -54.51 -3.55 4.57
C THR G 170 -53.83 -2.55 5.49
N VAL G 171 -53.55 -2.90 6.75
CA VAL G 171 -52.77 -2.02 7.63
C VAL G 171 -51.78 -2.86 8.42
N ALA G 172 -50.53 -2.40 8.50
CA ALA G 172 -49.47 -3.14 9.18
C ALA G 172 -48.92 -2.32 10.34
N ILE G 173 -49.06 -2.84 11.56
CA ILE G 173 -48.64 -2.16 12.78
C ILE G 173 -47.46 -2.92 13.40
N VAL G 174 -46.31 -2.25 13.43
CA VAL G 174 -45.06 -2.78 13.96
C VAL G 174 -44.67 -1.90 15.14
N ASP G 175 -45.03 -2.33 16.35
CA ASP G 175 -44.61 -1.65 17.56
C ASP G 175 -43.46 -2.44 18.18
N PRO G 176 -42.25 -1.89 18.23
CA PRO G 176 -41.14 -2.60 18.88
C PRO G 176 -41.34 -2.77 20.37
N GLU G 177 -42.21 -1.96 21.00
CA GLU G 177 -42.39 -2.04 22.44
C GLU G 177 -43.02 -3.37 22.86
N LEU G 178 -43.83 -3.96 21.99
CA LEU G 178 -44.38 -5.29 22.25
C LEU G 178 -43.37 -6.41 22.05
N MET G 179 -42.17 -6.08 21.57
CA MET G 179 -41.16 -7.07 21.26
C MET G 179 -40.07 -7.18 22.32
N VAL G 180 -40.20 -6.46 23.44
CA VAL G 180 -39.11 -6.38 24.41
C VAL G 180 -38.96 -7.68 25.19
N LYS G 181 -40.08 -8.27 25.61
CA LYS G 181 -40.06 -9.42 26.51
C LYS G 181 -39.77 -10.73 25.78
N LYS G 182 -39.46 -10.67 24.50
CA LYS G 182 -39.10 -11.86 23.76
C LYS G 182 -37.82 -12.47 24.32
N PRO G 183 -37.82 -13.74 24.69
CA PRO G 183 -36.58 -14.39 25.12
C PRO G 183 -35.52 -14.36 24.03
N ALA G 184 -34.29 -14.68 24.42
CA ALA G 184 -33.17 -14.63 23.49
C ALA G 184 -33.29 -15.68 22.40
N GLY G 185 -33.81 -16.87 22.74
CA GLY G 185 -34.00 -17.89 21.74
C GLY G 185 -35.02 -17.50 20.68
N LEU G 186 -36.13 -16.91 21.11
CA LEU G 186 -37.14 -16.40 20.18
C LEU G 186 -36.58 -15.26 19.34
N THR G 187 -35.82 -14.35 19.97
CA THR G 187 -35.14 -13.30 19.22
C THR G 187 -34.21 -13.89 18.17
N ILE G 188 -33.52 -14.97 18.51
CA ILE G 188 -32.60 -15.61 17.57
C ILE G 188 -33.37 -16.23 16.42
N ALA G 189 -34.41 -17.01 16.73
CA ALA G 189 -35.19 -17.67 15.68
C ALA G 189 -35.80 -16.64 14.73
N THR G 190 -36.50 -15.64 15.26
CA THR G 190 -37.16 -14.66 14.42
C THR G 190 -36.14 -13.84 13.63
N GLY G 191 -35.05 -13.39 14.28
CA GLY G 191 -34.09 -12.56 13.59
C GLY G 191 -33.34 -13.31 12.51
N MET G 192 -32.97 -14.56 12.79
CA MET G 192 -32.30 -15.37 11.78
C MET G 192 -33.23 -15.69 10.62
N ASP G 193 -34.54 -15.86 10.87
CA ASP G 193 -35.44 -16.00 9.74
C ASP G 193 -35.51 -14.71 8.92
N ALA G 194 -35.46 -13.55 9.57
CA ALA G 194 -35.45 -12.30 8.81
C ALA G 194 -34.19 -12.21 7.95
N LEU G 195 -33.04 -12.60 8.50
CA LEU G 195 -31.82 -12.67 7.70
C LEU G 195 -32.01 -13.62 6.52
N SER G 196 -32.66 -14.76 6.78
CA SER G 196 -33.00 -15.69 5.72
C SER G 196 -33.80 -15.03 4.61
N HIS G 197 -34.81 -14.25 4.99
CA HIS G 197 -35.65 -13.61 3.99
C HIS G 197 -34.83 -12.66 3.13
N ALA G 198 -34.01 -11.83 3.77
CA ALA G 198 -33.19 -10.87 3.03
C ALA G 198 -32.26 -11.58 2.04
N ILE G 199 -31.58 -12.63 2.50
CA ILE G 199 -30.62 -13.32 1.64
C ILE G 199 -31.33 -13.99 0.46
N GLU G 200 -32.36 -14.79 0.75
CA GLU G 200 -33.07 -15.48 -0.32
C GLU G 200 -33.62 -14.50 -1.35
N ALA G 201 -34.20 -13.38 -0.90
CA ALA G 201 -34.72 -12.39 -1.83
C ALA G 201 -33.60 -11.76 -2.67
N TYR G 202 -32.42 -11.57 -2.09
CA TYR G 202 -31.34 -10.99 -2.91
C TYR G 202 -30.93 -11.96 -4.02
N VAL G 203 -30.84 -13.26 -3.71
CA VAL G 203 -30.41 -14.21 -4.73
C VAL G 203 -31.56 -14.84 -5.50
N ALA G 204 -32.81 -14.50 -5.16
CA ALA G 204 -33.96 -15.08 -5.84
C ALA G 204 -33.92 -14.76 -7.33
N LYS G 205 -34.59 -15.61 -8.11
CA LYS G 205 -34.63 -15.40 -9.56
C LYS G 205 -35.52 -14.22 -9.93
N GLY G 206 -36.58 -13.98 -9.16
CA GLY G 206 -37.50 -12.89 -9.47
C GLY G 206 -37.16 -11.57 -8.80
N ALA G 207 -35.89 -11.38 -8.45
CA ALA G 207 -35.45 -10.16 -7.76
C ALA G 207 -35.51 -8.95 -8.67
N THR G 208 -36.01 -7.84 -8.12
CA THR G 208 -36.12 -6.56 -8.83
C THR G 208 -35.34 -5.49 -8.09
N PRO G 209 -35.10 -4.32 -8.70
CA PRO G 209 -34.38 -3.26 -7.99
C PRO G 209 -35.08 -2.75 -6.73
N VAL G 210 -36.41 -2.77 -6.71
CA VAL G 210 -37.15 -2.40 -5.50
C VAL G 210 -36.90 -3.42 -4.38
N THR G 211 -37.19 -4.69 -4.66
CA THR G 211 -36.95 -5.72 -3.66
C THR G 211 -35.48 -5.75 -3.26
N ASP G 212 -34.58 -5.48 -4.21
CA ASP G 212 -33.15 -5.46 -3.90
C ASP G 212 -32.83 -4.39 -2.87
N ALA G 213 -33.37 -3.17 -3.08
CA ALA G 213 -33.21 -2.10 -2.11
C ALA G 213 -33.55 -2.57 -0.72
N PHE G 214 -34.75 -3.13 -0.58
CA PHE G 214 -35.24 -3.50 0.74
C PHE G 214 -34.39 -4.63 1.35
N ALA G 215 -33.97 -5.60 0.54
CA ALA G 215 -33.18 -6.70 1.07
C ALA G 215 -31.83 -6.22 1.58
N ILE G 216 -31.16 -5.34 0.83
CA ILE G 216 -29.87 -4.82 1.25
C ILE G 216 -30.00 -4.07 2.57
N GLN G 217 -31.01 -3.21 2.69
CA GLN G 217 -31.16 -2.50 3.96
C GLN G 217 -31.42 -3.47 5.10
N ALA G 218 -32.27 -4.47 4.87
CA ALA G 218 -32.56 -5.43 5.94
C ALA G 218 -31.29 -6.11 6.41
N MET G 219 -30.41 -6.50 5.48
CA MET G 219 -29.19 -7.20 5.89
C MET G 219 -28.25 -6.28 6.67
N LYS G 220 -28.11 -5.02 6.25
CA LYS G 220 -27.25 -4.10 6.98
C LYS G 220 -27.76 -3.93 8.41
N LEU G 221 -29.05 -3.67 8.56
CA LEU G 221 -29.64 -3.48 9.88
C LEU G 221 -29.48 -4.72 10.75
N ILE G 222 -29.72 -5.91 10.16
CA ILE G 222 -29.62 -7.15 10.93
C ILE G 222 -28.20 -7.33 11.45
N ASN G 223 -27.21 -7.17 10.59
CA ASN G 223 -25.83 -7.33 11.03
C ASN G 223 -25.52 -6.41 12.20
N GLU G 224 -25.92 -5.14 12.13
CA GLU G 224 -25.53 -4.26 13.23
C GLU G 224 -26.30 -4.55 14.52
N TYR G 225 -27.62 -4.82 14.42
CA TYR G 225 -28.47 -4.75 15.61
C TYR G 225 -29.06 -6.07 16.11
N LEU G 226 -29.13 -7.12 15.28
CA LEU G 226 -29.65 -8.39 15.80
C LEU G 226 -28.81 -8.95 16.93
N PRO G 227 -27.47 -9.00 16.84
CA PRO G 227 -26.70 -9.44 18.01
C PRO G 227 -26.97 -8.59 19.24
N LYS G 228 -27.11 -7.28 19.06
CA LYS G 228 -27.38 -6.40 20.19
C LYS G 228 -28.70 -6.76 20.85
N ALA G 229 -29.71 -7.10 20.06
CA ALA G 229 -31.02 -7.46 20.59
C ALA G 229 -31.03 -8.85 21.21
N VAL G 230 -30.18 -9.75 20.71
CA VAL G 230 -30.04 -11.06 21.35
C VAL G 230 -29.41 -10.91 22.72
N ALA G 231 -28.41 -10.03 22.83
CA ALA G 231 -27.75 -9.82 24.12
C ALA G 231 -28.71 -9.20 25.14
N ASN G 232 -29.25 -8.02 24.82
CA ASN G 232 -30.13 -7.31 25.74
C ASN G 232 -31.46 -7.06 25.06
N GLY G 233 -32.52 -7.72 25.54
CA GLY G 233 -33.84 -7.44 25.03
C GLY G 233 -34.38 -6.09 25.41
N GLU G 234 -33.88 -5.51 26.50
CA GLU G 234 -34.38 -4.21 26.96
C GLU G 234 -33.93 -3.05 26.10
N ASP G 235 -32.96 -3.27 25.21
CA ASP G 235 -32.49 -2.22 24.30
C ASP G 235 -33.58 -1.96 23.29
N ILE G 236 -34.30 -0.84 23.46
CA ILE G 236 -35.43 -0.59 22.58
C ILE G 236 -34.97 -0.18 21.18
N GLU G 237 -33.81 0.48 21.07
CA GLU G 237 -33.31 0.88 19.76
C GLU G 237 -33.04 -0.33 18.88
N ALA G 238 -32.41 -1.36 19.46
CA ALA G 238 -32.12 -2.57 18.70
C ALA G 238 -33.41 -3.26 18.25
N ARG G 239 -34.41 -3.33 19.14
CA ARG G 239 -35.67 -3.96 18.79
C ARG G 239 -36.35 -3.20 17.65
N GLU G 240 -36.30 -1.87 17.69
CA GLU G 240 -36.92 -1.08 16.62
C GLU G 240 -36.20 -1.30 15.29
N LYS G 241 -34.87 -1.29 15.31
CA LYS G 241 -34.12 -1.56 14.08
C LYS G 241 -34.48 -2.93 13.53
N MET G 242 -34.62 -3.93 14.40
CA MET G 242 -34.96 -5.26 13.95
C MET G 242 -36.35 -5.31 13.35
N ALA G 243 -37.27 -4.52 13.92
CA ALA G 243 -38.62 -4.42 13.37
C ALA G 243 -38.60 -3.87 11.95
N TYR G 244 -37.80 -2.83 11.73
CA TYR G 244 -37.63 -2.27 10.39
C TYR G 244 -37.05 -3.31 9.43
N ALA G 245 -36.01 -4.02 9.87
CA ALA G 245 -35.37 -5.02 9.01
C ALA G 245 -36.34 -6.14 8.64
N GLN G 246 -37.17 -6.58 9.59
CA GLN G 246 -38.16 -7.60 9.33
C GLN G 246 -39.21 -7.12 8.33
N TYR G 247 -39.73 -5.90 8.52
CA TYR G 247 -40.68 -5.34 7.55
C TYR G 247 -40.10 -5.39 6.15
N MET G 248 -38.87 -4.90 6.00
CA MET G 248 -38.26 -4.80 4.69
C MET G 248 -37.98 -6.18 4.08
N ALA G 249 -37.48 -7.12 4.88
CA ALA G 249 -37.27 -8.47 4.38
C ALA G 249 -38.57 -9.14 3.99
N GLY G 250 -39.67 -8.83 4.69
CA GLY G 250 -40.94 -9.43 4.33
C GLY G 250 -41.43 -8.94 2.99
N VAL G 251 -41.41 -7.62 2.79
CA VAL G 251 -41.77 -7.08 1.48
C VAL G 251 -40.87 -7.65 0.39
N ALA G 252 -39.58 -7.78 0.69
CA ALA G 252 -38.62 -8.26 -0.29
C ALA G 252 -38.93 -9.69 -0.73
N PHE G 253 -39.11 -10.60 0.23
CA PHE G 253 -39.37 -11.97 -0.18
C PHE G 253 -40.79 -12.14 -0.71
N ASN G 254 -41.74 -11.32 -0.25
CA ASN G 254 -43.08 -11.40 -0.82
C ASN G 254 -43.08 -11.08 -2.30
N ASN G 255 -42.35 -10.07 -2.71
CA ASN G 255 -42.40 -9.64 -4.09
C ASN G 255 -41.21 -10.03 -4.93
N GLY G 256 -40.34 -10.86 -4.39
CA GLY G 256 -39.18 -11.30 -5.14
C GLY G 256 -38.98 -12.78 -5.07
N GLY G 257 -39.41 -13.38 -3.98
CA GLY G 257 -39.26 -14.79 -3.82
C GLY G 257 -38.30 -15.24 -2.78
N LEU G 258 -38.22 -16.54 -2.59
CA LEU G 258 -37.35 -17.09 -1.60
C LEU G 258 -36.46 -18.16 -2.22
N GLY G 259 -36.48 -19.35 -1.66
CA GLY G 259 -35.64 -20.40 -2.17
C GLY G 259 -35.55 -21.67 -1.36
N LEU G 260 -34.54 -22.46 -1.62
CA LEU G 260 -34.42 -23.76 -0.99
C LEU G 260 -34.29 -23.77 0.50
N VAL G 261 -33.85 -22.67 1.08
CA VAL G 261 -33.82 -22.59 2.54
C VAL G 261 -35.20 -22.87 3.11
N HIS G 262 -36.19 -22.06 2.71
CA HIS G 262 -37.53 -22.24 3.22
C HIS G 262 -38.17 -23.53 2.72
N SER G 263 -37.84 -23.96 1.50
CA SER G 263 -38.31 -25.24 0.99
C SER G 263 -37.92 -26.38 1.93
N ILE G 264 -36.66 -26.40 2.35
CA ILE G 264 -36.17 -27.48 3.19
C ILE G 264 -36.72 -27.35 4.60
N SER G 265 -36.69 -26.14 5.16
CA SER G 265 -37.12 -25.99 6.55
C SER G 265 -38.61 -26.21 6.71
N HIS G 266 -39.41 -25.95 5.66
CA HIS G 266 -40.83 -26.25 5.74
C HIS G 266 -41.04 -27.72 6.04
N GLN G 267 -40.32 -28.59 5.34
CA GLN G 267 -40.50 -30.02 5.54
C GLN G 267 -39.90 -30.46 6.87
N VAL G 268 -38.72 -29.97 7.21
CA VAL G 268 -38.08 -30.42 8.46
C VAL G 268 -38.89 -29.99 9.66
N GLY G 269 -39.48 -28.80 9.63
CA GLY G 269 -40.29 -28.34 10.73
C GLY G 269 -41.67 -28.94 10.77
N GLY G 270 -42.21 -29.33 9.61
CA GLY G 270 -43.47 -30.04 9.61
C GLY G 270 -43.33 -31.47 10.10
N VAL G 271 -42.20 -32.09 9.79
CA VAL G 271 -42.04 -33.49 10.15
C VAL G 271 -41.58 -33.64 11.59
N TYR G 272 -40.65 -32.79 12.04
CA TYR G 272 -40.10 -32.96 13.37
C TYR G 272 -40.55 -31.89 14.35
N LYS G 273 -41.45 -30.99 13.94
CA LYS G 273 -41.96 -29.92 14.79
C LYS G 273 -40.80 -29.15 15.44
N LEU G 274 -40.12 -28.38 14.61
CA LEU G 274 -38.96 -27.62 15.04
C LEU G 274 -39.13 -26.16 14.64
N GLN G 275 -38.37 -25.29 15.31
CA GLN G 275 -38.50 -23.86 15.10
C GLN G 275 -37.99 -23.46 13.72
N HIS G 276 -38.72 -22.53 13.08
CA HIS G 276 -38.46 -22.17 11.70
C HIS G 276 -37.09 -21.54 11.52
N GLY G 277 -36.81 -20.47 12.26
CA GLY G 277 -35.55 -19.78 12.11
C GLY G 277 -34.36 -20.67 12.40
N ILE G 278 -34.50 -21.59 13.34
CA ILE G 278 -33.38 -22.46 13.69
C ILE G 278 -33.07 -23.39 12.53
N CYS G 279 -34.09 -24.04 11.97
CA CYS G 279 -33.89 -24.90 10.79
C CYS G 279 -33.27 -24.12 9.65
N ASN G 280 -33.81 -22.92 9.39
CA ASN G 280 -33.30 -22.09 8.29
C ASN G 280 -31.83 -21.80 8.48
N SER G 281 -31.44 -21.41 9.70
CA SER G 281 -30.05 -21.11 9.99
C SER G 281 -29.17 -22.33 9.89
N VAL G 282 -29.70 -23.52 10.17
CA VAL G 282 -28.89 -24.73 10.06
C VAL G 282 -28.67 -25.12 8.60
N ASN G 283 -29.64 -24.84 7.72
CA ASN G 283 -29.46 -25.24 6.32
C ASN G 283 -28.85 -24.14 5.44
N MET G 284 -28.83 -22.89 5.91
CA MET G 284 -28.47 -21.78 5.02
C MET G 284 -27.06 -21.84 4.46
N PRO G 285 -26.00 -22.09 5.26
CA PRO G 285 -24.65 -22.16 4.65
C PRO G 285 -24.53 -23.19 3.53
N HIS G 286 -25.23 -24.31 3.64
CA HIS G 286 -25.15 -25.34 2.61
C HIS G 286 -26.00 -24.99 1.38
N VAL G 287 -27.14 -24.36 1.56
CA VAL G 287 -27.92 -23.91 0.41
C VAL G 287 -27.17 -22.84 -0.36
N CYS G 288 -26.52 -21.96 0.35
CA CYS G 288 -25.83 -20.86 -0.29
C CYS G 288 -24.56 -21.30 -1.00
N ALA G 289 -24.04 -22.47 -0.67
CA ALA G 289 -22.87 -22.98 -1.33
C ALA G 289 -23.26 -23.66 -2.60
N PHE G 290 -24.46 -24.17 -2.66
CA PHE G 290 -24.97 -24.81 -3.85
C PHE G 290 -25.25 -23.68 -4.77
N ASN G 291 -26.01 -22.70 -4.31
CA ASN G 291 -26.42 -21.59 -5.14
C ASN G 291 -25.35 -20.58 -5.46
N LEU G 292 -24.11 -20.83 -5.09
CA LEU G 292 -23.06 -19.87 -5.31
C LEU G 292 -22.77 -19.65 -6.76
N ILE G 293 -22.75 -20.72 -7.52
CA ILE G 293 -22.41 -20.61 -8.92
C ILE G 293 -23.39 -19.75 -9.71
N ALA G 294 -24.58 -19.56 -9.17
CA ALA G 294 -25.56 -18.68 -9.83
C ALA G 294 -25.24 -17.22 -9.56
N LYS G 295 -25.17 -16.83 -8.30
CA LYS G 295 -25.07 -15.41 -7.97
C LYS G 295 -23.78 -15.10 -7.20
N THR G 296 -22.64 -15.38 -7.82
CA THR G 296 -21.37 -15.22 -7.14
C THR G 296 -21.14 -13.77 -6.73
N GLU G 297 -21.39 -12.83 -7.64
CA GLU G 297 -21.24 -11.42 -7.33
C GLU G 297 -22.10 -11.01 -6.15
N ARG G 298 -23.35 -11.47 -6.12
CA ARG G 298 -24.21 -11.09 -5.01
C ARG G 298 -23.82 -11.77 -3.71
N PHE G 299 -23.23 -12.97 -3.76
CA PHE G 299 -22.78 -13.59 -2.52
C PHE G 299 -21.53 -12.89 -1.98
N ALA G 300 -20.69 -12.35 -2.87
CA ALA G 300 -19.61 -11.48 -2.41
C ALA G 300 -20.17 -10.22 -1.75
N HIS G 301 -21.20 -9.62 -2.36
CA HIS G 301 -21.83 -8.46 -1.73
C HIS G 301 -22.40 -8.80 -0.36
N ILE G 302 -23.02 -9.98 -0.25
CA ILE G 302 -23.56 -10.44 1.03
C ILE G 302 -22.45 -10.62 2.05
N ALA G 303 -21.29 -11.11 1.61
CA ALA G 303 -20.17 -11.24 2.54
C ALA G 303 -19.81 -9.88 3.12
N GLU G 304 -19.77 -8.85 2.26
CA GLU G 304 -19.45 -7.52 2.77
C GLU G 304 -20.56 -6.99 3.69
N LEU G 305 -21.82 -7.27 3.35
CA LEU G 305 -22.94 -6.75 4.12
C LEU G 305 -23.09 -7.45 5.46
N LEU G 306 -22.60 -8.69 5.57
CA LEU G 306 -22.57 -9.43 6.82
C LEU G 306 -21.28 -9.20 7.60
N GLY G 307 -20.43 -8.29 7.15
CA GLY G 307 -19.32 -7.81 7.97
C GLY G 307 -18.00 -8.52 7.69
N GLU G 308 -17.63 -8.65 6.43
CA GLU G 308 -16.39 -9.31 6.04
C GLU G 308 -15.57 -8.35 5.19
N ASN G 309 -14.25 -8.40 5.34
CA ASN G 309 -13.35 -7.56 4.57
C ASN G 309 -12.94 -8.31 3.31
N VAL G 310 -13.55 -7.95 2.18
CA VAL G 310 -13.35 -8.64 0.91
C VAL G 310 -12.28 -7.95 0.08
N ALA G 311 -11.46 -7.12 0.72
CA ALA G 311 -10.39 -6.41 0.03
C ALA G 311 -9.33 -7.38 -0.49
N GLY G 312 -8.79 -7.06 -1.67
CA GLY G 312 -7.77 -7.87 -2.30
C GLY G 312 -8.19 -9.30 -2.57
N LEU G 313 -9.49 -9.54 -2.65
CA LEU G 313 -10.03 -10.88 -2.80
C LEU G 313 -10.70 -11.06 -4.15
N SER G 314 -10.55 -12.24 -4.73
CA SER G 314 -11.34 -12.60 -5.90
C SER G 314 -12.81 -12.68 -5.53
N THR G 315 -13.68 -12.55 -6.54
CA THR G 315 -15.11 -12.65 -6.30
C THR G 315 -15.50 -14.05 -5.86
N ALA G 316 -14.76 -15.07 -6.30
CA ALA G 316 -14.97 -16.40 -5.76
C ALA G 316 -14.66 -16.43 -4.26
N ALA G 317 -13.49 -15.91 -3.88
CA ALA G 317 -13.09 -15.87 -2.48
C ALA G 317 -14.08 -15.07 -1.65
N ALA G 318 -14.45 -13.87 -2.13
CA ALA G 318 -15.40 -13.04 -1.41
C ALA G 318 -16.75 -13.73 -1.28
N ALA G 319 -17.15 -14.48 -2.31
CA ALA G 319 -18.42 -15.19 -2.24
C ALA G 319 -18.37 -16.30 -1.20
N GLU G 320 -17.21 -16.93 -1.05
CA GLU G 320 -17.06 -17.96 -0.02
C GLU G 320 -17.05 -17.35 1.38
N ARG G 321 -16.55 -16.11 1.50
CA ARG G 321 -16.63 -15.41 2.77
C ARG G 321 -18.05 -15.26 3.27
N ALA G 322 -19.05 -15.39 2.39
CA ALA G 322 -20.44 -15.38 2.84
C ALA G 322 -20.76 -16.60 3.67
N ILE G 323 -20.34 -17.78 3.21
CA ILE G 323 -20.49 -19.00 4.00
C ILE G 323 -19.74 -18.86 5.32
N VAL G 324 -18.53 -18.31 5.27
CA VAL G 324 -17.75 -18.12 6.49
C VAL G 324 -18.53 -17.25 7.49
N ALA G 325 -19.09 -16.13 7.01
CA ALA G 325 -19.84 -15.22 7.87
C ALA G 325 -21.06 -15.90 8.47
N LEU G 326 -21.78 -16.68 7.66
CA LEU G 326 -22.98 -17.34 8.15
C LEU G 326 -22.64 -18.35 9.24
N GLU G 327 -21.57 -19.12 9.05
CA GLU G 327 -21.14 -20.07 10.07
C GLU G 327 -20.72 -19.36 11.36
N ARG G 328 -20.02 -18.23 11.22
CA ARG G 328 -19.65 -17.42 12.38
C ARG G 328 -20.86 -16.96 13.19
N ILE G 329 -21.84 -16.38 12.50
CA ILE G 329 -23.04 -15.90 13.19
C ILE G 329 -23.76 -17.05 13.88
N ASN G 330 -23.88 -18.19 13.17
CA ASN G 330 -24.48 -19.38 13.76
C ASN G 330 -23.81 -19.73 15.09
N LYS G 331 -22.48 -19.73 15.10
CA LYS G 331 -21.77 -20.05 16.33
C LYS G 331 -22.07 -19.01 17.41
N SER G 332 -22.11 -17.73 17.04
CA SER G 332 -22.34 -16.70 18.04
C SER G 332 -23.70 -16.83 18.70
N PHE G 333 -24.66 -17.46 18.02
CA PHE G 333 -25.98 -17.62 18.62
C PHE G 333 -26.29 -19.03 19.12
N GLY G 334 -25.35 -19.97 19.01
CA GLY G 334 -25.60 -21.29 19.54
C GLY G 334 -26.52 -22.15 18.70
N ILE G 335 -26.70 -21.82 17.43
CA ILE G 335 -27.52 -22.63 16.53
C ILE G 335 -26.96 -24.05 16.53
N PRO G 336 -27.81 -25.09 16.48
CA PRO G 336 -27.28 -26.46 16.43
C PRO G 336 -26.23 -26.64 15.35
N SER G 337 -25.27 -27.53 15.62
CA SER G 337 -24.20 -27.80 14.67
C SER G 337 -24.70 -28.59 13.46
N GLY G 338 -25.84 -29.26 13.59
CA GLY G 338 -26.40 -30.00 12.48
C GLY G 338 -27.77 -30.53 12.85
N TYR G 339 -28.49 -30.98 11.83
CA TYR G 339 -29.84 -31.50 12.03
C TYR G 339 -29.87 -32.78 12.87
N ALA G 340 -28.72 -33.45 13.02
CA ALA G 340 -28.67 -34.68 13.80
C ALA G 340 -28.99 -34.42 15.26
N GLU G 341 -28.38 -33.39 15.86
CA GLU G 341 -28.71 -33.04 17.23
C GLU G 341 -30.16 -32.62 17.38
N MET G 342 -30.79 -32.17 16.29
CA MET G 342 -32.19 -31.81 16.28
C MET G 342 -33.11 -33.00 16.04
N GLY G 343 -32.57 -34.21 15.91
CA GLY G 343 -33.38 -35.39 15.78
C GLY G 343 -33.79 -35.76 14.38
N VAL G 344 -33.18 -35.16 13.35
CA VAL G 344 -33.50 -35.56 11.98
C VAL G 344 -32.81 -36.89 11.70
N LYS G 345 -33.54 -37.82 11.09
CA LYS G 345 -33.02 -39.13 10.77
C LYS G 345 -32.79 -39.24 9.27
N GLU G 346 -31.68 -39.89 8.89
CA GLU G 346 -31.32 -40.00 7.49
C GLU G 346 -32.43 -40.66 6.68
N GLU G 347 -33.20 -41.54 7.33
CA GLU G 347 -34.21 -42.32 6.63
C GLU G 347 -35.25 -41.42 5.97
N ASP G 348 -35.60 -40.33 6.63
CA ASP G 348 -36.62 -39.45 6.08
C ASP G 348 -36.09 -38.53 4.99
N ILE G 349 -34.77 -38.48 4.78
CA ILE G 349 -34.19 -37.45 3.92
C ILE G 349 -34.87 -37.42 2.57
N GLU G 350 -34.92 -38.58 1.91
CA GLU G 350 -35.58 -38.71 0.62
C GLU G 350 -36.92 -37.98 0.62
N LEU G 351 -37.83 -38.40 1.51
CA LEU G 351 -39.15 -37.79 1.56
C LEU G 351 -39.04 -36.27 1.67
N LEU G 352 -38.29 -35.81 2.67
CA LEU G 352 -38.05 -34.38 2.84
C LEU G 352 -37.67 -33.75 1.50
N ALA G 353 -36.60 -34.27 0.89
CA ALA G 353 -36.13 -33.74 -0.39
C ALA G 353 -37.26 -33.74 -1.41
N LYS G 354 -37.95 -34.87 -1.56
CA LYS G 354 -39.03 -34.93 -2.54
C LYS G 354 -40.04 -33.83 -2.29
N ASN G 355 -40.54 -33.73 -1.05
CA ASN G 355 -41.55 -32.72 -0.79
C ASN G 355 -40.97 -31.31 -0.89
N ALA G 356 -39.68 -31.16 -0.61
CA ALA G 356 -39.07 -29.85 -0.79
C ALA G 356 -39.00 -29.48 -2.26
N TYR G 357 -38.82 -30.47 -3.13
CA TYR G 357 -38.73 -30.22 -4.57
C TYR G 357 -40.05 -29.68 -5.11
N GLU G 358 -41.16 -30.07 -4.52
CA GLU G 358 -42.47 -29.64 -4.96
C GLU G 358 -42.90 -28.34 -4.30
N ASP G 359 -42.11 -27.80 -3.38
CA ASP G 359 -42.42 -26.50 -2.79
C ASP G 359 -42.29 -25.42 -3.86
N VAL G 360 -43.15 -24.40 -3.76
CA VAL G 360 -43.09 -23.29 -4.72
C VAL G 360 -41.72 -22.61 -4.67
N CYS G 361 -41.09 -22.57 -3.49
CA CYS G 361 -39.87 -21.79 -3.33
C CYS G 361 -38.73 -22.32 -4.18
N THR G 362 -38.67 -23.65 -4.38
CA THR G 362 -37.62 -24.22 -5.22
C THR G 362 -37.62 -23.60 -6.61
N GLN G 363 -38.74 -23.01 -7.04
CA GLN G 363 -38.76 -22.33 -8.32
C GLN G 363 -38.19 -20.93 -8.23
N SER G 364 -38.13 -20.32 -7.04
CA SER G 364 -37.45 -19.05 -6.85
C SER G 364 -35.95 -19.21 -6.68
N ASN G 365 -35.48 -20.43 -6.40
CA ASN G 365 -34.07 -20.66 -6.12
C ASN G 365 -33.20 -20.29 -7.33
N PRO G 366 -32.11 -19.54 -7.12
CA PRO G 366 -31.26 -19.17 -8.27
C PRO G 366 -30.77 -20.37 -9.07
N ARG G 367 -30.41 -21.46 -8.39
CA ARG G 367 -29.88 -22.65 -9.03
C ARG G 367 -30.98 -23.71 -9.08
N VAL G 368 -31.37 -24.11 -10.28
CA VAL G 368 -32.44 -25.10 -10.46
C VAL G 368 -31.99 -26.40 -9.83
N PRO G 369 -32.71 -26.95 -8.85
CA PRO G 369 -32.25 -28.15 -8.16
C PRO G 369 -32.86 -29.44 -8.72
N THR G 370 -32.26 -30.56 -8.38
CA THR G 370 -32.90 -31.86 -8.53
C THR G 370 -33.23 -32.39 -7.14
N VAL G 371 -34.11 -33.38 -7.07
CA VAL G 371 -34.45 -33.99 -5.78
C VAL G 371 -33.18 -34.46 -5.08
N GLN G 372 -32.22 -35.00 -5.85
CA GLN G 372 -31.01 -35.50 -5.23
C GLN G 372 -30.09 -34.36 -4.80
N ASP G 373 -30.11 -33.23 -5.51
CA ASP G 373 -29.36 -32.06 -5.06
C ASP G 373 -29.87 -31.59 -3.70
N ILE G 374 -31.19 -31.44 -3.59
CA ILE G 374 -31.82 -31.07 -2.32
C ILE G 374 -31.48 -32.08 -1.24
N ALA G 375 -31.48 -33.37 -1.61
CA ALA G 375 -31.11 -34.42 -0.66
C ALA G 375 -29.68 -34.23 -0.16
N GLN G 376 -28.74 -33.93 -1.07
CA GLN G 376 -27.36 -33.73 -0.66
C GLN G 376 -27.21 -32.50 0.24
N ILE G 377 -27.98 -31.45 -0.02
CA ILE G 377 -27.97 -30.30 0.88
C ILE G 377 -28.38 -30.73 2.27
N ILE G 378 -29.53 -31.41 2.38
CA ILE G 378 -30.01 -31.84 3.69
C ILE G 378 -28.97 -32.74 4.36
N LYS G 379 -28.38 -33.65 3.60
CA LYS G 379 -27.37 -34.55 4.14
C LYS G 379 -26.18 -33.78 4.71
N ASN G 380 -25.61 -32.87 3.92
CA ASN G 380 -24.44 -32.12 4.37
C ASN G 380 -24.75 -31.30 5.60
N ALA G 381 -26.01 -30.88 5.76
CA ALA G 381 -26.36 -30.13 6.96
C ALA G 381 -26.67 -31.02 8.16
N MET G 382 -26.61 -32.35 8.01
CA MET G 382 -26.99 -33.23 9.10
C MET G 382 -25.99 -33.14 10.25
N LEU G 383 -24.69 -33.18 9.95
CA LEU G 383 -23.67 -33.13 10.97
C LEU G 383 -22.56 -32.18 10.52
N GLU G 384 -21.90 -31.58 11.52
CA GLU G 384 -20.70 -30.76 11.33
C GLU G 384 -20.25 -30.20 12.68
N MET H 1 -31.36 8.55 29.58
CA MET H 1 -32.10 9.48 30.41
C MET H 1 -31.14 10.41 31.14
N THR H 2 -31.14 10.34 32.47
CA THR H 2 -30.27 11.16 33.31
C THR H 2 -29.27 10.27 34.04
N THR H 3 -27.99 10.62 33.93
CA THR H 3 -26.93 9.93 34.63
C THR H 3 -26.34 10.84 35.71
N ASN H 4 -25.87 10.23 36.79
CA ASN H 4 -25.18 10.96 37.85
C ASN H 4 -23.69 10.65 37.76
N PHE H 5 -22.87 11.68 37.99
CA PHE H 5 -21.42 11.56 38.04
C PHE H 5 -21.01 11.89 39.47
N PHE H 6 -20.50 10.88 40.18
CA PHE H 6 -20.12 10.98 41.57
C PHE H 6 -18.63 10.73 41.72
N ILE H 7 -17.94 11.69 42.35
CA ILE H 7 -16.48 11.69 42.38
C ILE H 7 -16.02 12.48 43.61
N PRO H 8 -14.92 12.08 44.26
CA PRO H 8 -14.37 12.86 45.38
C PRO H 8 -14.14 14.31 44.98
N PRO H 9 -14.68 15.25 45.76
CA PRO H 9 -14.55 16.67 45.37
C PRO H 9 -13.12 17.18 45.36
N ALA H 10 -12.21 16.56 46.11
CA ALA H 10 -10.81 16.95 46.16
C ALA H 10 -9.92 15.71 46.07
N SER H 11 -9.00 15.71 45.10
CA SER H 11 -8.06 14.62 44.91
C SER H 11 -6.66 15.20 44.80
N VAL H 12 -5.71 14.57 45.47
CA VAL H 12 -4.30 14.92 45.39
C VAL H 12 -3.57 13.70 44.85
N ILE H 13 -3.11 13.79 43.61
CA ILE H 13 -2.40 12.73 42.92
C ILE H 13 -0.98 13.20 42.70
N GLY H 14 -0.02 12.36 43.04
CA GLY H 14 1.37 12.66 42.79
C GLY H 14 2.26 12.41 43.98
N ARG H 15 3.56 12.38 43.72
CA ARG H 15 4.54 12.06 44.76
C ARG H 15 4.49 13.11 45.86
N GLY H 16 4.47 12.63 47.11
CA GLY H 16 4.37 13.50 48.25
C GLY H 16 2.96 13.84 48.68
N ALA H 17 1.97 13.12 48.18
CA ALA H 17 0.59 13.49 48.47
C ALA H 17 0.20 13.12 49.90
N VAL H 18 0.88 12.14 50.49
CA VAL H 18 0.56 11.69 51.84
C VAL H 18 0.82 12.77 52.89
N LYS H 19 1.46 13.88 52.51
CA LYS H 19 1.71 14.98 53.42
C LYS H 19 0.55 15.96 53.51
N GLU H 20 -0.48 15.82 52.69
CA GLU H 20 -1.60 16.77 52.67
C GLU H 20 -2.82 16.26 53.42
N VAL H 21 -2.71 15.11 54.12
CA VAL H 21 -3.87 14.54 54.80
C VAL H 21 -4.44 15.52 55.82
N GLY H 22 -3.59 16.03 56.71
CA GLY H 22 -4.07 16.83 57.81
C GLY H 22 -4.63 18.17 57.40
N THR H 23 -3.92 18.89 56.53
CA THR H 23 -4.37 20.22 56.13
C THR H 23 -5.75 20.14 55.51
N ARG H 24 -5.94 19.22 54.55
CA ARG H 24 -7.24 19.06 53.93
C ARG H 24 -8.28 18.61 54.94
N LEU H 25 -7.90 17.71 55.85
CA LEU H 25 -8.82 17.27 56.88
C LEU H 25 -9.31 18.44 57.71
N LYS H 26 -8.44 19.44 57.90
CA LYS H 26 -8.85 20.66 58.59
C LYS H 26 -9.79 21.49 57.73
N GLN H 27 -9.52 21.58 56.43
CA GLN H 27 -10.43 22.30 55.54
C GLN H 27 -11.86 21.78 55.64
N ILE H 28 -12.03 20.46 55.79
CA ILE H 28 -13.35 19.84 55.84
C ILE H 28 -13.89 19.97 57.25
N GLY H 29 -13.05 20.50 58.13
CA GLY H 29 -13.46 20.77 59.49
C GLY H 29 -13.50 19.55 60.37
N ALA H 30 -12.51 18.67 60.24
CA ALA H 30 -12.46 17.45 61.01
C ALA H 30 -11.76 17.69 62.34
N LYS H 31 -12.39 17.25 63.42
CA LYS H 31 -11.83 17.40 64.77
C LYS H 31 -11.13 16.14 65.24
N LYS H 32 -11.77 14.99 65.06
CA LYS H 32 -11.21 13.70 65.45
C LYS H 32 -11.34 12.72 64.30
N ALA H 33 -10.23 12.06 63.95
CA ALA H 33 -10.20 11.11 62.86
C ALA H 33 -10.00 9.70 63.41
N LEU H 34 -10.71 8.75 62.82
CA LEU H 34 -10.42 7.33 63.08
C LEU H 34 -9.61 6.81 61.89
N ILE H 35 -8.42 6.29 62.16
CA ILE H 35 -7.55 5.76 61.12
C ILE H 35 -7.82 4.26 61.00
N VAL H 36 -8.27 3.84 59.83
CA VAL H 36 -8.59 2.45 59.53
C VAL H 36 -7.49 1.88 58.66
N THR H 37 -6.80 0.87 59.17
CA THR H 37 -5.71 0.23 58.45
C THR H 37 -5.62 -1.22 58.87
N ASP H 38 -4.74 -1.95 58.20
CA ASP H 38 -4.48 -3.35 58.50
C ASP H 38 -3.27 -3.46 59.42
N ALA H 39 -3.10 -4.66 60.00
CA ALA H 39 -2.09 -4.86 61.01
C ALA H 39 -0.68 -4.66 60.45
N PHE H 40 -0.44 -5.12 59.22
CA PHE H 40 0.93 -5.04 58.71
C PHE H 40 1.34 -3.61 58.40
N LEU H 41 0.43 -2.81 57.81
CA LEU H 41 0.77 -1.40 57.59
C LEU H 41 0.94 -0.66 58.90
N HIS H 42 0.12 -1.00 59.91
CA HIS H 42 0.29 -0.43 61.24
C HIS H 42 1.66 -0.76 61.82
N SER H 43 2.19 -1.95 61.51
CA SER H 43 3.52 -2.30 61.97
C SER H 43 4.63 -1.60 61.16
N THR H 44 4.40 -1.31 59.88
CA THR H 44 5.43 -0.64 59.09
C THR H 44 5.64 0.83 59.50
N GLY H 45 4.76 1.37 60.34
CA GLY H 45 4.93 2.71 60.87
C GLY H 45 4.22 3.80 60.11
N LEU H 46 3.67 3.51 58.94
CA LEU H 46 3.01 4.53 58.14
C LEU H 46 1.78 5.10 58.85
N SER H 47 1.06 4.27 59.59
CA SER H 47 -0.10 4.75 60.34
C SER H 47 0.28 5.88 61.29
N GLU H 48 1.40 5.71 62.00
CA GLU H 48 1.85 6.73 62.93
C GLU H 48 2.31 7.99 62.20
N GLU H 49 2.95 7.84 61.04
CA GLU H 49 3.35 9.01 60.26
C GLU H 49 2.13 9.83 59.84
N VAL H 50 1.12 9.16 59.29
CA VAL H 50 -0.11 9.84 58.90
C VAL H 50 -0.72 10.54 60.11
N ALA H 51 -0.85 9.82 61.22
CA ALA H 51 -1.37 10.41 62.46
C ALA H 51 -0.60 11.65 62.86
N LYS H 52 0.72 11.64 62.65
CA LYS H 52 1.52 12.82 62.99
C LYS H 52 1.10 14.01 62.16
N ASN H 53 1.00 13.83 60.84
CA ASN H 53 0.58 14.98 60.02
C ASN H 53 -0.82 15.44 60.40
N ILE H 54 -1.70 14.50 60.75
CA ILE H 54 -3.07 14.89 61.10
C ILE H 54 -3.07 15.74 62.36
N ARG H 55 -2.26 15.34 63.36
CA ARG H 55 -2.19 16.10 64.61
C ARG H 55 -1.43 17.42 64.45
N GLU H 56 -0.54 17.53 63.46
CA GLU H 56 0.07 18.83 63.20
C GLU H 56 -0.93 19.83 62.66
N ALA H 57 -2.01 19.34 62.04
CA ALA H 57 -3.10 20.20 61.59
C ALA H 57 -4.11 20.47 62.69
N GLY H 58 -3.90 19.94 63.89
CA GLY H 58 -4.79 20.14 65.00
C GLY H 58 -5.98 19.22 65.07
N VAL H 59 -5.85 17.99 64.57
CA VAL H 59 -6.94 17.03 64.51
C VAL H 59 -6.55 15.80 65.31
N ASP H 60 -7.41 15.38 66.22
CA ASP H 60 -7.08 14.21 67.03
C ASP H 60 -7.30 12.93 66.22
N VAL H 61 -6.51 11.90 66.56
CA VAL H 61 -6.50 10.66 65.80
C VAL H 61 -6.55 9.46 66.74
N ALA H 62 -7.11 8.36 66.23
CA ALA H 62 -7.11 7.05 66.85
C ALA H 62 -6.90 6.01 65.76
N ILE H 63 -6.33 4.87 66.14
CA ILE H 63 -5.99 3.81 65.20
C ILE H 63 -6.91 2.62 65.44
N PHE H 64 -7.46 2.07 64.36
CA PHE H 64 -8.29 0.88 64.39
C PHE H 64 -7.64 -0.12 63.44
N PRO H 65 -6.56 -0.76 63.86
CA PRO H 65 -5.82 -1.60 62.90
C PRO H 65 -6.41 -2.99 62.75
N LYS H 66 -7.71 -3.09 62.58
CA LYS H 66 -8.39 -4.37 62.46
C LYS H 66 -8.93 -4.62 61.05
N ALA H 67 -8.47 -3.88 60.06
CA ALA H 67 -8.92 -4.10 58.70
C ALA H 67 -8.19 -5.30 58.12
N GLN H 68 -8.96 -6.24 57.56
CA GLN H 68 -8.38 -7.43 56.98
C GLN H 68 -8.80 -7.60 55.52
N PRO H 69 -8.00 -8.27 54.70
CA PRO H 69 -8.50 -8.68 53.38
C PRO H 69 -9.77 -9.49 53.51
N ASP H 70 -10.62 -9.36 52.49
CA ASP H 70 -11.97 -9.88 52.56
C ASP H 70 -12.62 -9.28 53.82
N PRO H 71 -12.89 -7.98 53.83
CA PRO H 71 -13.48 -7.35 55.03
C PRO H 71 -14.87 -7.90 55.31
N ALA H 72 -15.09 -8.35 56.54
CA ALA H 72 -16.34 -8.98 56.94
C ALA H 72 -17.14 -8.05 57.84
N ASP H 73 -18.43 -8.39 58.01
CA ASP H 73 -19.32 -7.57 58.84
C ASP H 73 -18.82 -7.45 60.27
N THR H 74 -18.11 -8.48 60.77
CA THR H 74 -17.57 -8.44 62.11
C THR H 74 -16.71 -7.20 62.31
N GLN H 75 -15.74 -7.00 61.42
CA GLN H 75 -14.84 -5.86 61.53
C GLN H 75 -15.59 -4.55 61.35
N VAL H 76 -16.62 -4.55 60.49
CA VAL H 76 -17.40 -3.34 60.25
C VAL H 76 -18.07 -2.86 61.53
N HIS H 77 -18.85 -3.73 62.18
CA HIS H 77 -19.57 -3.31 63.37
C HIS H 77 -18.64 -3.05 64.56
N GLU H 78 -17.56 -3.83 64.67
CA GLU H 78 -16.55 -3.52 65.68
C GLU H 78 -15.97 -2.11 65.47
N GLY H 79 -15.69 -1.76 64.21
CA GLY H 79 -15.17 -0.45 63.93
C GLY H 79 -16.15 0.66 64.23
N VAL H 80 -17.44 0.40 63.95
CA VAL H 80 -18.48 1.37 64.31
C VAL H 80 -18.45 1.64 65.81
N ASP H 81 -18.29 0.58 66.60
CA ASP H 81 -18.16 0.75 68.04
C ASP H 81 -17.01 1.70 68.38
N VAL H 82 -15.82 1.43 67.82
CA VAL H 82 -14.68 2.30 68.13
C VAL H 82 -14.95 3.73 67.68
N PHE H 83 -15.68 3.89 66.59
CA PHE H 83 -16.05 5.22 66.11
C PHE H 83 -16.88 5.96 67.14
N LYS H 84 -17.77 5.23 67.83
CA LYS H 84 -18.60 5.86 68.86
C LYS H 84 -17.82 6.13 70.16
N GLN H 85 -17.01 5.17 70.63
CA GLN H 85 -16.29 5.39 71.89
C GLN H 85 -15.29 6.54 71.76
N GLU H 86 -14.59 6.61 70.63
CA GLU H 86 -13.62 7.69 70.42
C GLU H 86 -14.28 9.00 70.05
N ASN H 87 -15.56 8.97 69.70
CA ASN H 87 -16.34 10.16 69.34
C ASN H 87 -15.66 10.91 68.19
N CYS H 88 -15.59 10.23 67.05
CA CYS H 88 -14.88 10.75 65.89
C CYS H 88 -15.86 11.43 64.94
N ASP H 89 -15.35 12.43 64.22
CA ASP H 89 -16.13 13.09 63.19
C ASP H 89 -15.62 12.82 61.78
N SER H 90 -14.45 12.18 61.63
CA SER H 90 -13.93 11.86 60.31
C SER H 90 -13.34 10.46 60.30
N LEU H 91 -13.27 9.88 59.10
CA LEU H 91 -12.64 8.58 58.89
C LEU H 91 -11.52 8.74 57.87
N VAL H 92 -10.32 8.27 58.22
CA VAL H 92 -9.19 8.25 57.31
C VAL H 92 -8.77 6.81 57.11
N SER H 93 -8.67 6.40 55.86
CA SER H 93 -8.31 5.04 55.48
C SER H 93 -6.88 5.03 54.98
N ILE H 94 -6.10 4.03 55.38
CA ILE H 94 -4.72 3.89 54.90
C ILE H 94 -4.53 2.45 54.42
N GLY H 95 -4.38 2.28 53.11
CA GLY H 95 -4.02 0.95 52.65
C GLY H 95 -4.71 0.61 51.34
N GLY H 96 -4.93 -0.70 51.16
CA GLY H 96 -5.57 -1.23 49.98
C GLY H 96 -7.09 -1.07 50.04
N GLY H 97 -7.76 -1.74 49.11
CA GLY H 97 -9.21 -1.64 49.03
C GLY H 97 -9.94 -2.07 50.28
N SER H 98 -9.37 -3.04 51.02
CA SER H 98 -10.00 -3.50 52.25
C SER H 98 -10.20 -2.35 53.23
N SER H 99 -9.15 -1.53 53.41
CA SER H 99 -9.24 -0.39 54.31
C SER H 99 -10.33 0.57 53.88
N HIS H 100 -10.34 0.93 52.59
CA HIS H 100 -11.29 1.91 52.08
C HIS H 100 -12.72 1.41 52.25
N ASP H 101 -12.99 0.18 51.82
CA ASP H 101 -14.34 -0.36 51.92
C ASP H 101 -14.77 -0.48 53.37
N THR H 102 -13.85 -0.93 54.24
CA THR H 102 -14.16 -1.03 55.65
C THR H 102 -14.60 0.32 56.21
N ALA H 103 -13.78 1.35 55.98
CA ALA H 103 -14.08 2.66 56.56
C ALA H 103 -15.39 3.20 56.02
N LYS H 104 -15.66 3.00 54.73
CA LYS H 104 -16.95 3.38 54.17
C LYS H 104 -18.10 2.72 54.92
N ALA H 105 -17.99 1.40 55.17
CA ALA H 105 -19.07 0.68 55.83
C ALA H 105 -19.25 1.15 57.27
N ILE H 106 -18.13 1.37 57.98
CA ILE H 106 -18.18 1.97 59.31
C ILE H 106 -19.01 3.26 59.27
N GLY H 107 -18.68 4.15 58.34
CA GLY H 107 -19.41 5.40 58.25
C GLY H 107 -20.89 5.20 58.04
N LEU H 108 -21.25 4.40 57.03
CA LEU H 108 -22.66 4.23 56.67
C LEU H 108 -23.46 3.65 57.84
N VAL H 109 -22.94 2.58 58.46
CA VAL H 109 -23.69 1.94 59.53
C VAL H 109 -23.74 2.83 60.77
N ALA H 110 -22.61 3.44 61.15
CA ALA H 110 -22.60 4.33 62.29
C ALA H 110 -23.58 5.49 62.12
N ALA H 111 -23.84 5.90 60.88
CA ALA H 111 -24.73 7.02 60.65
C ALA H 111 -26.19 6.64 60.41
N ASN H 112 -26.49 5.39 60.03
CA ASN H 112 -27.83 5.08 59.53
C ASN H 112 -28.50 3.84 60.12
N GLY H 113 -27.77 2.84 60.61
CA GLY H 113 -28.47 1.66 61.07
C GLY H 113 -27.67 0.66 61.88
N GLY H 114 -28.03 -0.61 61.79
CA GLY H 114 -27.44 -1.63 62.64
C GLY H 114 -26.51 -2.60 61.96
N ARG H 115 -26.83 -3.02 60.74
CA ARG H 115 -26.04 -4.01 60.02
C ARG H 115 -25.75 -3.52 58.62
N ILE H 116 -24.50 -3.67 58.17
CA ILE H 116 -24.18 -3.41 56.78
C ILE H 116 -24.87 -4.42 55.88
N ASN H 117 -25.24 -5.58 56.41
CA ASN H 117 -26.00 -6.58 55.68
C ASN H 117 -27.40 -6.09 55.33
N ASP H 118 -27.84 -4.97 55.90
CA ASP H 118 -29.09 -4.33 55.52
C ASP H 118 -28.92 -3.36 54.36
N TYR H 119 -27.68 -3.14 53.92
CA TYR H 119 -27.38 -2.14 52.91
C TYR H 119 -26.89 -2.73 51.60
N GLN H 120 -27.10 -4.03 51.38
CA GLN H 120 -26.68 -4.64 50.13
C GLN H 120 -27.40 -4.00 48.96
N GLY H 121 -26.68 -3.83 47.85
CA GLY H 121 -27.19 -3.16 46.68
C GLY H 121 -27.05 -1.65 46.76
N VAL H 122 -27.66 -1.00 45.79
CA VAL H 122 -27.65 0.46 45.74
C VAL H 122 -28.66 0.99 46.75
N ASN H 123 -28.22 1.93 47.57
CA ASN H 123 -29.09 2.51 48.59
C ASN H 123 -29.28 4.01 48.32
N SER H 124 -30.29 4.58 48.95
CA SER H 124 -30.53 6.01 48.98
C SER H 124 -30.58 6.51 50.41
N VAL H 125 -29.52 6.24 51.17
CA VAL H 125 -29.50 6.56 52.60
C VAL H 125 -29.64 8.08 52.80
N GLU H 126 -30.40 8.48 53.83
CA GLU H 126 -30.79 9.86 54.01
C GLU H 126 -30.08 10.60 55.13
N LYS H 127 -29.34 9.91 55.99
CA LYS H 127 -28.64 10.64 57.04
C LYS H 127 -27.20 10.91 56.64
N PRO H 128 -26.71 12.13 56.84
CA PRO H 128 -25.33 12.46 56.43
C PRO H 128 -24.29 11.50 57.00
N VAL H 129 -23.31 11.17 56.18
CA VAL H 129 -22.21 10.29 56.56
C VAL H 129 -20.96 11.15 56.73
N VAL H 130 -20.14 10.83 57.74
CA VAL H 130 -18.96 11.61 58.08
C VAL H 130 -17.96 11.63 56.93
N PRO H 131 -17.10 12.65 56.86
CA PRO H 131 -16.14 12.72 55.75
C PRO H 131 -15.14 11.58 55.77
N VAL H 132 -14.87 11.03 54.59
CA VAL H 132 -13.87 9.99 54.41
C VAL H 132 -12.72 10.55 53.57
N VAL H 133 -11.50 10.33 54.04
CA VAL H 133 -10.28 10.65 53.31
C VAL H 133 -9.54 9.35 53.11
N ALA H 134 -9.28 8.98 51.87
CA ALA H 134 -8.72 7.67 51.55
C ALA H 134 -7.29 7.80 51.02
N ILE H 135 -6.37 7.06 51.62
CA ILE H 135 -4.97 7.03 51.23
C ILE H 135 -4.70 5.67 50.60
N THR H 136 -4.41 5.66 49.29
CA THR H 136 -4.24 4.40 48.57
C THR H 136 -2.77 3.97 48.59
N THR H 137 -2.56 2.67 48.74
CA THR H 137 -1.22 2.08 48.72
C THR H 137 -1.06 1.04 47.63
N THR H 138 -2.09 0.80 46.82
CA THR H 138 -2.05 -0.16 45.73
C THR H 138 -2.57 0.50 44.45
N ALA H 139 -2.05 0.06 43.31
CA ALA H 139 -2.46 0.57 42.01
C ALA H 139 -3.65 -0.23 41.47
N GLY H 140 -4.71 -0.26 42.27
CA GLY H 140 -5.91 -0.96 41.91
C GLY H 140 -7.08 -0.49 42.74
N THR H 141 -8.16 -1.28 42.68
CA THR H 141 -9.43 -1.03 43.36
C THR H 141 -10.05 0.29 42.92
N GLY H 142 -9.29 1.39 43.01
CA GLY H 142 -9.87 2.70 42.78
C GLY H 142 -10.88 3.11 43.81
N SER H 143 -10.93 2.43 44.97
CA SER H 143 -11.95 2.68 45.98
C SER H 143 -11.80 4.02 46.66
N GLU H 144 -10.66 4.69 46.51
CA GLU H 144 -10.57 6.08 46.97
C GLU H 144 -11.49 7.00 46.19
N THR H 145 -12.13 6.49 45.13
CA THR H 145 -12.99 7.29 44.27
C THR H 145 -14.38 6.70 44.09
N THR H 146 -14.66 5.53 44.64
CA THR H 146 -15.90 4.82 44.35
C THR H 146 -16.93 5.00 45.46
N SER H 147 -18.21 4.96 45.07
CA SER H 147 -19.33 4.90 45.99
C SER H 147 -19.66 3.46 46.41
N LEU H 148 -18.70 2.54 46.25
CA LEU H 148 -18.92 1.11 46.47
C LEU H 148 -17.98 0.58 47.55
N ALA H 149 -18.51 -0.35 48.35
CA ALA H 149 -17.74 -1.09 49.34
C ALA H 149 -18.19 -2.53 49.30
N VAL H 150 -17.25 -3.47 49.18
CA VAL H 150 -17.58 -4.89 49.11
C VAL H 150 -17.22 -5.51 50.45
N ILE H 151 -18.23 -5.79 51.27
CA ILE H 151 -18.06 -6.38 52.59
C ILE H 151 -18.69 -7.77 52.57
N THR H 152 -17.99 -8.76 53.13
CA THR H 152 -18.48 -10.13 53.04
C THR H 152 -19.47 -10.41 54.15
N ASP H 153 -20.49 -11.20 53.83
CA ASP H 153 -21.31 -11.83 54.85
C ASP H 153 -20.69 -13.20 55.06
N SER H 154 -20.03 -13.40 56.20
CA SER H 154 -19.30 -14.63 56.46
C SER H 154 -20.24 -15.77 56.81
N ALA H 155 -21.49 -15.48 57.14
CA ALA H 155 -22.47 -16.52 57.38
C ALA H 155 -22.90 -17.14 56.06
N ARG H 156 -23.38 -16.31 55.14
CA ARG H 156 -23.74 -16.75 53.80
C ARG H 156 -22.52 -16.86 52.90
N LYS H 157 -21.35 -16.39 53.36
CA LYS H 157 -20.10 -16.51 52.63
C LYS H 157 -20.19 -15.84 51.26
N VAL H 158 -20.82 -14.66 51.19
CA VAL H 158 -21.00 -13.95 49.93
C VAL H 158 -20.45 -12.54 50.07
N LYS H 159 -19.60 -12.13 49.12
CA LYS H 159 -19.14 -10.74 49.07
C LYS H 159 -20.28 -9.84 48.65
N MET H 160 -20.75 -8.97 49.54
CA MET H 160 -21.86 -8.09 49.27
C MET H 160 -21.34 -6.75 48.77
N PRO H 161 -21.75 -6.32 47.58
CA PRO H 161 -21.48 -4.93 47.16
C PRO H 161 -22.51 -3.98 47.76
N VAL H 162 -22.03 -2.86 48.30
CA VAL H 162 -22.83 -1.89 49.04
C VAL H 162 -22.53 -0.53 48.42
N ILE H 163 -23.52 0.09 47.79
CA ILE H 163 -23.32 1.29 46.99
C ILE H 163 -24.23 2.41 47.49
N ASP H 164 -23.64 3.57 47.78
CA ASP H 164 -24.39 4.77 48.11
C ASP H 164 -23.50 5.98 47.85
N GLU H 165 -24.09 7.03 47.31
CA GLU H 165 -23.34 8.26 47.04
C GLU H 165 -22.60 8.76 48.27
N LYS H 166 -23.24 8.67 49.43
CA LYS H 166 -22.68 9.23 50.65
C LYS H 166 -21.40 8.54 51.10
N ILE H 167 -21.12 7.33 50.59
CA ILE H 167 -19.88 6.67 50.96
C ILE H 167 -18.75 6.92 49.97
N THR H 168 -18.98 7.76 48.97
CA THR H 168 -17.89 8.22 48.12
C THR H 168 -16.93 9.04 48.97
N PRO H 169 -15.65 8.70 48.99
CA PRO H 169 -14.70 9.45 49.82
C PRO H 169 -14.76 10.95 49.52
N THR H 170 -14.50 11.76 50.55
CA THR H 170 -14.52 13.20 50.38
C THR H 170 -13.15 13.72 49.93
N VAL H 171 -12.07 13.06 50.30
CA VAL H 171 -10.76 13.43 49.79
C VAL H 171 -10.02 12.16 49.38
N ALA H 172 -9.37 12.22 48.21
CA ALA H 172 -8.57 11.10 47.72
C ALA H 172 -7.10 11.48 47.72
N ILE H 173 -6.26 10.61 48.28
CA ILE H 173 -4.82 10.82 48.35
C ILE H 173 -4.15 9.62 47.67
N VAL H 174 -3.56 9.88 46.50
CA VAL H 174 -2.88 8.86 45.70
C VAL H 174 -1.40 9.23 45.63
N ASP H 175 -0.61 8.69 46.55
CA ASP H 175 0.82 8.97 46.58
C ASP H 175 1.60 7.78 46.01
N PRO H 176 2.14 7.88 44.80
CA PRO H 176 2.85 6.72 44.23
C PRO H 176 4.05 6.27 45.03
N GLU H 177 4.65 7.15 45.84
CA GLU H 177 5.81 6.77 46.63
C GLU H 177 5.47 5.69 47.65
N LEU H 178 4.20 5.57 48.05
CA LEU H 178 3.76 4.49 48.93
C LEU H 178 3.59 3.17 48.21
N MET H 179 3.70 3.16 46.89
CA MET H 179 3.44 1.97 46.10
C MET H 179 4.71 1.28 45.61
N VAL H 180 5.87 1.89 45.80
CA VAL H 180 7.10 1.37 45.21
C VAL H 180 7.41 -0.02 45.75
N LYS H 181 7.15 -0.25 47.03
CA LYS H 181 7.52 -1.49 47.69
C LYS H 181 6.49 -2.58 47.50
N LYS H 182 5.49 -2.36 46.67
CA LYS H 182 4.56 -3.42 46.31
C LYS H 182 5.31 -4.55 45.62
N PRO H 183 5.26 -5.77 46.13
CA PRO H 183 5.90 -6.89 45.44
C PRO H 183 5.27 -7.12 44.07
N ALA H 184 5.99 -7.89 43.24
CA ALA H 184 5.56 -8.09 41.85
C ALA H 184 4.18 -8.74 41.76
N GLY H 185 3.91 -9.73 42.62
CA GLY H 185 2.59 -10.35 42.61
C GLY H 185 1.47 -9.37 42.89
N LEU H 186 1.66 -8.49 43.89
CA LEU H 186 0.65 -7.49 44.19
C LEU H 186 0.49 -6.50 43.04
N THR H 187 1.60 -6.14 42.40
CA THR H 187 1.54 -5.28 41.23
C THR H 187 0.67 -5.92 40.16
N ILE H 188 0.93 -7.20 39.85
CA ILE H 188 0.15 -7.88 38.83
C ILE H 188 -1.33 -7.88 39.21
N ALA H 189 -1.64 -8.28 40.45
CA ALA H 189 -3.04 -8.42 40.85
C ALA H 189 -3.79 -7.08 40.82
N THR H 190 -3.22 -6.06 41.46
CA THR H 190 -3.85 -4.74 41.50
C THR H 190 -3.98 -4.14 40.10
N GLY H 191 -2.93 -4.22 39.29
CA GLY H 191 -3.00 -3.67 37.94
C GLY H 191 -4.03 -4.38 37.09
N MET H 192 -4.10 -5.71 37.18
CA MET H 192 -5.11 -6.43 36.42
C MET H 192 -6.51 -6.11 36.91
N ASP H 193 -6.69 -5.81 38.20
CA ASP H 193 -8.00 -5.34 38.63
C ASP H 193 -8.30 -3.97 38.04
N ALA H 194 -7.29 -3.11 37.93
CA ALA H 194 -7.49 -1.82 37.28
C ALA H 194 -7.94 -2.00 35.83
N LEU H 195 -7.27 -2.89 35.11
CA LEU H 195 -7.65 -3.18 33.73
C LEU H 195 -9.06 -3.74 33.65
N SER H 196 -9.41 -4.63 34.59
CA SER H 196 -10.76 -5.16 34.69
C SER H 196 -11.79 -4.04 34.82
N HIS H 197 -11.50 -3.06 35.69
CA HIS H 197 -12.41 -1.94 35.87
C HIS H 197 -12.58 -1.17 34.57
N ALA H 198 -11.46 -0.87 33.90
CA ALA H 198 -11.53 -0.12 32.64
C ALA H 198 -12.38 -0.85 31.60
N ILE H 199 -12.09 -2.12 31.38
CA ILE H 199 -12.79 -2.87 30.35
C ILE H 199 -14.26 -3.00 30.69
N GLU H 200 -14.58 -3.35 31.94
CA GLU H 200 -15.98 -3.56 32.30
C GLU H 200 -16.77 -2.26 32.27
N ALA H 201 -16.15 -1.12 32.58
CA ALA H 201 -16.84 0.16 32.48
C ALA H 201 -17.08 0.56 31.04
N TYR H 202 -16.14 0.23 30.15
CA TYR H 202 -16.29 0.62 28.75
C TYR H 202 -17.46 -0.09 28.08
N VAL H 203 -17.72 -1.35 28.46
CA VAL H 203 -18.74 -2.15 27.78
C VAL H 203 -20.06 -2.22 28.55
N ALA H 204 -20.15 -1.57 29.70
CA ALA H 204 -21.34 -1.71 30.55
C ALA H 204 -22.56 -1.02 29.92
N LYS H 205 -23.74 -1.34 30.45
CA LYS H 205 -24.98 -0.72 30.02
C LYS H 205 -25.15 0.69 30.54
N GLY H 206 -24.43 1.06 31.60
CA GLY H 206 -24.54 2.39 32.14
C GLY H 206 -23.42 3.30 31.66
N ALA H 207 -22.87 3.00 30.49
CA ALA H 207 -21.76 3.76 29.96
C ALA H 207 -22.20 5.14 29.47
N THR H 208 -21.36 6.13 29.71
CA THR H 208 -21.57 7.53 29.38
C THR H 208 -20.28 8.06 28.75
N PRO H 209 -20.37 9.14 27.95
CA PRO H 209 -19.13 9.73 27.40
C PRO H 209 -18.06 10.00 28.44
N VAL H 210 -18.48 10.46 29.63
CA VAL H 210 -17.54 10.82 30.68
C VAL H 210 -16.75 9.60 31.15
N THR H 211 -17.45 8.49 31.44
CA THR H 211 -16.73 7.31 31.87
C THR H 211 -15.88 6.73 30.74
N ASP H 212 -16.36 6.84 29.49
CA ASP H 212 -15.61 6.32 28.34
C ASP H 212 -14.26 6.99 28.23
N ALA H 213 -14.19 8.30 28.49
CA ALA H 213 -12.91 9.01 28.45
C ALA H 213 -11.88 8.35 29.36
N PHE H 214 -12.25 8.15 30.63
CA PHE H 214 -11.33 7.59 31.60
C PHE H 214 -11.04 6.11 31.32
N ALA H 215 -12.02 5.36 30.82
CA ALA H 215 -11.77 3.96 30.50
C ALA H 215 -10.71 3.85 29.42
N ILE H 216 -10.84 4.63 28.34
CA ILE H 216 -9.87 4.57 27.25
C ILE H 216 -8.49 4.99 27.74
N GLN H 217 -8.41 6.08 28.51
CA GLN H 217 -7.09 6.52 28.96
C GLN H 217 -6.46 5.52 29.92
N ALA H 218 -7.27 4.91 30.79
CA ALA H 218 -6.77 3.89 31.70
C ALA H 218 -6.20 2.70 30.92
N MET H 219 -6.90 2.25 29.87
CA MET H 219 -6.39 1.14 29.08
C MET H 219 -5.09 1.50 28.38
N LYS H 220 -4.98 2.72 27.84
CA LYS H 220 -3.73 3.13 27.23
C LYS H 220 -2.59 3.11 28.25
N LEU H 221 -2.80 3.76 29.40
CA LEU H 221 -1.77 3.81 30.43
C LEU H 221 -1.37 2.43 30.90
N ILE H 222 -2.35 1.54 31.13
CA ILE H 222 -2.04 0.21 31.62
C ILE H 222 -1.22 -0.56 30.59
N ASN H 223 -1.69 -0.60 29.35
CA ASN H 223 -0.94 -1.29 28.29
C ASN H 223 0.51 -0.83 28.24
N GLU H 224 0.75 0.48 28.40
CA GLU H 224 2.15 0.90 28.28
C GLU H 224 2.97 0.57 29.54
N TYR H 225 2.42 0.83 30.74
CA TYR H 225 3.25 0.87 31.94
C TYR H 225 3.06 -0.27 32.94
N LEU H 226 1.93 -0.99 32.93
CA LEU H 226 1.77 -2.11 33.85
C LEU H 226 2.87 -3.15 33.68
N PRO H 227 3.22 -3.61 32.48
CA PRO H 227 4.37 -4.52 32.37
C PRO H 227 5.66 -3.91 32.93
N LYS H 228 5.85 -2.61 32.74
CA LYS H 228 7.06 -1.96 33.25
C LYS H 228 7.06 -1.93 34.77
N ALA H 229 5.91 -1.67 35.38
CA ALA H 229 5.82 -1.64 36.84
C ALA H 229 5.96 -3.04 37.43
N VAL H 230 5.44 -4.06 36.75
CA VAL H 230 5.67 -5.44 37.19
C VAL H 230 7.17 -5.74 37.18
N ALA H 231 7.86 -5.31 36.11
CA ALA H 231 9.28 -5.65 35.98
C ALA H 231 10.13 -5.00 37.07
N ASN H 232 10.01 -3.68 37.23
CA ASN H 232 10.80 -2.93 38.20
C ASN H 232 9.87 -2.15 39.11
N GLY H 233 9.83 -2.51 40.38
CA GLY H 233 9.03 -1.77 41.34
C GLY H 233 9.58 -0.39 41.65
N GLU H 234 10.88 -0.18 41.46
CA GLU H 234 11.55 1.08 41.74
C GLU H 234 11.43 2.09 40.61
N ASP H 235 10.71 1.75 39.53
CA ASP H 235 10.42 2.69 38.45
C ASP H 235 9.30 3.61 38.91
N ILE H 236 9.67 4.82 39.33
CA ILE H 236 8.67 5.72 39.91
C ILE H 236 7.70 6.19 38.83
N GLU H 237 8.18 6.34 37.59
CA GLU H 237 7.32 6.81 36.50
C GLU H 237 6.16 5.86 36.27
N ALA H 238 6.48 4.56 36.16
CA ALA H 238 5.44 3.56 35.95
C ALA H 238 4.47 3.51 37.11
N ARG H 239 4.99 3.66 38.33
CA ARG H 239 4.12 3.68 39.51
C ARG H 239 3.13 4.84 39.43
N GLU H 240 3.60 6.02 39.05
CA GLU H 240 2.73 7.19 38.97
C GLU H 240 1.67 6.99 37.90
N LYS H 241 2.08 6.51 36.72
CA LYS H 241 1.13 6.30 35.63
C LYS H 241 0.05 5.33 36.03
N MET H 242 0.43 4.21 36.68
CA MET H 242 -0.53 3.23 37.14
C MET H 242 -1.46 3.81 38.19
N ALA H 243 -0.96 4.73 39.02
CA ALA H 243 -1.83 5.41 39.97
C ALA H 243 -2.92 6.19 39.24
N TYR H 244 -2.52 6.99 38.25
CA TYR H 244 -3.49 7.73 37.43
C TYR H 244 -4.51 6.78 36.79
N ALA H 245 -4.04 5.64 36.29
CA ALA H 245 -4.90 4.72 35.56
C ALA H 245 -5.93 4.08 36.47
N GLN H 246 -5.52 3.61 37.66
CA GLN H 246 -6.48 2.99 38.56
C GLN H 246 -7.47 4.01 39.11
N TYR H 247 -7.02 5.25 39.35
CA TYR H 247 -7.95 6.32 39.72
C TYR H 247 -9.04 6.46 38.67
N MET H 248 -8.64 6.62 37.40
CA MET H 248 -9.61 6.85 36.33
C MET H 248 -10.49 5.63 36.10
N ALA H 249 -9.93 4.42 36.22
CA ALA H 249 -10.72 3.20 36.06
C ALA H 249 -11.76 3.08 37.18
N GLY H 250 -11.38 3.45 38.39
CA GLY H 250 -12.34 3.43 39.48
C GLY H 250 -13.48 4.39 39.23
N VAL H 251 -13.16 5.63 38.83
CA VAL H 251 -14.21 6.59 38.51
C VAL H 251 -15.12 6.03 37.41
N ALA H 252 -14.52 5.41 36.39
CA ALA H 252 -15.28 4.89 35.28
C ALA H 252 -16.28 3.83 35.73
N PHE H 253 -15.82 2.81 36.47
CA PHE H 253 -16.76 1.75 36.84
C PHE H 253 -17.74 2.22 37.91
N ASN H 254 -17.31 3.14 38.77
CA ASN H 254 -18.22 3.68 39.77
C ASN H 254 -19.40 4.39 39.11
N ASN H 255 -19.12 5.25 38.12
CA ASN H 255 -20.19 5.98 37.46
C ASN H 255 -20.71 5.29 36.20
N GLY H 256 -19.91 4.41 35.61
CA GLY H 256 -20.41 3.62 34.50
C GLY H 256 -21.06 2.33 34.98
N GLY H 257 -20.31 1.24 34.94
CA GLY H 257 -20.81 -0.01 35.46
C GLY H 257 -19.71 -1.05 35.44
N LEU H 258 -19.98 -2.15 36.12
CA LEU H 258 -19.13 -3.33 36.14
C LEU H 258 -19.85 -4.45 35.38
N GLY H 259 -19.52 -5.70 35.67
CA GLY H 259 -20.13 -6.78 34.94
C GLY H 259 -19.77 -8.14 35.49
N LEU H 260 -19.95 -9.16 34.64
CA LEU H 260 -19.84 -10.54 35.11
C LEU H 260 -18.44 -10.92 35.58
N VAL H 261 -17.41 -10.15 35.22
CA VAL H 261 -16.07 -10.42 35.75
C VAL H 261 -16.07 -10.29 37.27
N HIS H 262 -16.54 -9.15 37.77
CA HIS H 262 -16.62 -8.93 39.20
C HIS H 262 -17.71 -9.73 39.87
N SER H 263 -18.86 -9.92 39.21
CA SER H 263 -19.89 -10.80 39.76
C SER H 263 -19.34 -12.21 40.01
N ILE H 264 -18.61 -12.77 39.05
CA ILE H 264 -18.04 -14.10 39.25
C ILE H 264 -16.94 -14.07 40.30
N SER H 265 -16.08 -13.05 40.25
CA SER H 265 -14.93 -13.06 41.16
C SER H 265 -15.35 -12.88 42.61
N HIS H 266 -16.40 -12.11 42.86
CA HIS H 266 -16.86 -11.95 44.24
C HIS H 266 -17.17 -13.31 44.85
N GLN H 267 -17.90 -14.16 44.12
CA GLN H 267 -18.24 -15.48 44.64
C GLN H 267 -16.99 -16.35 44.78
N VAL H 268 -16.20 -16.44 43.71
CA VAL H 268 -15.03 -17.32 43.74
C VAL H 268 -14.11 -16.94 44.89
N GLY H 269 -13.72 -15.67 44.94
CA GLY H 269 -12.76 -15.23 45.95
C GLY H 269 -13.33 -15.27 47.35
N GLY H 270 -14.62 -14.97 47.51
CA GLY H 270 -15.23 -15.11 48.82
C GLY H 270 -15.13 -16.53 49.33
N VAL H 271 -15.45 -17.50 48.49
CA VAL H 271 -15.46 -18.89 48.93
C VAL H 271 -14.04 -19.37 49.21
N TYR H 272 -13.16 -19.29 48.23
CA TYR H 272 -11.87 -19.97 48.34
C TYR H 272 -10.73 -19.09 48.82
N LYS H 273 -11.00 -17.82 49.11
CA LYS H 273 -9.97 -16.87 49.57
C LYS H 273 -8.80 -16.80 48.59
N LEU H 274 -9.11 -16.29 47.39
CA LEU H 274 -8.15 -16.10 46.33
C LEU H 274 -8.07 -14.62 45.95
N GLN H 275 -6.99 -14.26 45.28
CA GLN H 275 -6.74 -12.86 44.99
C GLN H 275 -7.74 -12.33 43.97
N HIS H 276 -8.25 -11.12 44.23
CA HIS H 276 -9.30 -10.54 43.40
C HIS H 276 -8.83 -10.34 41.96
N GLY H 277 -7.66 -9.72 41.79
CA GLY H 277 -7.16 -9.45 40.45
C GLY H 277 -6.84 -10.71 39.67
N ILE H 278 -6.27 -11.71 40.33
CA ILE H 278 -5.95 -12.96 39.64
C ILE H 278 -7.23 -13.64 39.18
N CYS H 279 -8.24 -13.63 40.04
CA CYS H 279 -9.54 -14.20 39.67
C CYS H 279 -10.14 -13.46 38.49
N ASN H 280 -10.09 -12.13 38.52
CA ASN H 280 -10.56 -11.34 37.40
C ASN H 280 -9.84 -11.72 36.12
N SER H 281 -8.53 -11.94 36.19
CA SER H 281 -7.76 -12.26 35.00
C SER H 281 -8.20 -13.59 34.42
N VAL H 282 -8.30 -14.63 35.26
CA VAL H 282 -8.78 -15.92 34.77
C VAL H 282 -10.18 -15.77 34.20
N ASN H 283 -10.98 -14.91 34.81
CA ASN H 283 -12.38 -14.76 34.42
C ASN H 283 -12.52 -14.08 33.05
N MET H 284 -11.72 -13.04 32.80
CA MET H 284 -12.02 -12.05 31.78
C MET H 284 -12.05 -12.54 30.33
N PRO H 285 -11.10 -13.37 29.87
CA PRO H 285 -11.20 -13.86 28.48
C PRO H 285 -12.54 -14.52 28.17
N HIS H 286 -13.05 -15.36 29.07
CA HIS H 286 -14.31 -16.04 28.80
C HIS H 286 -15.52 -15.15 29.01
N VAL H 287 -15.48 -14.25 30.00
CA VAL H 287 -16.56 -13.27 30.15
C VAL H 287 -16.63 -12.37 28.91
N CYS H 288 -15.47 -11.91 28.43
CA CYS H 288 -15.45 -11.03 27.28
C CYS H 288 -15.91 -11.77 26.03
N ALA H 289 -15.54 -13.04 25.90
CA ALA H 289 -16.05 -13.83 24.79
C ALA H 289 -17.57 -13.92 24.86
N PHE H 290 -18.12 -14.08 26.07
CA PHE H 290 -19.57 -14.11 26.23
C PHE H 290 -20.21 -12.79 25.81
N ASN H 291 -19.59 -11.67 26.17
CA ASN H 291 -20.14 -10.35 25.92
C ASN H 291 -19.80 -9.78 24.55
N LEU H 292 -18.96 -10.47 23.77
CA LEU H 292 -18.49 -9.95 22.50
C LEU H 292 -19.65 -9.56 21.57
N ILE H 293 -20.67 -10.41 21.47
CA ILE H 293 -21.79 -10.13 20.56
C ILE H 293 -22.54 -8.86 20.95
N ALA H 294 -22.42 -8.42 22.21
CA ALA H 294 -23.19 -7.30 22.74
C ALA H 294 -22.60 -5.94 22.45
N LYS H 295 -21.29 -5.85 22.22
CA LYS H 295 -20.59 -4.59 22.01
C LYS H 295 -19.39 -4.87 21.08
N THR H 296 -19.69 -5.34 19.87
CA THR H 296 -18.63 -5.76 18.95
C THR H 296 -17.65 -4.61 18.66
N GLU H 297 -18.20 -3.42 18.40
CA GLU H 297 -17.39 -2.27 18.00
C GLU H 297 -16.42 -1.87 19.11
N ARG H 298 -16.92 -1.75 20.33
CA ARG H 298 -16.08 -1.36 21.45
C ARG H 298 -15.03 -2.40 21.75
N PHE H 299 -15.35 -3.69 21.60
CA PHE H 299 -14.36 -4.73 21.85
C PHE H 299 -13.25 -4.69 20.81
N ALA H 300 -13.59 -4.35 19.56
CA ALA H 300 -12.54 -4.10 18.57
C ALA H 300 -11.66 -2.93 19.02
N HIS H 301 -12.28 -1.85 19.50
CA HIS H 301 -11.52 -0.72 20.00
C HIS H 301 -10.60 -1.16 21.14
N ILE H 302 -11.13 -1.97 22.06
CA ILE H 302 -10.36 -2.46 23.20
C ILE H 302 -9.15 -3.24 22.71
N ALA H 303 -9.33 -4.04 21.67
CA ALA H 303 -8.21 -4.77 21.10
C ALA H 303 -7.13 -3.82 20.62
N GLU H 304 -7.52 -2.67 20.06
CA GLU H 304 -6.50 -1.72 19.59
C GLU H 304 -5.76 -1.09 20.77
N LEU H 305 -6.51 -0.65 21.79
CA LEU H 305 -5.92 -0.07 22.98
C LEU H 305 -5.08 -1.07 23.78
N LEU H 306 -5.37 -2.37 23.65
CA LEU H 306 -4.67 -3.44 24.33
C LEU H 306 -3.45 -3.93 23.55
N GLY H 307 -3.06 -3.24 22.49
CA GLY H 307 -1.82 -3.51 21.81
C GLY H 307 -1.88 -4.39 20.58
N GLU H 308 -2.98 -4.35 19.83
CA GLU H 308 -3.11 -5.14 18.61
C GLU H 308 -3.33 -4.20 17.43
N ASN H 309 -2.73 -4.53 16.28
CA ASN H 309 -2.99 -3.84 15.02
C ASN H 309 -4.16 -4.52 14.34
N VAL H 310 -5.32 -3.85 14.32
CA VAL H 310 -6.54 -4.46 13.80
C VAL H 310 -6.83 -4.02 12.38
N ALA H 311 -5.91 -3.33 11.73
CA ALA H 311 -6.12 -2.86 10.37
C ALA H 311 -6.25 -4.02 9.40
N GLY H 312 -7.12 -3.85 8.41
CA GLY H 312 -7.43 -4.92 7.48
C GLY H 312 -8.31 -6.02 8.03
N LEU H 313 -8.97 -5.78 9.15
CA LEU H 313 -9.80 -6.78 9.81
C LEU H 313 -11.21 -6.24 9.93
N SER H 314 -12.19 -7.12 9.75
CA SER H 314 -13.57 -6.76 10.05
C SER H 314 -13.75 -6.54 11.55
N THR H 315 -14.85 -5.88 11.91
CA THR H 315 -15.05 -5.46 13.30
C THR H 315 -15.21 -6.67 14.22
N ALA H 316 -15.90 -7.71 13.77
CA ALA H 316 -15.94 -8.93 14.58
C ALA H 316 -14.55 -9.55 14.67
N ALA H 317 -13.82 -9.57 13.56
CA ALA H 317 -12.46 -10.10 13.55
C ALA H 317 -11.56 -9.32 14.49
N ALA H 318 -11.71 -7.99 14.53
CA ALA H 318 -10.93 -7.17 15.46
C ALA H 318 -11.38 -7.38 16.90
N ALA H 319 -12.68 -7.58 17.13
CA ALA H 319 -13.18 -7.78 18.49
C ALA H 319 -12.64 -9.07 19.09
N GLU H 320 -12.53 -10.14 18.30
CA GLU H 320 -11.95 -11.38 18.83
C GLU H 320 -10.49 -11.18 19.24
N ARG H 321 -9.81 -10.24 18.62
CA ARG H 321 -8.42 -9.98 18.96
C ARG H 321 -8.29 -9.38 20.34
N ALA H 322 -9.38 -8.85 20.90
CA ALA H 322 -9.39 -8.43 22.29
C ALA H 322 -9.12 -9.63 23.20
N ILE H 323 -9.78 -10.75 22.95
CA ILE H 323 -9.51 -11.97 23.72
C ILE H 323 -8.08 -12.42 23.51
N VAL H 324 -7.59 -12.30 22.27
CA VAL H 324 -6.21 -12.71 22.00
C VAL H 324 -5.23 -11.88 22.84
N ALA H 325 -5.46 -10.56 22.90
CA ALA H 325 -4.55 -9.70 23.64
C ALA H 325 -4.66 -9.90 25.14
N LEU H 326 -5.89 -10.10 25.63
CA LEU H 326 -6.06 -10.42 27.05
C LEU H 326 -5.29 -11.67 27.42
N GLU H 327 -5.39 -12.72 26.61
CA GLU H 327 -4.65 -13.93 26.93
C GLU H 327 -3.14 -13.71 26.84
N ARG H 328 -2.69 -12.87 25.90
CA ARG H 328 -1.27 -12.54 25.80
C ARG H 328 -0.77 -11.88 27.09
N ILE H 329 -1.48 -10.84 27.53
CA ILE H 329 -1.11 -10.15 28.76
C ILE H 329 -1.13 -11.12 29.93
N ASN H 330 -2.18 -11.93 30.04
CA ASN H 330 -2.25 -12.90 31.11
C ASN H 330 -1.03 -13.81 31.13
N LYS H 331 -0.59 -14.26 29.95
CA LYS H 331 0.55 -15.15 29.91
C LYS H 331 1.85 -14.41 30.23
N SER H 332 1.90 -13.08 30.01
CA SER H 332 3.14 -12.37 30.29
C SER H 332 3.40 -12.21 31.78
N PHE H 333 2.35 -12.27 32.61
CA PHE H 333 2.49 -12.12 34.05
C PHE H 333 2.29 -13.43 34.79
N GLY H 334 2.14 -14.54 34.08
CA GLY H 334 2.03 -15.83 34.73
C GLY H 334 0.74 -16.04 35.48
N ILE H 335 -0.36 -15.46 35.01
CA ILE H 335 -1.66 -15.69 35.63
C ILE H 335 -1.99 -17.17 35.55
N PRO H 336 -2.59 -17.78 36.58
CA PRO H 336 -2.94 -19.20 36.49
C PRO H 336 -3.81 -19.51 35.28
N SER H 337 -3.62 -20.72 34.74
CA SER H 337 -4.26 -21.08 33.48
C SER H 337 -5.77 -21.16 33.61
N GLY H 338 -6.28 -21.41 34.80
CA GLY H 338 -7.72 -21.49 34.99
C GLY H 338 -8.08 -21.64 36.46
N TYR H 339 -9.39 -21.59 36.72
CA TYR H 339 -9.86 -21.69 38.09
C TYR H 339 -9.52 -23.04 38.71
N ALA H 340 -9.26 -24.06 37.88
CA ALA H 340 -8.92 -25.38 38.39
C ALA H 340 -7.71 -25.33 39.32
N GLU H 341 -6.54 -25.01 38.77
CA GLU H 341 -5.29 -25.06 39.55
C GLU H 341 -5.34 -24.16 40.77
N MET H 342 -6.28 -23.21 40.82
CA MET H 342 -6.40 -22.33 41.98
C MET H 342 -7.02 -23.06 43.17
N GLY H 343 -7.89 -24.02 42.89
CA GLY H 343 -8.54 -24.75 43.95
C GLY H 343 -10.04 -24.74 43.85
N VAL H 344 -10.55 -24.22 42.75
CA VAL H 344 -11.98 -24.13 42.58
C VAL H 344 -12.51 -25.47 42.22
N LYS H 345 -13.37 -25.99 43.05
CA LYS H 345 -13.93 -27.31 42.83
C LYS H 345 -15.13 -27.28 41.94
N GLU H 346 -15.17 -28.20 41.00
CA GLU H 346 -16.28 -28.28 40.07
C GLU H 346 -17.46 -28.97 40.66
N GLU H 347 -18.02 -28.43 41.72
CA GLU H 347 -19.15 -29.02 42.37
C GLU H 347 -19.75 -27.86 43.08
N ASP H 348 -19.06 -26.74 43.03
CA ASP H 348 -19.55 -25.55 43.70
C ASP H 348 -19.96 -24.56 42.68
N ILE H 349 -19.68 -24.86 41.42
CA ILE H 349 -19.96 -23.94 40.34
C ILE H 349 -21.38 -23.47 40.35
N GLU H 350 -22.30 -24.32 40.73
CA GLU H 350 -23.70 -23.95 40.68
C GLU H 350 -24.10 -22.91 41.71
N LEU H 351 -23.57 -22.99 42.91
CA LEU H 351 -23.90 -22.03 43.94
C LEU H 351 -23.19 -20.78 43.56
N LEU H 352 -21.96 -20.90 43.11
CA LEU H 352 -21.24 -19.74 42.63
C LEU H 352 -22.08 -19.00 41.59
N ALA H 353 -22.42 -19.72 40.52
CA ALA H 353 -23.25 -19.15 39.47
C ALA H 353 -24.48 -18.49 40.07
N LYS H 354 -25.23 -19.26 40.89
CA LYS H 354 -26.45 -18.75 41.47
C LYS H 354 -26.19 -17.43 42.17
N ASN H 355 -25.22 -17.42 43.10
CA ASN H 355 -24.92 -16.21 43.84
C ASN H 355 -24.48 -15.10 42.90
N ALA H 356 -23.69 -15.46 41.88
CA ALA H 356 -23.26 -14.47 40.90
C ALA H 356 -24.46 -13.82 40.23
N TYR H 357 -25.44 -14.64 39.83
CA TYR H 357 -26.62 -14.11 39.15
C TYR H 357 -27.36 -13.07 39.97
N GLU H 358 -27.06 -12.96 41.27
CA GLU H 358 -27.74 -12.02 42.15
C GLU H 358 -26.86 -10.87 42.59
N ASP H 359 -25.61 -10.80 42.13
CA ASP H 359 -24.78 -9.62 42.36
C ASP H 359 -25.33 -8.45 41.54
N VAL H 360 -25.13 -7.24 42.05
CA VAL H 360 -25.59 -6.05 41.33
C VAL H 360 -24.81 -5.80 40.05
N CYS H 361 -23.69 -6.49 39.87
CA CYS H 361 -22.88 -6.31 38.66
C CYS H 361 -23.46 -7.06 37.46
N THR H 362 -24.11 -8.21 37.70
CA THR H 362 -24.76 -8.91 36.59
C THR H 362 -25.82 -8.05 35.91
N GLN H 363 -26.22 -6.93 36.51
CA GLN H 363 -27.21 -6.06 35.91
C GLN H 363 -26.59 -4.99 35.03
N SER H 364 -25.30 -4.70 35.19
CA SER H 364 -24.61 -3.80 34.28
C SER H 364 -23.84 -4.53 33.20
N ASN H 365 -23.75 -5.86 33.28
CA ASN H 365 -23.09 -6.63 32.24
C ASN H 365 -23.80 -6.38 30.90
N PRO H 366 -23.07 -6.13 29.82
CA PRO H 366 -23.73 -5.82 28.53
C PRO H 366 -24.71 -6.89 28.08
N ARG H 367 -24.45 -8.16 28.35
CA ARG H 367 -25.32 -9.26 27.93
C ARG H 367 -26.04 -9.81 29.15
N VAL H 368 -27.38 -9.92 29.05
CA VAL H 368 -28.20 -10.39 30.17
C VAL H 368 -27.92 -11.87 30.41
N PRO H 369 -27.46 -12.26 31.60
CA PRO H 369 -27.00 -13.64 31.80
C PRO H 369 -28.06 -14.56 32.40
N THR H 370 -27.88 -15.86 32.25
CA THR H 370 -28.62 -16.86 32.98
C THR H 370 -27.64 -17.61 33.87
N VAL H 371 -28.14 -18.18 34.98
CA VAL H 371 -27.26 -18.94 35.87
C VAL H 371 -26.47 -19.97 35.08
N GLN H 372 -27.04 -20.50 34.00
CA GLN H 372 -26.33 -21.46 33.17
C GLN H 372 -25.28 -20.79 32.29
N ASP H 373 -25.59 -19.61 31.74
CA ASP H 373 -24.57 -18.85 31.02
C ASP H 373 -23.39 -18.52 31.92
N ILE H 374 -23.67 -18.01 33.13
CA ILE H 374 -22.63 -17.70 34.10
C ILE H 374 -21.84 -18.95 34.43
N ALA H 375 -22.55 -20.06 34.68
CA ALA H 375 -21.90 -21.32 34.99
C ALA H 375 -21.01 -21.79 33.85
N GLN H 376 -21.41 -21.55 32.60
CA GLN H 376 -20.60 -21.97 31.46
C GLN H 376 -19.34 -21.12 31.36
N ILE H 377 -19.46 -19.82 31.65
CA ILE H 377 -18.27 -18.97 31.74
C ILE H 377 -17.30 -19.52 32.78
N ILE H 378 -17.84 -19.89 33.95
CA ILE H 378 -17.01 -20.44 35.02
C ILE H 378 -16.40 -21.77 34.59
N LYS H 379 -17.13 -22.56 33.80
CA LYS H 379 -16.65 -23.88 33.40
C LYS H 379 -15.56 -23.77 32.36
N ASN H 380 -15.72 -22.88 31.38
CA ASN H 380 -14.67 -22.69 30.39
C ASN H 380 -13.43 -22.07 31.02
N ALA H 381 -13.62 -21.23 32.05
CA ALA H 381 -12.49 -20.63 32.75
C ALA H 381 -11.77 -21.61 33.65
N MET H 382 -12.31 -22.82 33.84
CA MET H 382 -11.73 -23.77 34.79
C MET H 382 -10.34 -24.22 34.34
N LEU H 383 -10.20 -24.67 33.10
CA LEU H 383 -8.93 -25.26 32.66
C LEU H 383 -8.52 -24.69 31.32
N GLU H 384 -7.20 -24.71 31.08
CA GLU H 384 -6.64 -24.40 29.76
C GLU H 384 -5.14 -24.70 29.74
N MET I 1 4.40 16.20 39.59
CA MET I 1 4.14 15.36 40.75
C MET I 1 2.85 15.81 41.46
N THR I 2 3.00 16.47 42.60
CA THR I 2 1.85 16.91 43.38
C THR I 2 0.94 17.84 42.59
N THR I 3 -0.24 17.36 42.24
CA THR I 3 -1.24 18.18 41.57
C THR I 3 -2.58 18.01 42.29
N ASN I 4 -3.40 19.06 42.27
CA ASN I 4 -4.73 19.02 42.85
C ASN I 4 -5.76 18.88 41.74
N PHE I 5 -6.72 17.99 41.94
CA PHE I 5 -7.83 17.78 41.01
C PHE I 5 -9.13 18.12 41.72
N PHE I 6 -9.78 19.19 41.30
CA PHE I 6 -10.98 19.69 41.94
C PHE I 6 -12.16 19.61 40.97
N ILE I 7 -13.29 19.11 41.47
CA ILE I 7 -14.45 18.87 40.64
C ILE I 7 -15.67 18.96 41.56
N PRO I 8 -16.85 19.33 41.07
CA PRO I 8 -18.07 19.19 41.86
C PRO I 8 -18.28 17.75 42.31
N PRO I 9 -18.60 17.52 43.58
CA PRO I 9 -18.77 16.13 44.03
C PRO I 9 -19.99 15.45 43.43
N ALA I 10 -20.98 16.23 42.98
CA ALA I 10 -22.22 15.69 42.45
C ALA I 10 -22.56 16.40 41.14
N SER I 11 -22.60 15.63 40.05
CA SER I 11 -22.96 16.13 38.74
C SER I 11 -24.10 15.28 38.22
N VAL I 12 -25.11 15.94 37.66
CA VAL I 12 -26.31 15.31 37.12
C VAL I 12 -26.40 15.75 35.67
N ILE I 13 -26.06 14.85 34.75
CA ILE I 13 -26.07 15.14 33.30
C ILE I 13 -27.18 14.32 32.65
N GLY I 14 -28.11 14.98 31.99
CA GLY I 14 -29.15 14.27 31.27
C GLY I 14 -30.42 15.08 31.18
N ARG I 15 -31.36 14.55 30.41
CA ARG I 15 -32.64 15.23 30.19
C ARG I 15 -33.49 15.16 31.44
N GLY I 16 -34.11 16.28 31.81
CA GLY I 16 -34.91 16.31 33.01
C GLY I 16 -34.08 16.37 34.28
N ALA I 17 -32.79 16.73 34.15
CA ALA I 17 -31.93 16.83 35.33
C ALA I 17 -32.31 18.03 36.19
N VAL I 18 -32.92 19.04 35.59
CA VAL I 18 -33.32 20.24 36.31
C VAL I 18 -34.39 19.96 37.37
N LYS I 19 -34.98 18.76 37.35
CA LYS I 19 -35.92 18.40 38.39
C LYS I 19 -35.23 17.99 39.69
N GLU I 20 -33.91 17.76 39.67
CA GLU I 20 -33.21 17.32 40.87
C GLU I 20 -32.60 18.46 41.67
N VAL I 21 -32.83 19.72 41.29
CA VAL I 21 -32.17 20.84 41.94
C VAL I 21 -32.53 20.87 43.42
N GLY I 22 -33.82 21.10 43.72
CA GLY I 22 -34.23 21.29 45.10
C GLY I 22 -33.83 20.13 45.99
N THR I 23 -34.12 18.90 45.56
CA THR I 23 -33.71 17.72 46.33
C THR I 23 -32.26 17.84 46.76
N ARG I 24 -31.36 18.10 45.81
CA ARG I 24 -29.93 18.13 46.13
C ARG I 24 -29.62 19.24 47.11
N LEU I 25 -30.28 20.40 46.93
CA LEU I 25 -30.13 21.49 47.88
C LEU I 25 -30.44 21.00 49.30
N LYS I 26 -31.57 20.30 49.45
CA LYS I 26 -31.93 19.77 50.76
C LYS I 26 -30.86 18.84 51.29
N GLN I 27 -30.27 18.02 50.40
CA GLN I 27 -29.23 17.11 50.86
C GLN I 27 -28.02 17.85 51.37
N ILE I 28 -27.76 19.05 50.84
CA ILE I 28 -26.59 19.82 51.27
C ILE I 28 -26.81 20.40 52.67
N GLY I 29 -28.05 20.75 52.98
CA GLY I 29 -28.37 21.41 54.24
C GLY I 29 -28.72 22.86 53.98
N ALA I 30 -29.47 23.08 52.91
CA ALA I 30 -29.81 24.44 52.50
C ALA I 30 -31.15 24.85 53.11
N LYS I 31 -31.29 26.16 53.35
CA LYS I 31 -32.49 26.73 53.93
C LYS I 31 -33.07 27.86 53.09
N LYS I 32 -32.24 28.76 52.59
CA LYS I 32 -32.68 29.72 51.59
C LYS I 32 -31.63 29.88 50.51
N ALA I 33 -32.06 29.86 49.26
CA ALA I 33 -31.18 29.95 48.10
C ALA I 33 -31.45 31.25 47.36
N LEU I 34 -30.39 31.88 46.87
CA LEU I 34 -30.49 33.02 45.99
C LEU I 34 -30.28 32.52 44.56
N ILE I 35 -31.34 32.63 43.74
CA ILE I 35 -31.24 32.26 42.33
C ILE I 35 -30.67 33.45 41.57
N VAL I 36 -29.56 33.23 40.87
CA VAL I 36 -28.90 34.25 40.06
C VAL I 36 -29.06 33.85 38.60
N THR I 37 -29.67 34.72 37.81
CA THR I 37 -29.95 34.45 36.41
C THR I 37 -30.04 35.79 35.68
N ASP I 38 -30.30 35.72 34.38
CA ASP I 38 -30.39 36.91 33.54
C ASP I 38 -31.83 37.30 33.29
N ALA I 39 -32.01 38.44 32.63
CA ALA I 39 -33.36 39.00 32.42
C ALA I 39 -34.17 38.15 31.44
N PHE I 40 -33.52 37.61 30.40
CA PHE I 40 -34.23 36.80 29.42
C PHE I 40 -34.74 35.50 30.04
N LEU I 41 -33.87 34.81 30.79
CA LEU I 41 -34.30 33.59 31.47
C LEU I 41 -35.39 33.87 32.47
N HIS I 42 -35.40 35.06 33.07
CA HIS I 42 -36.51 35.42 33.94
C HIS I 42 -37.78 35.65 33.13
N SER I 43 -37.66 36.15 31.89
CA SER I 43 -38.82 36.32 31.03
C SER I 43 -39.41 35.00 30.58
N THR I 44 -38.57 33.99 30.34
CA THR I 44 -39.09 32.69 29.89
C THR I 44 -39.79 31.92 30.99
N GLY I 45 -39.70 32.36 32.25
CA GLY I 45 -40.37 31.70 33.35
C GLY I 45 -39.65 30.52 33.95
N LEU I 46 -38.44 30.20 33.46
CA LEU I 46 -37.65 29.11 34.03
C LEU I 46 -37.20 29.41 35.46
N SER I 47 -36.96 30.69 35.77
CA SER I 47 -36.60 31.07 37.14
C SER I 47 -37.64 30.55 38.13
N GLU I 48 -38.92 30.81 37.85
CA GLU I 48 -39.97 30.37 38.76
C GLU I 48 -40.15 28.86 38.73
N GLU I 49 -39.86 28.20 37.60
CA GLU I 49 -39.88 26.74 37.57
C GLU I 49 -38.88 26.17 38.58
N VAL I 50 -37.63 26.62 38.49
CA VAL I 50 -36.61 26.17 39.43
C VAL I 50 -37.01 26.55 40.85
N ALA I 51 -37.59 27.74 41.02
CA ALA I 51 -37.99 28.19 42.35
C ALA I 51 -39.03 27.25 42.96
N LYS I 52 -40.03 26.87 42.16
CA LYS I 52 -41.05 25.94 42.62
C LYS I 52 -40.42 24.61 43.03
N ASN I 53 -39.52 24.08 42.20
CA ASN I 53 -38.82 22.84 42.54
C ASN I 53 -38.16 22.95 43.92
N ILE I 54 -37.37 24.01 44.12
CA ILE I 54 -36.61 24.17 45.35
C ILE I 54 -37.56 24.25 46.55
N ARG I 55 -38.62 25.05 46.44
CA ARG I 55 -39.54 25.16 47.56
C ARG I 55 -40.27 23.85 47.83
N GLU I 56 -40.56 23.08 46.77
CA GLU I 56 -41.16 21.77 46.94
C GLU I 56 -40.27 20.84 47.74
N ALA I 57 -38.95 21.01 47.64
CA ALA I 57 -38.06 20.24 48.51
C ALA I 57 -38.07 20.73 49.94
N GLY I 58 -38.47 21.98 50.18
CA GLY I 58 -38.46 22.55 51.52
C GLY I 58 -37.32 23.52 51.74
N VAL I 59 -37.04 24.34 50.73
CA VAL I 59 -35.99 25.35 50.80
C VAL I 59 -36.55 26.65 50.21
N ASP I 60 -36.42 27.75 50.94
CA ASP I 60 -36.93 29.03 50.48
C ASP I 60 -36.00 29.62 49.42
N VAL I 61 -36.56 30.50 48.58
CA VAL I 61 -35.84 31.01 47.41
C VAL I 61 -36.06 32.51 47.24
N ALA I 62 -35.03 33.17 46.71
CA ALA I 62 -35.08 34.55 46.28
C ALA I 62 -34.29 34.67 44.98
N ILE I 63 -34.72 35.58 44.10
CA ILE I 63 -34.27 35.62 42.72
C ILE I 63 -33.65 36.98 42.41
N PHE I 64 -32.42 36.96 41.91
CA PHE I 64 -31.69 38.14 41.46
C PHE I 64 -31.50 38.05 39.95
N PRO I 65 -32.35 38.65 39.14
CA PRO I 65 -32.29 38.45 37.69
C PRO I 65 -31.52 39.53 36.94
N LYS I 66 -30.40 40.02 37.49
CA LYS I 66 -29.71 41.14 36.86
C LYS I 66 -28.32 40.77 36.35
N ALA I 67 -28.01 39.49 36.21
CA ALA I 67 -26.74 39.11 35.62
C ALA I 67 -26.78 39.38 34.12
N GLN I 68 -25.68 39.93 33.61
CA GLN I 68 -25.55 40.33 32.22
C GLN I 68 -24.31 39.69 31.61
N PRO I 69 -24.26 39.60 30.27
CA PRO I 69 -23.07 39.01 29.63
C PRO I 69 -21.81 39.81 29.92
N ASP I 70 -20.68 39.09 29.97
CA ASP I 70 -19.41 39.63 30.46
C ASP I 70 -19.70 40.28 31.81
N PRO I 71 -19.95 39.49 32.84
CA PRO I 71 -20.49 40.03 34.10
C PRO I 71 -19.64 41.14 34.69
N ALA I 72 -20.29 42.25 35.02
CA ALA I 72 -19.59 43.42 35.55
C ALA I 72 -19.45 43.33 37.07
N ASP I 73 -18.54 44.14 37.60
CA ASP I 73 -18.28 44.15 39.03
C ASP I 73 -19.42 44.82 39.81
N THR I 74 -19.91 45.95 39.29
CA THR I 74 -21.01 46.66 39.95
C THR I 74 -22.21 45.74 40.16
N GLN I 75 -22.53 44.92 39.16
CA GLN I 75 -23.67 44.02 39.27
C GLN I 75 -23.39 42.90 40.26
N VAL I 76 -22.13 42.45 40.33
CA VAL I 76 -21.76 41.47 41.35
C VAL I 76 -22.03 42.02 42.74
N HIS I 77 -21.62 43.27 42.99
CA HIS I 77 -21.74 43.83 44.33
C HIS I 77 -23.20 44.13 44.68
N GLU I 78 -23.98 44.61 43.71
CA GLU I 78 -25.43 44.71 43.87
C GLU I 78 -26.03 43.38 44.31
N GLY I 79 -25.60 42.29 43.67
CA GLY I 79 -26.11 40.97 44.04
C GLY I 79 -25.63 40.50 45.40
N VAL I 80 -24.39 40.85 45.77
CA VAL I 80 -23.90 40.57 47.12
C VAL I 80 -24.82 41.18 48.15
N ASP I 81 -25.17 42.46 47.96
CA ASP I 81 -26.11 43.10 48.86
C ASP I 81 -27.40 42.29 48.94
N VAL I 82 -28.03 42.06 47.78
CA VAL I 82 -29.30 41.33 47.77
C VAL I 82 -29.18 39.99 48.49
N PHE I 83 -28.05 39.31 48.32
CA PHE I 83 -27.81 38.03 48.97
C PHE I 83 -27.91 38.17 50.48
N LYS I 84 -27.24 39.17 51.05
CA LYS I 84 -27.26 39.33 52.50
C LYS I 84 -28.63 39.80 53.00
N GLN I 85 -29.32 40.65 52.23
CA GLN I 85 -30.61 41.18 52.66
C GLN I 85 -31.69 40.10 52.69
N GLU I 86 -31.57 39.08 51.85
CA GLU I 86 -32.52 37.99 51.82
C GLU I 86 -32.12 36.84 52.73
N ASN I 87 -31.07 37.01 53.53
CA ASN I 87 -30.63 36.06 54.54
C ASN I 87 -30.53 34.64 53.96
N CYS I 88 -29.76 34.54 52.88
CA CYS I 88 -29.64 33.29 52.14
C CYS I 88 -28.42 32.52 52.60
N ASP I 89 -28.54 31.19 52.53
CA ASP I 89 -27.46 30.29 52.84
C ASP I 89 -26.97 29.51 51.63
N SER I 90 -27.55 29.72 50.45
CA SER I 90 -27.12 28.98 49.26
C SER I 90 -27.20 29.86 48.03
N LEU I 91 -26.47 29.46 46.99
CA LEU I 91 -26.51 30.14 45.70
C LEU I 91 -26.89 29.15 44.62
N VAL I 92 -27.83 29.51 43.77
CA VAL I 92 -28.26 28.67 42.65
C VAL I 92 -28.22 29.51 41.38
N SER I 93 -27.36 29.11 40.45
CA SER I 93 -27.11 29.84 39.21
C SER I 93 -27.87 29.16 38.08
N ILE I 94 -28.66 29.94 37.31
CA ILE I 94 -29.36 29.39 36.15
C ILE I 94 -28.92 30.18 34.92
N GLY I 95 -28.13 29.58 34.06
CA GLY I 95 -27.87 30.31 32.84
C GLY I 95 -26.52 29.98 32.26
N GLY I 96 -25.96 30.97 31.56
CA GLY I 96 -24.66 30.84 30.94
C GLY I 96 -23.53 31.21 31.88
N GLY I 97 -22.35 31.42 31.28
CA GLY I 97 -21.19 31.77 32.09
C GLY I 97 -21.39 32.99 32.96
N SER I 98 -22.24 33.93 32.50
CA SER I 98 -22.53 35.12 33.28
C SER I 98 -23.17 34.77 34.63
N SER I 99 -24.20 33.91 34.59
CA SER I 99 -24.89 33.53 35.83
C SER I 99 -23.93 32.82 36.78
N HIS I 100 -23.24 31.80 36.28
CA HIS I 100 -22.35 31.02 37.14
C HIS I 100 -21.28 31.89 37.76
N ASP I 101 -20.62 32.71 36.92
CA ASP I 101 -19.52 33.53 37.41
C ASP I 101 -20.01 34.59 38.40
N THR I 102 -21.15 35.20 38.12
CA THR I 102 -21.70 36.20 39.02
C THR I 102 -22.03 35.59 40.37
N ALA I 103 -22.66 34.41 40.37
CA ALA I 103 -23.01 33.77 41.64
C ALA I 103 -21.76 33.43 42.43
N LYS I 104 -20.76 32.87 41.76
CA LYS I 104 -19.50 32.55 42.44
C LYS I 104 -18.94 33.79 43.12
N ALA I 105 -18.87 34.90 42.37
CA ALA I 105 -18.29 36.12 42.92
C ALA I 105 -19.12 36.64 44.09
N ILE I 106 -20.45 36.56 43.97
CA ILE I 106 -21.34 37.00 45.04
C ILE I 106 -21.00 36.26 46.34
N GLY I 107 -20.95 34.93 46.28
CA GLY I 107 -20.62 34.17 47.47
C GLY I 107 -19.24 34.49 48.02
N LEU I 108 -18.25 34.62 47.13
CA LEU I 108 -16.88 34.89 47.57
C LEU I 108 -16.80 36.21 48.33
N VAL I 109 -17.38 37.26 47.76
CA VAL I 109 -17.32 38.56 48.42
C VAL I 109 -18.15 38.57 49.70
N ALA I 110 -19.33 37.92 49.68
CA ALA I 110 -20.17 37.94 50.86
C ALA I 110 -19.50 37.24 52.03
N ALA I 111 -18.70 36.21 51.76
CA ALA I 111 -17.95 35.57 52.84
C ALA I 111 -16.75 36.41 53.28
N ASN I 112 -15.90 36.82 52.34
CA ASN I 112 -14.59 37.35 52.70
C ASN I 112 -14.50 38.87 52.60
N GLY I 113 -15.55 39.54 52.17
CA GLY I 113 -15.70 40.94 52.47
C GLY I 113 -15.23 41.96 51.43
N GLY I 114 -14.01 41.82 50.92
CA GLY I 114 -13.46 42.83 50.05
C GLY I 114 -14.21 42.96 48.75
N ARG I 115 -13.83 43.88 47.88
CA ARG I 115 -14.43 43.95 46.56
C ARG I 115 -13.84 42.87 45.66
N ILE I 116 -14.62 42.44 44.67
CA ILE I 116 -14.19 41.36 43.80
C ILE I 116 -12.88 41.71 43.11
N ASN I 117 -12.63 43.00 42.88
CA ASN I 117 -11.39 43.42 42.25
C ASN I 117 -10.16 43.06 43.06
N ASP I 118 -10.32 42.76 44.35
CA ASP I 118 -9.22 42.34 45.20
C ASP I 118 -8.94 40.84 45.09
N TYR I 119 -9.86 40.07 44.53
CA TYR I 119 -9.70 38.63 44.42
C TYR I 119 -9.29 38.18 43.02
N GLN I 120 -8.55 39.01 42.29
CA GLN I 120 -8.04 38.56 41.00
C GLN I 120 -6.86 37.60 41.22
N GLY I 121 -6.75 36.62 40.33
CA GLY I 121 -5.70 35.62 40.43
C GLY I 121 -6.15 34.39 41.18
N VAL I 122 -5.18 33.54 41.53
CA VAL I 122 -5.45 32.31 42.26
C VAL I 122 -5.47 32.65 43.75
N ASN I 123 -6.65 32.74 44.35
CA ASN I 123 -6.75 33.06 45.76
C ASN I 123 -6.96 31.81 46.61
N SER I 124 -6.58 31.92 47.88
CA SER I 124 -6.77 30.87 48.88
C SER I 124 -7.57 31.45 50.04
N VAL I 125 -8.85 31.73 49.79
CA VAL I 125 -9.69 32.36 50.79
C VAL I 125 -9.84 31.46 52.02
N GLU I 126 -10.03 32.08 53.19
CA GLU I 126 -10.07 31.34 54.45
C GLU I 126 -11.49 31.00 54.89
N LYS I 127 -12.38 32.00 54.93
CA LYS I 127 -13.71 31.79 55.45
C LYS I 127 -14.59 31.12 54.38
N PRO I 128 -15.34 30.09 54.74
CA PRO I 128 -16.06 29.29 53.74
C PRO I 128 -17.08 30.11 52.95
N VAL I 129 -17.30 29.72 51.71
CA VAL I 129 -18.32 30.31 50.85
C VAL I 129 -19.46 29.32 50.74
N VAL I 130 -20.66 29.85 50.54
CA VAL I 130 -21.88 29.03 50.53
C VAL I 130 -21.84 28.04 49.38
N PRO I 131 -22.61 26.96 49.46
CA PRO I 131 -22.68 26.03 48.33
C PRO I 131 -23.35 26.65 47.11
N VAL I 132 -22.84 26.27 45.93
CA VAL I 132 -23.41 26.70 44.66
C VAL I 132 -23.96 25.48 43.92
N VAL I 133 -25.18 25.62 43.41
CA VAL I 133 -25.79 24.67 42.49
C VAL I 133 -25.94 25.37 41.16
N ALA I 134 -25.34 24.81 40.12
CA ALA I 134 -25.27 25.49 38.83
C ALA I 134 -26.07 24.71 37.79
N ILE I 135 -27.03 25.37 37.16
CA ILE I 135 -27.83 24.81 36.08
C ILE I 135 -27.38 25.50 34.81
N THR I 136 -26.65 24.79 33.96
CA THR I 136 -26.12 25.42 32.74
C THR I 136 -27.16 25.38 31.63
N THR I 137 -27.20 26.44 30.83
CA THR I 137 -28.10 26.51 29.69
C THR I 137 -27.36 26.69 28.36
N THR I 138 -26.03 26.75 28.37
CA THR I 138 -25.24 26.87 27.16
C THR I 138 -24.22 25.77 27.13
N ALA I 139 -23.82 25.35 25.95
CA ALA I 139 -22.84 24.30 25.80
C ALA I 139 -21.47 24.85 25.66
N GLY I 140 -21.08 25.69 26.58
CA GLY I 140 -19.74 26.22 26.59
C GLY I 140 -19.47 26.53 28.04
N THR I 141 -18.42 27.26 28.34
CA THR I 141 -18.04 27.65 29.70
C THR I 141 -17.52 26.53 30.56
N GLY I 142 -18.38 25.59 30.91
CA GLY I 142 -17.98 24.48 31.75
C GLY I 142 -17.82 24.96 33.14
N SER I 143 -18.33 26.13 33.44
CA SER I 143 -18.15 26.74 34.72
C SER I 143 -18.87 26.06 35.82
N GLU I 144 -19.76 25.16 35.47
CA GLU I 144 -20.50 24.44 36.46
C GLU I 144 -19.58 23.46 37.11
N THR I 145 -18.33 23.42 36.66
CA THR I 145 -17.36 22.50 37.24
C THR I 145 -16.04 23.17 37.62
N THR I 146 -15.90 24.47 37.44
CA THR I 146 -14.60 25.11 37.54
C THR I 146 -14.48 25.95 38.80
N SER I 147 -13.24 26.09 39.28
CA SER I 147 -12.89 26.98 40.38
C SER I 147 -12.55 28.39 39.92
N LEU I 148 -13.09 28.81 38.79
CA LEU I 148 -12.76 30.10 38.16
C LEU I 148 -14.04 30.86 37.85
N ALA I 149 -14.00 32.18 38.05
CA ALA I 149 -15.03 33.10 37.59
C ALA I 149 -14.37 34.30 36.93
N VAL I 150 -14.89 34.70 35.78
CA VAL I 150 -14.32 35.80 35.02
C VAL I 150 -15.28 36.98 35.11
N ILE I 151 -14.92 37.97 35.93
CA ILE I 151 -15.72 39.19 36.12
C ILE I 151 -14.91 40.36 35.63
N THR I 152 -15.55 41.27 34.90
CA THR I 152 -14.81 42.37 34.29
C THR I 152 -14.71 43.56 35.24
N ASP I 153 -13.54 44.19 35.25
CA ASP I 153 -13.34 45.47 35.92
C ASP I 153 -13.77 46.58 34.96
N SER I 154 -14.86 47.27 35.31
CA SER I 154 -15.46 48.24 34.39
C SER I 154 -14.47 49.36 34.03
N ALA I 155 -13.61 49.74 34.98
CA ALA I 155 -12.72 50.90 34.79
C ALA I 155 -11.47 50.52 34.02
N ARG I 156 -10.76 49.48 34.45
CA ARG I 156 -9.60 49.00 33.71
C ARG I 156 -9.99 48.27 32.42
N LYS I 157 -11.26 47.88 32.26
CA LYS I 157 -11.75 47.23 31.05
C LYS I 157 -11.06 45.89 30.81
N VAL I 158 -10.70 45.21 31.89
CA VAL I 158 -10.04 43.91 31.84
C VAL I 158 -10.98 42.87 32.44
N LYS I 159 -11.17 41.77 31.72
CA LYS I 159 -11.87 40.61 32.28
C LYS I 159 -10.94 39.89 33.25
N MET I 160 -11.32 39.86 34.53
CA MET I 160 -10.49 39.37 35.62
C MET I 160 -10.80 37.91 35.91
N PRO I 161 -9.80 37.04 35.87
CA PRO I 161 -9.97 35.66 36.37
C PRO I 161 -9.84 35.63 37.89
N VAL I 162 -10.76 34.93 38.53
CA VAL I 162 -10.82 34.83 39.98
C VAL I 162 -10.91 33.35 40.30
N ILE I 163 -9.84 32.81 40.91
CA ILE I 163 -9.70 31.37 41.13
C ILE I 163 -9.58 31.11 42.63
N ASP I 164 -10.41 30.18 43.12
CA ASP I 164 -10.35 29.71 44.50
C ASP I 164 -11.10 28.38 44.56
N GLU I 165 -10.52 27.41 45.27
CA GLU I 165 -11.14 26.09 45.36
C GLU I 165 -12.58 26.19 45.85
N LYS I 166 -12.84 27.12 46.77
CA LYS I 166 -14.13 27.25 47.42
C LYS I 166 -15.26 27.69 46.49
N ILE I 167 -14.95 28.30 45.34
CA ILE I 167 -16.02 28.71 44.43
C ILE I 167 -16.37 27.62 43.43
N THR I 168 -15.69 26.47 43.46
CA THR I 168 -16.10 25.35 42.63
C THR I 168 -17.52 24.93 43.02
N PRO I 169 -18.43 24.79 42.05
CA PRO I 169 -19.82 24.48 42.40
C PRO I 169 -19.96 23.14 43.11
N THR I 170 -20.98 23.06 43.96
CA THR I 170 -21.21 21.82 44.69
C THR I 170 -22.09 20.87 43.87
N VAL I 171 -23.07 21.40 43.16
CA VAL I 171 -23.88 20.56 42.28
C VAL I 171 -23.81 21.12 40.88
N ALA I 172 -23.61 20.25 39.90
CA ALA I 172 -23.61 20.63 38.50
C ALA I 172 -24.78 19.96 37.79
N ILE I 173 -25.75 20.76 37.36
CA ILE I 173 -26.92 20.27 36.65
C ILE I 173 -26.76 20.61 35.16
N VAL I 174 -26.74 19.56 34.33
CA VAL I 174 -26.57 19.70 32.89
C VAL I 174 -27.74 19.00 32.22
N ASP I 175 -28.80 19.76 31.91
CA ASP I 175 -29.98 19.24 31.22
C ASP I 175 -30.02 19.80 29.82
N PRO I 176 -29.86 18.98 28.78
CA PRO I 176 -29.81 19.55 27.41
C PRO I 176 -31.12 20.14 26.94
N GLU I 177 -32.26 19.69 27.49
CA GLU I 177 -33.55 20.24 27.11
C GLU I 177 -33.62 21.74 27.36
N LEU I 178 -32.72 22.27 28.19
CA LEU I 178 -32.62 23.70 28.44
C LEU I 178 -31.75 24.41 27.42
N MET I 179 -31.03 23.67 26.58
CA MET I 179 -30.18 24.29 25.55
C MET I 179 -30.83 24.24 24.18
N VAL I 180 -32.05 23.71 24.08
CA VAL I 180 -32.67 23.49 22.78
C VAL I 180 -32.89 24.82 22.07
N LYS I 181 -33.47 25.79 22.76
CA LYS I 181 -33.84 27.05 22.13
C LYS I 181 -32.68 28.03 21.98
N LYS I 182 -31.45 27.59 22.21
CA LYS I 182 -30.29 28.43 21.96
C LYS I 182 -30.17 28.75 20.48
N PRO I 183 -30.17 30.03 20.10
CA PRO I 183 -30.01 30.38 18.68
C PRO I 183 -28.66 29.92 18.13
N ALA I 184 -28.51 30.02 16.81
CA ALA I 184 -27.37 29.40 16.15
C ALA I 184 -26.05 30.11 16.49
N GLY I 185 -26.05 31.45 16.51
CA GLY I 185 -24.82 32.16 16.84
C GLY I 185 -24.30 31.82 18.24
N LEU I 186 -25.22 31.74 19.21
CA LEU I 186 -24.82 31.35 20.56
C LEU I 186 -24.27 29.93 20.58
N THR I 187 -24.86 29.02 19.79
CA THR I 187 -24.36 27.66 19.73
C THR I 187 -22.95 27.64 19.14
N ILE I 188 -22.74 28.38 18.06
CA ILE I 188 -21.40 28.49 17.47
C ILE I 188 -20.41 28.97 18.53
N ALA I 189 -20.75 30.06 19.20
CA ALA I 189 -19.81 30.69 20.13
C ALA I 189 -19.50 29.78 21.32
N THR I 190 -20.54 29.23 21.95
CA THR I 190 -20.36 28.34 23.09
C THR I 190 -19.52 27.12 22.73
N GLY I 191 -19.85 26.48 21.60
CA GLY I 191 -19.09 25.31 21.19
C GLY I 191 -17.64 25.64 20.86
N MET I 192 -17.40 26.82 20.27
CA MET I 192 -16.03 27.17 19.95
C MET I 192 -15.24 27.47 21.22
N ASP I 193 -15.88 28.08 22.21
CA ASP I 193 -15.22 28.23 23.50
C ASP I 193 -14.88 26.88 24.10
N ALA I 194 -15.82 25.93 24.02
CA ALA I 194 -15.54 24.60 24.56
C ALA I 194 -14.35 23.95 23.85
N LEU I 195 -14.30 24.06 22.53
CA LEU I 195 -13.15 23.54 21.79
C LEU I 195 -11.88 24.23 22.23
N SER I 196 -11.95 25.54 22.49
CA SER I 196 -10.77 26.26 22.97
C SER I 196 -10.29 25.69 24.29
N HIS I 197 -11.23 25.41 25.20
CA HIS I 197 -10.88 24.82 26.48
C HIS I 197 -10.16 23.49 26.27
N ALA I 198 -10.72 22.64 25.40
CA ALA I 198 -10.12 21.31 25.19
C ALA I 198 -8.70 21.43 24.62
N ILE I 199 -8.51 22.30 23.62
CA ILE I 199 -7.20 22.42 23.01
C ILE I 199 -6.18 22.98 23.99
N GLU I 200 -6.53 24.10 24.64
CA GLU I 200 -5.58 24.73 25.57
C GLU I 200 -5.27 23.81 26.73
N ALA I 201 -6.25 23.03 27.20
CA ALA I 201 -6.00 22.11 28.29
C ALA I 201 -5.08 20.99 27.85
N TYR I 202 -5.23 20.51 26.61
CA TYR I 202 -4.34 19.44 26.15
C TYR I 202 -2.92 19.94 25.98
N VAL I 203 -2.74 21.20 25.59
CA VAL I 203 -1.41 21.73 25.34
C VAL I 203 -0.87 22.54 26.51
N ALA I 204 -1.56 22.54 27.66
CA ALA I 204 -1.11 23.36 28.77
C ALA I 204 0.13 22.76 29.46
N LYS I 205 0.82 23.61 30.23
CA LYS I 205 2.00 23.16 30.96
C LYS I 205 1.63 22.12 32.01
N GLY I 206 0.52 22.33 32.71
CA GLY I 206 0.16 21.47 33.82
C GLY I 206 -0.80 20.38 33.43
N ALA I 207 -0.71 19.93 32.20
CA ALA I 207 -1.57 18.85 31.73
C ALA I 207 -1.25 17.57 32.49
N THR I 208 -2.30 16.88 32.93
CA THR I 208 -2.21 15.58 33.57
C THR I 208 -2.96 14.56 32.73
N PRO I 209 -2.61 13.27 32.83
CA PRO I 209 -3.37 12.25 32.10
C PRO I 209 -4.88 12.33 32.30
N VAL I 210 -5.33 12.85 33.44
CA VAL I 210 -6.76 13.02 33.69
C VAL I 210 -7.35 14.10 32.78
N THR I 211 -6.74 15.29 32.83
CA THR I 211 -7.18 16.35 31.94
C THR I 211 -7.07 15.91 30.48
N ASP I 212 -6.01 15.20 30.14
CA ASP I 212 -5.84 14.76 28.75
C ASP I 212 -6.96 13.85 28.32
N ALA I 213 -7.38 12.94 29.21
CA ALA I 213 -8.53 12.08 28.95
C ALA I 213 -9.75 12.90 28.56
N PHE I 214 -10.09 13.84 29.44
CA PHE I 214 -11.29 14.67 29.21
C PHE I 214 -11.14 15.54 27.97
N ALA I 215 -9.94 16.05 27.70
CA ALA I 215 -9.74 16.93 26.56
C ALA I 215 -9.90 16.18 25.23
N ILE I 216 -9.27 15.00 25.13
CA ILE I 216 -9.37 14.18 23.91
C ILE I 216 -10.82 13.81 23.64
N GLN I 217 -11.52 13.30 24.66
CA GLN I 217 -12.92 12.94 24.46
C GLN I 217 -13.77 14.14 24.07
N ALA I 218 -13.56 15.29 24.73
CA ALA I 218 -14.35 16.47 24.39
C ALA I 218 -14.12 16.90 22.95
N MET I 219 -12.87 16.89 22.49
CA MET I 219 -12.59 17.27 21.10
C MET I 219 -13.28 16.33 20.13
N LYS I 220 -13.29 15.03 20.43
CA LYS I 220 -14.03 14.09 19.59
C LYS I 220 -15.50 14.49 19.49
N LEU I 221 -16.12 14.69 20.65
CA LEU I 221 -17.55 14.99 20.67
C LEU I 221 -17.85 16.28 19.92
N ILE I 222 -17.00 17.30 20.08
CA ILE I 222 -17.21 18.57 19.40
C ILE I 222 -17.14 18.38 17.90
N ASN I 223 -16.09 17.69 17.41
CA ASN I 223 -15.93 17.44 15.98
C ASN I 223 -17.15 16.79 15.36
N GLU I 224 -17.72 15.79 16.04
CA GLU I 224 -18.86 15.17 15.36
C GLU I 224 -20.17 15.95 15.56
N TYR I 225 -20.39 16.52 16.75
CA TYR I 225 -21.73 16.98 17.08
C TYR I 225 -21.93 18.48 17.08
N LEU I 226 -20.89 19.31 17.25
CA LEU I 226 -21.11 20.75 17.22
C LEU I 226 -21.67 21.21 15.88
N PRO I 227 -21.17 20.76 14.72
CA PRO I 227 -21.85 21.11 13.46
C PRO I 227 -23.31 20.71 13.45
N LYS I 228 -23.65 19.55 14.02
CA LYS I 228 -25.05 19.15 14.07
C LYS I 228 -25.85 20.06 14.98
N ALA I 229 -25.26 20.49 16.09
CA ALA I 229 -25.98 21.37 17.00
C ALA I 229 -26.20 22.73 16.40
N VAL I 230 -25.26 23.19 15.56
CA VAL I 230 -25.41 24.47 14.88
C VAL I 230 -26.46 24.37 13.78
N ALA I 231 -26.54 23.22 13.10
CA ALA I 231 -27.51 23.04 12.04
C ALA I 231 -28.95 23.10 12.59
N ASN I 232 -29.29 22.18 13.48
CA ASN I 232 -30.63 22.07 14.07
C ASN I 232 -30.50 22.06 15.59
N GLY I 233 -30.95 23.15 16.23
CA GLY I 233 -30.96 23.25 17.68
C GLY I 233 -31.97 22.36 18.38
N GLU I 234 -32.92 21.76 17.64
CA GLU I 234 -33.91 20.88 18.23
C GLU I 234 -33.46 19.44 18.30
N ASP I 235 -32.26 19.12 17.81
CA ASP I 235 -31.70 17.77 17.93
C ASP I 235 -31.21 17.55 19.35
N ILE I 236 -31.98 16.77 20.13
CA ILE I 236 -31.66 16.60 21.54
C ILE I 236 -30.35 15.81 21.71
N GLU I 237 -30.04 14.91 20.79
CA GLU I 237 -28.82 14.11 20.88
C GLU I 237 -27.57 14.97 20.71
N ALA I 238 -27.60 15.92 19.78
CA ALA I 238 -26.46 16.81 19.60
C ALA I 238 -26.27 17.72 20.81
N ARG I 239 -27.38 18.25 21.37
CA ARG I 239 -27.27 19.07 22.57
C ARG I 239 -26.71 18.26 23.73
N GLU I 240 -27.14 17.00 23.88
CA GLU I 240 -26.63 16.16 24.96
C GLU I 240 -25.13 15.90 24.80
N LYS I 241 -24.71 15.52 23.59
CA LYS I 241 -23.29 15.24 23.38
C LYS I 241 -22.44 16.49 23.59
N MET I 242 -22.94 17.66 23.15
CA MET I 242 -22.21 18.90 23.39
C MET I 242 -22.19 19.25 24.88
N ALA I 243 -23.25 18.91 25.61
CA ALA I 243 -23.27 19.17 27.04
C ALA I 243 -22.20 18.35 27.75
N TYR I 244 -22.15 17.04 27.46
CA TYR I 244 -21.08 16.19 27.96
C TYR I 244 -19.70 16.76 27.61
N ALA I 245 -19.55 17.23 26.37
CA ALA I 245 -18.25 17.70 25.91
C ALA I 245 -17.82 18.96 26.64
N GLN I 246 -18.75 19.90 26.81
CA GLN I 246 -18.46 21.13 27.53
C GLN I 246 -18.10 20.85 28.98
N TYR I 247 -18.79 19.89 29.60
CA TYR I 247 -18.48 19.47 30.96
C TYR I 247 -17.03 18.99 31.06
N MET I 248 -16.66 18.06 30.18
CA MET I 248 -15.31 17.50 30.24
C MET I 248 -14.25 18.54 29.92
N ALA I 249 -14.52 19.46 28.99
CA ALA I 249 -13.55 20.51 28.67
C ALA I 249 -13.39 21.49 29.82
N GLY I 250 -14.48 21.80 30.52
CA GLY I 250 -14.36 22.60 31.71
C GLY I 250 -13.46 21.95 32.74
N VAL I 251 -13.74 20.70 33.08
CA VAL I 251 -12.92 20.01 34.08
C VAL I 251 -11.47 19.99 33.64
N ALA I 252 -11.23 19.71 32.36
CA ALA I 252 -9.86 19.62 31.85
C ALA I 252 -9.12 20.95 32.00
N PHE I 253 -9.73 22.06 31.59
CA PHE I 253 -8.97 23.31 31.66
C PHE I 253 -8.84 23.77 33.10
N ASN I 254 -9.86 23.52 33.93
CA ASN I 254 -9.81 23.98 35.32
C ASN I 254 -8.68 23.29 36.07
N ASN I 255 -8.42 22.02 35.77
CA ASN I 255 -7.39 21.31 36.49
C ASN I 255 -6.10 21.16 35.71
N GLY I 256 -6.02 21.73 34.51
CA GLY I 256 -4.86 21.55 33.66
C GLY I 256 -4.23 22.84 33.20
N GLY I 257 -5.07 23.80 32.82
CA GLY I 257 -4.63 25.12 32.44
C GLY I 257 -5.32 25.63 31.20
N LEU I 258 -5.16 26.92 30.95
CA LEU I 258 -5.62 27.54 29.71
C LEU I 258 -4.41 28.16 29.02
N GLY I 259 -4.56 29.32 28.40
CA GLY I 259 -3.43 29.92 27.74
C GLY I 259 -3.76 31.18 26.98
N LEU I 260 -2.89 31.50 26.03
CA LEU I 260 -2.90 32.81 25.37
C LEU I 260 -4.22 33.06 24.64
N VAL I 261 -4.95 32.00 24.27
CA VAL I 261 -6.27 32.19 23.67
C VAL I 261 -7.14 33.03 24.60
N HIS I 262 -7.34 32.51 25.82
CA HIS I 262 -8.17 33.21 26.78
C HIS I 262 -7.53 34.50 27.24
N SER I 263 -6.20 34.55 27.36
CA SER I 263 -5.53 35.76 27.78
C SER I 263 -5.80 36.91 26.82
N ILE I 264 -5.69 36.65 25.51
CA ILE I 264 -6.01 37.66 24.51
C ILE I 264 -7.49 38.00 24.52
N SER I 265 -8.34 36.97 24.59
CA SER I 265 -9.77 37.22 24.46
C SER I 265 -10.33 37.98 25.65
N HIS I 266 -9.75 37.80 26.83
CA HIS I 266 -10.19 38.57 27.98
C HIS I 266 -9.96 40.06 27.75
N GLN I 267 -8.81 40.42 27.18
CA GLN I 267 -8.56 41.83 26.89
C GLN I 267 -9.50 42.34 25.80
N VAL I 268 -9.58 41.61 24.69
CA VAL I 268 -10.36 42.10 23.55
C VAL I 268 -11.84 42.20 23.91
N GLY I 269 -12.35 41.18 24.62
CA GLY I 269 -13.74 41.22 25.03
C GLY I 269 -14.02 42.30 26.07
N GLY I 270 -13.03 42.58 26.92
CA GLY I 270 -13.20 43.68 27.88
C GLY I 270 -13.29 45.02 27.19
N VAL I 271 -12.42 45.26 26.22
CA VAL I 271 -12.38 46.58 25.61
C VAL I 271 -13.54 46.75 24.61
N TYR I 272 -13.81 45.76 23.78
CA TYR I 272 -14.67 45.96 22.62
C TYR I 272 -16.05 45.33 22.74
N LYS I 273 -16.39 44.72 23.87
CA LYS I 273 -17.70 44.10 24.07
C LYS I 273 -18.06 43.17 22.91
N LEU I 274 -17.30 42.08 22.85
CA LEU I 274 -17.44 41.07 21.82
C LEU I 274 -17.73 39.72 22.47
N GLN I 275 -18.36 38.83 21.69
CA GLN I 275 -18.66 37.50 22.18
C GLN I 275 -17.37 36.72 22.40
N HIS I 276 -17.22 36.16 23.61
CA HIS I 276 -15.96 35.55 24.02
C HIS I 276 -15.56 34.40 23.10
N GLY I 277 -16.53 33.57 22.69
CA GLY I 277 -16.21 32.45 21.82
C GLY I 277 -15.69 32.90 20.47
N ILE I 278 -16.28 33.95 19.91
CA ILE I 278 -15.82 34.44 18.61
C ILE I 278 -14.42 35.02 18.69
N CYS I 279 -14.12 35.73 19.78
CA CYS I 279 -12.77 36.22 20.01
C CYS I 279 -11.78 35.06 20.11
N ASN I 280 -12.15 34.04 20.89
CA ASN I 280 -11.33 32.84 21.01
C ASN I 280 -11.08 32.22 19.64
N SER I 281 -12.12 32.15 18.82
CA SER I 281 -12.01 31.52 17.51
C SER I 281 -11.05 32.28 16.61
N VAL I 282 -11.26 33.59 16.46
CA VAL I 282 -10.38 34.41 15.62
C VAL I 282 -8.94 34.31 16.09
N ASN I 283 -8.73 34.20 17.40
CA ASN I 283 -7.37 34.22 17.95
C ASN I 283 -6.67 32.87 17.80
N MET I 284 -7.40 31.77 17.93
CA MET I 284 -6.74 30.49 18.23
C MET I 284 -5.76 30.02 17.17
N PRO I 285 -6.02 30.13 15.85
CA PRO I 285 -4.99 29.69 14.88
C PRO I 285 -3.62 30.27 15.14
N HIS I 286 -3.53 31.55 15.51
CA HIS I 286 -2.24 32.20 15.68
C HIS I 286 -1.60 31.87 17.03
N VAL I 287 -2.39 31.87 18.11
CA VAL I 287 -1.86 31.41 19.39
C VAL I 287 -1.31 30.00 19.24
N CYS I 288 -2.08 29.10 18.61
CA CYS I 288 -1.64 27.72 18.43
C CYS I 288 -0.37 27.65 17.60
N ALA I 289 -0.32 28.40 16.51
CA ALA I 289 0.86 28.42 15.66
C ALA I 289 2.09 28.85 16.47
N PHE I 290 1.94 29.90 17.29
CA PHE I 290 3.03 30.31 18.17
C PHE I 290 3.44 29.17 19.09
N ASN I 291 2.47 28.44 19.63
CA ASN I 291 2.78 27.36 20.58
C ASN I 291 3.30 26.10 19.91
N LEU I 292 3.25 26.02 18.58
CA LEU I 292 3.48 24.76 17.89
C LEU I 292 4.83 24.13 18.24
N ILE I 293 5.86 24.94 18.49
CA ILE I 293 7.17 24.36 18.80
C ILE I 293 7.15 23.65 20.15
N ALA I 294 6.30 24.10 21.07
CA ALA I 294 6.27 23.49 22.40
C ALA I 294 5.73 22.07 22.34
N LYS I 295 4.54 21.90 21.77
CA LYS I 295 3.83 20.62 21.78
C LYS I 295 3.52 20.17 20.35
N THR I 296 4.57 19.93 19.55
CA THR I 296 4.35 19.46 18.18
C THR I 296 3.64 18.12 18.16
N GLU I 297 4.13 17.16 18.95
CA GLU I 297 3.57 15.81 18.99
C GLU I 297 2.09 15.85 19.39
N ARG I 298 1.71 16.75 20.30
CA ARG I 298 0.31 16.83 20.72
C ARG I 298 -0.54 17.62 19.73
N PHE I 299 0.04 18.56 18.99
CA PHE I 299 -0.74 19.27 17.99
C PHE I 299 -1.05 18.39 16.79
N ALA I 300 -0.15 17.46 16.47
CA ALA I 300 -0.48 16.47 15.45
C ALA I 300 -1.70 15.65 15.87
N HIS I 301 -1.76 15.25 17.15
CA HIS I 301 -2.94 14.56 17.66
C HIS I 301 -4.18 15.42 17.56
N ILE I 302 -4.06 16.72 17.85
CA ILE I 302 -5.22 17.61 17.69
C ILE I 302 -5.71 17.60 16.24
N ALA I 303 -4.77 17.63 15.29
CA ALA I 303 -5.13 17.58 13.88
C ALA I 303 -5.94 16.34 13.55
N GLU I 304 -5.51 15.20 14.11
CA GLU I 304 -6.26 13.96 13.89
C GLU I 304 -7.66 14.06 14.47
N LEU I 305 -7.76 14.56 15.71
CA LEU I 305 -9.05 14.62 16.39
C LEU I 305 -10.01 15.59 15.72
N LEU I 306 -9.49 16.62 15.05
CA LEU I 306 -10.31 17.60 14.35
C LEU I 306 -10.72 17.16 12.94
N GLY I 307 -10.42 15.92 12.56
CA GLY I 307 -10.95 15.33 11.35
C GLY I 307 -9.97 15.15 10.22
N GLU I 308 -8.82 15.81 10.26
CA GLU I 308 -7.86 15.68 9.18
C GLU I 308 -7.28 14.26 9.13
N ASN I 309 -6.75 13.89 7.96
CA ASN I 309 -6.07 12.61 7.77
C ASN I 309 -4.56 12.87 7.79
N VAL I 310 -3.88 12.41 8.82
CA VAL I 310 -2.47 12.75 9.04
C VAL I 310 -1.52 11.65 8.54
N ALA I 311 -2.03 10.71 7.74
CA ALA I 311 -1.20 9.60 7.27
C ALA I 311 -0.18 10.09 6.25
N GLY I 312 1.00 9.46 6.29
CA GLY I 312 2.11 9.84 5.42
C GLY I 312 2.67 11.22 5.68
N LEU I 313 2.41 11.77 6.85
CA LEU I 313 2.84 13.11 7.21
C LEU I 313 3.75 13.04 8.42
N SER I 314 4.86 13.76 8.35
CA SER I 314 5.72 13.89 9.51
C SER I 314 4.95 14.56 10.66
N THR I 315 5.55 14.51 11.85
CA THR I 315 4.87 15.07 13.01
C THR I 315 4.69 16.57 12.86
N ALA I 316 5.66 17.24 12.25
CA ALA I 316 5.52 18.68 12.00
C ALA I 316 4.40 18.96 11.02
N ALA I 317 4.38 18.19 9.92
CA ALA I 317 3.36 18.37 8.89
C ALA I 317 1.97 18.13 9.46
N ALA I 318 1.79 17.02 10.18
CA ALA I 318 0.52 16.77 10.85
C ALA I 318 0.17 17.89 11.82
N ALA I 319 1.17 18.40 12.56
CA ALA I 319 0.91 19.43 13.56
C ALA I 319 0.31 20.69 12.96
N GLU I 320 0.78 21.11 11.78
CA GLU I 320 0.23 22.30 11.14
C GLU I 320 -1.15 22.07 10.52
N ARG I 321 -1.51 20.81 10.29
CA ARG I 321 -2.86 20.52 9.85
C ARG I 321 -3.86 20.87 10.93
N ALA I 322 -3.41 21.08 12.16
CA ALA I 322 -4.30 21.55 13.21
C ALA I 322 -4.76 22.96 12.90
N ILE I 323 -3.86 23.81 12.43
CA ILE I 323 -4.25 25.15 11.99
C ILE I 323 -5.17 25.03 10.79
N VAL I 324 -4.85 24.12 9.86
CA VAL I 324 -5.70 23.95 8.69
C VAL I 324 -7.12 23.56 9.10
N ALA I 325 -7.25 22.64 10.05
CA ALA I 325 -8.58 22.18 10.48
C ALA I 325 -9.31 23.26 11.26
N LEU I 326 -8.60 24.00 12.11
CA LEU I 326 -9.19 25.12 12.81
C LEU I 326 -9.74 26.16 11.83
N GLU I 327 -9.01 26.43 10.75
CA GLU I 327 -9.50 27.40 9.78
C GLU I 327 -10.67 26.84 8.98
N ARG I 328 -10.65 25.53 8.70
CA ARG I 328 -11.81 24.88 8.08
C ARG I 328 -13.06 25.06 8.92
N ILE I 329 -12.95 24.79 10.22
CA ILE I 329 -14.10 24.90 11.12
C ILE I 329 -14.52 26.35 11.28
N ASN I 330 -13.55 27.27 11.34
CA ASN I 330 -13.87 28.69 11.42
C ASN I 330 -14.66 29.16 10.20
N LYS I 331 -14.27 28.67 9.01
CA LYS I 331 -15.00 29.04 7.81
C LYS I 331 -16.38 28.42 7.81
N SER I 332 -16.50 27.18 8.28
CA SER I 332 -17.80 26.49 8.25
C SER I 332 -18.84 27.22 9.08
N PHE I 333 -18.44 27.90 10.15
CA PHE I 333 -19.36 28.55 11.06
C PHE I 333 -19.38 30.06 10.88
N GLY I 334 -18.75 30.58 9.84
CA GLY I 334 -18.83 32.00 9.56
C GLY I 334 -18.12 32.89 10.56
N ILE I 335 -17.05 32.39 11.17
CA ILE I 335 -16.29 33.22 12.12
C ILE I 335 -15.73 34.43 11.39
N PRO I 336 -15.71 35.62 11.99
CA PRO I 336 -15.10 36.79 11.35
C PRO I 336 -13.69 36.50 10.88
N SER I 337 -13.32 37.14 9.76
CA SER I 337 -12.02 36.88 9.18
C SER I 337 -10.90 37.37 10.09
N GLY I 338 -11.13 38.42 10.85
CA GLY I 338 -10.09 38.95 11.71
C GLY I 338 -10.64 39.93 12.73
N TYR I 339 -9.77 40.34 13.65
CA TYR I 339 -10.19 41.23 14.72
C TYR I 339 -10.59 42.60 14.18
N ALA I 340 -10.00 43.05 13.07
CA ALA I 340 -10.35 44.36 12.52
C ALA I 340 -11.80 44.39 12.04
N GLU I 341 -12.30 43.26 11.49
CA GLU I 341 -13.71 43.19 11.15
C GLU I 341 -14.60 43.41 12.36
N MET I 342 -14.13 43.03 13.54
CA MET I 342 -14.88 43.21 14.77
C MET I 342 -14.68 44.60 15.37
N GLY I 343 -13.90 45.46 14.71
CA GLY I 343 -13.68 46.80 15.21
C GLY I 343 -12.48 46.97 16.12
N VAL I 344 -11.56 46.00 16.12
CA VAL I 344 -10.36 46.11 16.93
C VAL I 344 -9.43 47.15 16.33
N LYS I 345 -8.78 47.94 17.18
CA LYS I 345 -7.95 49.07 16.79
C LYS I 345 -6.48 48.73 16.96
N GLU I 346 -5.67 49.08 15.95
CA GLU I 346 -4.22 48.88 16.06
C GLU I 346 -3.61 49.81 17.10
N GLU I 347 -4.28 50.91 17.43
CA GLU I 347 -3.80 51.79 18.50
C GLU I 347 -3.87 51.11 19.86
N ASP I 348 -4.77 50.14 20.04
CA ASP I 348 -4.98 49.51 21.34
C ASP I 348 -4.15 48.25 21.55
N ILE I 349 -3.59 47.68 20.48
CA ILE I 349 -2.98 46.35 20.56
C ILE I 349 -2.01 46.26 21.73
N GLU I 350 -1.07 47.20 21.81
CA GLU I 350 -0.07 47.22 22.87
C GLU I 350 -0.71 47.07 24.25
N LEU I 351 -1.69 47.94 24.56
CA LEU I 351 -2.38 47.83 25.84
C LEU I 351 -2.91 46.42 26.05
N LEU I 352 -3.71 45.95 25.09
CA LEU I 352 -4.24 44.59 25.15
C LEU I 352 -3.13 43.62 25.48
N ALA I 353 -2.05 43.67 24.69
CA ALA I 353 -0.93 42.77 24.89
C ALA I 353 -0.45 42.81 26.34
N LYS I 354 -0.16 44.03 26.83
CA LYS I 354 0.34 44.16 28.19
C LYS I 354 -0.64 43.54 29.17
N ASN I 355 -1.93 43.90 29.05
CA ASN I 355 -2.91 43.35 29.98
C ASN I 355 -3.00 41.85 29.82
N ALA I 356 -2.86 41.36 28.59
CA ALA I 356 -2.86 39.92 28.37
C ALA I 356 -1.67 39.28 29.04
N TYR I 357 -0.51 39.96 29.03
CA TYR I 357 0.69 39.37 29.63
C TYR I 357 0.46 39.02 31.10
N GLU I 358 -0.32 39.85 31.79
CA GLU I 358 -0.50 39.69 33.23
C GLU I 358 -1.67 38.79 33.60
N ASP I 359 -2.41 38.25 32.63
CA ASP I 359 -3.43 37.26 32.93
C ASP I 359 -2.77 35.96 33.37
N VAL I 360 -3.45 35.23 34.25
CA VAL I 360 -2.87 33.99 34.79
C VAL I 360 -2.74 32.96 33.69
N CYS I 361 -3.64 32.99 32.70
CA CYS I 361 -3.66 31.95 31.68
C CYS I 361 -2.35 31.91 30.90
N THR I 362 -1.67 33.06 30.74
CA THR I 362 -0.41 33.08 30.00
C THR I 362 0.65 32.20 30.65
N GLN I 363 0.54 31.94 31.96
CA GLN I 363 1.51 31.06 32.60
C GLN I 363 1.21 29.60 32.35
N SER I 364 -0.01 29.26 31.95
CA SER I 364 -0.35 27.89 31.57
C SER I 364 -0.11 27.62 30.10
N ASN I 365 0.12 28.66 29.31
CA ASN I 365 0.44 28.50 27.91
C ASN I 365 1.77 27.75 27.77
N PRO I 366 1.85 26.70 26.93
CA PRO I 366 3.06 25.86 26.92
C PRO I 366 4.34 26.59 26.55
N ARG I 367 4.26 27.69 25.82
CA ARG I 367 5.43 28.44 25.41
C ARG I 367 5.43 29.80 26.09
N VAL I 368 6.56 30.16 26.70
CA VAL I 368 6.62 31.37 27.51
C VAL I 368 6.61 32.58 26.59
N PRO I 369 5.64 33.49 26.74
CA PRO I 369 5.52 34.61 25.80
C PRO I 369 6.11 35.89 26.34
N THR I 370 6.74 36.68 25.47
CA THR I 370 7.00 38.08 25.81
C THR I 370 5.79 38.90 25.41
N VAL I 371 5.74 40.14 25.92
CA VAL I 371 4.65 41.04 25.55
C VAL I 371 4.61 41.24 24.04
N GLN I 372 5.78 41.27 23.41
CA GLN I 372 5.85 41.49 21.96
C GLN I 372 5.35 40.27 21.20
N ASP I 373 5.57 39.07 21.73
CA ASP I 373 5.01 37.87 21.13
C ASP I 373 3.49 37.98 21.07
N ILE I 374 2.87 38.37 22.18
CA ILE I 374 1.42 38.53 22.21
C ILE I 374 0.98 39.66 21.28
N ALA I 375 1.76 40.74 21.23
CA ALA I 375 1.46 41.82 20.31
C ALA I 375 1.40 41.30 18.88
N GLN I 376 2.38 40.49 18.50
CA GLN I 376 2.43 39.94 17.14
C GLN I 376 1.27 38.99 16.89
N ILE I 377 0.92 38.16 17.87
CA ILE I 377 -0.23 37.27 17.69
C ILE I 377 -1.48 38.10 17.42
N ILE I 378 -1.71 39.14 18.21
CA ILE I 378 -2.88 39.99 18.01
C ILE I 378 -2.81 40.67 16.64
N LYS I 379 -1.62 41.11 16.25
CA LYS I 379 -1.47 41.79 14.97
C LYS I 379 -1.82 40.88 13.81
N ASN I 380 -1.31 39.63 13.85
CA ASN I 380 -1.60 38.69 12.78
C ASN I 380 -3.05 38.25 12.79
N ALA I 381 -3.69 38.23 13.96
CA ALA I 381 -5.10 37.89 14.05
C ALA I 381 -6.00 39.05 13.66
N MET I 382 -5.45 40.25 13.52
CA MET I 382 -6.24 41.41 13.12
C MET I 382 -6.85 41.20 11.73
N LEU I 383 -6.00 40.93 10.74
CA LEU I 383 -6.46 40.73 9.38
C LEU I 383 -5.77 39.51 8.79
N GLU I 384 -6.50 38.74 8.02
CA GLU I 384 -5.94 37.54 7.39
C GLU I 384 -6.80 37.06 6.22
N THR J 2 -29.82 -10.60 -32.49
CA THR J 2 -29.53 -11.16 -33.80
C THR J 2 -28.65 -10.18 -34.58
N THR J 3 -27.34 -10.36 -34.45
CA THR J 3 -26.38 -9.50 -35.13
C THR J 3 -25.65 -10.29 -36.21
N ASN J 4 -25.18 -9.58 -37.24
CA ASN J 4 -24.45 -10.21 -38.33
C ASN J 4 -22.96 -9.87 -38.23
N PHE J 5 -22.12 -10.85 -38.55
CA PHE J 5 -20.68 -10.66 -38.54
C PHE J 5 -20.13 -10.97 -39.92
N PHE J 6 -19.54 -9.98 -40.56
CA PHE J 6 -19.07 -10.09 -41.93
C PHE J 6 -17.57 -9.88 -41.96
N ILE J 7 -16.82 -10.93 -42.29
CA ILE J 7 -15.37 -10.86 -42.37
C ILE J 7 -14.89 -11.58 -43.63
N PRO J 8 -13.82 -11.11 -44.28
CA PRO J 8 -13.24 -11.87 -45.42
C PRO J 8 -12.90 -13.29 -45.02
N PRO J 9 -13.48 -14.28 -45.70
CA PRO J 9 -13.27 -15.68 -45.32
C PRO J 9 -11.83 -16.15 -45.38
N ALA J 10 -10.96 -15.46 -46.13
CA ALA J 10 -9.56 -15.84 -46.21
C ALA J 10 -8.71 -14.58 -46.07
N SER J 11 -7.75 -14.63 -45.15
CA SER J 11 -6.85 -13.52 -44.93
C SER J 11 -5.45 -14.06 -44.74
N VAL J 12 -4.49 -13.49 -45.45
CA VAL J 12 -3.08 -13.82 -45.28
C VAL J 12 -2.41 -12.57 -44.73
N ILE J 13 -1.98 -12.62 -43.47
CA ILE J 13 -1.36 -11.48 -42.81
C ILE J 13 0.02 -11.89 -42.34
N GLY J 14 1.03 -11.20 -42.82
CA GLY J 14 2.39 -11.48 -42.38
C GLY J 14 3.38 -11.21 -43.50
N ARG J 15 4.66 -11.26 -43.12
CA ARG J 15 5.74 -10.98 -44.05
C ARG J 15 5.70 -11.94 -45.23
N GLY J 16 5.71 -11.38 -46.43
CA GLY J 16 5.65 -12.19 -47.63
C GLY J 16 4.26 -12.63 -47.99
N ALA J 17 3.22 -12.03 -47.41
CA ALA J 17 1.86 -12.50 -47.68
C ALA J 17 1.47 -12.25 -49.13
N VAL J 18 2.03 -11.23 -49.76
CA VAL J 18 1.67 -10.89 -51.12
C VAL J 18 1.94 -12.07 -52.05
N LYS J 19 2.88 -12.92 -51.70
CA LYS J 19 3.25 -14.02 -52.57
C LYS J 19 2.18 -15.04 -52.72
N GLU J 20 1.03 -14.80 -52.14
CA GLU J 20 -0.03 -15.76 -52.18
C GLU J 20 -1.27 -15.31 -52.92
N VAL J 21 -1.15 -14.31 -53.76
CA VAL J 21 -2.33 -13.82 -54.42
C VAL J 21 -2.81 -14.89 -55.33
N GLY J 22 -1.91 -15.40 -56.14
CA GLY J 22 -2.29 -16.38 -57.12
C GLY J 22 -2.84 -17.61 -56.50
N THR J 23 -2.21 -18.06 -55.44
CA THR J 23 -2.67 -19.22 -54.75
C THR J 23 -4.10 -19.00 -54.35
N ARG J 24 -4.36 -17.91 -53.67
CA ARG J 24 -5.70 -17.62 -53.17
C ARG J 24 -6.79 -17.48 -54.22
N LEU J 25 -6.47 -16.92 -55.37
CA LEU J 25 -7.41 -16.76 -56.46
C LEU J 25 -7.70 -18.09 -57.09
N LYS J 26 -6.75 -19.00 -57.05
CA LYS J 26 -7.00 -20.33 -57.57
C LYS J 26 -7.96 -21.08 -56.70
N GLN J 27 -7.98 -20.84 -55.39
CA GLN J 27 -8.99 -21.56 -54.62
C GLN J 27 -10.39 -21.02 -54.90
N ILE J 28 -10.55 -19.69 -54.99
CA ILE J 28 -11.84 -19.10 -55.33
C ILE J 28 -12.33 -19.58 -56.70
N GLY J 29 -11.43 -20.09 -57.54
CA GLY J 29 -11.79 -20.58 -58.85
C GLY J 29 -11.78 -19.50 -59.90
N ALA J 30 -10.81 -18.60 -59.83
CA ALA J 30 -10.73 -17.47 -60.74
C ALA J 30 -10.12 -17.87 -62.07
N LYS J 31 -10.62 -17.29 -63.14
CA LYS J 31 -10.05 -17.46 -64.47
C LYS J 31 -9.22 -16.25 -64.90
N LYS J 32 -9.71 -15.03 -64.65
CA LYS J 32 -9.01 -13.82 -65.06
C LYS J 32 -9.36 -12.68 -64.11
N ALA J 33 -8.33 -11.91 -63.74
CA ALA J 33 -8.45 -10.87 -62.72
C ALA J 33 -8.09 -9.50 -63.27
N LEU J 34 -8.86 -8.51 -62.87
CA LEU J 34 -8.56 -7.11 -63.15
C LEU J 34 -7.87 -6.49 -61.95
N ILE J 35 -6.64 -6.00 -62.14
CA ILE J 35 -5.90 -5.33 -61.08
C ILE J 35 -6.22 -3.84 -61.11
N VAL J 36 -6.52 -3.28 -59.94
CA VAL J 36 -6.93 -1.89 -59.77
C VAL J 36 -5.89 -1.24 -58.86
N THR J 37 -5.26 -0.18 -59.36
CA THR J 37 -4.21 0.49 -58.60
C THR J 37 -4.17 1.96 -59.04
N ASP J 38 -3.40 2.75 -58.28
CA ASP J 38 -3.05 4.09 -58.68
C ASP J 38 -1.92 4.06 -59.71
N ALA J 39 -1.79 5.16 -60.45
CA ALA J 39 -0.74 5.23 -61.48
C ALA J 39 0.64 5.07 -60.88
N PHE J 40 0.85 5.59 -59.67
CA PHE J 40 2.18 5.57 -59.08
C PHE J 40 2.63 4.14 -58.80
N LEU J 41 1.81 3.36 -58.08
CA LEU J 41 2.17 1.98 -57.81
C LEU J 41 2.39 1.19 -59.10
N HIS J 42 1.67 1.54 -60.16
CA HIS J 42 1.91 0.91 -61.45
C HIS J 42 3.29 1.28 -61.97
N SER J 43 3.78 2.49 -61.64
CA SER J 43 5.12 2.87 -62.06
C SER J 43 6.18 2.21 -61.20
N THR J 44 5.90 1.97 -59.92
CA THR J 44 6.88 1.33 -59.04
C THR J 44 7.16 -0.11 -59.46
N GLY J 45 6.22 -0.75 -60.17
CA GLY J 45 6.38 -2.11 -60.60
C GLY J 45 5.69 -3.14 -59.72
N LEU J 46 5.12 -2.72 -58.58
CA LEU J 46 4.45 -3.66 -57.68
C LEU J 46 3.28 -4.36 -58.39
N SER J 47 2.53 -3.60 -59.18
CA SER J 47 1.46 -4.19 -59.97
C SER J 47 1.99 -5.31 -60.87
N GLU J 48 3.18 -5.11 -61.44
CA GLU J 48 3.73 -6.12 -62.34
C GLU J 48 4.13 -7.38 -61.58
N GLU J 49 4.73 -7.21 -60.40
CA GLU J 49 5.07 -8.37 -59.57
C GLU J 49 3.82 -9.15 -59.20
N VAL J 50 2.76 -8.44 -58.82
CA VAL J 50 1.51 -9.09 -58.42
C VAL J 50 0.92 -9.85 -59.60
N ALA J 51 0.88 -9.22 -60.77
CA ALA J 51 0.37 -9.89 -61.96
C ALA J 51 1.18 -11.13 -62.31
N LYS J 52 2.50 -11.06 -62.16
CA LYS J 52 3.36 -12.22 -62.38
C LYS J 52 2.94 -13.37 -61.47
N ASN J 53 2.85 -13.09 -60.17
CA ASN J 53 2.47 -14.13 -59.22
C ASN J 53 1.12 -14.73 -59.59
N ILE J 54 0.15 -13.89 -59.97
CA ILE J 54 -1.17 -14.39 -60.30
C ILE J 54 -1.10 -15.32 -61.50
N ARG J 55 -0.41 -14.89 -62.56
CA ARG J 55 -0.36 -15.68 -63.79
C ARG J 55 0.38 -17.00 -63.58
N GLU J 56 1.28 -17.06 -62.61
CA GLU J 56 1.95 -18.33 -62.32
C GLU J 56 0.95 -19.41 -61.90
N ALA J 57 -0.15 -19.03 -61.27
CA ALA J 57 -1.18 -19.96 -60.83
C ALA J 57 -2.25 -20.20 -61.89
N GLY J 58 -1.97 -19.92 -63.16
CA GLY J 58 -2.97 -20.14 -64.19
C GLY J 58 -4.16 -19.21 -64.13
N VAL J 59 -3.92 -17.95 -63.75
CA VAL J 59 -4.98 -16.94 -63.64
C VAL J 59 -4.54 -15.75 -64.47
N ASP J 60 -5.31 -15.42 -65.51
CA ASP J 60 -4.94 -14.31 -66.35
C ASP J 60 -5.24 -12.98 -65.64
N VAL J 61 -4.59 -11.91 -66.09
CA VAL J 61 -4.66 -10.63 -65.42
C VAL J 61 -4.71 -9.48 -66.42
N ALA J 62 -5.37 -8.39 -66.01
CA ALA J 62 -5.34 -7.11 -66.69
C ALA J 62 -5.23 -6.01 -65.63
N ILE J 63 -4.78 -4.83 -66.05
CA ILE J 63 -4.49 -3.74 -65.12
C ILE J 63 -5.41 -2.57 -65.39
N PHE J 64 -5.89 -1.95 -64.31
CA PHE J 64 -6.70 -0.72 -64.36
C PHE J 64 -6.01 0.32 -63.48
N PRO J 65 -4.89 0.91 -63.96
CA PRO J 65 -4.15 1.88 -63.13
C PRO J 65 -4.78 3.26 -63.11
N LYS J 66 -6.11 3.32 -63.12
CA LYS J 66 -6.83 4.59 -63.16
C LYS J 66 -7.55 4.88 -61.84
N ALA J 67 -7.15 4.23 -60.76
CA ALA J 67 -7.63 4.61 -59.44
C ALA J 67 -7.05 5.95 -59.04
N GLN J 68 -7.87 6.79 -58.42
CA GLN J 68 -7.43 8.09 -57.93
C GLN J 68 -7.91 8.29 -56.50
N PRO J 69 -7.27 9.17 -55.74
CA PRO J 69 -7.82 9.52 -54.41
C PRO J 69 -9.17 10.20 -54.56
N ASP J 70 -10.06 9.92 -53.60
CA ASP J 70 -11.48 10.26 -53.72
C ASP J 70 -12.01 9.67 -55.02
N PRO J 71 -12.25 8.36 -55.06
CA PRO J 71 -12.71 7.74 -56.31
C PRO J 71 -14.03 8.33 -56.78
N ALA J 72 -14.22 8.32 -58.10
CA ALA J 72 -15.39 8.92 -58.71
C ALA J 72 -16.12 7.89 -59.57
N ASP J 73 -17.43 8.12 -59.75
CA ASP J 73 -18.25 7.20 -60.52
C ASP J 73 -17.74 7.05 -61.95
N THR J 74 -17.20 8.14 -62.51
CA THR J 74 -16.68 8.08 -63.87
C THR J 74 -15.66 6.98 -64.03
N GLN J 75 -14.65 6.97 -63.15
CA GLN J 75 -13.60 5.95 -63.23
C GLN J 75 -14.09 4.58 -62.80
N VAL J 76 -15.04 4.53 -61.85
CA VAL J 76 -15.68 3.26 -61.50
C VAL J 76 -16.25 2.59 -62.74
N HIS J 77 -17.00 3.36 -63.54
CA HIS J 77 -17.60 2.79 -64.73
C HIS J 77 -16.60 2.56 -65.85
N GLU J 78 -15.56 3.39 -65.94
CA GLU J 78 -14.44 3.06 -66.83
C GLU J 78 -13.91 1.66 -66.51
N GLY J 79 -13.78 1.37 -65.22
CA GLY J 79 -13.26 0.08 -64.81
C GLY J 79 -14.22 -1.06 -65.08
N VAL J 80 -15.53 -0.82 -64.87
CA VAL J 80 -16.52 -1.83 -65.25
C VAL J 80 -16.43 -2.13 -66.74
N ASP J 81 -16.24 -1.08 -67.54
CA ASP J 81 -16.06 -1.25 -68.98
C ASP J 81 -14.86 -2.13 -69.27
N VAL J 82 -13.71 -1.84 -68.66
CA VAL J 82 -12.52 -2.65 -68.87
C VAL J 82 -12.77 -4.08 -68.42
N PHE J 83 -13.47 -4.25 -67.30
CA PHE J 83 -13.82 -5.58 -66.80
C PHE J 83 -14.54 -6.39 -67.87
N LYS J 84 -15.52 -5.77 -68.51
CA LYS J 84 -16.30 -6.48 -69.53
C LYS J 84 -15.49 -6.70 -70.80
N GLN J 85 -14.75 -5.69 -71.26
CA GLN J 85 -13.94 -5.83 -72.47
C GLN J 85 -12.87 -6.90 -72.29
N GLU J 86 -12.22 -6.93 -71.15
CA GLU J 86 -11.18 -7.92 -70.90
C GLU J 86 -11.74 -9.28 -70.52
N ASN J 87 -13.05 -9.39 -70.35
CA ASN J 87 -13.71 -10.60 -69.89
C ASN J 87 -13.09 -11.11 -68.59
N CYS J 88 -13.14 -10.27 -67.57
CA CYS J 88 -12.59 -10.63 -66.28
C CYS J 88 -13.65 -11.30 -65.43
N ASP J 89 -13.18 -12.14 -64.51
CA ASP J 89 -14.06 -12.79 -63.57
C ASP J 89 -13.70 -12.50 -62.12
N SER J 90 -12.63 -11.74 -61.85
CA SER J 90 -12.23 -11.42 -60.49
C SER J 90 -11.58 -10.03 -60.46
N LEU J 91 -11.46 -9.48 -59.25
CA LEU J 91 -10.83 -8.18 -59.07
C LEU J 91 -9.77 -8.27 -57.98
N VAL J 92 -8.66 -7.58 -58.19
CA VAL J 92 -7.56 -7.51 -57.24
C VAL J 92 -7.15 -6.06 -57.11
N SER J 93 -7.06 -5.58 -55.87
CA SER J 93 -6.83 -4.18 -55.58
C SER J 93 -5.47 -4.04 -54.91
N ILE J 94 -4.66 -3.09 -55.41
CA ILE J 94 -3.31 -2.86 -54.88
C ILE J 94 -3.20 -1.39 -54.49
N GLY J 95 -3.24 -1.11 -53.21
CA GLY J 95 -2.98 0.24 -52.77
C GLY J 95 -3.75 0.57 -51.50
N GLY J 96 -3.98 1.87 -51.32
CA GLY J 96 -4.72 2.39 -50.18
C GLY J 96 -6.21 2.21 -50.36
N GLY J 97 -6.99 3.03 -49.65
CA GLY J 97 -8.43 2.86 -49.67
C GLY J 97 -9.06 3.20 -51.00
N SER J 98 -8.46 4.10 -51.76
CA SER J 98 -9.04 4.49 -53.05
C SER J 98 -9.09 3.29 -54.00
N SER J 99 -7.97 2.58 -54.14
CA SER J 99 -7.94 1.38 -54.97
C SER J 99 -9.02 0.39 -54.56
N HIS J 100 -9.10 0.13 -53.25
CA HIS J 100 -10.00 -0.88 -52.73
C HIS J 100 -11.46 -0.52 -52.99
N ASP J 101 -11.84 0.72 -52.68
CA ASP J 101 -13.22 1.13 -52.87
C ASP J 101 -13.59 1.14 -54.36
N THR J 102 -12.67 1.59 -55.21
CA THR J 102 -12.90 1.52 -56.64
C THR J 102 -13.19 0.08 -57.06
N ALA J 103 -12.32 -0.85 -56.64
CA ALA J 103 -12.50 -2.24 -57.04
C ALA J 103 -13.86 -2.75 -56.59
N LYS J 104 -14.24 -2.45 -55.35
CA LYS J 104 -15.52 -2.95 -54.85
C LYS J 104 -16.69 -2.41 -55.66
N ALA J 105 -16.63 -1.14 -56.05
CA ALA J 105 -17.71 -0.56 -56.86
C ALA J 105 -17.78 -1.20 -58.24
N ILE J 106 -16.62 -1.42 -58.88
CA ILE J 106 -16.57 -2.09 -60.18
C ILE J 106 -17.24 -3.46 -60.07
N GLY J 107 -16.92 -4.21 -59.02
CA GLY J 107 -17.52 -5.52 -58.86
C GLY J 107 -19.03 -5.46 -58.69
N LEU J 108 -19.50 -4.54 -57.83
CA LEU J 108 -20.93 -4.44 -57.57
C LEU J 108 -21.70 -4.13 -58.85
N VAL J 109 -21.22 -3.14 -59.62
CA VAL J 109 -21.96 -2.76 -60.82
C VAL J 109 -21.87 -3.84 -61.89
N ALA J 110 -20.71 -4.51 -62.02
CA ALA J 110 -20.59 -5.53 -63.06
C ALA J 110 -21.40 -6.77 -62.77
N ALA J 111 -21.78 -7.01 -61.51
CA ALA J 111 -22.56 -8.21 -61.24
C ALA J 111 -24.07 -7.95 -61.23
N ASN J 112 -24.50 -6.87 -60.60
CA ASN J 112 -25.92 -6.58 -60.48
C ASN J 112 -26.38 -5.46 -61.40
N GLY J 113 -25.46 -4.81 -62.12
CA GLY J 113 -25.84 -3.80 -63.08
C GLY J 113 -26.10 -2.44 -62.46
N GLY J 114 -26.37 -1.47 -63.33
CA GLY J 114 -26.77 -0.14 -62.90
C GLY J 114 -25.61 0.83 -62.83
N ARG J 115 -25.91 2.00 -62.28
CA ARG J 115 -24.90 2.97 -61.95
C ARG J 115 -24.49 2.75 -60.50
N ILE J 116 -23.23 3.03 -60.20
CA ILE J 116 -22.83 3.01 -58.78
C ILE J 116 -23.66 4.06 -58.05
N ASN J 117 -24.08 5.10 -58.77
CA ASN J 117 -25.01 6.09 -58.22
C ASN J 117 -26.29 5.42 -57.72
N ASP J 118 -26.74 4.38 -58.42
CA ASP J 118 -27.95 3.68 -58.04
C ASP J 118 -27.77 2.78 -56.83
N TYR J 119 -26.61 2.77 -56.20
CA TYR J 119 -26.37 1.89 -55.05
C TYR J 119 -26.06 2.66 -53.77
N GLN J 120 -26.21 3.99 -53.79
CA GLN J 120 -26.06 4.77 -52.58
C GLN J 120 -27.00 4.24 -51.49
N GLY J 121 -26.53 4.28 -50.25
CA GLY J 121 -27.28 3.74 -49.14
C GLY J 121 -26.93 2.30 -48.86
N VAL J 122 -27.76 1.66 -48.04
CA VAL J 122 -27.58 0.27 -47.68
C VAL J 122 -28.32 -0.58 -48.70
N ASN J 123 -27.66 -1.63 -49.20
CA ASN J 123 -28.21 -2.43 -50.28
C ASN J 123 -28.29 -3.90 -49.90
N SER J 124 -29.21 -4.61 -50.58
CA SER J 124 -29.29 -6.06 -50.48
C SER J 124 -29.27 -6.65 -51.90
N VAL J 125 -28.16 -6.39 -52.60
CA VAL J 125 -27.99 -6.87 -53.97
C VAL J 125 -28.22 -8.37 -54.04
N GLU J 126 -28.83 -8.84 -55.15
CA GLU J 126 -29.34 -10.19 -55.25
C GLU J 126 -28.48 -11.14 -56.08
N LYS J 127 -27.61 -10.63 -56.95
CA LYS J 127 -26.83 -11.48 -57.84
C LYS J 127 -25.52 -11.91 -57.19
N PRO J 128 -24.96 -13.04 -57.61
CA PRO J 128 -23.61 -13.42 -57.15
C PRO J 128 -22.62 -12.36 -57.61
N VAL J 129 -21.74 -11.95 -56.70
CA VAL J 129 -20.88 -10.80 -56.94
C VAL J 129 -19.45 -11.28 -57.17
N VAL J 130 -18.71 -10.51 -57.95
CA VAL J 130 -17.34 -10.84 -58.35
C VAL J 130 -16.43 -10.86 -57.12
N PRO J 131 -15.59 -11.88 -56.97
CA PRO J 131 -14.65 -11.90 -55.84
C PRO J 131 -13.63 -10.76 -55.93
N VAL J 132 -13.33 -10.18 -54.78
CA VAL J 132 -12.30 -9.16 -54.67
C VAL J 132 -11.23 -9.61 -53.68
N VAL J 133 -9.98 -9.48 -54.11
CA VAL J 133 -8.80 -9.70 -53.29
C VAL J 133 -8.12 -8.35 -53.10
N ALA J 134 -7.99 -7.93 -51.85
CA ALA J 134 -7.43 -6.62 -51.53
C ALA J 134 -6.08 -6.78 -50.86
N ILE J 135 -5.05 -6.15 -51.42
CA ILE J 135 -3.72 -6.12 -50.83
C ILE J 135 -3.48 -4.72 -50.28
N THR J 136 -3.27 -4.61 -48.98
CA THR J 136 -3.06 -3.30 -48.38
C THR J 136 -1.63 -2.86 -48.33
N THR J 137 -1.41 -1.57 -48.54
CA THR J 137 -0.08 -1.02 -48.56
C THR J 137 -0.01 0.05 -47.51
N THR J 138 -1.04 0.18 -46.70
CA THR J 138 -1.08 1.16 -45.61
C THR J 138 -1.68 0.53 -44.38
N ALA J 139 -1.20 0.87 -43.20
CA ALA J 139 -1.75 0.36 -41.94
C ALA J 139 -2.82 1.22 -41.33
N GLY J 140 -3.95 1.35 -42.02
CA GLY J 140 -5.06 2.14 -41.54
C GLY J 140 -6.16 1.80 -42.49
N THR J 141 -7.23 2.56 -42.58
CA THR J 141 -8.41 2.28 -43.44
C THR J 141 -9.12 0.96 -43.23
N GLY J 142 -8.43 -0.16 -43.34
CA GLY J 142 -9.01 -1.46 -43.10
C GLY J 142 -10.02 -1.81 -44.14
N SER J 143 -9.84 -1.32 -45.34
CA SER J 143 -10.83 -1.53 -46.36
C SER J 143 -10.76 -2.89 -46.97
N GLU J 144 -9.80 -3.68 -46.53
CA GLU J 144 -9.64 -5.00 -47.04
C GLU J 144 -10.56 -5.86 -46.25
N THR J 145 -11.28 -5.28 -45.30
CA THR J 145 -12.12 -6.05 -44.42
C THR J 145 -13.47 -5.45 -44.24
N THR J 146 -13.83 -4.49 -45.08
CA THR J 146 -15.06 -3.78 -44.87
C THR J 146 -16.12 -3.97 -45.90
N SER J 147 -17.35 -3.80 -45.49
CA SER J 147 -18.44 -3.88 -46.45
C SER J 147 -18.88 -2.50 -46.93
N LEU J 148 -17.96 -1.55 -46.98
CA LEU J 148 -18.28 -0.17 -47.32
C LEU J 148 -17.31 0.35 -48.38
N ALA J 149 -17.86 0.97 -49.43
CA ALA J 149 -17.06 1.71 -50.39
C ALA J 149 -17.67 3.09 -50.59
N VAL J 150 -16.82 4.12 -50.60
CA VAL J 150 -17.27 5.50 -50.72
C VAL J 150 -16.84 6.03 -52.09
N ILE J 151 -17.80 6.37 -52.93
CA ILE J 151 -17.52 6.86 -54.28
C ILE J 151 -18.15 8.22 -54.44
N THR J 152 -17.41 9.19 -54.97
CA THR J 152 -17.95 10.52 -55.22
C THR J 152 -18.79 10.63 -56.48
N ASP J 153 -19.93 11.32 -56.40
CA ASP J 153 -20.75 11.54 -57.57
C ASP J 153 -20.01 12.57 -58.40
N SER J 154 -20.14 12.49 -59.72
CA SER J 154 -19.40 13.38 -60.58
C SER J 154 -20.10 14.71 -60.67
N ALA J 155 -21.33 14.70 -61.15
CA ALA J 155 -22.07 15.94 -61.32
C ALA J 155 -22.25 16.62 -59.99
N ARG J 156 -23.02 15.99 -59.11
CA ARG J 156 -23.23 16.57 -57.82
C ARG J 156 -21.94 16.27 -57.19
N LYS J 157 -21.34 17.22 -56.51
CA LYS J 157 -20.04 16.92 -55.98
C LYS J 157 -20.18 16.40 -54.58
N VAL J 158 -21.02 15.39 -54.39
CA VAL J 158 -21.19 14.82 -53.09
C VAL J 158 -20.62 13.42 -53.07
N LYS J 159 -20.17 12.96 -51.90
CA LYS J 159 -19.72 11.58 -51.80
C LYS J 159 -20.90 10.67 -51.49
N MET J 160 -20.85 9.44 -52.00
CA MET J 160 -21.91 8.47 -51.86
C MET J 160 -21.39 7.26 -51.12
N PRO J 161 -21.94 6.92 -49.95
CA PRO J 161 -21.57 5.67 -49.29
C PRO J 161 -22.36 4.51 -49.87
N VAL J 162 -21.67 3.39 -50.08
CA VAL J 162 -22.25 2.19 -50.64
C VAL J 162 -21.95 1.06 -49.67
N ILE J 163 -23.00 0.52 -49.05
CA ILE J 163 -22.88 -0.49 -48.00
C ILE J 163 -23.65 -1.73 -48.44
N ASP J 164 -22.97 -2.87 -48.44
CA ASP J 164 -23.57 -4.16 -48.72
C ASP J 164 -22.65 -5.25 -48.22
N GLU J 165 -23.22 -6.32 -47.68
CA GLU J 165 -22.39 -7.43 -47.24
C GLU J 165 -21.66 -8.09 -48.40
N LYS J 166 -22.10 -7.84 -49.64
CA LYS J 166 -21.51 -8.49 -50.79
C LYS J 166 -20.24 -7.81 -51.28
N ILE J 167 -19.98 -6.55 -50.91
CA ILE J 167 -18.70 -5.94 -51.31
C ILE J 167 -17.59 -6.28 -50.35
N THR J 168 -17.90 -6.89 -49.20
CA THR J 168 -16.94 -7.39 -48.23
C THR J 168 -15.90 -8.23 -48.95
N PRO J 169 -14.66 -7.76 -49.03
CA PRO J 169 -13.66 -8.43 -49.87
C PRO J 169 -13.56 -9.91 -49.57
N THR J 170 -13.24 -10.68 -50.61
CA THR J 170 -13.18 -12.12 -50.49
C THR J 170 -11.84 -12.62 -49.97
N VAL J 171 -10.74 -11.96 -50.32
CA VAL J 171 -9.45 -12.28 -49.72
C VAL J 171 -8.79 -10.99 -49.25
N ALA J 172 -8.18 -11.03 -48.07
CA ALA J 172 -7.47 -9.88 -47.52
C ALA J 172 -6.00 -10.25 -47.32
N ILE J 173 -5.12 -9.58 -48.07
CA ILE J 173 -3.69 -9.82 -48.00
C ILE J 173 -3.04 -8.58 -47.39
N VAL J 174 -2.47 -8.77 -46.21
CA VAL J 174 -1.85 -7.72 -45.41
C VAL J 174 -0.38 -8.12 -45.26
N ASP J 175 0.49 -7.50 -46.07
CA ASP J 175 1.92 -7.76 -45.99
C ASP J 175 2.63 -6.55 -45.40
N PRO J 176 3.23 -6.65 -44.22
CA PRO J 176 3.93 -5.49 -43.64
C PRO J 176 5.09 -5.01 -44.48
N GLU J 177 5.72 -5.90 -45.26
CA GLU J 177 6.89 -5.52 -46.03
C GLU J 177 6.58 -4.43 -47.05
N LEU J 178 5.35 -4.42 -47.58
CA LEU J 178 4.94 -3.37 -48.51
C LEU J 178 4.66 -2.05 -47.82
N MET J 179 4.61 -2.01 -46.50
CA MET J 179 4.29 -0.79 -45.78
C MET J 179 5.53 -0.08 -45.25
N VAL J 180 6.73 -0.64 -45.45
CA VAL J 180 7.92 -0.14 -44.79
C VAL J 180 8.28 1.25 -45.27
N LYS J 181 8.24 1.48 -46.59
CA LYS J 181 8.64 2.76 -47.17
C LYS J 181 7.63 3.87 -46.94
N LYS J 182 6.62 3.65 -46.11
CA LYS J 182 5.72 4.72 -45.74
C LYS J 182 6.47 5.78 -44.95
N PRO J 183 6.35 7.06 -45.32
CA PRO J 183 6.96 8.12 -44.50
C PRO J 183 6.29 8.22 -43.13
N ALA J 184 6.94 8.98 -42.25
CA ALA J 184 6.52 9.03 -40.85
C ALA J 184 5.18 9.71 -40.69
N GLY J 185 4.94 10.82 -41.40
CA GLY J 185 3.66 11.49 -41.30
C GLY J 185 2.52 10.62 -41.77
N LEU J 186 2.74 9.88 -42.86
CA LEU J 186 1.72 8.98 -43.39
C LEU J 186 1.45 7.85 -42.41
N THR J 187 2.50 7.33 -41.79
CA THR J 187 2.32 6.32 -40.75
C THR J 187 1.47 6.88 -39.62
N ILE J 188 1.76 8.11 -39.20
CA ILE J 188 0.98 8.72 -38.13
C ILE J 188 -0.48 8.78 -38.52
N ALA J 189 -0.77 9.34 -39.70
CA ALA J 189 -2.16 9.47 -40.14
C ALA J 189 -2.88 8.13 -40.14
N THR J 190 -2.30 7.13 -40.81
CA THR J 190 -2.99 5.84 -40.94
C THR J 190 -3.14 5.15 -39.59
N GLY J 191 -2.12 5.22 -38.74
CA GLY J 191 -2.20 4.57 -37.45
C GLY J 191 -3.21 5.24 -36.53
N MET J 192 -3.31 6.57 -36.60
CA MET J 192 -4.32 7.26 -35.83
C MET J 192 -5.71 6.93 -36.35
N ASP J 193 -5.85 6.70 -37.66
CA ASP J 193 -7.16 6.25 -38.13
C ASP J 193 -7.47 4.84 -37.63
N ALA J 194 -6.45 3.99 -37.51
CA ALA J 194 -6.67 2.66 -36.93
C ALA J 194 -7.14 2.78 -35.47
N LEU J 195 -6.45 3.61 -34.69
CA LEU J 195 -6.86 3.86 -33.31
C LEU J 195 -8.26 4.45 -33.25
N SER J 196 -8.58 5.36 -34.17
CA SER J 196 -9.91 5.90 -34.31
C SER J 196 -10.95 4.79 -34.47
N HIS J 197 -10.65 3.83 -35.36
CA HIS J 197 -11.57 2.72 -35.60
C HIS J 197 -11.77 1.91 -34.33
N ALA J 198 -10.67 1.54 -33.67
CA ALA J 198 -10.78 0.70 -32.47
C ALA J 198 -11.59 1.39 -31.39
N ILE J 199 -11.27 2.66 -31.08
CA ILE J 199 -11.95 3.38 -30.02
C ILE J 199 -13.43 3.57 -30.36
N GLU J 200 -13.72 3.94 -31.61
CA GLU J 200 -15.11 4.15 -31.98
C GLU J 200 -15.90 2.85 -31.98
N ALA J 201 -15.27 1.73 -32.35
CA ALA J 201 -15.96 0.46 -32.34
C ALA J 201 -16.26 0.01 -30.92
N TYR J 202 -15.38 0.30 -29.96
CA TYR J 202 -15.62 -0.13 -28.60
C TYR J 202 -16.83 0.57 -27.99
N VAL J 203 -17.02 1.86 -28.31
CA VAL J 203 -18.10 2.66 -27.73
C VAL J 203 -19.29 2.70 -28.68
N ALA J 204 -19.25 1.91 -29.75
CA ALA J 204 -20.29 1.96 -30.76
C ALA J 204 -21.61 1.41 -30.23
N LYS J 205 -22.71 1.90 -30.79
CA LYS J 205 -24.03 1.38 -30.43
C LYS J 205 -24.19 -0.07 -30.84
N GLY J 206 -23.59 -0.48 -31.96
CA GLY J 206 -23.75 -1.86 -32.40
C GLY J 206 -22.56 -2.73 -32.11
N ALA J 207 -21.93 -2.53 -30.96
CA ALA J 207 -20.78 -3.35 -30.59
C ALA J 207 -21.25 -4.71 -30.08
N THR J 208 -20.67 -5.78 -30.61
CA THR J 208 -20.86 -7.14 -30.14
C THR J 208 -19.60 -7.58 -29.39
N PRO J 209 -19.71 -8.59 -28.52
CA PRO J 209 -18.49 -9.12 -27.89
C PRO J 209 -17.40 -9.49 -28.88
N VAL J 210 -17.80 -9.94 -30.07
CA VAL J 210 -16.82 -10.26 -31.11
C VAL J 210 -16.07 -9.02 -31.56
N THR J 211 -16.80 -7.94 -31.88
CA THR J 211 -16.15 -6.69 -32.27
C THR J 211 -15.20 -6.21 -31.17
N ASP J 212 -15.66 -6.30 -29.92
CA ASP J 212 -14.89 -5.79 -28.79
C ASP J 212 -13.57 -6.55 -28.64
N ALA J 213 -13.57 -7.86 -28.87
CA ALA J 213 -12.32 -8.60 -28.88
C ALA J 213 -11.27 -7.91 -29.75
N PHE J 214 -11.59 -7.75 -31.04
CA PHE J 214 -10.64 -7.17 -31.98
C PHE J 214 -10.31 -5.72 -31.62
N ALA J 215 -11.31 -4.96 -31.18
CA ALA J 215 -11.09 -3.55 -30.89
C ALA J 215 -10.09 -3.38 -29.76
N ILE J 216 -10.30 -4.14 -28.67
CA ILE J 216 -9.44 -4.06 -27.51
C ILE J 216 -8.01 -4.47 -27.88
N GLN J 217 -7.88 -5.59 -28.60
CA GLN J 217 -6.53 -6.03 -28.95
C GLN J 217 -5.84 -5.02 -29.86
N ALA J 218 -6.63 -4.36 -30.72
CA ALA J 218 -6.10 -3.34 -31.60
C ALA J 218 -5.55 -2.16 -30.80
N MET J 219 -6.27 -1.75 -29.75
CA MET J 219 -5.76 -0.67 -28.91
C MET J 219 -4.48 -1.08 -28.19
N LYS J 220 -4.40 -2.32 -27.71
CA LYS J 220 -3.16 -2.78 -27.06
C LYS J 220 -1.98 -2.71 -28.03
N LEU J 221 -2.16 -3.30 -29.21
CA LEU J 221 -1.07 -3.36 -30.18
C LEU J 221 -0.69 -1.97 -30.67
N ILE J 222 -1.68 -1.11 -30.90
CA ILE J 222 -1.43 0.25 -31.39
C ILE J 222 -0.64 1.03 -30.36
N ASN J 223 -1.11 1.01 -29.10
CA ASN J 223 -0.41 1.71 -28.03
C ASN J 223 1.05 1.30 -27.95
N GLU J 224 1.34 -0.01 -28.07
CA GLU J 224 2.76 -0.36 -27.97
C GLU J 224 3.54 0.07 -29.20
N TYR J 225 3.11 -0.35 -30.39
CA TYR J 225 4.03 -0.29 -31.53
C TYR J 225 3.87 0.92 -32.44
N LEU J 226 2.71 1.60 -32.47
CA LEU J 226 2.55 2.76 -33.35
C LEU J 226 3.65 3.81 -33.17
N PRO J 227 4.02 4.23 -31.94
CA PRO J 227 5.18 5.11 -31.81
C PRO J 227 6.45 4.49 -32.34
N LYS J 228 6.59 3.17 -32.24
CA LYS J 228 7.81 2.54 -32.73
C LYS J 228 7.87 2.55 -34.25
N ALA J 229 6.70 2.43 -34.90
CA ALA J 229 6.64 2.49 -36.36
C ALA J 229 6.79 3.91 -36.87
N VAL J 230 6.28 4.90 -36.12
CA VAL J 230 6.55 6.29 -36.46
C VAL J 230 8.03 6.60 -36.29
N ALA J 231 8.70 5.98 -35.32
CA ALA J 231 10.10 6.28 -35.05
C ALA J 231 11.03 5.66 -36.09
N ASN J 232 10.97 4.33 -36.26
CA ASN J 232 11.76 3.64 -37.27
C ASN J 232 10.82 2.84 -38.16
N GLY J 233 10.66 3.28 -39.41
CA GLY J 233 9.79 2.59 -40.35
C GLY J 233 10.36 1.28 -40.86
N GLU J 234 11.67 1.06 -40.68
CA GLU J 234 12.30 -0.19 -41.05
C GLU J 234 12.09 -1.28 -40.00
N ASP J 235 11.56 -0.92 -38.84
CA ASP J 235 11.26 -1.88 -37.79
C ASP J 235 10.08 -2.75 -38.25
N ILE J 236 10.40 -3.95 -38.75
CA ILE J 236 9.35 -4.78 -39.33
C ILE J 236 8.43 -5.34 -38.24
N GLU J 237 8.91 -5.47 -36.99
CA GLU J 237 8.01 -5.96 -35.95
C GLU J 237 6.93 -4.94 -35.63
N ALA J 238 7.31 -3.66 -35.53
CA ALA J 238 6.33 -2.61 -35.36
C ALA J 238 5.34 -2.58 -36.52
N ARG J 239 5.85 -2.69 -37.75
CA ARG J 239 4.98 -2.69 -38.93
C ARG J 239 4.02 -3.88 -38.89
N GLU J 240 4.49 -5.04 -38.41
CA GLU J 240 3.65 -6.23 -38.41
C GLU J 240 2.56 -6.13 -37.35
N LYS J 241 2.91 -5.63 -36.16
CA LYS J 241 1.90 -5.45 -35.12
C LYS J 241 0.87 -4.41 -35.52
N MET J 242 1.30 -3.37 -36.24
CA MET J 242 0.35 -2.38 -36.76
C MET J 242 -0.54 -2.94 -37.86
N ALA J 243 0.01 -3.85 -38.68
CA ALA J 243 -0.78 -4.53 -39.70
C ALA J 243 -1.93 -5.32 -39.08
N TYR J 244 -1.60 -6.18 -38.11
CA TYR J 244 -2.65 -6.89 -37.38
C TYR J 244 -3.64 -5.92 -36.73
N ALA J 245 -3.13 -4.81 -36.17
CA ALA J 245 -4.00 -3.85 -35.49
C ALA J 245 -4.99 -3.22 -36.45
N GLN J 246 -4.52 -2.81 -37.63
CA GLN J 246 -5.41 -2.29 -38.65
C GLN J 246 -6.46 -3.32 -39.05
N TYR J 247 -6.05 -4.58 -39.24
CA TYR J 247 -7.01 -5.63 -39.60
C TYR J 247 -8.11 -5.76 -38.55
N MET J 248 -7.72 -5.94 -37.30
CA MET J 248 -8.71 -6.14 -36.24
C MET J 248 -9.60 -4.92 -36.07
N ALA J 249 -9.01 -3.72 -36.16
CA ALA J 249 -9.80 -2.49 -36.05
C ALA J 249 -10.81 -2.36 -37.18
N GLY J 250 -10.41 -2.74 -38.40
CA GLY J 250 -11.32 -2.66 -39.51
C GLY J 250 -12.51 -3.59 -39.34
N VAL J 251 -12.24 -4.84 -38.98
CA VAL J 251 -13.35 -5.76 -38.70
C VAL J 251 -14.25 -5.17 -37.62
N ALA J 252 -13.62 -4.60 -36.58
CA ALA J 252 -14.36 -4.08 -35.45
C ALA J 252 -15.31 -2.96 -35.87
N PHE J 253 -14.83 -1.99 -36.64
CA PHE J 253 -15.71 -0.89 -37.00
C PHE J 253 -16.71 -1.28 -38.09
N ASN J 254 -16.32 -2.18 -39.01
CA ASN J 254 -17.22 -2.58 -40.07
C ASN J 254 -18.46 -3.27 -39.52
N ASN J 255 -18.29 -4.08 -38.46
CA ASN J 255 -19.45 -4.74 -37.87
C ASN J 255 -20.06 -4.00 -36.69
N GLY J 256 -19.30 -3.19 -35.97
CA GLY J 256 -19.83 -2.55 -34.80
C GLY J 256 -20.24 -1.15 -35.06
N GLY J 257 -19.36 -0.39 -35.66
CA GLY J 257 -19.69 0.97 -35.99
C GLY J 257 -18.68 2.00 -35.68
N LEU J 258 -18.96 3.22 -36.11
CA LEU J 258 -18.07 4.33 -35.85
C LEU J 258 -18.85 5.42 -35.17
N GLY J 259 -18.66 6.64 -35.62
CA GLY J 259 -19.34 7.74 -34.99
C GLY J 259 -18.94 9.09 -35.45
N LEU J 260 -19.13 10.08 -34.59
CA LEU J 260 -18.87 11.45 -34.96
C LEU J 260 -17.46 11.79 -35.31
N VAL J 261 -16.48 11.11 -34.76
CA VAL J 261 -15.11 11.38 -35.19
C VAL J 261 -15.03 11.34 -36.71
N HIS J 262 -15.48 10.22 -37.29
CA HIS J 262 -15.44 10.06 -38.73
C HIS J 262 -16.45 10.96 -39.43
N SER J 263 -17.63 11.16 -38.84
CA SER J 263 -18.60 12.06 -39.44
C SER J 263 -18.02 13.46 -39.61
N ILE J 264 -17.48 14.02 -38.52
CA ILE J 264 -16.89 15.35 -38.55
C ILE J 264 -15.72 15.41 -39.52
N SER J 265 -14.80 14.45 -39.40
CA SER J 265 -13.60 14.55 -40.23
C SER J 265 -13.89 14.26 -41.70
N HIS J 266 -14.97 13.56 -42.04
CA HIS J 266 -15.34 13.41 -43.44
C HIS J 266 -15.58 14.77 -44.08
N GLN J 267 -16.42 15.60 -43.43
CA GLN J 267 -16.70 16.93 -43.96
C GLN J 267 -15.46 17.81 -43.93
N VAL J 268 -14.75 17.80 -42.80
CA VAL J 268 -13.59 18.70 -42.69
C VAL J 268 -12.55 18.34 -43.74
N GLY J 269 -12.27 17.04 -43.91
CA GLY J 269 -11.27 16.62 -44.87
C GLY J 269 -11.69 16.87 -46.31
N GLY J 270 -12.94 16.53 -46.66
CA GLY J 270 -13.39 16.77 -48.02
C GLY J 270 -13.38 18.24 -48.39
N VAL J 271 -14.01 19.07 -47.55
CA VAL J 271 -14.09 20.50 -47.84
C VAL J 271 -12.71 21.12 -47.90
N TYR J 272 -11.90 20.88 -46.86
CA TYR J 272 -10.64 21.57 -46.69
C TYR J 272 -9.43 20.77 -47.18
N LYS J 273 -9.66 19.63 -47.81
CA LYS J 273 -8.60 18.84 -48.44
C LYS J 273 -7.46 18.54 -47.46
N LEU J 274 -7.83 17.87 -46.37
CA LEU J 274 -6.88 17.50 -45.33
C LEU J 274 -6.90 15.99 -45.13
N GLN J 275 -5.84 15.47 -44.51
CA GLN J 275 -5.68 14.02 -44.39
C GLN J 275 -6.66 13.45 -43.36
N HIS J 276 -7.26 12.30 -43.72
CA HIS J 276 -8.29 11.67 -42.89
C HIS J 276 -7.81 11.45 -41.45
N GLY J 277 -6.67 10.79 -41.29
CA GLY J 277 -6.19 10.47 -39.95
C GLY J 277 -5.93 11.70 -39.11
N ILE J 278 -5.38 12.75 -39.72
CA ILE J 278 -4.99 13.92 -38.94
C ILE J 278 -6.23 14.67 -38.44
N CYS J 279 -7.27 14.75 -39.27
CA CYS J 279 -8.52 15.37 -38.85
C CYS J 279 -9.19 14.55 -37.76
N ASN J 280 -9.18 13.21 -37.94
CA ASN J 280 -9.74 12.31 -36.94
C ASN J 280 -9.07 12.53 -35.58
N SER J 281 -7.73 12.59 -35.59
CA SER J 281 -6.98 12.79 -34.36
C SER J 281 -7.26 14.15 -33.73
N VAL J 282 -7.43 15.20 -34.55
CA VAL J 282 -7.70 16.52 -33.98
C VAL J 282 -9.05 16.56 -33.28
N ASN J 283 -10.06 15.87 -33.83
CA ASN J 283 -11.39 15.98 -33.23
C ASN J 283 -11.75 14.87 -32.24
N MET J 284 -11.02 13.75 -32.24
CA MET J 284 -11.33 12.64 -31.34
C MET J 284 -11.34 13.02 -29.86
N PRO J 285 -10.40 13.80 -29.33
CA PRO J 285 -10.47 14.17 -27.91
C PRO J 285 -11.73 14.90 -27.52
N HIS J 286 -12.34 15.66 -28.43
CA HIS J 286 -13.54 16.40 -28.07
C HIS J 286 -14.81 15.57 -28.31
N VAL J 287 -14.79 14.74 -29.36
CA VAL J 287 -15.89 13.81 -29.60
C VAL J 287 -16.05 12.86 -28.43
N CYS J 288 -14.92 12.31 -27.94
CA CYS J 288 -15.00 11.38 -26.82
C CYS J 288 -15.52 12.07 -25.57
N ALA J 289 -15.16 13.35 -25.37
CA ALA J 289 -15.73 14.12 -24.27
C ALA J 289 -17.24 14.24 -24.41
N PHE J 290 -17.72 14.46 -25.65
CA PHE J 290 -19.16 14.50 -25.88
C PHE J 290 -19.80 13.15 -25.58
N ASN J 291 -19.09 12.06 -25.85
CA ASN J 291 -19.63 10.72 -25.69
C ASN J 291 -19.46 10.15 -24.29
N LEU J 292 -18.76 10.85 -23.41
CA LEU J 292 -18.38 10.29 -22.11
C LEU J 292 -19.57 9.77 -21.31
N ILE J 293 -20.69 10.51 -21.28
CA ILE J 293 -21.83 10.07 -20.47
C ILE J 293 -22.47 8.79 -21.02
N ALA J 294 -22.21 8.44 -22.28
CA ALA J 294 -22.85 7.28 -22.91
C ALA J 294 -22.18 5.97 -22.51
N LYS J 295 -20.85 5.91 -22.53
CA LYS J 295 -20.11 4.68 -22.28
C LYS J 295 -18.97 4.95 -21.30
N THR J 296 -19.32 5.33 -20.07
CA THR J 296 -18.31 5.76 -19.10
C THR J 296 -17.34 4.64 -18.77
N GLU J 297 -17.87 3.48 -18.38
CA GLU J 297 -17.03 2.33 -18.05
C GLU J 297 -16.07 1.99 -19.18
N ARG J 298 -16.56 2.06 -20.42
CA ARG J 298 -15.71 1.70 -21.55
C ARG J 298 -14.62 2.73 -21.77
N PHE J 299 -14.91 4.01 -21.55
CA PHE J 299 -13.87 5.03 -21.69
C PHE J 299 -12.83 4.93 -20.58
N ALA J 300 -13.21 4.47 -19.39
CA ALA J 300 -12.20 4.12 -18.40
C ALA J 300 -11.32 2.97 -18.90
N HIS J 301 -11.94 1.93 -19.48
CA HIS J 301 -11.16 0.83 -20.04
C HIS J 301 -10.21 1.35 -21.13
N ILE J 302 -10.69 2.26 -21.97
CA ILE J 302 -9.85 2.82 -23.04
C ILE J 302 -8.69 3.61 -22.47
N ALA J 303 -8.93 4.37 -21.40
CA ALA J 303 -7.83 5.07 -20.74
C ALA J 303 -6.78 4.09 -20.26
N GLU J 304 -7.21 2.95 -19.72
CA GLU J 304 -6.23 1.95 -19.29
C GLU J 304 -5.50 1.35 -20.49
N LEU J 305 -6.20 1.19 -21.63
CA LEU J 305 -5.62 0.55 -22.80
C LEU J 305 -4.68 1.47 -23.57
N LEU J 306 -4.91 2.77 -23.49
CA LEU J 306 -4.00 3.78 -24.02
C LEU J 306 -2.85 4.08 -23.08
N GLY J 307 -2.79 3.40 -21.93
CA GLY J 307 -1.57 3.40 -21.14
C GLY J 307 -1.55 4.37 -19.97
N GLU J 308 -2.61 4.40 -19.17
CA GLU J 308 -2.68 5.26 -18.01
C GLU J 308 -2.94 4.41 -16.77
N ASN J 309 -2.30 4.80 -15.66
CA ASN J 309 -2.51 4.16 -14.36
C ASN J 309 -3.81 4.70 -13.76
N VAL J 310 -4.85 3.87 -13.77
CA VAL J 310 -6.16 4.28 -13.30
C VAL J 310 -6.46 3.75 -11.91
N ALA J 311 -5.46 3.17 -11.23
CA ALA J 311 -5.67 2.58 -9.92
C ALA J 311 -5.98 3.65 -8.89
N GLY J 312 -6.94 3.36 -8.02
CA GLY J 312 -7.37 4.37 -7.06
C GLY J 312 -8.13 5.51 -7.69
N LEU J 313 -8.72 5.31 -8.86
CA LEU J 313 -9.52 6.33 -9.53
C LEU J 313 -10.96 5.86 -9.65
N SER J 314 -11.87 6.83 -9.63
CA SER J 314 -13.26 6.52 -9.91
C SER J 314 -13.47 6.34 -11.42
N THR J 315 -14.54 5.64 -11.76
CA THR J 315 -14.82 5.37 -13.17
C THR J 315 -14.98 6.67 -13.96
N ALA J 316 -15.51 7.73 -13.34
CA ALA J 316 -15.53 9.03 -14.01
C ALA J 316 -14.11 9.59 -14.21
N ALA J 317 -13.27 9.49 -13.18
CA ALA J 317 -11.90 9.98 -13.30
C ALA J 317 -11.12 9.19 -14.34
N ALA J 318 -11.19 7.86 -14.26
CA ALA J 318 -10.51 7.02 -15.23
C ALA J 318 -11.04 7.29 -16.63
N ALA J 319 -12.34 7.54 -16.77
CA ALA J 319 -12.91 7.90 -18.06
C ALA J 319 -12.25 9.16 -18.62
N GLU J 320 -12.17 10.23 -17.82
CA GLU J 320 -11.54 11.47 -18.31
C GLU J 320 -10.05 11.28 -18.63
N ARG J 321 -9.38 10.34 -17.93
CA ARG J 321 -7.99 10.07 -18.25
C ARG J 321 -7.81 9.58 -19.69
N ALA J 322 -8.87 9.07 -20.32
CA ALA J 322 -8.79 8.72 -21.73
C ALA J 322 -8.58 9.97 -22.58
N ILE J 323 -9.30 11.06 -22.27
CA ILE J 323 -9.08 12.31 -23.00
C ILE J 323 -7.66 12.78 -22.78
N VAL J 324 -7.19 12.70 -21.54
CA VAL J 324 -5.80 13.08 -21.27
C VAL J 324 -4.84 12.27 -22.14
N ALA J 325 -5.09 10.96 -22.27
CA ALA J 325 -4.21 10.10 -23.05
C ALA J 325 -4.25 10.46 -24.53
N LEU J 326 -5.45 10.75 -25.04
CA LEU J 326 -5.58 11.15 -26.44
C LEU J 326 -4.77 12.41 -26.72
N GLU J 327 -4.82 13.39 -25.82
CA GLU J 327 -3.99 14.58 -26.02
C GLU J 327 -2.51 14.26 -25.90
N ARG J 328 -2.14 13.33 -25.02
CA ARG J 328 -0.74 12.94 -24.90
C ARG J 328 -0.22 12.36 -26.21
N ILE J 329 -0.97 11.40 -26.77
CA ILE J 329 -0.61 10.80 -28.05
C ILE J 329 -0.54 11.86 -29.14
N ASN J 330 -1.60 12.67 -29.25
CA ASN J 330 -1.63 13.73 -30.27
C ASN J 330 -0.41 14.63 -30.19
N LYS J 331 0.03 14.95 -28.98
CA LYS J 331 1.21 15.79 -28.84
C LYS J 331 2.49 15.05 -29.25
N SER J 332 2.54 13.74 -29.00
CA SER J 332 3.78 13.02 -29.31
C SER J 332 3.99 12.89 -30.83
N PHE J 333 2.91 12.75 -31.60
CA PHE J 333 3.02 12.57 -33.05
C PHE J 333 2.88 13.87 -33.82
N GLY J 334 2.83 15.02 -33.13
CA GLY J 334 2.80 16.31 -33.75
C GLY J 334 1.50 16.70 -34.42
N ILE J 335 0.40 16.03 -34.09
CA ILE J 335 -0.93 16.35 -34.60
C ILE J 335 -1.15 17.85 -34.39
N PRO J 336 -1.80 18.57 -35.31
CA PRO J 336 -2.02 20.01 -35.10
C PRO J 336 -2.76 20.30 -33.81
N SER J 337 -2.56 21.53 -33.31
CA SER J 337 -3.16 21.93 -32.03
C SER J 337 -4.67 22.10 -32.15
N GLY J 338 -5.17 22.48 -33.32
CA GLY J 338 -6.60 22.60 -33.53
C GLY J 338 -6.90 22.64 -35.01
N TYR J 339 -8.19 22.73 -35.33
CA TYR J 339 -8.61 22.79 -36.73
C TYR J 339 -8.28 24.13 -37.37
N ALA J 340 -8.29 25.22 -36.58
CA ALA J 340 -8.00 26.53 -37.14
C ALA J 340 -6.65 26.55 -37.84
N GLU J 341 -5.63 25.97 -37.22
CA GLU J 341 -4.31 25.88 -37.84
C GLU J 341 -4.39 25.18 -39.19
N MET J 342 -5.27 24.21 -39.32
CA MET J 342 -5.45 23.47 -40.56
C MET J 342 -6.27 24.23 -41.59
N GLY J 343 -6.76 25.42 -41.26
CA GLY J 343 -7.47 26.25 -42.20
C GLY J 343 -8.97 26.22 -42.11
N VAL J 344 -9.54 25.52 -41.12
CA VAL J 344 -10.99 25.51 -40.94
C VAL J 344 -11.47 26.90 -40.53
N LYS J 345 -12.52 27.39 -41.18
CA LYS J 345 -13.05 28.73 -40.94
C LYS J 345 -14.36 28.63 -40.18
N GLU J 346 -14.54 29.55 -39.22
CA GLU J 346 -15.70 29.49 -38.32
C GLU J 346 -17.01 29.50 -39.10
N GLU J 347 -17.11 30.36 -40.12
CA GLU J 347 -18.33 30.51 -40.90
C GLU J 347 -18.77 29.21 -41.57
N ASP J 348 -17.93 28.18 -41.60
CA ASP J 348 -18.30 26.93 -42.24
C ASP J 348 -18.78 25.87 -41.26
N ILE J 349 -18.55 26.07 -39.95
CA ILE J 349 -18.86 25.02 -38.97
C ILE J 349 -20.28 24.51 -39.15
N GLU J 350 -21.26 25.42 -39.21
CA GLU J 350 -22.66 25.06 -39.39
C GLU J 350 -22.83 24.01 -40.49
N LEU J 351 -22.33 24.33 -41.69
CA LEU J 351 -22.39 23.38 -42.80
C LEU J 351 -21.75 22.06 -42.40
N LEU J 352 -20.48 22.13 -41.99
CA LEU J 352 -19.74 20.97 -41.54
C LEU J 352 -20.56 20.17 -40.52
N ALA J 353 -21.26 20.88 -39.63
CA ALA J 353 -22.09 20.17 -38.66
C ALA J 353 -23.27 19.52 -39.37
N LYS J 354 -24.04 20.30 -40.13
CA LYS J 354 -25.26 19.79 -40.75
C LYS J 354 -24.98 18.52 -41.55
N ASN J 355 -24.04 18.60 -42.50
CA ASN J 355 -23.68 17.43 -43.29
C ASN J 355 -23.24 16.27 -42.41
N ALA J 356 -22.45 16.57 -41.37
CA ALA J 356 -21.99 15.52 -40.46
C ALA J 356 -23.14 14.88 -39.72
N TYR J 357 -24.22 15.64 -39.47
CA TYR J 357 -25.42 15.06 -38.87
C TYR J 357 -26.02 13.99 -39.77
N GLU J 358 -25.89 14.14 -41.09
CA GLU J 358 -26.54 13.27 -42.04
C GLU J 358 -25.71 12.04 -42.41
N ASP J 359 -24.47 11.95 -41.93
CA ASP J 359 -23.61 10.82 -42.28
C ASP J 359 -24.20 9.52 -41.71
N VAL J 360 -23.88 8.41 -42.36
CA VAL J 360 -24.32 7.13 -41.84
C VAL J 360 -23.59 6.80 -40.55
N CYS J 361 -22.38 7.35 -40.37
CA CYS J 361 -21.60 7.07 -39.18
C CYS J 361 -22.25 7.65 -37.94
N THR J 362 -22.82 8.85 -38.06
CA THR J 362 -23.45 9.51 -36.93
C THR J 362 -24.48 8.64 -36.23
N GLN J 363 -25.03 7.66 -36.95
CA GLN J 363 -26.08 6.83 -36.35
C GLN J 363 -25.53 5.83 -35.35
N SER J 364 -24.26 5.44 -35.48
CA SER J 364 -23.68 4.48 -34.56
C SER J 364 -23.04 5.14 -33.34
N ASN J 365 -22.90 6.46 -33.36
CA ASN J 365 -22.34 7.17 -32.22
C ASN J 365 -23.10 6.82 -30.95
N PRO J 366 -22.43 6.55 -29.84
CA PRO J 366 -23.15 6.13 -28.63
C PRO J 366 -24.13 7.18 -28.13
N ARG J 367 -23.85 8.46 -28.32
CA ARG J 367 -24.72 9.53 -27.88
C ARG J 367 -25.43 10.13 -29.10
N VAL J 368 -26.76 10.13 -29.09
CA VAL J 368 -27.54 10.70 -30.17
C VAL J 368 -27.29 12.21 -30.21
N PRO J 369 -26.84 12.76 -31.35
CA PRO J 369 -26.47 14.18 -31.37
C PRO J 369 -27.49 15.09 -32.04
N THR J 370 -27.44 16.37 -31.70
CA THR J 370 -28.10 17.39 -32.47
C THR J 370 -27.07 18.10 -33.33
N VAL J 371 -27.55 18.83 -34.35
CA VAL J 371 -26.64 19.58 -35.21
C VAL J 371 -25.81 20.55 -34.37
N GLN J 372 -26.41 21.12 -33.32
CA GLN J 372 -25.69 22.06 -32.48
C GLN J 372 -24.66 21.37 -31.60
N ASP J 373 -24.94 20.14 -31.17
CA ASP J 373 -23.95 19.37 -30.43
C ASP J 373 -22.69 19.15 -31.27
N ILE J 374 -22.88 18.75 -32.53
CA ILE J 374 -21.78 18.58 -33.47
C ILE J 374 -21.05 19.90 -33.68
N ALA J 375 -21.81 20.98 -33.85
CA ALA J 375 -21.20 22.29 -34.05
C ALA J 375 -20.32 22.66 -32.87
N GLN J 376 -20.84 22.47 -31.65
CA GLN J 376 -20.08 22.80 -30.44
C GLN J 376 -18.82 21.94 -30.33
N ILE J 377 -18.90 20.67 -30.73
CA ILE J 377 -17.71 19.83 -30.78
C ILE J 377 -16.65 20.45 -31.69
N ILE J 378 -17.05 20.81 -32.91
CA ILE J 378 -16.08 21.38 -33.85
C ILE J 378 -15.53 22.70 -33.31
N LYS J 379 -16.39 23.50 -32.68
CA LYS J 379 -15.95 24.78 -32.12
C LYS J 379 -14.92 24.57 -31.03
N ASN J 380 -15.15 23.59 -30.15
CA ASN J 380 -14.16 23.29 -29.12
C ASN J 380 -12.87 22.77 -29.71
N ALA J 381 -12.95 22.12 -30.87
CA ALA J 381 -11.76 21.61 -31.52
C ALA J 381 -11.04 22.65 -32.39
N MET J 382 -11.62 23.83 -32.59
CA MET J 382 -11.01 24.82 -33.47
C MET J 382 -9.62 25.21 -32.99
N LEU J 383 -9.49 25.57 -31.72
CA LEU J 383 -8.18 25.91 -31.16
C LEU J 383 -8.06 25.37 -29.75
N GLU J 384 -6.82 25.07 -29.36
CA GLU J 384 -6.51 24.48 -28.06
C GLU J 384 -7.00 25.31 -26.88
MN MN K . 31.81 10.75 -26.53
MN MN L . 31.00 -25.16 -15.53
MN MN M . 30.28 26.05 16.66
MN MN N . 31.25 -10.31 27.83
MN MN O . -12.74 -29.88 -28.00
MN MN P . -39.70 17.52 -7.66
MN MN Q . -39.46 -17.52 6.87
MN MN R . -12.18 -4.97 41.21
MN MN S . -13.67 30.43 27.60
MN MN T . -11.37 5.97 -41.00
#